data_7DZY
#
_entry.id   7DZY
#
loop_
_entity.id
_entity.type
_entity.pdbx_description
1 polymer 'Spike glycoprotein'
2 polymer 'Fab Heavy chain of enhancing antibody 2490'
3 polymer 'Fab light chain of enhancing antibody 2490'
#
loop_
_entity_poly.entity_id
_entity_poly.type
_entity_poly.pdbx_seq_one_letter_code
_entity_poly.pdbx_strand_id
1 'polypeptide(L)'
;QCVNLTTRTQLPPAYTNSFTRGVYYPDKVFRSSVLHSTQDLFLPFFSNVTWFHAIHVSGTNGTKRFDNPVLPFNDGVYFA
STEKSNIIRGWIFGTTLDSKTQSLLIVNNATNVVIKVCEFQFCNDPFLGVYYHKNNKSWMESEFRVYSSANNCTFEYVSQ
PFLMDLEGKQGNFKNLREFVFKNIDGYFKIYSKHTPINLVRDLPQGFSALEPLVDLPIGINITRFQTLLALHRSYLTPGD
SSSGWTAGAAAYYVGYLQPRTFLLKYNENGTITDAVDCALDPLSETKCTLKSFTVEKGIYQTSNFRVQPTESIVRFPNIT
NLCPFGEVFNATRFASVYAWNRKRISNCVADYSVLYNSASFSTFKCYGVSPTKLNDLCFTNVYADSFVIRGDEVRQIAPG
QTGKIADYNYKLPDDFTGCVIAWNSNNLDSKVGGNYNYLYRLFRKSNLKPFERDISTEIYQAGSTPCNGVEGFNCYFPLQ
SYGFQPTNGVGYQPYRVVVLSFELLHAPATVCGPKKSTNLVKNKCVNFNFNGLTGTGVLTESNKKFLPFQQFGRDIADTT
DAVRDPQTLEILDITPCSFGGVSVITPGTNTSNQVAVLYQGVNCTEVPVAIHADQLTPTWRVYSTGSNVFQTRAGCLIGA
EHVNNSYECDIPIGAGICASYQTQTNSPGSAGSVASQSIIAYTMSLGAENSVAYSNNSIAIPTNFTISVTTEILPVSMTK
TSVDCTMYICGDSTECSNLLLQYGSFCTQLNRALTGIAVEQDKNTQEVFAQVKQIYKTPPIKDFGGFNFSQILPDPSKPS
KRSFIEDLLFNKVTLADAGFIKQYGDCLGDIAARDLICAQKFNGLTVLPPLLTDEMIAQYTSALLAGTITSGWTFGAGAA
LQIPFAMQMAYRFNGIGVTQNVLYENQKLIANQFNSAIGKIQDSLSSTASALGKLQDVVNQNAQALNTLVKQLSSNFGAI
SSVLNDILSRLDPPEAEVQIDRLITGRLQSLQTYVTQQLIRAAEIRASANLAATKMSECVLGQSKRVDFCGKGYHLMSFP
QSAPHGVVFLHVTYVPAQEKNFTTAPAICHDGKAHFPREGVFVSNGTHWFVTQRNFYEPQIITTDNTFVSGNCDVVIGIV
NNTVYDPLQPELDSFKEELDKYFKNHTSPDVDLGDISGINASVVNIQKEIDRLNEVAKNLNESLIDLQELGKYEQYIKGS
GRENLYFQGGGGSGYIPEAPRDGQAYVRKDGEWVLLSTFLGHHHHHHHH
;
A,B,C
2 'polypeptide(L)'
;EVQLVESGGGLVQPGGSLRLSCAASGFTFSSYWMNWVRQAPGKGLEWVANINQDGGEKYYVDSVRGRFTISRDNAKNSLY
LQMNSLRAEDTAVYYCARDPYDLYGDYGGTFDYWGQGTLVTVSSASTKGPSVFPLAPSSKSTSGGTAALGCLVKDYFPEP
VTVSWNSGALTSGVHTFPAVLQSSGLYSLSSVVTVPSSSLGTQTYICNVNHKPSNTKVDKRVEPK
;
H,M,O
3 'polypeptide(L)'
;DIQMTQSPSTLSASVGDRVTITCRASQSISSWLAWYQQKPRKAPKLLIYKASTLESGVPSRFSGSGSGTEFTLTISSLQP
DDFATYYCQQYNSYSLTFGGGTKVEIKRTVAAPSVFIFPPSDEQLKSGTASVVCLLNNFYPREAKVQWKVDNALQSGNSQ
ESVTEQDSKDSTYSLSSTLTLSKADYEKHKVYACEVTHQGLSSPVTKSFNRGEESVTEQDSKDSTYSLSSTLTLSKADYE
KHKVYACEVTHQGLSSPVTKSFNRGE
;
L,N,P
#
# COMPACT_ATOMS: atom_id res chain seq x y z
N ALA A 14 -53.11 -29.27 10.47
CA ALA A 14 -52.90 -27.98 11.15
C ALA A 14 -51.51 -27.48 10.96
N TYR A 15 -51.39 -26.16 10.67
CA TYR A 15 -50.12 -25.55 10.42
C TYR A 15 -49.99 -24.48 11.45
N THR A 16 -48.81 -24.37 12.08
CA THR A 16 -48.61 -23.36 13.08
C THR A 16 -47.32 -22.68 12.72
N ASN A 17 -47.10 -21.47 13.25
CA ASN A 17 -45.89 -20.76 12.93
C ASN A 17 -44.99 -20.85 14.11
N SER A 18 -43.69 -21.15 13.86
CA SER A 18 -42.75 -21.16 14.95
C SER A 18 -42.03 -19.87 14.80
N PHE A 19 -42.56 -18.80 15.43
CA PHE A 19 -42.05 -17.50 15.11
C PHE A 19 -40.58 -17.40 15.35
N THR A 20 -40.16 -17.31 16.62
CA THR A 20 -38.76 -17.19 16.97
C THR A 20 -38.06 -18.47 17.31
N ARG A 21 -38.80 -19.50 17.77
CA ARG A 21 -38.20 -20.62 18.44
C ARG A 21 -37.28 -21.45 17.61
N GLY A 22 -36.50 -22.32 18.31
CA GLY A 22 -35.61 -23.25 17.69
C GLY A 22 -34.16 -22.85 17.84
N VAL A 23 -33.85 -21.74 18.52
CA VAL A 23 -32.45 -21.40 18.60
C VAL A 23 -31.84 -22.12 19.77
N TYR A 24 -30.61 -22.64 19.58
CA TYR A 24 -29.91 -23.30 20.63
C TYR A 24 -28.50 -22.85 20.60
N TYR A 25 -27.76 -23.08 21.71
CA TYR A 25 -26.40 -22.63 21.75
C TYR A 25 -25.63 -23.47 20.77
N PRO A 26 -25.07 -22.78 19.81
CA PRO A 26 -24.34 -23.43 18.76
C PRO A 26 -23.24 -24.27 19.28
N ASP A 27 -22.57 -23.83 20.37
CA ASP A 27 -21.45 -24.58 20.88
C ASP A 27 -21.44 -24.48 22.38
N LYS A 28 -20.43 -25.16 22.97
CA LYS A 28 -20.15 -25.21 24.38
C LYS A 28 -19.61 -23.91 24.88
N VAL A 29 -18.91 -23.14 24.02
CA VAL A 29 -18.20 -21.95 24.43
C VAL A 29 -19.11 -20.91 25.00
N PHE A 30 -18.67 -20.30 26.11
CA PHE A 30 -19.39 -19.25 26.76
C PHE A 30 -18.93 -17.95 26.19
N ARG A 31 -19.85 -16.97 26.07
CA ARG A 31 -19.48 -15.68 25.59
C ARG A 31 -20.38 -14.68 26.26
N SER A 32 -20.00 -13.39 26.23
CA SER A 32 -20.88 -12.45 26.88
C SER A 32 -20.89 -11.17 26.12
N SER A 33 -22.08 -10.54 26.07
CA SER A 33 -22.30 -9.25 25.48
C SER A 33 -21.66 -9.15 24.14
N VAL A 34 -21.88 -10.15 23.26
CA VAL A 34 -21.31 -10.02 21.95
C VAL A 34 -22.29 -10.52 20.95
N LEU A 35 -22.23 -9.97 19.72
CA LEU A 35 -23.10 -10.43 18.68
C LEU A 35 -22.28 -11.36 17.87
N HIS A 36 -22.58 -12.66 17.95
CA HIS A 36 -21.78 -13.64 17.29
C HIS A 36 -22.57 -14.18 16.15
N SER A 37 -21.94 -14.27 14.96
CA SER A 37 -22.63 -14.81 13.82
C SER A 37 -22.19 -16.23 13.68
N THR A 38 -23.16 -17.14 13.49
CA THR A 38 -22.82 -18.53 13.34
C THR A 38 -23.65 -19.10 12.25
N GLN A 39 -23.23 -20.27 11.75
CA GLN A 39 -24.05 -20.99 10.83
C GLN A 39 -24.15 -22.38 11.35
N ASP A 40 -25.39 -22.88 11.48
CA ASP A 40 -25.57 -24.19 12.01
C ASP A 40 -26.92 -24.63 11.53
N LEU A 41 -27.35 -25.86 11.85
CA LEU A 41 -28.64 -26.31 11.43
C LEU A 41 -29.63 -25.79 12.41
N PHE A 42 -30.47 -24.83 11.98
CA PHE A 42 -31.43 -24.25 12.87
C PHE A 42 -32.78 -24.34 12.22
N LEU A 43 -33.82 -24.10 13.02
CA LEU A 43 -35.16 -24.07 12.50
C LEU A 43 -35.33 -22.69 11.95
N PRO A 44 -35.78 -22.59 10.73
CA PRO A 44 -35.93 -21.29 10.16
C PRO A 44 -37.03 -20.57 10.85
N PHE A 45 -36.97 -19.22 10.86
CA PHE A 45 -37.99 -18.45 11.51
C PHE A 45 -39.21 -18.45 10.66
N PHE A 46 -40.39 -18.37 11.31
CA PHE A 46 -41.64 -18.32 10.62
C PHE A 46 -41.75 -19.51 9.72
N SER A 47 -41.23 -20.67 10.16
CA SER A 47 -41.30 -21.85 9.34
C SER A 47 -42.64 -22.45 9.47
N ASN A 48 -42.93 -23.43 8.61
CA ASN A 48 -44.20 -24.10 8.67
C ASN A 48 -43.99 -25.43 9.30
N VAL A 49 -44.54 -25.63 10.51
CA VAL A 49 -44.48 -26.92 11.10
C VAL A 49 -45.87 -27.43 10.99
N THR A 50 -46.07 -28.59 10.36
CA THR A 50 -47.44 -29.00 10.22
C THR A 50 -47.56 -30.47 10.41
N TRP A 51 -48.59 -30.88 11.18
CA TRP A 51 -48.87 -32.27 11.29
C TRP A 51 -50.18 -32.38 11.97
N PHE A 52 -50.82 -33.57 11.86
CA PHE A 52 -52.09 -33.73 12.50
C PHE A 52 -51.86 -34.55 13.72
N HIS A 53 -52.22 -33.99 14.90
CA HIS A 53 -52.12 -34.74 16.11
C HIS A 53 -53.22 -34.25 16.98
N ALA A 54 -53.86 -35.15 17.75
CA ALA A 54 -54.92 -34.60 18.57
C ALA A 54 -55.49 -35.68 19.42
N ILE A 55 -56.39 -35.24 20.32
CA ILE A 55 -57.17 -36.03 21.20
C ILE A 55 -58.38 -36.34 20.39
N HIS A 56 -58.78 -37.62 20.29
CA HIS A 56 -59.95 -37.80 19.50
C HIS A 56 -60.97 -38.55 20.29
N VAL A 57 -61.52 -37.97 21.36
CA VAL A 57 -62.50 -38.77 22.02
C VAL A 57 -63.84 -38.17 21.80
N SER A 58 -64.72 -38.88 21.07
CA SER A 58 -66.05 -38.39 20.88
C SER A 58 -66.94 -39.49 21.34
N GLY A 59 -67.88 -39.18 22.24
CA GLY A 59 -68.71 -40.22 22.76
C GLY A 59 -69.57 -40.79 21.68
N THR A 60 -70.23 -39.94 20.88
CA THR A 60 -71.16 -40.50 19.94
C THR A 60 -70.47 -41.36 18.94
N ASN A 61 -69.59 -40.76 18.12
CA ASN A 61 -68.90 -41.53 17.14
C ASN A 61 -67.47 -41.42 17.53
N GLY A 62 -66.89 -42.54 18.00
CA GLY A 62 -65.56 -42.44 18.47
C GLY A 62 -64.65 -42.09 17.35
N THR A 63 -64.08 -40.87 17.42
CA THR A 63 -63.11 -40.37 16.49
C THR A 63 -61.77 -40.96 16.82
N LYS A 64 -61.63 -41.47 18.07
CA LYS A 64 -60.42 -41.93 18.71
C LYS A 64 -59.39 -42.43 17.76
N ARG A 65 -58.21 -41.76 17.82
CA ARG A 65 -57.08 -42.08 17.01
C ARG A 65 -55.85 -41.91 17.83
N PHE A 66 -54.88 -42.82 17.64
CA PHE A 66 -53.62 -42.73 18.32
C PHE A 66 -52.66 -42.47 17.20
N ASP A 67 -52.13 -41.24 17.13
CA ASP A 67 -51.32 -40.88 15.99
C ASP A 67 -49.88 -41.08 16.30
N ASN A 68 -49.25 -42.12 15.71
CA ASN A 68 -47.84 -42.33 15.87
C ASN A 68 -47.26 -42.25 14.49
N PRO A 69 -47.40 -41.15 13.83
CA PRO A 69 -46.91 -41.02 12.49
C PRO A 69 -45.43 -41.12 12.46
N VAL A 70 -44.85 -41.78 11.44
CA VAL A 70 -43.42 -41.75 11.32
C VAL A 70 -43.13 -40.49 10.59
N LEU A 71 -42.08 -39.75 11.01
CA LEU A 71 -41.80 -38.51 10.34
C LEU A 71 -40.37 -38.52 9.89
N PRO A 72 -40.09 -37.78 8.86
CA PRO A 72 -38.77 -37.75 8.31
C PRO A 72 -37.74 -37.10 9.20
N PHE A 73 -36.56 -37.74 9.31
CA PHE A 73 -35.42 -37.28 10.07
C PHE A 73 -34.70 -36.18 9.36
N ASN A 74 -34.62 -36.25 8.01
CA ASN A 74 -33.96 -35.25 7.21
C ASN A 74 -32.62 -34.89 7.79
N ASP A 75 -32.32 -33.57 7.80
CA ASP A 75 -31.11 -32.98 8.29
C ASP A 75 -31.04 -33.05 9.79
N GLY A 76 -32.20 -33.10 10.46
CA GLY A 76 -32.28 -33.12 11.88
C GLY A 76 -33.62 -32.53 12.17
N VAL A 77 -34.28 -32.94 13.26
CA VAL A 77 -35.60 -32.41 13.40
C VAL A 77 -35.73 -31.68 14.68
N TYR A 78 -36.40 -30.51 14.60
CA TYR A 78 -36.68 -29.72 15.75
C TYR A 78 -37.98 -30.26 16.22
N PHE A 79 -38.11 -30.44 17.55
CA PHE A 79 -39.30 -31.04 18.07
C PHE A 79 -39.73 -30.31 19.29
N ALA A 80 -41.06 -30.18 19.46
CA ALA A 80 -41.59 -29.51 20.61
C ALA A 80 -42.86 -30.22 20.97
N SER A 81 -43.26 -30.13 22.25
CA SER A 81 -44.48 -30.76 22.64
C SER A 81 -45.02 -29.99 23.80
N THR A 82 -46.37 -29.90 23.90
CA THR A 82 -46.97 -29.21 25.00
C THR A 82 -47.60 -30.26 25.84
N GLU A 83 -47.30 -30.27 27.16
CA GLU A 83 -47.78 -31.38 27.94
C GLU A 83 -48.58 -30.93 29.12
N LYS A 84 -49.84 -31.40 29.19
CA LYS A 84 -50.53 -31.22 30.44
C LYS A 84 -50.16 -32.31 31.41
N SER A 85 -50.08 -33.59 30.93
CA SER A 85 -49.78 -34.63 31.88
C SER A 85 -48.86 -35.64 31.30
N ASN A 86 -47.65 -35.22 30.87
CA ASN A 86 -46.58 -36.07 30.43
C ASN A 86 -47.06 -37.20 29.57
N ILE A 87 -47.94 -36.91 28.60
CA ILE A 87 -48.44 -37.93 27.73
C ILE A 87 -47.34 -38.42 26.84
N ILE A 88 -46.55 -37.49 26.26
CA ILE A 88 -45.59 -37.91 25.29
C ILE A 88 -44.38 -38.40 26.00
N ARG A 89 -44.29 -39.74 26.06
CA ARG A 89 -43.26 -40.49 26.70
C ARG A 89 -41.97 -40.62 25.93
N GLY A 90 -41.99 -40.82 24.59
CA GLY A 90 -40.69 -41.10 24.04
C GLY A 90 -40.68 -40.95 22.55
N TRP A 91 -39.54 -41.33 21.93
CA TRP A 91 -39.41 -41.22 20.51
C TRP A 91 -38.55 -42.35 20.04
N ILE A 92 -38.65 -42.69 18.74
CA ILE A 92 -37.83 -43.74 18.19
C ILE A 92 -37.15 -43.18 16.98
N PHE A 93 -35.87 -43.53 16.78
CA PHE A 93 -35.16 -43.00 15.65
C PHE A 93 -34.54 -44.14 14.91
N GLY A 94 -34.41 -44.02 13.57
CA GLY A 94 -33.78 -45.07 12.82
C GLY A 94 -34.44 -45.14 11.47
N THR A 95 -33.83 -45.91 10.53
CA THR A 95 -34.46 -46.06 9.26
C THR A 95 -35.66 -46.95 9.33
N THR A 96 -35.39 -48.22 9.70
CA THR A 96 -36.32 -49.30 9.73
C THR A 96 -37.26 -49.21 10.91
N LEU A 97 -36.69 -48.96 12.11
CA LEU A 97 -37.47 -48.83 13.30
C LEU A 97 -38.07 -50.15 13.71
N ASP A 98 -37.60 -51.31 13.21
CA ASP A 98 -38.22 -52.52 13.73
C ASP A 98 -37.23 -53.65 13.85
N SER A 99 -36.44 -53.64 14.94
CA SER A 99 -35.52 -54.69 15.31
C SER A 99 -34.43 -54.80 14.28
N LYS A 100 -34.52 -54.01 13.20
CA LYS A 100 -33.53 -54.03 12.18
C LYS A 100 -32.35 -53.26 12.63
N THR A 101 -32.54 -52.29 13.55
CA THR A 101 -31.40 -51.46 13.75
C THR A 101 -31.14 -51.17 15.18
N GLN A 102 -29.96 -50.55 15.38
CA GLN A 102 -29.28 -50.03 16.53
C GLN A 102 -30.08 -48.85 16.97
N SER A 103 -31.13 -48.54 16.17
CA SER A 103 -32.06 -47.47 16.35
C SER A 103 -32.26 -47.19 17.80
N LEU A 104 -32.55 -45.91 18.10
CA LEU A 104 -32.64 -45.43 19.44
C LEU A 104 -34.03 -45.52 19.94
N LEU A 105 -34.15 -45.76 21.27
CA LEU A 105 -35.42 -45.79 21.91
C LEU A 105 -35.24 -44.94 23.13
N ILE A 106 -36.01 -43.84 23.25
CA ILE A 106 -35.89 -43.03 24.43
C ILE A 106 -37.25 -43.01 25.06
N VAL A 107 -37.34 -43.45 26.33
CA VAL A 107 -38.62 -43.43 26.98
C VAL A 107 -38.41 -43.02 28.39
N ASN A 108 -39.33 -42.20 28.89
CA ASN A 108 -39.26 -41.75 30.24
C ASN A 108 -40.35 -42.47 30.94
N ASN A 109 -40.05 -43.63 31.56
CA ASN A 109 -41.09 -44.33 32.25
C ASN A 109 -41.50 -43.40 33.33
N ALA A 110 -42.68 -43.64 33.92
CA ALA A 110 -43.13 -42.75 34.96
C ALA A 110 -42.09 -42.78 36.02
N THR A 111 -41.49 -43.96 36.25
CA THR A 111 -40.49 -44.19 37.26
C THR A 111 -39.21 -43.46 36.95
N ASN A 112 -38.66 -43.63 35.73
CA ASN A 112 -37.37 -43.05 35.48
C ASN A 112 -37.14 -42.98 34.01
N VAL A 113 -36.26 -42.06 33.56
CA VAL A 113 -36.00 -41.94 32.16
C VAL A 113 -35.03 -43.01 31.78
N VAL A 114 -35.27 -43.65 30.62
CA VAL A 114 -34.35 -44.68 30.23
C VAL A 114 -34.09 -44.47 28.77
N ILE A 115 -32.84 -44.70 28.32
CA ILE A 115 -32.52 -44.57 26.93
C ILE A 115 -31.82 -45.82 26.50
N LYS A 116 -32.34 -46.51 25.46
CA LYS A 116 -31.69 -47.70 24.99
C LYS A 116 -31.63 -47.68 23.49
N VAL A 117 -30.46 -48.06 22.98
CA VAL A 117 -30.01 -48.22 21.63
C VAL A 117 -30.48 -49.50 20.99
N CYS A 118 -30.97 -50.48 21.77
CA CYS A 118 -31.25 -51.79 21.21
C CYS A 118 -32.16 -51.76 20.02
N GLU A 119 -32.10 -52.87 19.25
CA GLU A 119 -32.90 -53.05 18.07
C GLU A 119 -34.21 -53.56 18.55
N PHE A 120 -35.12 -52.63 18.91
CA PHE A 120 -36.38 -52.96 19.51
C PHE A 120 -37.36 -53.39 18.44
N GLN A 121 -38.30 -54.29 18.79
CA GLN A 121 -39.27 -54.72 17.81
C GLN A 121 -40.54 -53.94 18.05
N PHE A 122 -40.68 -52.77 17.40
CA PHE A 122 -41.82 -51.96 17.68
C PHE A 122 -43.02 -52.49 16.97
N CYS A 123 -44.21 -52.18 17.51
CA CYS A 123 -45.44 -52.60 16.92
C CYS A 123 -45.67 -51.73 15.74
N ASN A 124 -46.63 -52.09 14.88
CA ASN A 124 -46.89 -51.27 13.74
C ASN A 124 -47.36 -49.94 14.27
N ASP A 125 -48.19 -49.97 15.32
CA ASP A 125 -48.65 -48.77 15.97
C ASP A 125 -48.09 -48.83 17.36
N PRO A 126 -46.93 -48.28 17.56
CA PRO A 126 -46.32 -48.37 18.84
C PRO A 126 -46.96 -47.49 19.86
N PHE A 127 -47.05 -47.94 21.12
CA PHE A 127 -47.62 -47.10 22.13
C PHE A 127 -47.31 -47.70 23.46
N LEU A 128 -47.40 -46.90 24.54
CA LEU A 128 -47.22 -47.41 25.87
C LEU A 128 -48.55 -47.20 26.54
N GLY A 129 -49.06 -48.23 27.22
CA GLY A 129 -50.34 -48.03 27.84
C GLY A 129 -50.16 -47.59 29.26
N VAL A 130 -51.19 -46.92 29.79
CA VAL A 130 -51.23 -46.62 31.19
C VAL A 130 -52.63 -46.85 31.62
N TYR A 131 -52.77 -47.44 32.82
CA TYR A 131 -54.01 -47.87 33.36
C TYR A 131 -54.14 -47.39 34.75
N TYR A 132 -55.37 -47.12 35.20
CA TYR A 132 -55.44 -46.75 36.57
C TYR A 132 -56.37 -47.68 37.21
N HIS A 133 -55.87 -48.33 38.25
CA HIS A 133 -56.78 -49.11 38.99
C HIS A 133 -57.46 -48.09 39.83
N LYS A 134 -58.79 -47.99 39.72
CA LYS A 134 -59.49 -47.00 40.47
C LYS A 134 -59.22 -47.25 41.92
N ASN A 135 -59.19 -48.53 42.31
CA ASN A 135 -58.94 -48.81 43.69
C ASN A 135 -57.57 -48.30 44.01
N ASN A 136 -56.63 -48.49 43.08
CA ASN A 136 -55.29 -48.03 43.28
C ASN A 136 -55.27 -46.55 43.35
N LYS A 137 -56.23 -45.91 42.67
CA LYS A 137 -56.25 -44.48 42.67
C LYS A 137 -55.01 -44.00 41.98
N SER A 138 -54.50 -44.76 41.00
CA SER A 138 -53.34 -44.23 40.36
C SER A 138 -53.31 -44.67 38.93
N TRP A 139 -52.61 -43.89 38.09
CA TRP A 139 -52.45 -44.18 36.70
C TRP A 139 -51.10 -44.82 36.65
N MET A 140 -50.94 -45.93 35.91
CA MET A 140 -49.68 -46.61 35.96
C MET A 140 -49.36 -47.21 34.63
N GLU A 141 -48.05 -47.43 34.39
CA GLU A 141 -47.58 -48.02 33.16
C GLU A 141 -48.16 -49.40 33.11
N SER A 142 -48.66 -49.80 31.93
CA SER A 142 -49.33 -51.06 31.85
C SER A 142 -48.81 -51.82 30.68
N GLU A 143 -48.86 -51.22 29.48
CA GLU A 143 -48.45 -51.94 28.31
C GLU A 143 -47.12 -51.43 27.83
N PHE A 144 -46.14 -52.35 27.86
CA PHE A 144 -44.75 -52.29 27.50
C PHE A 144 -44.60 -52.40 26.01
N ARG A 145 -45.73 -52.56 25.31
CA ARG A 145 -45.95 -52.99 23.95
C ARG A 145 -45.08 -52.32 22.92
N VAL A 146 -44.33 -51.23 23.25
CA VAL A 146 -43.55 -50.59 22.23
C VAL A 146 -42.67 -51.56 21.47
N TYR A 147 -41.85 -52.42 22.12
CA TYR A 147 -41.04 -53.30 21.30
C TYR A 147 -40.98 -54.69 21.85
N SER A 148 -40.91 -55.68 20.93
CA SER A 148 -40.81 -57.08 21.22
C SER A 148 -39.44 -57.41 21.71
N SER A 149 -38.39 -56.98 20.98
CA SER A 149 -37.11 -57.43 21.40
C SER A 149 -36.09 -56.37 21.17
N ALA A 150 -35.09 -56.32 22.07
CA ALA A 150 -33.99 -55.42 21.97
C ALA A 150 -32.84 -56.30 21.63
N ASN A 151 -32.43 -56.32 20.35
CA ASN A 151 -31.42 -57.25 19.97
C ASN A 151 -30.15 -56.94 20.69
N ASN A 152 -29.68 -55.68 20.63
CA ASN A 152 -28.46 -55.38 21.31
C ASN A 152 -28.45 -53.92 21.63
N CYS A 153 -27.97 -53.55 22.84
CA CYS A 153 -27.87 -52.18 23.20
C CYS A 153 -26.43 -51.84 23.40
N THR A 154 -25.89 -51.01 22.48
CA THR A 154 -24.55 -50.53 22.63
C THR A 154 -24.53 -49.63 23.81
N PHE A 155 -25.60 -48.82 24.01
CA PHE A 155 -25.61 -47.90 25.10
C PHE A 155 -26.92 -48.02 25.83
N GLU A 156 -26.90 -47.73 27.15
CA GLU A 156 -28.06 -47.78 27.99
C GLU A 156 -27.92 -46.73 29.06
N TYR A 157 -29.01 -46.01 29.34
CA TYR A 157 -28.99 -45.01 30.38
C TYR A 157 -30.23 -45.15 31.20
N VAL A 158 -30.10 -44.94 32.52
CA VAL A 158 -31.25 -44.96 33.37
C VAL A 158 -31.12 -43.81 34.31
N SER A 159 -32.21 -43.05 34.52
CA SER A 159 -32.13 -41.93 35.42
C SER A 159 -32.61 -42.38 36.76
N GLN A 160 -32.45 -41.51 37.77
CA GLN A 160 -32.92 -41.82 39.09
C GLN A 160 -34.40 -41.67 39.04
N PRO A 161 -35.10 -42.48 39.78
CA PRO A 161 -36.52 -42.45 39.69
C PRO A 161 -37.13 -41.18 40.17
N PHE A 162 -38.20 -40.74 39.49
CA PHE A 162 -38.92 -39.55 39.84
C PHE A 162 -40.30 -39.75 39.31
N LEU A 163 -41.25 -38.88 39.66
CA LEU A 163 -42.57 -39.09 39.17
C LEU A 163 -43.01 -37.90 38.37
N MET A 164 -43.81 -38.17 37.33
CA MET A 164 -44.39 -37.13 36.52
C MET A 164 -45.83 -37.48 36.38
N ASP A 165 -46.65 -36.54 35.87
CA ASP A 165 -48.05 -36.82 35.85
C ASP A 165 -48.41 -37.73 34.72
N LEU A 166 -48.67 -39.00 35.07
CA LEU A 166 -49.12 -40.06 34.19
C LEU A 166 -50.59 -39.92 33.92
N GLU A 167 -51.32 -39.39 34.91
CA GLU A 167 -52.75 -39.33 34.90
C GLU A 167 -53.18 -38.63 33.67
N GLY A 168 -54.44 -38.88 33.29
CA GLY A 168 -55.02 -38.13 32.23
C GLY A 168 -55.29 -36.83 32.93
N LYS A 169 -54.22 -36.05 33.17
CA LYS A 169 -54.32 -34.73 33.72
C LYS A 169 -53.59 -33.94 32.70
N GLN A 170 -54.18 -34.00 31.50
CA GLN A 170 -53.78 -33.52 30.23
C GLN A 170 -54.83 -32.58 29.77
N GLY A 171 -54.47 -31.49 29.05
CA GLY A 171 -55.44 -30.49 28.70
C GLY A 171 -54.71 -29.19 28.52
N ASN A 172 -54.96 -28.23 29.43
CA ASN A 172 -54.32 -26.94 29.38
C ASN A 172 -52.86 -27.24 29.34
N PHE A 173 -52.08 -26.44 28.59
CA PHE A 173 -50.71 -26.85 28.47
C PHE A 173 -49.90 -26.15 29.51
N LYS A 174 -49.60 -26.88 30.61
CA LYS A 174 -48.79 -26.35 31.67
C LYS A 174 -47.33 -26.28 31.32
N ASN A 175 -46.79 -27.31 30.64
CA ASN A 175 -45.36 -27.30 30.47
C ASN A 175 -44.99 -27.38 29.03
N LEU A 176 -43.79 -26.85 28.72
CA LEU A 176 -43.25 -26.88 27.38
C LEU A 176 -41.93 -27.59 27.46
N ARG A 177 -41.77 -28.67 26.67
CA ARG A 177 -40.51 -29.36 26.66
C ARG A 177 -40.03 -29.31 25.24
N GLU A 178 -39.03 -28.45 24.96
CA GLU A 178 -38.54 -28.32 23.61
C GLU A 178 -37.35 -29.21 23.43
N PHE A 179 -37.12 -29.66 22.18
CA PHE A 179 -36.01 -30.53 21.92
C PHE A 179 -35.48 -30.25 20.55
N VAL A 180 -34.22 -30.65 20.31
CA VAL A 180 -33.60 -30.56 19.02
C VAL A 180 -32.90 -31.87 18.84
N PHE A 181 -33.11 -32.53 17.69
CA PHE A 181 -32.42 -33.79 17.51
C PHE A 181 -31.62 -33.69 16.26
N LYS A 182 -30.28 -33.73 16.38
CA LYS A 182 -29.49 -33.68 15.18
C LYS A 182 -28.36 -34.63 15.37
N ASN A 183 -28.09 -35.46 14.34
CA ASN A 183 -27.00 -36.38 14.44
C ASN A 183 -26.01 -35.97 13.40
N ILE A 184 -24.81 -35.57 13.85
CA ILE A 184 -23.79 -35.18 12.93
C ILE A 184 -22.66 -36.13 13.13
N ASP A 185 -22.24 -36.80 12.04
CA ASP A 185 -21.13 -37.69 12.09
C ASP A 185 -21.43 -38.79 13.05
N GLY A 186 -22.65 -39.09 13.42
CA GLY A 186 -22.62 -40.16 14.36
C GLY A 186 -22.91 -39.60 15.72
N TYR A 187 -22.71 -38.29 15.91
CA TYR A 187 -22.97 -37.72 17.20
C TYR A 187 -24.43 -37.37 17.24
N PHE A 188 -25.14 -37.88 18.27
CA PHE A 188 -26.53 -37.57 18.42
C PHE A 188 -26.59 -36.60 19.55
N LYS A 189 -26.96 -35.34 19.26
CA LYS A 189 -26.97 -34.37 20.32
C LYS A 189 -28.37 -33.88 20.49
N ILE A 190 -28.82 -33.83 21.76
CA ILE A 190 -30.15 -33.36 22.01
C ILE A 190 -30.02 -32.13 22.84
N TYR A 191 -30.79 -31.08 22.47
CA TYR A 191 -30.75 -29.86 23.20
C TYR A 191 -32.15 -29.65 23.69
N SER A 192 -32.33 -29.09 24.89
CA SER A 192 -33.67 -28.93 25.32
C SER A 192 -33.75 -27.81 26.31
N LYS A 193 -34.99 -27.44 26.65
CA LYS A 193 -35.23 -26.47 27.69
C LYS A 193 -36.62 -26.70 28.18
N HIS A 194 -36.83 -26.48 29.49
CA HIS A 194 -38.13 -26.68 30.04
C HIS A 194 -38.59 -25.38 30.58
N THR A 195 -39.82 -24.97 30.21
CA THR A 195 -40.33 -23.75 30.73
C THR A 195 -41.76 -23.98 31.07
N PRO A 196 -42.23 -23.33 32.09
CA PRO A 196 -43.62 -23.44 32.41
C PRO A 196 -44.37 -22.58 31.45
N ILE A 197 -45.55 -23.01 30.99
CA ILE A 197 -46.27 -22.16 30.10
C ILE A 197 -47.72 -22.33 30.35
N ASN A 198 -48.49 -21.24 30.16
CA ASN A 198 -49.92 -21.29 30.16
C ASN A 198 -50.24 -20.46 28.97
N LEU A 199 -49.72 -20.87 27.80
CA LEU A 199 -49.85 -20.05 26.63
C LEU A 199 -50.63 -20.76 25.57
N VAL A 200 -50.29 -20.42 24.32
CA VAL A 200 -50.98 -20.91 23.17
C VAL A 200 -51.02 -22.40 23.20
N ARG A 201 -52.11 -22.97 22.65
CA ARG A 201 -52.19 -24.39 22.55
C ARG A 201 -51.05 -24.73 21.67
N ASP A 202 -50.87 -23.89 20.64
CA ASP A 202 -49.75 -24.03 19.75
C ASP A 202 -48.62 -23.39 20.48
N LEU A 203 -47.44 -23.34 19.86
CA LEU A 203 -46.34 -22.77 20.55
C LEU A 203 -46.60 -21.32 20.74
N PRO A 204 -46.26 -20.85 21.90
CA PRO A 204 -46.46 -19.47 22.22
C PRO A 204 -45.42 -18.65 21.56
N GLN A 205 -45.72 -17.36 21.31
CA GLN A 205 -44.72 -16.54 20.70
C GLN A 205 -43.86 -16.07 21.81
N GLY A 206 -42.54 -16.23 21.64
CA GLY A 206 -41.64 -15.84 22.67
C GLY A 206 -40.36 -16.48 22.33
N PHE A 207 -39.28 -16.09 23.02
CA PHE A 207 -38.00 -16.59 22.65
C PHE A 207 -37.38 -17.27 23.83
N SER A 208 -36.83 -18.48 23.61
CA SER A 208 -36.16 -19.22 24.64
C SER A 208 -35.04 -19.95 23.96
N ALA A 209 -33.97 -20.28 24.70
CA ALA A 209 -32.85 -20.93 24.09
C ALA A 209 -32.76 -22.33 24.60
N LEU A 210 -32.14 -23.21 23.78
CA LEU A 210 -31.99 -24.60 24.13
C LEU A 210 -30.55 -24.84 24.47
N GLU A 211 -30.29 -25.82 25.36
CA GLU A 211 -28.96 -26.14 25.83
C GLU A 211 -28.72 -27.61 25.63
N PRO A 212 -27.46 -27.98 25.45
CA PRO A 212 -27.08 -29.37 25.27
C PRO A 212 -27.06 -30.22 26.50
N LEU A 213 -27.90 -31.28 26.55
CA LEU A 213 -27.86 -32.23 27.64
C LEU A 213 -26.84 -33.33 27.48
N VAL A 214 -26.77 -33.97 26.29
CA VAL A 214 -25.91 -35.13 26.21
C VAL A 214 -25.48 -35.38 24.80
N ASP A 215 -24.47 -36.27 24.64
CA ASP A 215 -23.96 -36.67 23.35
C ASP A 215 -23.93 -38.17 23.35
N LEU A 216 -24.64 -38.81 22.38
CA LEU A 216 -24.62 -40.25 22.38
C LEU A 216 -24.04 -40.73 21.09
N PRO A 217 -22.95 -41.43 21.12
CA PRO A 217 -22.43 -41.95 19.88
C PRO A 217 -23.15 -43.17 19.39
N ILE A 218 -24.27 -43.02 18.65
CA ILE A 218 -24.92 -44.14 18.05
C ILE A 218 -24.24 -44.52 16.76
N GLY A 219 -24.00 -43.52 15.88
CA GLY A 219 -23.39 -43.76 14.60
C GLY A 219 -24.33 -44.52 13.71
N ILE A 220 -25.60 -44.08 13.58
CA ILE A 220 -26.52 -44.80 12.74
C ILE A 220 -27.01 -43.88 11.66
N ASN A 221 -27.16 -44.40 10.42
CA ASN A 221 -27.69 -43.56 9.39
C ASN A 221 -29.16 -43.55 9.63
N ILE A 222 -29.66 -42.48 10.30
CA ILE A 222 -31.04 -42.49 10.71
C ILE A 222 -31.87 -41.60 9.84
N THR A 223 -32.77 -42.24 9.06
CA THR A 223 -33.75 -41.63 8.19
C THR A 223 -34.99 -41.14 8.87
N ARG A 224 -35.58 -41.86 9.85
CA ARG A 224 -36.86 -41.38 10.32
C ARG A 224 -37.04 -41.58 11.80
N PHE A 225 -38.10 -40.95 12.36
CA PHE A 225 -38.38 -41.10 13.76
C PHE A 225 -39.86 -41.10 13.99
N GLN A 226 -40.28 -41.53 15.19
CA GLN A 226 -41.67 -41.60 15.55
C GLN A 226 -41.79 -41.12 16.96
N THR A 227 -43.01 -40.70 17.35
CA THR A 227 -43.18 -40.24 18.70
C THR A 227 -44.01 -41.26 19.40
N LEU A 228 -43.62 -41.61 20.64
CA LEU A 228 -44.36 -42.53 21.45
C LEU A 228 -45.21 -41.72 22.36
N LEU A 229 -46.50 -42.10 22.48
CA LEU A 229 -47.40 -41.36 23.31
C LEU A 229 -47.77 -42.24 24.46
N ALA A 230 -48.31 -41.65 25.53
CA ALA A 230 -48.67 -42.41 26.70
C ALA A 230 -50.14 -42.38 26.84
N LEU A 231 -50.68 -43.45 27.48
CA LEU A 231 -52.09 -43.58 27.70
C LEU A 231 -52.30 -43.26 29.13
N HIS A 232 -53.56 -43.01 29.54
CA HIS A 232 -53.74 -42.74 30.92
C HIS A 232 -54.98 -43.46 31.33
N ARG A 233 -54.88 -44.40 32.27
CA ARG A 233 -56.18 -44.86 32.64
C ARG A 233 -56.29 -44.39 34.02
N SER A 234 -57.54 -44.01 34.44
CA SER A 234 -57.95 -43.45 35.71
C SER A 234 -58.85 -44.41 36.46
N TYR A 235 -59.33 -43.93 37.63
CA TYR A 235 -60.08 -44.75 38.55
C TYR A 235 -61.22 -45.24 37.76
N LEU A 236 -61.82 -44.24 37.10
CA LEU A 236 -63.05 -44.38 36.42
C LEU A 236 -62.90 -45.39 35.35
N THR A 237 -61.76 -45.38 34.66
CA THR A 237 -61.66 -46.29 33.57
C THR A 237 -61.30 -47.64 34.06
N PRO A 238 -61.90 -48.61 33.40
CA PRO A 238 -61.46 -49.97 33.47
C PRO A 238 -60.31 -49.70 32.58
N GLY A 239 -59.18 -50.41 32.67
CA GLY A 239 -57.96 -50.25 31.95
C GLY A 239 -58.01 -50.67 30.52
N ASP A 240 -59.15 -51.20 30.05
CA ASP A 240 -59.29 -51.77 28.73
C ASP A 240 -58.60 -50.95 27.69
N SER A 241 -57.92 -51.64 26.76
CA SER A 241 -57.19 -51.08 25.65
C SER A 241 -58.16 -50.50 24.66
N SER A 242 -59.41 -51.00 24.65
CA SER A 242 -60.37 -50.46 23.72
C SER A 242 -60.66 -49.01 24.03
N SER A 243 -61.74 -48.79 24.82
CA SER A 243 -62.28 -47.50 25.21
C SER A 243 -61.65 -46.91 26.46
N GLY A 244 -60.99 -47.74 27.27
CA GLY A 244 -60.52 -47.42 28.60
C GLY A 244 -59.47 -46.35 28.68
N TRP A 245 -58.65 -46.15 27.62
CA TRP A 245 -57.51 -45.28 27.74
C TRP A 245 -57.83 -43.84 27.44
N THR A 246 -57.05 -42.92 28.08
CA THR A 246 -57.15 -41.51 27.82
C THR A 246 -55.80 -41.02 27.42
N ALA A 247 -55.71 -40.47 26.20
CA ALA A 247 -54.50 -39.92 25.67
C ALA A 247 -54.14 -38.69 26.41
N GLY A 248 -55.15 -37.84 26.68
CA GLY A 248 -54.88 -36.61 27.35
C GLY A 248 -54.69 -35.55 26.33
N ALA A 249 -54.73 -34.27 26.76
CA ALA A 249 -54.56 -33.24 25.79
C ALA A 249 -53.10 -32.96 25.70
N ALA A 250 -52.50 -33.32 24.56
CA ALA A 250 -51.10 -33.04 24.41
C ALA A 250 -50.82 -33.03 22.94
N ALA A 251 -50.15 -31.97 22.47
CA ALA A 251 -49.84 -31.90 21.08
C ALA A 251 -48.37 -31.66 20.98
N TYR A 252 -47.77 -32.10 19.86
CA TYR A 252 -46.37 -31.87 19.66
C TYR A 252 -46.20 -31.43 18.25
N TYR A 253 -45.08 -30.74 17.95
CA TYR A 253 -44.93 -30.18 16.64
C TYR A 253 -43.63 -30.66 16.07
N VAL A 254 -43.50 -30.61 14.72
CA VAL A 254 -42.28 -31.03 14.12
C VAL A 254 -41.84 -29.99 13.13
N GLY A 255 -40.64 -29.43 13.33
CA GLY A 255 -40.07 -28.48 12.40
C GLY A 255 -38.98 -29.18 11.65
N TYR A 256 -38.19 -28.40 10.86
CA TYR A 256 -37.07 -28.95 10.16
C TYR A 256 -35.91 -28.01 10.37
N LEU A 257 -34.69 -28.57 10.45
CA LEU A 257 -33.51 -27.76 10.61
C LEU A 257 -32.84 -27.62 9.29
N GLN A 258 -32.31 -26.42 9.01
CA GLN A 258 -31.66 -26.21 7.76
C GLN A 258 -30.43 -25.42 8.03
N PRO A 259 -29.39 -25.66 7.28
CA PRO A 259 -28.22 -24.86 7.48
C PRO A 259 -28.54 -23.45 7.09
N ARG A 260 -28.53 -22.52 8.05
CA ARG A 260 -28.84 -21.17 7.77
C ARG A 260 -28.01 -20.35 8.71
N THR A 261 -27.59 -19.15 8.29
CA THR A 261 -26.80 -18.36 9.19
C THR A 261 -27.69 -17.60 10.10
N PHE A 262 -27.22 -17.44 11.36
CA PHE A 262 -27.93 -16.72 12.36
C PHE A 262 -26.97 -15.80 13.05
N LEU A 263 -27.48 -14.66 13.54
CA LEU A 263 -26.69 -13.73 14.30
C LEU A 263 -27.25 -13.74 15.69
N LEU A 264 -26.55 -14.37 16.64
CA LEU A 264 -27.09 -14.45 17.96
C LEU A 264 -26.68 -13.26 18.77
N LYS A 265 -27.50 -12.91 19.78
CA LYS A 265 -27.17 -11.81 20.62
C LYS A 265 -27.04 -12.34 22.02
N TYR A 266 -25.79 -12.37 22.54
CA TYR A 266 -25.60 -12.85 23.88
C TYR A 266 -25.66 -11.68 24.79
N ASN A 267 -26.41 -11.83 25.90
CA ASN A 267 -26.53 -10.76 26.85
C ASN A 267 -25.34 -10.82 27.76
N GLU A 268 -25.37 -10.01 28.84
CA GLU A 268 -24.29 -9.98 29.78
C GLU A 268 -24.20 -11.32 30.44
N ASN A 269 -25.37 -11.93 30.65
CA ASN A 269 -25.54 -13.19 31.34
C ASN A 269 -25.02 -14.35 30.55
N GLY A 270 -24.86 -14.25 29.21
CA GLY A 270 -24.39 -15.41 28.51
C GLY A 270 -25.60 -16.18 28.08
N THR A 271 -26.75 -15.49 28.04
CA THR A 271 -28.00 -16.08 27.64
C THR A 271 -28.30 -15.54 26.27
N ILE A 272 -28.92 -16.39 25.42
CA ILE A 272 -29.21 -15.96 24.09
C ILE A 272 -30.56 -15.32 24.12
N THR A 273 -30.56 -13.98 24.17
CA THR A 273 -31.74 -13.16 24.21
C THR A 273 -32.46 -13.03 22.90
N ASP A 274 -31.73 -12.85 21.78
CA ASP A 274 -32.42 -12.58 20.55
C ASP A 274 -31.63 -13.11 19.39
N ALA A 275 -32.28 -13.29 18.22
CA ALA A 275 -31.56 -13.78 17.07
C ALA A 275 -32.16 -13.23 15.83
N VAL A 276 -31.39 -13.20 14.73
CA VAL A 276 -31.89 -12.74 13.47
C VAL A 276 -31.63 -13.82 12.48
N ASP A 277 -32.63 -14.10 11.60
CA ASP A 277 -32.47 -15.12 10.62
C ASP A 277 -31.99 -14.44 9.35
N CYS A 278 -30.68 -14.73 8.96
CA CYS A 278 -30.04 -13.99 7.91
C CYS A 278 -30.77 -14.14 6.60
N ALA A 279 -31.31 -15.34 6.34
CA ALA A 279 -32.05 -15.77 5.17
C ALA A 279 -33.46 -15.27 5.08
N LEU A 280 -34.09 -14.86 6.20
CA LEU A 280 -35.52 -14.64 6.22
C LEU A 280 -36.00 -13.65 5.19
N ASP A 281 -35.58 -12.37 5.26
CA ASP A 281 -36.07 -11.41 4.30
C ASP A 281 -34.97 -10.43 4.00
N PRO A 282 -35.19 -9.53 3.08
CA PRO A 282 -34.15 -8.61 2.72
C PRO A 282 -33.68 -7.79 3.88
N LEU A 283 -34.59 -7.40 4.78
CA LEU A 283 -34.15 -6.63 5.92
C LEU A 283 -33.27 -7.48 6.78
N SER A 284 -33.62 -8.76 6.94
CA SER A 284 -32.90 -9.66 7.81
C SER A 284 -31.50 -9.79 7.29
N GLU A 285 -31.31 -9.76 5.96
CA GLU A 285 -29.96 -9.87 5.45
C GLU A 285 -29.15 -8.67 5.82
N THR A 286 -29.74 -7.45 5.77
CA THR A 286 -28.94 -6.30 6.14
C THR A 286 -28.54 -6.43 7.57
N LYS A 287 -29.44 -6.94 8.43
CA LYS A 287 -29.09 -7.06 9.82
C LYS A 287 -27.94 -8.00 9.95
N CYS A 288 -27.94 -9.12 9.18
CA CYS A 288 -26.86 -10.05 9.32
C CYS A 288 -25.55 -9.49 8.83
N THR A 289 -25.55 -8.73 7.71
CA THR A 289 -24.32 -8.20 7.19
C THR A 289 -23.70 -7.21 8.13
N LEU A 290 -24.51 -6.26 8.64
CA LEU A 290 -24.12 -5.19 9.50
C LEU A 290 -23.66 -5.73 10.83
N LYS A 291 -24.12 -6.94 11.21
CA LYS A 291 -23.81 -7.51 12.48
C LYS A 291 -24.40 -6.67 13.57
N SER A 292 -25.59 -6.14 13.29
CA SER A 292 -26.29 -5.37 14.29
C SER A 292 -27.76 -5.60 14.09
N PHE A 293 -28.52 -5.43 15.19
CA PHE A 293 -29.95 -5.54 15.25
C PHE A 293 -30.60 -4.33 14.65
N THR A 294 -29.94 -3.16 14.68
CA THR A 294 -30.60 -2.00 14.16
C THR A 294 -29.86 -1.52 12.94
N VAL A 295 -30.61 -1.06 11.91
CA VAL A 295 -30.02 -0.57 10.71
C VAL A 295 -30.52 0.83 10.47
N GLU A 296 -29.62 1.74 10.05
CA GLU A 296 -29.96 3.11 9.80
C GLU A 296 -30.46 3.24 8.40
N LYS A 297 -31.09 4.40 8.09
CA LYS A 297 -31.65 4.61 6.78
C LYS A 297 -30.54 4.73 5.79
N GLY A 298 -30.74 4.11 4.61
CA GLY A 298 -29.75 4.20 3.57
C GLY A 298 -29.87 2.99 2.69
N ILE A 299 -28.98 2.91 1.68
CA ILE A 299 -28.95 1.81 0.77
C ILE A 299 -27.75 0.99 1.13
N TYR A 300 -27.94 -0.35 1.26
CA TYR A 300 -26.87 -1.21 1.69
C TYR A 300 -26.67 -2.30 0.67
N GLN A 301 -25.41 -2.74 0.49
CA GLN A 301 -25.14 -3.80 -0.44
C GLN A 301 -24.91 -5.08 0.33
N THR A 302 -25.90 -5.99 0.26
CA THR A 302 -25.87 -7.27 0.91
C THR A 302 -25.35 -8.42 0.10
N SER A 303 -25.67 -8.50 -1.21
CA SER A 303 -25.36 -9.72 -1.92
C SER A 303 -25.22 -9.42 -3.39
N ASN A 304 -25.20 -10.47 -4.22
CA ASN A 304 -25.02 -10.31 -5.63
C ASN A 304 -25.97 -11.23 -6.33
N PHE A 305 -26.84 -10.64 -7.18
CA PHE A 305 -27.84 -11.27 -8.00
C PHE A 305 -27.16 -12.12 -9.02
N ARG A 306 -27.62 -13.38 -9.19
CA ARG A 306 -27.02 -14.23 -10.16
C ARG A 306 -28.06 -15.14 -10.72
N VAL A 307 -28.05 -15.32 -12.06
CA VAL A 307 -28.99 -16.24 -12.64
C VAL A 307 -28.30 -17.55 -12.70
N GLN A 308 -29.00 -18.64 -12.33
CA GLN A 308 -28.36 -19.92 -12.35
C GLN A 308 -28.64 -20.59 -13.66
N PRO A 309 -27.78 -21.51 -14.01
CA PRO A 309 -27.99 -22.25 -15.22
C PRO A 309 -29.15 -23.20 -15.13
N THR A 310 -29.99 -23.22 -16.18
CA THR A 310 -31.12 -24.10 -16.29
C THR A 310 -30.76 -25.49 -16.74
N GLU A 311 -29.85 -25.62 -17.74
CA GLU A 311 -29.59 -26.92 -18.30
C GLU A 311 -28.12 -27.21 -18.27
N SER A 312 -27.75 -28.46 -18.62
CA SER A 312 -26.35 -28.78 -18.68
C SER A 312 -26.06 -29.20 -20.08
N ILE A 313 -25.03 -28.60 -20.69
CA ILE A 313 -24.73 -28.92 -22.05
C ILE A 313 -23.35 -29.48 -22.09
N VAL A 314 -23.21 -30.64 -22.75
CA VAL A 314 -21.92 -31.25 -22.91
C VAL A 314 -21.78 -31.44 -24.40
N ARG A 315 -20.57 -31.21 -24.94
CA ARG A 315 -20.38 -31.40 -26.35
C ARG A 315 -19.01 -31.96 -26.60
N PHE A 316 -18.88 -32.81 -27.66
CA PHE A 316 -17.65 -33.40 -28.07
C PHE A 316 -17.69 -33.48 -29.59
N PRO A 317 -16.55 -33.80 -30.22
CA PRO A 317 -16.39 -33.92 -31.67
C PRO A 317 -17.12 -35.09 -32.26
N ASN A 318 -17.35 -35.04 -33.59
CA ASN A 318 -18.09 -36.05 -34.32
C ASN A 318 -17.33 -37.35 -34.31
N ILE A 319 -15.99 -37.27 -34.30
CA ILE A 319 -15.07 -38.38 -34.44
C ILE A 319 -15.49 -39.52 -33.55
N THR A 320 -15.94 -40.61 -34.19
CA THR A 320 -16.33 -41.87 -33.63
C THR A 320 -15.22 -42.89 -33.59
N ASN A 321 -14.06 -42.59 -34.22
CA ASN A 321 -12.95 -43.49 -34.45
C ASN A 321 -12.38 -44.03 -33.17
N LEU A 322 -11.20 -44.70 -33.25
CA LEU A 322 -10.61 -45.23 -32.06
C LEU A 322 -9.14 -44.91 -32.01
N CYS A 323 -8.71 -44.31 -30.88
CA CYS A 323 -7.32 -44.03 -30.65
C CYS A 323 -6.73 -45.37 -30.39
N PRO A 324 -5.56 -45.58 -30.90
CA PRO A 324 -4.83 -46.83 -30.78
C PRO A 324 -4.17 -46.97 -29.44
N PHE A 325 -4.77 -46.48 -28.34
CA PHE A 325 -4.11 -46.59 -27.05
C PHE A 325 -3.76 -48.02 -26.82
N GLY A 326 -4.64 -48.96 -27.22
CA GLY A 326 -4.32 -50.35 -27.04
C GLY A 326 -3.09 -50.66 -27.81
N GLU A 327 -2.94 -50.11 -29.03
CA GLU A 327 -1.76 -50.41 -29.80
C GLU A 327 -0.56 -49.88 -29.09
N VAL A 328 -0.62 -48.65 -28.57
CA VAL A 328 0.54 -48.09 -27.91
C VAL A 328 0.88 -48.91 -26.70
N PHE A 329 -0.09 -49.10 -25.78
CA PHE A 329 0.20 -49.80 -24.58
C PHE A 329 0.55 -51.21 -24.89
N ASN A 330 -0.29 -51.90 -25.69
CA ASN A 330 -0.01 -53.27 -26.00
C ASN A 330 0.71 -53.28 -27.32
N ALA A 331 1.89 -52.61 -27.36
CA ALA A 331 2.70 -52.62 -28.55
C ALA A 331 3.53 -53.86 -28.48
N THR A 332 3.98 -54.38 -29.64
CA THR A 332 4.73 -55.60 -29.59
C THR A 332 5.99 -55.41 -28.81
N ARG A 333 6.84 -54.44 -29.18
CA ARG A 333 8.07 -54.29 -28.45
C ARG A 333 8.44 -52.84 -28.41
N PHE A 334 8.85 -52.35 -27.23
CA PHE A 334 9.23 -50.98 -27.09
C PHE A 334 10.72 -50.88 -27.23
N ALA A 335 11.19 -49.66 -27.60
CA ALA A 335 12.58 -49.37 -27.79
C ALA A 335 13.18 -48.95 -26.48
N SER A 336 14.52 -48.77 -26.47
CA SER A 336 15.23 -48.42 -25.28
C SER A 336 15.05 -46.96 -25.00
N VAL A 337 15.39 -46.56 -23.75
CA VAL A 337 15.17 -45.25 -23.22
C VAL A 337 15.95 -44.19 -23.95
N TYR A 338 17.23 -44.43 -24.27
CA TYR A 338 17.98 -43.37 -24.89
C TYR A 338 17.38 -43.05 -26.23
N ALA A 339 16.96 -44.12 -26.93
CA ALA A 339 16.30 -44.28 -28.20
C ALA A 339 14.83 -43.95 -28.20
N TRP A 340 14.22 -43.71 -27.02
CA TRP A 340 12.78 -43.61 -26.77
C TRP A 340 11.94 -43.28 -27.97
N ASN A 341 10.91 -44.13 -28.18
CA ASN A 341 9.96 -44.07 -29.25
C ASN A 341 8.87 -43.09 -28.93
N ARG A 342 8.36 -42.40 -29.96
CA ARG A 342 7.28 -41.47 -29.80
C ARG A 342 6.20 -41.86 -30.77
N LYS A 343 4.94 -41.86 -30.31
CA LYS A 343 3.83 -42.22 -31.15
C LYS A 343 2.86 -41.08 -31.09
N ARG A 344 2.20 -40.76 -32.23
CA ARG A 344 1.29 -39.64 -32.27
C ARG A 344 -0.11 -40.18 -32.28
N ILE A 345 -0.96 -39.66 -31.36
CA ILE A 345 -2.31 -40.13 -31.29
C ILE A 345 -3.23 -38.96 -31.46
N SER A 346 -4.22 -39.09 -32.36
CA SER A 346 -5.14 -38.01 -32.58
C SER A 346 -6.36 -38.51 -33.31
N ASN A 347 -7.31 -37.58 -33.55
CA ASN A 347 -8.54 -37.79 -34.28
C ASN A 347 -9.34 -38.97 -33.77
N CYS A 348 -9.75 -38.92 -32.48
CA CYS A 348 -10.55 -39.98 -31.93
C CYS A 348 -11.20 -39.49 -30.66
N VAL A 349 -11.77 -40.44 -29.90
CA VAL A 349 -12.37 -40.18 -28.62
C VAL A 349 -11.61 -41.04 -27.66
N ALA A 350 -11.38 -40.57 -26.41
CA ALA A 350 -10.58 -41.33 -25.50
C ALA A 350 -11.33 -41.64 -24.23
N ASP A 351 -11.25 -42.93 -23.84
CA ASP A 351 -11.79 -43.70 -22.73
C ASP A 351 -10.87 -43.87 -21.54
N TYR A 352 -9.97 -42.93 -21.19
CA TYR A 352 -8.88 -43.13 -20.24
C TYR A 352 -9.30 -43.88 -19.00
N SER A 353 -10.57 -43.79 -18.56
CA SER A 353 -10.97 -44.45 -17.35
C SER A 353 -10.61 -45.91 -17.37
N VAL A 354 -10.67 -46.60 -18.53
CA VAL A 354 -10.31 -47.99 -18.51
C VAL A 354 -8.88 -48.10 -18.06
N LEU A 355 -8.02 -47.18 -18.53
CA LEU A 355 -6.63 -47.24 -18.15
C LEU A 355 -6.52 -47.07 -16.67
N TYR A 356 -7.26 -46.10 -16.10
CA TYR A 356 -7.20 -45.87 -14.67
C TYR A 356 -7.75 -47.07 -13.96
N ASN A 357 -8.91 -47.59 -14.40
CA ASN A 357 -9.43 -48.74 -13.72
C ASN A 357 -8.85 -49.97 -14.30
N SER A 358 -7.59 -50.19 -13.92
CA SER A 358 -6.82 -51.36 -14.24
C SER A 358 -6.00 -51.49 -13.00
N ALA A 359 -5.98 -52.68 -12.43
CA ALA A 359 -5.21 -53.02 -11.27
C ALA A 359 -3.78 -53.12 -11.64
N SER A 360 -3.54 -53.32 -12.94
CA SER A 360 -2.29 -53.67 -13.57
C SER A 360 -1.19 -52.65 -13.42
N PHE A 361 -1.49 -51.36 -13.16
CA PHE A 361 -0.40 -50.43 -13.16
C PHE A 361 0.01 -50.13 -11.75
N SER A 362 1.31 -50.36 -11.43
CA SER A 362 1.82 -50.13 -10.11
C SER A 362 1.79 -48.66 -9.82
N THR A 363 2.32 -47.83 -10.76
CA THR A 363 2.34 -46.42 -10.52
C THR A 363 1.49 -45.74 -11.54
N PHE A 364 0.52 -44.92 -11.09
CA PHE A 364 -0.26 -44.17 -12.03
C PHE A 364 -0.32 -42.79 -11.44
N LYS A 365 0.67 -41.93 -11.77
CA LYS A 365 0.70 -40.61 -11.20
C LYS A 365 0.53 -39.62 -12.29
N CYS A 366 -0.33 -38.61 -12.08
CA CYS A 366 -0.57 -37.65 -13.13
C CYS A 366 -0.23 -36.29 -12.58
N TYR A 367 0.52 -35.50 -13.37
CA TYR A 367 0.88 -34.19 -12.91
C TYR A 367 0.06 -33.22 -13.71
N GLY A 368 -1.07 -32.78 -13.13
CA GLY A 368 -1.93 -31.84 -13.81
C GLY A 368 -3.31 -32.38 -13.99
N VAL A 369 -3.49 -33.69 -14.19
CA VAL A 369 -4.85 -34.13 -14.37
C VAL A 369 -5.14 -35.06 -13.24
N SER A 370 -6.37 -35.05 -12.70
CA SER A 370 -6.56 -36.13 -11.80
C SER A 370 -6.80 -37.30 -12.70
N PRO A 371 -6.48 -38.50 -12.30
CA PRO A 371 -6.67 -39.62 -13.17
C PRO A 371 -8.13 -39.71 -13.48
N THR A 372 -8.98 -39.38 -12.50
CA THR A 372 -10.38 -39.33 -12.76
C THR A 372 -10.64 -37.99 -13.38
N LYS A 373 -11.84 -37.80 -13.96
CA LYS A 373 -12.22 -36.56 -14.58
C LYS A 373 -11.39 -36.30 -15.80
N LEU A 374 -10.52 -37.26 -16.19
CA LEU A 374 -9.69 -37.10 -17.35
C LEU A 374 -10.53 -37.17 -18.59
N ASN A 375 -11.67 -37.87 -18.49
CA ASN A 375 -12.57 -38.13 -19.60
C ASN A 375 -13.13 -36.85 -20.14
N ASP A 376 -13.20 -35.80 -19.30
CA ASP A 376 -13.75 -34.50 -19.60
C ASP A 376 -12.84 -33.64 -20.45
N LEU A 377 -11.56 -34.02 -20.67
CA LEU A 377 -10.67 -33.12 -21.38
C LEU A 377 -10.54 -33.47 -22.83
N CYS A 378 -10.28 -32.44 -23.68
CA CYS A 378 -10.12 -32.65 -25.09
C CYS A 378 -8.90 -31.91 -25.52
N PHE A 379 -8.02 -32.58 -26.30
CA PHE A 379 -6.74 -32.01 -26.62
C PHE A 379 -6.44 -32.13 -28.09
N THR A 380 -5.57 -31.22 -28.57
CA THR A 380 -5.14 -31.17 -29.94
C THR A 380 -4.26 -32.34 -30.26
N ASN A 381 -3.23 -32.62 -29.44
CA ASN A 381 -2.38 -33.72 -29.76
C ASN A 381 -1.97 -34.38 -28.49
N VAL A 382 -2.00 -35.73 -28.47
CA VAL A 382 -1.58 -36.48 -27.33
C VAL A 382 -0.43 -37.32 -27.81
N TYR A 383 0.70 -37.29 -27.08
CA TYR A 383 1.84 -38.05 -27.50
C TYR A 383 2.09 -39.10 -26.46
N ALA A 384 2.40 -40.33 -26.91
CA ALA A 384 2.66 -41.39 -25.98
C ALA A 384 4.08 -41.83 -26.19
N ASP A 385 4.81 -42.03 -25.07
CA ASP A 385 6.19 -42.44 -25.13
C ASP A 385 6.28 -43.78 -24.47
N SER A 386 7.26 -44.61 -24.87
CA SER A 386 7.37 -45.92 -24.28
C SER A 386 8.79 -46.13 -23.85
N PHE A 387 8.99 -46.62 -22.60
CA PHE A 387 10.32 -46.80 -22.08
C PHE A 387 10.44 -48.18 -21.48
N VAL A 388 11.69 -48.66 -21.35
CA VAL A 388 12.18 -49.86 -20.73
C VAL A 388 12.72 -49.66 -19.33
N ILE A 389 12.73 -48.42 -18.82
CA ILE A 389 13.38 -47.99 -17.60
C ILE A 389 13.35 -48.98 -16.47
N ARG A 390 14.46 -48.99 -15.68
CA ARG A 390 14.64 -49.86 -14.55
C ARG A 390 13.69 -49.45 -13.46
N GLY A 391 13.47 -50.37 -12.51
CA GLY A 391 12.48 -50.25 -11.45
C GLY A 391 12.71 -49.09 -10.54
N ASP A 392 13.93 -48.90 -10.00
CA ASP A 392 14.18 -47.86 -9.03
C ASP A 392 14.02 -46.52 -9.67
N GLU A 393 14.28 -46.46 -10.98
CA GLU A 393 14.36 -45.29 -11.80
C GLU A 393 13.06 -44.55 -11.99
N VAL A 394 11.90 -45.20 -11.78
CA VAL A 394 10.62 -44.62 -12.12
C VAL A 394 10.44 -43.29 -11.48
N ARG A 395 10.95 -43.08 -10.25
CA ARG A 395 10.76 -41.85 -9.55
C ARG A 395 11.27 -40.74 -10.42
N GLN A 396 12.29 -41.03 -11.25
CA GLN A 396 12.91 -40.07 -12.11
C GLN A 396 11.98 -39.58 -13.19
N ILE A 397 11.05 -40.41 -13.69
CA ILE A 397 10.22 -39.92 -14.75
C ILE A 397 9.11 -39.13 -14.13
N ALA A 398 9.40 -37.85 -13.87
CA ALA A 398 8.49 -36.92 -13.25
C ALA A 398 9.04 -35.56 -13.56
N PRO A 399 8.22 -34.54 -13.51
CA PRO A 399 8.65 -33.22 -13.91
C PRO A 399 9.98 -32.72 -13.40
N GLY A 400 10.23 -32.66 -12.10
CA GLY A 400 11.40 -32.11 -11.45
C GLY A 400 12.63 -32.96 -11.31
N GLN A 401 12.54 -34.29 -11.42
CA GLN A 401 13.60 -35.15 -10.96
C GLN A 401 14.94 -34.96 -11.64
N THR A 402 16.01 -35.41 -10.94
CA THR A 402 17.34 -35.35 -11.48
C THR A 402 18.00 -36.67 -11.21
N GLY A 403 18.77 -37.19 -12.19
CA GLY A 403 19.42 -38.45 -12.05
C GLY A 403 19.84 -38.87 -13.42
N LYS A 404 20.42 -40.08 -13.55
CA LYS A 404 20.97 -40.52 -14.80
C LYS A 404 19.90 -40.56 -15.85
N ILE A 405 18.72 -41.17 -15.54
CA ILE A 405 17.69 -41.30 -16.53
C ILE A 405 17.15 -39.95 -16.91
N ALA A 406 16.88 -39.12 -15.90
CA ALA A 406 16.30 -37.83 -16.12
C ALA A 406 17.21 -36.90 -16.85
N ASP A 407 18.53 -36.96 -16.57
CA ASP A 407 19.48 -36.08 -17.19
C ASP A 407 19.91 -36.48 -18.58
N TYR A 408 20.40 -37.73 -18.70
CA TYR A 408 21.02 -38.35 -19.85
C TYR A 408 20.10 -38.94 -20.87
N ASN A 409 18.91 -39.43 -20.48
CA ASN A 409 18.14 -40.20 -21.41
C ASN A 409 16.84 -39.56 -21.81
N TYR A 410 16.03 -39.11 -20.83
CA TYR A 410 14.77 -38.49 -21.17
C TYR A 410 14.47 -37.45 -20.12
N LYS A 411 14.01 -36.25 -20.50
CA LYS A 411 13.77 -35.25 -19.51
C LYS A 411 12.41 -34.65 -19.71
N LEU A 412 11.63 -34.52 -18.62
CA LEU A 412 10.39 -33.82 -18.75
C LEU A 412 10.61 -32.37 -18.48
N PRO A 413 9.79 -31.54 -19.10
CA PRO A 413 9.84 -30.12 -18.85
C PRO A 413 9.23 -29.89 -17.50
N ASP A 414 9.50 -28.72 -16.88
CA ASP A 414 8.99 -28.46 -15.56
C ASP A 414 7.48 -28.39 -15.65
N ASP A 415 7.01 -27.79 -16.75
CA ASP A 415 5.64 -27.49 -17.10
C ASP A 415 4.86 -28.71 -17.51
N PHE A 416 5.46 -29.92 -17.52
CA PHE A 416 4.84 -31.13 -17.98
C PHE A 416 3.41 -31.27 -17.52
N THR A 417 2.51 -31.62 -18.48
CA THR A 417 1.12 -31.85 -18.19
C THR A 417 0.77 -33.21 -18.72
N GLY A 418 0.54 -34.18 -17.83
CA GLY A 418 0.18 -35.49 -18.29
C GLY A 418 0.44 -36.48 -17.21
N CYS A 419 0.21 -37.77 -17.50
CA CYS A 419 0.34 -38.76 -16.48
C CYS A 419 1.50 -39.64 -16.84
N VAL A 420 1.99 -40.43 -15.87
CA VAL A 420 3.05 -41.37 -16.12
C VAL A 420 2.53 -42.68 -15.64
N ILE A 421 2.38 -43.65 -16.57
CA ILE A 421 1.80 -44.90 -16.20
C ILE A 421 2.87 -45.94 -16.29
N ALA A 422 3.27 -46.50 -15.13
CA ALA A 422 4.32 -47.48 -15.15
C ALA A 422 3.81 -48.76 -14.56
N TRP A 423 4.27 -49.90 -15.12
CA TRP A 423 3.93 -51.20 -14.60
C TRP A 423 5.04 -52.11 -14.99
N ASN A 424 5.53 -52.94 -14.04
CA ASN A 424 6.64 -53.79 -14.35
C ASN A 424 6.18 -54.88 -15.26
N SER A 425 6.89 -55.01 -16.41
CA SER A 425 6.59 -56.02 -17.38
C SER A 425 7.65 -57.07 -17.20
N ASN A 426 7.57 -57.80 -16.08
CA ASN A 426 8.59 -58.74 -15.75
C ASN A 426 8.63 -59.86 -16.72
N ASN A 427 7.46 -60.41 -17.07
CA ASN A 427 7.41 -61.54 -17.94
C ASN A 427 7.90 -61.20 -19.31
N LEU A 428 7.51 -60.01 -19.82
CA LEU A 428 7.83 -59.70 -21.20
C LEU A 428 9.29 -59.58 -21.43
N ASP A 429 10.02 -58.83 -20.59
CA ASP A 429 11.41 -58.64 -20.90
C ASP A 429 12.28 -58.89 -19.71
N SER A 430 12.65 -60.17 -19.49
CA SER A 430 13.63 -60.53 -18.51
C SER A 430 13.93 -61.98 -18.72
N LYS A 431 15.23 -62.35 -18.76
CA LYS A 431 15.63 -63.70 -19.04
C LYS A 431 16.73 -64.08 -18.10
N VAL A 432 17.00 -65.39 -17.98
CA VAL A 432 17.98 -65.96 -17.08
C VAL A 432 19.35 -65.47 -17.41
N GLY A 433 19.66 -65.30 -18.71
CA GLY A 433 20.96 -64.78 -19.04
C GLY A 433 21.02 -63.35 -18.62
N GLY A 434 19.86 -62.67 -18.64
CA GLY A 434 19.79 -61.26 -18.42
C GLY A 434 19.43 -60.75 -19.77
N ASN A 435 18.39 -59.89 -19.82
CA ASN A 435 17.92 -59.38 -21.07
C ASN A 435 18.53 -58.02 -21.28
N TYR A 436 19.60 -58.01 -22.10
CA TYR A 436 20.49 -56.96 -22.52
C TYR A 436 19.93 -56.02 -23.54
N ASN A 437 18.85 -56.39 -24.24
CA ASN A 437 18.39 -55.64 -25.39
C ASN A 437 18.23 -54.17 -25.10
N TYR A 438 17.88 -53.76 -23.87
CA TYR A 438 17.61 -52.36 -23.70
C TYR A 438 18.80 -51.62 -23.17
N LEU A 439 19.10 -50.45 -23.79
CA LEU A 439 20.28 -49.68 -23.49
C LEU A 439 19.91 -48.37 -22.85
N TYR A 440 20.89 -47.71 -22.19
CA TYR A 440 20.68 -46.41 -21.63
C TYR A 440 21.98 -45.65 -21.73
N ARG A 441 21.90 -44.30 -21.73
CA ARG A 441 23.08 -43.48 -21.89
C ARG A 441 23.63 -43.15 -20.52
N LEU A 442 24.88 -43.58 -20.25
CA LEU A 442 25.57 -43.31 -19.02
C LEU A 442 26.27 -41.98 -18.99
N PHE A 443 27.03 -41.61 -20.06
CA PHE A 443 27.84 -40.42 -19.99
C PHE A 443 27.39 -39.48 -21.06
N ARG A 444 27.15 -38.21 -20.68
CA ARG A 444 26.76 -37.23 -21.66
C ARG A 444 27.15 -35.91 -21.07
N LYS A 445 27.65 -35.00 -21.93
CA LYS A 445 28.28 -33.80 -21.45
C LYS A 445 27.33 -32.95 -20.67
N SER A 446 26.07 -32.81 -21.13
CA SER A 446 25.19 -31.93 -20.41
C SER A 446 23.86 -32.58 -20.28
N ASN A 447 22.99 -32.01 -19.41
CA ASN A 447 21.68 -32.54 -19.20
C ASN A 447 20.87 -32.27 -20.43
N LEU A 448 19.89 -33.15 -20.69
CA LEU A 448 19.09 -33.08 -21.88
C LEU A 448 18.00 -32.05 -21.75
N LYS A 449 17.61 -31.47 -22.90
CA LYS A 449 16.50 -30.55 -22.97
C LYS A 449 15.27 -31.40 -22.94
N PRO A 450 14.11 -30.82 -22.69
CA PRO A 450 12.90 -31.57 -22.46
C PRO A 450 12.65 -32.76 -23.34
N PHE A 451 12.00 -32.69 -24.49
CA PHE A 451 11.78 -33.98 -25.08
C PHE A 451 12.82 -34.18 -26.12
N GLU A 452 14.08 -33.91 -25.78
CA GLU A 452 15.14 -34.08 -26.72
C GLU A 452 15.44 -35.53 -26.86
N ARG A 453 15.81 -35.97 -28.08
CA ARG A 453 16.16 -37.34 -28.28
C ARG A 453 17.55 -37.40 -28.83
N ASP A 454 18.48 -38.05 -28.10
CA ASP A 454 19.86 -38.08 -28.49
C ASP A 454 20.25 -39.50 -28.78
N ILE A 455 20.41 -39.78 -30.09
CA ILE A 455 20.82 -41.02 -30.68
C ILE A 455 22.30 -41.27 -30.64
N SER A 456 23.12 -40.20 -30.60
CA SER A 456 24.55 -40.24 -30.79
C SER A 456 25.24 -41.38 -30.08
N THR A 457 25.97 -42.17 -30.91
CA THR A 457 26.83 -43.29 -30.63
C THR A 457 28.23 -42.85 -30.27
N GLU A 458 28.59 -41.57 -30.49
CA GLU A 458 29.95 -41.08 -30.36
C GLU A 458 30.56 -41.48 -29.04
N ILE A 459 31.88 -41.73 -29.08
CA ILE A 459 32.63 -42.11 -27.90
C ILE A 459 32.74 -40.91 -27.03
N TYR A 460 32.72 -41.12 -25.71
CA TYR A 460 32.71 -40.02 -24.78
C TYR A 460 34.12 -39.79 -24.31
N GLN A 461 34.63 -38.57 -24.56
CA GLN A 461 35.98 -38.22 -24.22
C GLN A 461 36.01 -37.67 -22.83
N ALA A 462 36.26 -38.57 -21.86
CA ALA A 462 36.37 -38.25 -20.46
C ALA A 462 37.63 -37.47 -20.20
N GLY A 463 38.72 -37.73 -20.96
CA GLY A 463 39.98 -37.10 -20.69
C GLY A 463 40.24 -35.93 -21.58
N SER A 464 41.50 -35.44 -21.51
CA SER A 464 42.02 -34.33 -22.26
C SER A 464 42.32 -34.72 -23.67
N THR A 465 42.46 -36.03 -23.95
CA THR A 465 42.87 -36.46 -25.27
C THR A 465 41.68 -37.05 -25.98
N PRO A 466 41.74 -36.99 -27.30
CA PRO A 466 40.68 -37.49 -28.12
C PRO A 466 40.68 -38.98 -28.28
N CYS A 467 39.47 -39.56 -28.35
CA CYS A 467 39.17 -40.96 -28.49
C CYS A 467 39.41 -41.50 -29.87
N ASN A 468 39.01 -40.75 -30.91
CA ASN A 468 39.16 -41.22 -32.26
C ASN A 468 38.36 -42.48 -32.43
N GLY A 469 37.31 -42.68 -31.62
CA GLY A 469 36.45 -43.81 -31.79
C GLY A 469 37.04 -45.03 -31.16
N VAL A 470 38.14 -44.90 -30.38
CA VAL A 470 38.67 -46.10 -29.80
C VAL A 470 38.46 -46.05 -28.33
N GLU A 471 37.74 -47.04 -27.77
CA GLU A 471 37.44 -47.04 -26.37
C GLU A 471 38.68 -47.38 -25.62
N GLY A 472 38.78 -46.88 -24.38
CA GLY A 472 39.95 -47.13 -23.58
C GLY A 472 39.88 -46.22 -22.40
N PHE A 473 41.07 -45.82 -21.89
CA PHE A 473 41.13 -44.98 -20.74
C PHE A 473 40.54 -43.65 -21.11
N ASN A 474 39.66 -43.12 -20.25
CA ASN A 474 39.01 -41.86 -20.45
C ASN A 474 38.28 -41.92 -21.74
N CYS A 475 37.99 -43.13 -22.22
CA CYS A 475 37.29 -43.22 -23.45
C CYS A 475 36.24 -44.26 -23.22
N TYR A 476 35.02 -43.80 -22.91
CA TYR A 476 34.03 -44.76 -22.53
C TYR A 476 32.87 -44.66 -23.47
N PHE A 477 32.34 -45.83 -23.88
CA PHE A 477 31.17 -45.82 -24.71
C PHE A 477 30.06 -45.39 -23.80
N PRO A 478 29.33 -44.41 -24.22
CA PRO A 478 28.28 -43.78 -23.45
C PRO A 478 27.05 -44.61 -23.21
N LEU A 479 26.94 -45.81 -23.79
CA LEU A 479 25.71 -46.55 -23.61
C LEU A 479 26.01 -47.80 -22.83
N GLN A 480 25.20 -48.07 -21.79
CA GLN A 480 25.36 -49.26 -20.99
C GLN A 480 24.08 -50.04 -21.12
N SER A 481 24.11 -51.35 -20.81
CA SER A 481 22.95 -52.18 -20.95
C SER A 481 22.46 -52.59 -19.60
N TYR A 482 21.14 -52.44 -19.34
CA TYR A 482 20.64 -52.77 -18.02
C TYR A 482 20.75 -54.24 -17.73
N GLY A 483 20.07 -55.11 -18.51
CA GLY A 483 20.12 -56.53 -18.31
C GLY A 483 18.90 -57.05 -17.58
N PHE A 484 18.49 -56.42 -16.45
CA PHE A 484 17.31 -56.87 -15.74
C PHE A 484 17.30 -58.36 -15.50
N GLN A 485 18.10 -58.88 -14.53
CA GLN A 485 18.08 -60.29 -14.21
C GLN A 485 16.63 -60.66 -14.02
N PRO A 486 16.25 -61.73 -14.65
CA PRO A 486 14.86 -62.10 -14.75
C PRO A 486 14.09 -62.06 -13.47
N THR A 487 14.51 -62.87 -12.48
CA THR A 487 13.87 -63.01 -11.19
C THR A 487 14.29 -62.01 -10.15
N ASN A 488 15.53 -61.51 -10.24
CA ASN A 488 16.23 -60.77 -9.22
C ASN A 488 15.79 -59.37 -8.90
N GLY A 489 15.47 -58.52 -9.89
CA GLY A 489 15.37 -57.11 -9.61
C GLY A 489 14.21 -56.70 -8.74
N VAL A 490 14.52 -56.05 -7.60
CA VAL A 490 13.51 -55.34 -6.89
C VAL A 490 13.33 -54.01 -7.59
N GLY A 491 14.44 -53.24 -7.68
CA GLY A 491 14.68 -52.02 -8.39
C GLY A 491 15.06 -52.31 -9.82
N TYR A 492 15.65 -53.49 -10.03
CA TYR A 492 16.21 -54.05 -11.23
C TYR A 492 15.23 -54.43 -12.29
N GLN A 493 13.92 -54.40 -12.03
CA GLN A 493 13.02 -54.87 -13.07
C GLN A 493 12.60 -53.76 -13.99
N PRO A 494 12.25 -54.13 -15.20
CA PRO A 494 11.83 -53.15 -16.15
C PRO A 494 10.49 -52.60 -15.79
N TYR A 495 10.36 -51.26 -15.65
CA TYR A 495 9.07 -50.70 -15.45
C TYR A 495 8.74 -50.06 -16.75
N ARG A 496 7.81 -50.69 -17.49
CA ARG A 496 7.48 -50.15 -18.77
C ARG A 496 6.73 -48.90 -18.49
N VAL A 497 7.29 -47.74 -18.89
CA VAL A 497 6.65 -46.50 -18.55
C VAL A 497 6.15 -45.84 -19.79
N VAL A 498 4.83 -45.58 -19.84
CA VAL A 498 4.27 -44.86 -20.94
C VAL A 498 3.87 -43.53 -20.40
N VAL A 499 4.27 -42.44 -21.09
CA VAL A 499 3.95 -41.13 -20.62
C VAL A 499 3.09 -40.46 -21.64
N LEU A 500 1.97 -39.86 -21.18
CA LEU A 500 1.08 -39.19 -22.08
C LEU A 500 1.33 -37.71 -21.92
N SER A 501 1.65 -37.03 -23.04
CA SER A 501 1.92 -35.62 -22.96
C SER A 501 0.73 -34.95 -23.56
N PHE A 502 0.17 -33.94 -22.86
CA PHE A 502 -1.00 -33.33 -23.39
C PHE A 502 -0.67 -32.00 -23.97
N GLU A 503 -1.07 -31.78 -25.24
CA GLU A 503 -0.79 -30.56 -25.94
C GLU A 503 -2.06 -29.98 -26.46
N LEU A 504 -2.28 -28.67 -26.20
CA LEU A 504 -3.39 -27.93 -26.73
C LEU A 504 -2.77 -26.81 -27.51
N LEU A 505 -3.33 -26.48 -28.70
CA LEU A 505 -2.69 -25.50 -29.52
C LEU A 505 -3.69 -24.46 -29.95
N HIS A 506 -3.39 -23.81 -31.09
CA HIS A 506 -4.26 -22.84 -31.66
C HIS A 506 -5.45 -23.59 -32.22
N ALA A 507 -5.16 -24.80 -32.72
CA ALA A 507 -6.05 -25.66 -33.46
C ALA A 507 -7.09 -26.33 -32.64
N PRO A 508 -8.00 -26.86 -33.42
CA PRO A 508 -9.12 -27.61 -32.92
C PRO A 508 -8.66 -28.91 -32.32
N ALA A 509 -9.39 -29.40 -31.30
CA ALA A 509 -9.00 -30.60 -30.63
C ALA A 509 -9.24 -31.78 -31.52
N THR A 510 -8.20 -32.63 -31.71
CA THR A 510 -8.34 -33.88 -32.42
C THR A 510 -8.81 -34.99 -31.53
N VAL A 511 -8.25 -35.05 -30.29
CA VAL A 511 -8.63 -36.12 -29.40
C VAL A 511 -9.46 -35.51 -28.31
N CYS A 512 -10.68 -36.03 -28.12
CA CYS A 512 -11.58 -35.43 -27.18
C CYS A 512 -12.32 -36.51 -26.45
N GLY A 513 -12.98 -36.12 -25.33
CA GLY A 513 -13.70 -37.07 -24.50
C GLY A 513 -14.90 -37.55 -25.24
N PRO A 514 -15.42 -38.64 -24.74
CA PRO A 514 -16.56 -39.28 -25.35
C PRO A 514 -17.91 -38.82 -24.92
N LYS A 515 -18.87 -39.31 -25.73
CA LYS A 515 -20.28 -39.20 -25.78
C LYS A 515 -20.89 -38.27 -24.83
N LYS A 516 -21.53 -37.31 -25.52
CA LYS A 516 -22.43 -36.34 -25.05
C LYS A 516 -22.50 -35.20 -26.00
N SER A 517 -23.03 -35.39 -27.23
CA SER A 517 -23.25 -34.19 -28.00
C SER A 517 -24.70 -33.92 -27.79
N THR A 518 -25.02 -32.83 -27.05
CA THR A 518 -26.40 -32.59 -26.72
C THR A 518 -26.98 -31.53 -27.60
N ASN A 519 -28.30 -31.30 -27.49
CA ASN A 519 -28.94 -30.31 -28.30
C ASN A 519 -28.51 -28.97 -27.79
N LEU A 520 -28.03 -28.11 -28.70
CA LEU A 520 -27.59 -26.81 -28.29
C LEU A 520 -28.81 -25.97 -28.07
N VAL A 521 -28.81 -25.17 -26.97
CA VAL A 521 -29.93 -24.33 -26.68
C VAL A 521 -29.44 -22.92 -26.74
N LYS A 522 -30.27 -22.01 -27.28
CA LYS A 522 -29.82 -20.65 -27.47
C LYS A 522 -30.63 -19.74 -26.60
N ASN A 523 -30.06 -18.54 -26.34
CA ASN A 523 -30.70 -17.48 -25.61
C ASN A 523 -31.13 -17.95 -24.24
N LYS A 524 -30.26 -18.69 -23.52
CA LYS A 524 -30.61 -19.07 -22.19
C LYS A 524 -29.34 -19.29 -21.43
N CYS A 525 -29.36 -18.95 -20.12
CA CYS A 525 -28.19 -19.11 -19.31
C CYS A 525 -27.97 -20.57 -19.10
N VAL A 526 -26.83 -21.08 -19.60
CA VAL A 526 -26.57 -22.47 -19.42
C VAL A 526 -25.10 -22.64 -19.23
N ASN A 527 -24.71 -23.79 -18.67
CA ASN A 527 -23.35 -24.20 -18.50
C ASN A 527 -22.98 -24.81 -19.82
N PHE A 528 -21.77 -24.54 -20.36
CA PHE A 528 -21.46 -25.10 -21.64
C PHE A 528 -20.07 -25.62 -21.70
N ASN A 529 -19.86 -26.68 -22.51
CA ASN A 529 -18.56 -27.26 -22.67
C ASN A 529 -18.37 -27.54 -24.13
N PHE A 530 -17.51 -26.73 -24.81
CA PHE A 530 -17.22 -26.98 -26.19
C PHE A 530 -15.79 -27.40 -26.26
N ASN A 531 -15.56 -28.68 -26.61
CA ASN A 531 -14.24 -29.20 -26.78
C ASN A 531 -13.43 -29.03 -25.54
N GLY A 532 -14.07 -29.03 -24.35
CA GLY A 532 -13.36 -28.94 -23.11
C GLY A 532 -13.38 -27.54 -22.58
N LEU A 533 -13.77 -26.55 -23.41
CA LEU A 533 -13.83 -25.20 -22.94
C LEU A 533 -15.09 -25.09 -22.14
N THR A 534 -14.96 -24.87 -20.82
CA THR A 534 -16.12 -24.86 -19.99
C THR A 534 -16.38 -23.48 -19.46
N GLY A 535 -17.68 -23.15 -19.31
CA GLY A 535 -18.04 -21.85 -18.83
C GLY A 535 -19.53 -21.75 -18.76
N THR A 536 -20.04 -20.58 -18.30
CA THR A 536 -21.44 -20.36 -18.21
C THR A 536 -21.77 -19.08 -18.93
N GLY A 537 -22.89 -19.07 -19.68
CA GLY A 537 -23.25 -17.88 -20.40
C GLY A 537 -24.46 -18.16 -21.25
N VAL A 538 -24.79 -17.22 -22.16
CA VAL A 538 -25.91 -17.37 -23.02
C VAL A 538 -25.38 -17.49 -24.42
N LEU A 539 -25.78 -18.57 -25.12
CA LEU A 539 -25.27 -18.79 -26.44
C LEU A 539 -26.25 -18.21 -27.41
N THR A 540 -25.78 -17.28 -28.26
CA THR A 540 -26.64 -16.66 -29.21
C THR A 540 -25.97 -16.69 -30.54
N GLU A 541 -26.75 -16.60 -31.62
CA GLU A 541 -26.15 -16.60 -32.92
C GLU A 541 -25.46 -15.29 -33.06
N SER A 542 -24.25 -15.30 -33.67
CA SER A 542 -23.49 -14.09 -33.75
C SER A 542 -23.29 -13.70 -35.19
N ASN A 543 -22.86 -12.45 -35.40
CA ASN A 543 -22.63 -11.95 -36.74
C ASN A 543 -21.16 -11.65 -36.88
N LYS A 544 -20.28 -12.50 -36.31
CA LYS A 544 -18.88 -12.24 -36.43
C LYS A 544 -18.44 -12.86 -37.72
N LYS A 545 -17.46 -12.25 -38.41
CA LYS A 545 -17.00 -12.84 -39.63
C LYS A 545 -15.82 -13.69 -39.33
N PHE A 546 -16.06 -14.97 -38.99
CA PHE A 546 -14.93 -15.82 -38.71
C PHE A 546 -14.39 -16.32 -40.01
N LEU A 547 -13.06 -16.52 -40.07
CA LEU A 547 -12.40 -17.08 -41.20
C LEU A 547 -12.53 -18.57 -41.09
N PRO A 548 -12.51 -19.26 -42.20
CA PRO A 548 -12.77 -20.67 -42.18
C PRO A 548 -11.83 -21.44 -41.32
N PHE A 549 -10.59 -20.96 -41.12
CA PHE A 549 -9.65 -21.64 -40.27
C PHE A 549 -9.85 -21.39 -38.80
N GLN A 550 -10.32 -20.18 -38.41
CA GLN A 550 -10.34 -19.79 -37.02
C GLN A 550 -11.36 -20.55 -36.22
N GLN A 551 -10.89 -21.21 -35.13
CA GLN A 551 -11.73 -21.99 -34.26
C GLN A 551 -12.61 -21.16 -33.38
N PHE A 552 -12.06 -20.11 -32.72
CA PHE A 552 -12.88 -19.31 -31.85
C PHE A 552 -12.19 -18.01 -31.58
N GLY A 553 -12.88 -17.07 -30.89
CA GLY A 553 -12.33 -15.75 -30.68
C GLY A 553 -12.20 -15.46 -29.23
N ARG A 554 -11.56 -14.32 -28.89
CA ARG A 554 -11.35 -13.94 -27.53
C ARG A 554 -11.61 -12.47 -27.38
N ASP A 555 -11.93 -12.05 -26.14
CA ASP A 555 -12.13 -10.67 -25.83
C ASP A 555 -10.82 -10.10 -25.38
N ILE A 556 -10.83 -8.82 -24.97
CA ILE A 556 -9.65 -8.15 -24.50
C ILE A 556 -9.15 -8.82 -23.26
N ALA A 557 -10.10 -9.34 -22.46
CA ALA A 557 -9.92 -10.01 -21.20
C ALA A 557 -9.13 -11.27 -21.35
N ASP A 558 -8.98 -11.80 -22.57
CA ASP A 558 -8.32 -13.06 -22.78
C ASP A 558 -9.26 -14.13 -22.32
N THR A 559 -10.57 -13.87 -22.51
CA THR A 559 -11.61 -14.79 -22.19
C THR A 559 -12.37 -15.07 -23.45
N THR A 560 -12.98 -16.27 -23.55
CA THR A 560 -13.67 -16.65 -24.76
C THR A 560 -14.82 -15.74 -25.06
N ASP A 561 -14.71 -15.03 -26.20
CA ASP A 561 -15.71 -14.19 -26.77
C ASP A 561 -16.71 -14.98 -27.55
N ALA A 562 -16.25 -16.01 -28.30
CA ALA A 562 -17.18 -16.72 -29.14
C ALA A 562 -16.58 -18.04 -29.52
N VAL A 563 -17.43 -18.99 -29.94
CA VAL A 563 -16.98 -20.28 -30.35
C VAL A 563 -17.82 -20.72 -31.52
N ARG A 564 -17.33 -21.73 -32.27
CA ARG A 564 -18.03 -22.31 -33.37
C ARG A 564 -18.21 -23.75 -32.99
N ASP A 565 -19.42 -24.31 -33.21
CA ASP A 565 -19.76 -25.64 -32.74
C ASP A 565 -18.92 -26.67 -33.44
N PRO A 566 -18.48 -27.65 -32.69
CA PRO A 566 -17.75 -28.74 -33.28
C PRO A 566 -18.63 -29.53 -34.19
N GLN A 567 -19.93 -29.64 -33.86
CA GLN A 567 -20.88 -30.35 -34.69
C GLN A 567 -21.29 -29.55 -35.89
N THR A 568 -21.65 -28.26 -35.70
CA THR A 568 -22.15 -27.50 -36.81
C THR A 568 -21.30 -26.29 -36.96
N LEU A 569 -21.01 -25.92 -38.23
CA LEU A 569 -20.17 -24.78 -38.43
C LEU A 569 -21.04 -23.58 -38.30
N GLU A 570 -21.37 -23.22 -37.04
CA GLU A 570 -22.19 -22.07 -36.78
C GLU A 570 -21.44 -21.26 -35.77
N ILE A 571 -21.59 -19.93 -35.81
CA ILE A 571 -20.84 -19.08 -34.93
C ILE A 571 -21.72 -18.62 -33.82
N LEU A 572 -21.21 -18.73 -32.56
CA LEU A 572 -22.00 -18.36 -31.42
C LEU A 572 -21.23 -17.41 -30.55
N ASP A 573 -21.88 -16.30 -30.13
CA ASP A 573 -21.25 -15.39 -29.22
C ASP A 573 -21.69 -15.77 -27.86
N ILE A 574 -20.76 -15.74 -26.88
CA ILE A 574 -21.11 -16.14 -25.56
C ILE A 574 -21.18 -14.92 -24.69
N THR A 575 -22.38 -14.63 -24.15
CA THR A 575 -22.49 -13.51 -23.25
C THR A 575 -22.84 -14.10 -21.92
N PRO A 576 -22.10 -13.78 -20.91
CA PRO A 576 -22.32 -14.37 -19.62
C PRO A 576 -23.69 -14.03 -19.15
N CYS A 577 -24.34 -14.99 -18.47
CA CYS A 577 -25.68 -14.87 -18.02
C CYS A 577 -25.79 -13.71 -17.07
N SER A 578 -27.02 -13.15 -16.98
CA SER A 578 -27.35 -11.96 -16.26
C SER A 578 -26.97 -12.09 -14.80
N PHE A 579 -26.29 -11.05 -14.27
CA PHE A 579 -26.03 -10.97 -12.86
C PHE A 579 -25.78 -9.54 -12.50
N GLY A 580 -25.71 -9.21 -11.18
CA GLY A 580 -25.51 -7.84 -10.81
C GLY A 580 -25.60 -7.76 -9.32
N GLY A 581 -25.28 -6.58 -8.75
CA GLY A 581 -25.29 -6.46 -7.32
C GLY A 581 -26.69 -6.35 -6.79
N VAL A 582 -26.87 -6.71 -5.51
CA VAL A 582 -28.14 -6.63 -4.86
C VAL A 582 -27.98 -5.69 -3.71
N SER A 583 -28.89 -4.70 -3.60
CA SER A 583 -28.81 -3.77 -2.51
C SER A 583 -30.17 -3.65 -1.91
N VAL A 584 -30.22 -3.45 -0.57
CA VAL A 584 -31.49 -3.36 0.11
C VAL A 584 -31.73 -1.94 0.51
N ILE A 585 -32.85 -1.37 0.05
CA ILE A 585 -33.18 -0.02 0.42
C ILE A 585 -34.17 -0.13 1.53
N THR A 586 -33.76 0.25 2.76
CA THR A 586 -34.68 0.16 3.87
C THR A 586 -34.63 1.43 4.64
N PRO A 587 -35.72 1.71 5.27
CA PRO A 587 -35.80 2.79 6.21
C PRO A 587 -35.21 2.24 7.48
N GLY A 588 -35.07 3.08 8.52
CA GLY A 588 -34.52 2.60 9.75
C GLY A 588 -35.38 1.50 10.27
N THR A 589 -34.72 0.48 10.88
CA THR A 589 -35.38 -0.67 11.42
C THR A 589 -36.27 -0.21 12.53
N ASN A 590 -35.88 0.88 13.21
CA ASN A 590 -36.75 1.38 14.22
C ASN A 590 -38.01 1.79 13.53
N THR A 591 -37.88 2.46 12.37
CA THR A 591 -39.00 2.98 11.64
C THR A 591 -39.89 1.87 11.16
N SER A 592 -39.34 0.89 10.42
CA SER A 592 -40.19 -0.13 9.87
C SER A 592 -39.36 -1.28 9.38
N ASN A 593 -40.02 -2.44 9.18
CA ASN A 593 -39.48 -3.65 8.63
C ASN A 593 -39.52 -3.65 7.12
N GLN A 594 -40.47 -2.92 6.51
CA GLN A 594 -40.69 -2.95 5.08
C GLN A 594 -39.43 -2.58 4.36
N VAL A 595 -39.20 -3.21 3.18
CA VAL A 595 -37.99 -2.95 2.44
C VAL A 595 -38.30 -2.90 0.98
N ALA A 596 -37.31 -2.42 0.18
CA ALA A 596 -37.38 -2.40 -1.25
C ALA A 596 -36.04 -2.85 -1.71
N VAL A 597 -35.98 -3.74 -2.72
CA VAL A 597 -34.73 -4.31 -3.15
C VAL A 597 -34.34 -3.71 -4.46
N LEU A 598 -33.02 -3.47 -4.65
CA LEU A 598 -32.52 -2.90 -5.87
C LEU A 598 -31.67 -3.92 -6.54
N TYR A 599 -31.93 -4.19 -7.84
CA TYR A 599 -31.11 -5.10 -8.58
C TYR A 599 -30.30 -4.25 -9.49
N GLN A 600 -28.97 -4.22 -9.29
CA GLN A 600 -28.15 -3.32 -10.04
C GLN A 600 -27.98 -3.76 -11.47
N GLY A 601 -28.14 -2.80 -12.38
CA GLY A 601 -27.94 -2.89 -13.80
C GLY A 601 -28.54 -4.14 -14.37
N VAL A 602 -29.85 -4.35 -14.14
CA VAL A 602 -30.48 -5.49 -14.75
C VAL A 602 -31.84 -5.09 -15.22
N ASN A 603 -32.29 -5.67 -16.36
CA ASN A 603 -33.61 -5.43 -16.85
C ASN A 603 -34.53 -6.22 -15.96
N CYS A 604 -35.75 -5.69 -15.78
CA CYS A 604 -36.70 -6.26 -14.87
C CYS A 604 -37.11 -7.63 -15.30
N THR A 605 -36.92 -7.95 -16.59
CA THR A 605 -37.36 -9.22 -17.10
C THR A 605 -36.67 -10.37 -16.41
N GLU A 606 -35.35 -10.26 -16.19
CA GLU A 606 -34.48 -11.29 -15.69
C GLU A 606 -34.71 -11.67 -14.25
N VAL A 607 -35.32 -10.80 -13.41
CA VAL A 607 -35.46 -11.09 -12.00
C VAL A 607 -36.10 -12.44 -11.83
N PRO A 608 -37.09 -12.80 -12.60
CA PRO A 608 -37.63 -14.13 -12.42
C PRO A 608 -36.67 -15.20 -12.88
N VAL A 609 -35.83 -14.88 -13.87
CA VAL A 609 -34.89 -15.81 -14.45
C VAL A 609 -33.76 -16.17 -13.55
N ALA A 610 -33.09 -15.18 -12.90
CA ALA A 610 -31.94 -15.53 -12.13
C ALA A 610 -32.37 -16.39 -10.99
N ILE A 611 -33.48 -15.97 -10.37
CA ILE A 611 -34.08 -16.53 -9.21
C ILE A 611 -34.63 -17.92 -9.46
N HIS A 612 -35.08 -18.21 -10.69
CA HIS A 612 -35.75 -19.45 -10.96
C HIS A 612 -36.98 -19.47 -10.11
N ALA A 613 -37.79 -18.41 -10.31
CA ALA A 613 -39.03 -18.13 -9.63
C ALA A 613 -40.01 -19.23 -9.86
N ASP A 614 -39.96 -19.85 -11.05
CA ASP A 614 -40.89 -20.87 -11.45
C ASP A 614 -40.88 -22.03 -10.49
N GLN A 615 -39.71 -22.37 -9.94
CA GLN A 615 -39.53 -23.48 -9.03
C GLN A 615 -40.15 -23.22 -7.68
N LEU A 616 -40.09 -21.97 -7.20
CA LEU A 616 -40.42 -21.57 -5.85
C LEU A 616 -41.88 -21.64 -5.54
N THR A 617 -42.19 -21.52 -4.23
CA THR A 617 -43.53 -21.55 -3.73
C THR A 617 -44.13 -20.21 -4.01
N PRO A 618 -45.44 -20.15 -3.99
CA PRO A 618 -46.18 -18.96 -4.28
C PRO A 618 -45.87 -17.83 -3.35
N THR A 619 -45.40 -18.12 -2.12
CA THR A 619 -45.09 -17.07 -1.19
C THR A 619 -43.94 -16.27 -1.71
N TRP A 620 -42.94 -16.95 -2.30
CA TRP A 620 -41.74 -16.38 -2.87
C TRP A 620 -42.03 -15.62 -4.14
N ARG A 621 -42.94 -16.18 -4.96
CA ARG A 621 -43.25 -15.73 -6.29
C ARG A 621 -43.74 -14.31 -6.28
N VAL A 622 -44.40 -13.88 -5.20
CA VAL A 622 -44.97 -12.56 -5.17
C VAL A 622 -43.89 -11.55 -5.45
N TYR A 623 -42.69 -11.75 -4.88
CA TYR A 623 -41.56 -10.87 -4.99
C TYR A 623 -41.02 -10.80 -6.39
N SER A 624 -41.10 -11.90 -7.15
CA SER A 624 -40.47 -12.00 -8.43
C SER A 624 -40.91 -10.88 -9.34
N THR A 625 -42.23 -10.68 -9.49
CA THR A 625 -42.71 -9.64 -10.35
C THR A 625 -44.05 -9.23 -9.83
N GLY A 626 -44.70 -8.24 -10.48
CA GLY A 626 -45.98 -7.81 -10.03
C GLY A 626 -46.25 -6.48 -10.61
N SER A 627 -47.35 -5.85 -10.16
CA SER A 627 -47.69 -4.55 -10.66
C SER A 627 -46.64 -3.59 -10.22
N ASN A 628 -46.12 -3.79 -8.99
CA ASN A 628 -45.16 -2.83 -8.51
C ASN A 628 -43.76 -3.27 -8.83
N VAL A 629 -43.28 -2.89 -10.03
CA VAL A 629 -41.92 -3.14 -10.38
C VAL A 629 -41.51 -1.92 -11.13
N PHE A 630 -40.35 -1.35 -10.79
CA PHE A 630 -39.94 -0.14 -11.44
C PHE A 630 -38.57 -0.35 -12.00
N GLN A 631 -38.34 0.17 -13.22
CA GLN A 631 -37.03 0.00 -13.77
C GLN A 631 -36.39 1.34 -13.90
N THR A 632 -35.09 1.39 -13.60
CA THR A 632 -34.33 2.60 -13.63
C THR A 632 -33.08 2.29 -14.40
N ARG A 633 -32.32 3.33 -14.76
CA ARG A 633 -31.10 3.19 -15.48
C ARG A 633 -30.16 2.41 -14.62
N ALA A 634 -30.24 2.63 -13.29
CA ALA A 634 -29.41 1.98 -12.32
C ALA A 634 -29.65 0.50 -12.30
N GLY A 635 -30.91 0.05 -12.43
CA GLY A 635 -31.14 -1.38 -12.38
C GLY A 635 -32.60 -1.61 -12.18
N CYS A 636 -32.99 -2.83 -11.74
CA CYS A 636 -34.38 -3.11 -11.56
C CYS A 636 -34.71 -3.06 -10.09
N LEU A 637 -35.62 -2.13 -9.73
CA LEU A 637 -36.01 -1.88 -8.38
C LEU A 637 -37.35 -2.50 -8.15
N ILE A 638 -37.45 -3.33 -7.09
CA ILE A 638 -38.70 -4.00 -6.82
C ILE A 638 -39.06 -3.66 -5.41
N GLY A 639 -40.37 -3.57 -5.12
CA GLY A 639 -40.79 -3.28 -3.78
C GLY A 639 -40.99 -1.80 -3.62
N ALA A 640 -40.90 -1.02 -4.72
CA ALA A 640 -41.06 0.40 -4.56
C ALA A 640 -42.07 0.90 -5.55
N GLU A 641 -42.79 1.99 -5.17
CA GLU A 641 -43.77 2.57 -6.03
C GLU A 641 -43.22 3.85 -6.57
N HIS A 642 -43.46 4.09 -7.87
CA HIS A 642 -42.94 5.27 -8.50
C HIS A 642 -43.80 6.44 -8.07
N VAL A 643 -43.20 7.65 -8.04
CA VAL A 643 -43.96 8.82 -7.71
C VAL A 643 -43.62 9.89 -8.70
N ASN A 644 -44.65 10.59 -9.21
CA ASN A 644 -44.45 11.65 -10.15
C ASN A 644 -43.82 12.84 -9.47
N ASN A 645 -44.25 13.13 -8.23
CA ASN A 645 -43.82 14.32 -7.54
C ASN A 645 -42.35 14.25 -7.28
N SER A 646 -41.70 15.43 -7.17
CA SER A 646 -40.29 15.47 -6.92
C SER A 646 -40.06 15.97 -5.53
N TYR A 647 -39.17 15.27 -4.79
CA TYR A 647 -38.89 15.64 -3.43
C TYR A 647 -37.39 15.66 -3.30
N GLU A 648 -36.91 16.06 -2.10
CA GLU A 648 -35.50 16.05 -1.82
C GLU A 648 -35.12 14.59 -1.70
N CYS A 649 -33.81 14.30 -1.84
CA CYS A 649 -33.32 12.95 -1.84
C CYS A 649 -33.07 12.44 -0.45
N ASP A 650 -33.86 11.44 0.01
CA ASP A 650 -33.62 10.77 1.27
C ASP A 650 -32.52 9.75 1.19
N ILE A 651 -32.63 8.78 0.25
CA ILE A 651 -31.64 7.76 0.06
C ILE A 651 -31.35 7.72 -1.41
N PRO A 652 -30.11 7.86 -1.80
CA PRO A 652 -29.79 7.83 -3.20
C PRO A 652 -29.81 6.46 -3.79
N ILE A 653 -30.59 6.24 -4.87
CA ILE A 653 -30.62 5.01 -5.61
C ILE A 653 -29.57 4.94 -6.69
N GLY A 654 -29.56 5.97 -7.57
CA GLY A 654 -28.71 6.01 -8.72
C GLY A 654 -29.49 6.56 -9.87
N ALA A 655 -28.80 7.21 -10.82
CA ALA A 655 -29.41 7.75 -12.00
C ALA A 655 -30.48 8.74 -11.63
N GLY A 656 -30.32 9.45 -10.49
CA GLY A 656 -31.23 10.51 -10.16
C GLY A 656 -32.44 10.02 -9.42
N ILE A 657 -32.50 8.73 -9.02
CA ILE A 657 -33.66 8.25 -8.34
C ILE A 657 -33.36 8.17 -6.87
N CYS A 658 -34.29 8.65 -6.01
CA CYS A 658 -34.09 8.56 -4.59
C CYS A 658 -35.32 7.99 -3.96
N ALA A 659 -35.13 7.13 -2.93
CA ALA A 659 -36.22 6.46 -2.30
C ALA A 659 -36.36 6.96 -0.90
N SER A 660 -37.59 6.80 -0.35
CA SER A 660 -37.84 7.23 1.00
C SER A 660 -39.07 6.51 1.48
N TYR A 661 -39.33 6.64 2.79
CA TYR A 661 -40.42 6.00 3.47
C TYR A 661 -41.36 7.09 3.84
N GLN A 662 -42.54 7.14 3.19
CA GLN A 662 -43.36 8.27 3.51
C GLN A 662 -44.77 7.83 3.71
N THR A 663 -45.50 8.61 4.53
CA THR A 663 -46.86 8.33 4.83
C THR A 663 -47.66 8.97 3.75
N GLN A 664 -49.00 9.04 3.94
CA GLN A 664 -49.78 9.57 2.87
C GLN A 664 -49.38 10.99 2.62
N THR A 665 -49.34 11.86 3.65
CA THR A 665 -48.96 13.19 3.32
C THR A 665 -48.68 13.99 4.55
N ASN A 666 -47.78 14.98 4.39
CA ASN A 666 -47.45 15.97 5.38
C ASN A 666 -47.33 15.37 6.74
N SER A 667 -46.43 14.38 6.92
CA SER A 667 -46.32 13.85 8.25
C SER A 667 -45.06 14.40 8.83
N PRO A 668 -45.19 14.98 9.99
CA PRO A 668 -44.07 15.57 10.68
C PRO A 668 -43.09 14.48 10.94
N GLY A 669 -41.79 14.81 11.04
CA GLY A 669 -40.84 13.78 11.30
C GLY A 669 -40.56 13.81 12.77
N SER A 670 -40.91 12.70 13.44
CA SER A 670 -40.71 12.54 14.85
C SER A 670 -41.00 11.11 15.12
N ALA A 671 -41.50 10.81 16.34
CA ALA A 671 -41.83 9.45 16.63
C ALA A 671 -42.82 9.05 15.61
N GLY A 672 -42.67 7.83 15.08
CA GLY A 672 -43.53 7.37 14.04
C GLY A 672 -44.79 6.87 14.65
N SER A 673 -45.90 7.00 13.90
CA SER A 673 -47.16 6.52 14.38
C SER A 673 -47.62 5.56 13.33
N VAL A 674 -48.58 4.69 13.68
CA VAL A 674 -49.01 3.74 12.71
C VAL A 674 -49.85 4.46 11.71
N ALA A 675 -49.63 4.15 10.42
CA ALA A 675 -50.39 4.74 9.37
C ALA A 675 -50.07 3.96 8.14
N SER A 676 -50.88 4.10 7.08
CA SER A 676 -50.55 3.37 5.90
C SER A 676 -49.26 3.94 5.40
N GLN A 677 -48.34 3.07 4.97
CA GLN A 677 -47.06 3.58 4.58
C GLN A 677 -46.55 2.70 3.48
N SER A 678 -45.59 3.23 2.69
CA SER A 678 -44.99 2.44 1.66
C SER A 678 -43.67 3.05 1.33
N ILE A 679 -42.87 2.35 0.49
CA ILE A 679 -41.60 2.88 0.10
C ILE A 679 -41.78 3.36 -1.31
N ILE A 680 -41.34 4.61 -1.60
CA ILE A 680 -41.47 5.14 -2.92
C ILE A 680 -40.14 5.53 -3.45
N ALA A 681 -40.03 5.55 -4.81
CA ALA A 681 -38.84 5.98 -5.48
C ALA A 681 -39.26 7.00 -6.49
N TYR A 682 -38.49 8.11 -6.60
CA TYR A 682 -38.86 9.14 -7.54
C TYR A 682 -37.64 9.84 -8.03
N THR A 683 -37.76 10.54 -9.18
CA THR A 683 -36.64 11.30 -9.68
C THR A 683 -36.41 12.36 -8.66
N MET A 684 -35.16 12.43 -8.15
CA MET A 684 -34.88 13.35 -7.10
C MET A 684 -35.04 14.75 -7.58
N SER A 685 -35.49 15.63 -6.67
CA SER A 685 -35.68 17.00 -7.04
C SER A 685 -34.40 17.70 -6.73
N LEU A 686 -33.96 18.54 -7.69
CA LEU A 686 -32.78 19.33 -7.51
C LEU A 686 -33.11 20.35 -6.48
N GLY A 687 -34.41 20.63 -6.32
CA GLY A 687 -34.86 21.59 -5.36
C GLY A 687 -36.03 22.28 -5.98
N ALA A 688 -36.59 23.28 -5.29
CA ALA A 688 -37.67 24.00 -5.90
C ALA A 688 -37.06 24.90 -6.93
N GLU A 689 -37.68 24.99 -8.12
CA GLU A 689 -37.12 25.82 -9.15
C GLU A 689 -37.46 27.24 -8.82
N ASN A 690 -36.52 28.18 -9.03
CA ASN A 690 -36.85 29.56 -8.80
C ASN A 690 -36.24 30.38 -9.90
N SER A 691 -37.08 30.84 -10.83
CA SER A 691 -36.62 31.69 -11.89
C SER A 691 -36.45 33.05 -11.29
N VAL A 692 -35.82 33.99 -12.02
CA VAL A 692 -35.62 35.28 -11.45
C VAL A 692 -36.13 36.33 -12.40
N ALA A 693 -36.63 37.45 -11.84
CA ALA A 693 -37.13 38.49 -12.70
C ALA A 693 -35.98 39.36 -13.06
N TYR A 694 -35.43 39.14 -14.26
CA TYR A 694 -34.31 39.86 -14.76
C TYR A 694 -34.85 41.11 -15.37
N SER A 695 -34.20 42.26 -15.10
CA SER A 695 -34.71 43.48 -15.64
C SER A 695 -33.56 44.36 -16.03
N ASN A 696 -33.83 45.27 -16.98
CA ASN A 696 -32.86 46.24 -17.37
C ASN A 696 -32.77 47.23 -16.25
N ASN A 697 -33.90 47.53 -15.58
CA ASN A 697 -33.84 48.58 -14.62
C ASN A 697 -34.54 48.26 -13.34
N SER A 698 -34.15 47.18 -12.63
CA SER A 698 -34.74 46.94 -11.35
C SER A 698 -33.71 46.28 -10.49
N ILE A 699 -33.72 46.60 -9.18
CA ILE A 699 -32.76 46.05 -8.26
C ILE A 699 -33.50 45.60 -7.03
N ALA A 700 -33.09 44.47 -6.42
CA ALA A 700 -33.76 44.05 -5.22
C ALA A 700 -32.78 44.12 -4.09
N ILE A 701 -32.94 45.13 -3.24
CA ILE A 701 -32.04 45.34 -2.13
C ILE A 701 -32.79 44.95 -0.89
N PRO A 702 -32.21 44.10 -0.07
CA PRO A 702 -32.91 43.67 1.11
C PRO A 702 -33.09 44.75 2.12
N THR A 703 -34.30 44.84 2.72
CA THR A 703 -34.64 45.73 3.78
C THR A 703 -34.23 45.21 5.13
N ASN A 704 -34.37 43.88 5.36
CA ASN A 704 -34.11 43.34 6.67
C ASN A 704 -33.16 42.18 6.51
N PHE A 705 -32.42 41.84 7.59
CA PHE A 705 -31.43 40.81 7.48
C PHE A 705 -31.58 39.87 8.61
N THR A 706 -30.65 38.89 8.70
CA THR A 706 -30.65 37.99 9.81
C THR A 706 -29.24 37.80 10.25
N ILE A 707 -29.07 37.31 11.49
CA ILE A 707 -27.80 36.87 11.95
C ILE A 707 -28.03 35.44 12.28
N SER A 708 -27.40 34.52 11.53
CA SER A 708 -27.64 33.12 11.76
C SER A 708 -26.38 32.53 12.31
N VAL A 709 -26.41 31.21 12.61
CA VAL A 709 -25.23 30.50 13.01
C VAL A 709 -25.44 29.08 12.60
N THR A 710 -24.37 28.40 12.15
CA THR A 710 -24.46 27.02 11.75
C THR A 710 -23.27 26.33 12.33
N THR A 711 -23.33 24.98 12.41
CA THR A 711 -22.21 24.28 12.97
C THR A 711 -21.51 23.51 11.90
N GLU A 712 -20.18 23.72 11.80
CA GLU A 712 -19.36 23.02 10.85
C GLU A 712 -18.44 22.16 11.66
N ILE A 713 -18.28 20.89 11.28
CA ILE A 713 -17.49 19.99 12.07
C ILE A 713 -16.40 19.38 11.24
N LEU A 714 -15.18 19.31 11.80
CA LEU A 714 -14.06 18.70 11.12
C LEU A 714 -13.32 17.80 12.08
N PRO A 715 -12.81 16.69 11.62
CA PRO A 715 -11.98 15.88 12.47
C PRO A 715 -10.64 16.54 12.60
N VAL A 716 -10.02 16.53 13.81
CA VAL A 716 -8.66 16.99 13.98
C VAL A 716 -7.64 15.89 14.00
N SER A 717 -7.91 14.84 14.81
CA SER A 717 -6.89 13.83 15.04
C SER A 717 -7.55 12.48 15.11
N MET A 718 -6.75 11.45 14.81
CA MET A 718 -7.15 10.07 14.88
C MET A 718 -6.79 9.59 16.25
N THR A 719 -7.14 8.33 16.58
CA THR A 719 -6.78 7.77 17.84
C THR A 719 -5.38 7.24 17.66
N LYS A 720 -4.46 7.60 18.60
CA LYS A 720 -3.08 7.26 18.41
C LYS A 720 -2.85 5.82 18.74
N THR A 721 -3.31 4.93 17.86
CA THR A 721 -3.14 3.53 18.05
C THR A 721 -1.72 3.19 17.73
N SER A 722 -1.13 2.23 18.48
CA SER A 722 0.23 1.79 18.25
C SER A 722 0.21 0.29 18.21
N VAL A 723 1.04 -0.30 17.31
CA VAL A 723 1.06 -1.73 17.25
C VAL A 723 2.46 -2.23 17.08
N ASP A 724 2.87 -3.11 18.00
CA ASP A 724 4.11 -3.81 17.88
C ASP A 724 3.82 -4.94 16.96
N CYS A 725 4.71 -5.21 15.99
CA CYS A 725 4.42 -6.36 15.20
C CYS A 725 4.65 -7.54 16.06
N THR A 726 5.72 -7.53 16.89
CA THR A 726 6.22 -8.74 17.51
C THR A 726 5.14 -9.49 18.23
N MET A 727 4.38 -8.86 19.13
CA MET A 727 3.31 -9.57 19.79
C MET A 727 2.21 -9.86 18.81
N TYR A 728 1.84 -8.85 17.99
CA TYR A 728 0.70 -8.99 17.13
C TYR A 728 0.92 -10.15 16.21
N ILE A 729 2.13 -10.27 15.66
CA ILE A 729 2.48 -11.39 14.86
C ILE A 729 2.90 -12.61 15.66
N CYS A 730 4.05 -12.47 16.35
CA CYS A 730 4.76 -13.49 17.08
C CYS A 730 4.47 -13.70 18.53
N GLY A 731 3.71 -12.81 19.20
CA GLY A 731 3.40 -12.78 20.63
C GLY A 731 3.96 -13.92 21.44
N ASP A 732 5.06 -13.64 22.18
CA ASP A 732 5.72 -14.53 23.09
C ASP A 732 5.98 -15.87 22.50
N SER A 733 6.52 -15.91 21.26
CA SER A 733 6.88 -17.18 20.69
C SER A 733 8.21 -16.99 20.05
N THR A 734 9.28 -17.51 20.68
CA THR A 734 10.61 -17.34 20.21
C THR A 734 10.73 -18.00 18.87
N GLU A 735 10.10 -19.19 18.74
CA GLU A 735 10.19 -19.95 17.53
C GLU A 735 9.60 -19.12 16.43
N CYS A 736 8.54 -18.36 16.74
CA CYS A 736 7.92 -17.49 15.77
C CYS A 736 8.80 -16.33 15.41
N SER A 737 9.38 -15.65 16.42
CA SER A 737 10.07 -14.41 16.23
C SER A 737 11.26 -14.59 15.33
N ASN A 738 11.99 -15.71 15.45
CA ASN A 738 13.18 -15.90 14.66
C ASN A 738 12.78 -15.92 13.23
N LEU A 739 11.63 -16.54 12.93
CA LEU A 739 11.13 -16.67 11.60
C LEU A 739 10.77 -15.30 11.09
N LEU A 740 10.41 -14.39 12.01
CA LEU A 740 10.07 -13.04 11.66
C LEU A 740 11.26 -12.28 11.16
N LEU A 741 12.43 -12.51 11.78
CA LEU A 741 13.65 -11.81 11.45
C LEU A 741 14.00 -12.08 10.02
N GLN A 742 13.65 -13.27 9.52
CA GLN A 742 13.97 -13.67 8.17
C GLN A 742 13.33 -12.68 7.23
N TYR A 743 12.18 -12.12 7.64
CA TYR A 743 11.39 -11.16 6.93
C TYR A 743 12.07 -9.83 6.81
N GLY A 744 13.09 -9.55 7.63
CA GLY A 744 13.78 -8.33 7.42
C GLY A 744 13.05 -7.26 8.16
N SER A 745 13.10 -6.04 7.60
CA SER A 745 12.64 -4.79 8.12
C SER A 745 11.17 -4.52 7.97
N PHE A 746 10.33 -5.49 7.59
CA PHE A 746 8.94 -5.17 7.38
C PHE A 746 8.36 -4.61 8.65
N CYS A 747 8.68 -5.19 9.82
CA CYS A 747 8.16 -4.69 11.06
C CYS A 747 8.68 -3.33 11.41
N THR A 748 10.02 -3.15 11.43
CA THR A 748 10.59 -1.95 11.96
C THR A 748 10.08 -0.80 11.17
N GLN A 749 9.82 -1.03 9.88
CA GLN A 749 9.26 0.03 9.08
C GLN A 749 7.84 0.31 9.50
N LEU A 750 7.02 -0.75 9.71
CA LEU A 750 5.62 -0.55 10.02
C LEU A 750 5.50 0.14 11.35
N ASN A 751 6.28 -0.30 12.34
CA ASN A 751 6.19 0.29 13.64
C ASN A 751 6.60 1.72 13.52
N ARG A 752 7.59 2.01 12.65
CA ARG A 752 8.05 3.36 12.50
C ARG A 752 6.96 4.21 11.98
N ALA A 753 6.20 3.73 10.98
CA ALA A 753 5.18 4.52 10.38
C ALA A 753 4.12 4.85 11.37
N LEU A 754 3.68 3.87 12.17
CA LEU A 754 2.61 4.11 13.09
C LEU A 754 3.06 5.12 14.09
N THR A 755 4.33 5.04 14.52
CA THR A 755 4.84 6.02 15.45
C THR A 755 4.82 7.35 14.78
N GLY A 756 5.23 7.40 13.50
CA GLY A 756 5.27 8.63 12.77
C GLY A 756 3.88 9.15 12.71
N ILE A 757 2.91 8.25 12.51
CA ILE A 757 1.54 8.63 12.45
C ILE A 757 1.13 9.14 13.80
N ALA A 758 1.58 8.47 14.87
CA ALA A 758 1.17 8.80 16.20
C ALA A 758 1.53 10.22 16.54
N VAL A 759 2.77 10.64 16.22
CA VAL A 759 3.23 11.95 16.54
C VAL A 759 2.45 12.96 15.74
N GLU A 760 2.03 12.56 14.52
CA GLU A 760 1.41 13.44 13.58
C GLU A 760 0.16 14.05 14.14
N GLN A 761 -0.70 13.25 14.82
CA GLN A 761 -1.94 13.79 15.29
C GLN A 761 -1.68 14.87 16.30
N ASP A 762 -0.67 14.68 17.17
CA ASP A 762 -0.35 15.66 18.16
C ASP A 762 0.05 16.91 17.43
N LYS A 763 0.81 16.75 16.33
CA LYS A 763 1.24 17.89 15.57
C LYS A 763 0.01 18.56 15.07
N ASN A 764 -1.02 17.78 14.68
CA ASN A 764 -2.22 18.36 14.17
C ASN A 764 -2.86 19.19 15.24
N THR A 765 -2.95 18.66 16.47
CA THR A 765 -3.67 19.35 17.50
C THR A 765 -2.97 20.63 17.86
N GLN A 766 -1.63 20.63 17.90
CA GLN A 766 -0.90 21.80 18.25
C GLN A 766 -1.12 22.83 17.18
N GLU A 767 -1.14 22.40 15.91
CA GLU A 767 -1.31 23.33 14.84
C GLU A 767 -2.68 23.96 14.94
N VAL A 768 -3.72 23.15 15.20
CA VAL A 768 -5.04 23.71 15.22
C VAL A 768 -5.24 24.66 16.37
N PHE A 769 -5.19 24.13 17.62
CA PHE A 769 -5.49 24.87 18.84
C PHE A 769 -4.40 25.79 19.31
N ALA A 770 -3.17 25.27 19.35
CA ALA A 770 -1.97 25.78 19.97
C ALA A 770 -1.49 27.07 19.41
N GLN A 771 -2.22 27.69 18.48
CA GLN A 771 -1.77 28.89 17.80
C GLN A 771 -1.50 30.09 18.69
N VAL A 772 -2.16 30.27 19.85
CA VAL A 772 -1.90 31.45 20.63
C VAL A 772 -0.82 31.19 21.64
N LYS A 773 0.08 32.18 21.83
CA LYS A 773 1.17 32.08 22.75
C LYS A 773 0.68 32.10 24.17
N GLN A 774 -0.35 32.92 24.48
CA GLN A 774 -0.78 33.02 25.84
C GLN A 774 -2.24 32.72 25.93
N ILE A 775 -2.65 32.02 27.01
CA ILE A 775 -4.04 31.73 27.19
C ILE A 775 -4.62 32.89 27.93
N TYR A 776 -5.50 33.64 27.24
CA TYR A 776 -6.13 34.82 27.76
C TYR A 776 -7.25 34.41 28.65
N LYS A 777 -7.67 35.33 29.54
CA LYS A 777 -8.76 35.05 30.45
C LYS A 777 -9.80 36.13 30.30
N THR A 778 -11.10 35.74 30.34
CA THR A 778 -12.15 36.71 30.27
C THR A 778 -12.33 37.30 31.66
N PRO A 779 -12.79 38.51 31.71
CA PRO A 779 -12.99 39.18 32.97
C PRO A 779 -14.26 38.74 33.63
N PRO A 780 -14.40 38.96 34.91
CA PRO A 780 -15.59 38.61 35.63
C PRO A 780 -16.77 39.31 35.03
N ILE A 781 -16.59 40.52 34.45
CA ILE A 781 -17.70 41.26 33.92
C ILE A 781 -17.90 40.91 32.48
N LYS A 782 -19.13 40.47 32.21
CA LYS A 782 -19.71 40.03 30.98
C LYS A 782 -20.16 41.14 30.09
N ASP A 783 -19.83 42.44 30.36
CA ASP A 783 -20.27 43.63 29.63
C ASP A 783 -20.00 43.56 28.14
N PHE A 784 -20.69 42.64 27.46
CA PHE A 784 -20.71 42.27 26.07
C PHE A 784 -21.65 43.07 25.24
N GLY A 785 -22.48 43.95 25.83
CA GLY A 785 -23.32 44.70 24.94
C GLY A 785 -24.53 43.90 24.62
N GLY A 786 -24.79 42.84 25.42
CA GLY A 786 -25.97 42.06 25.24
C GLY A 786 -25.66 40.74 24.62
N PHE A 787 -24.50 40.60 23.93
CA PHE A 787 -24.20 39.31 23.36
C PHE A 787 -23.93 38.38 24.50
N ASN A 788 -24.57 37.19 24.48
CA ASN A 788 -24.50 36.27 25.59
C ASN A 788 -23.66 35.07 25.24
N PHE A 789 -22.40 35.08 25.70
CA PHE A 789 -21.38 34.07 25.53
C PHE A 789 -21.45 32.95 26.52
N SER A 790 -22.20 33.12 27.64
CA SER A 790 -22.15 32.25 28.78
C SER A 790 -22.18 30.81 28.39
N GLN A 791 -22.83 30.44 27.29
CA GLN A 791 -22.86 29.06 26.91
C GLN A 791 -21.52 28.59 26.38
N ILE A 792 -20.86 29.42 25.55
CA ILE A 792 -19.56 29.14 24.95
C ILE A 792 -18.41 29.28 25.90
N LEU A 793 -18.40 30.32 26.76
CA LEU A 793 -17.29 30.52 27.65
C LEU A 793 -17.34 29.42 28.65
N PRO A 794 -16.19 28.96 29.09
CA PRO A 794 -16.17 27.84 29.99
C PRO A 794 -16.75 28.16 31.33
N ASP A 795 -17.34 27.14 31.99
CA ASP A 795 -17.94 27.30 33.28
C ASP A 795 -16.90 26.91 34.28
N PRO A 796 -16.57 27.81 35.17
CA PRO A 796 -15.56 27.53 36.15
C PRO A 796 -15.94 26.48 37.15
N SER A 797 -17.24 26.20 37.34
CA SER A 797 -17.66 25.30 38.38
C SER A 797 -17.10 23.92 38.16
N LYS A 798 -17.22 23.38 36.94
CA LYS A 798 -16.83 22.02 36.71
C LYS A 798 -15.34 21.89 36.83
N PRO A 799 -14.92 20.75 37.30
CA PRO A 799 -13.53 20.46 37.46
C PRO A 799 -12.86 20.67 36.15
N SER A 800 -13.53 20.28 35.04
CA SER A 800 -12.94 20.51 33.76
C SER A 800 -13.55 21.80 33.30
N LYS A 801 -12.70 22.82 33.10
CA LYS A 801 -13.25 24.10 32.78
C LYS A 801 -13.69 24.10 31.36
N ARG A 802 -14.93 23.60 31.11
CA ARG A 802 -15.43 23.60 29.78
C ARG A 802 -16.78 24.24 29.77
N SER A 803 -17.22 24.75 28.61
CA SER A 803 -18.49 25.41 28.58
C SER A 803 -19.56 24.40 28.31
N PHE A 804 -20.82 24.89 28.27
CA PHE A 804 -22.00 24.09 28.19
C PHE A 804 -22.03 23.25 26.94
N ILE A 805 -21.78 23.85 25.76
CA ILE A 805 -21.90 23.15 24.52
C ILE A 805 -20.90 22.04 24.42
N GLU A 806 -19.64 22.27 24.86
CA GLU A 806 -18.66 21.24 24.73
C GLU A 806 -19.11 20.03 25.47
N ASP A 807 -19.76 20.21 26.63
CA ASP A 807 -20.19 19.08 27.40
C ASP A 807 -21.16 18.29 26.57
N LEU A 808 -22.09 18.97 25.89
CA LEU A 808 -23.05 18.29 25.06
C LEU A 808 -22.29 17.59 23.97
N LEU A 809 -21.31 18.30 23.37
CA LEU A 809 -20.56 17.74 22.28
C LEU A 809 -19.84 16.52 22.78
N PHE A 810 -19.30 16.57 23.99
CA PHE A 810 -18.61 15.42 24.53
C PHE A 810 -19.61 14.31 24.68
N ASN A 811 -20.83 14.62 25.13
CA ASN A 811 -21.82 13.61 25.39
C ASN A 811 -22.25 12.91 24.13
N LYS A 812 -22.37 13.63 23.00
CA LYS A 812 -22.87 13.10 21.76
C LYS A 812 -21.96 12.07 21.16
N VAL A 813 -20.65 12.18 21.38
CA VAL A 813 -19.77 11.23 20.73
C VAL A 813 -19.44 10.15 21.68
N THR A 814 -19.42 8.90 21.19
CA THR A 814 -19.10 7.81 22.06
C THR A 814 -17.69 7.46 21.82
N LEU A 815 -16.78 8.18 22.50
CA LEU A 815 -15.39 8.00 22.25
C LEU A 815 -15.02 6.59 22.49
N ALA A 816 -14.09 6.09 21.66
CA ALA A 816 -13.75 4.72 21.77
C ALA A 816 -13.24 4.52 23.15
N ASP A 817 -12.31 5.38 23.60
CA ASP A 817 -11.82 5.23 24.94
C ASP A 817 -11.33 6.59 25.37
N ALA A 818 -11.06 6.76 26.69
CA ALA A 818 -10.55 8.03 27.12
C ALA A 818 -9.71 7.81 28.35
N GLY A 819 -8.73 8.72 28.57
CA GLY A 819 -7.89 8.68 29.73
C GLY A 819 -6.60 8.02 29.37
N PHE A 820 -6.66 7.04 28.45
CA PHE A 820 -5.50 6.36 27.96
C PHE A 820 -4.77 5.67 29.06
N ILE A 821 -5.45 5.36 30.18
CA ILE A 821 -4.81 4.63 31.23
C ILE A 821 -5.68 3.45 31.50
N LYS A 822 -5.13 2.23 31.37
CA LYS A 822 -5.94 1.08 31.64
C LYS A 822 -5.15 0.19 32.53
N GLN A 823 -5.70 -0.15 33.71
CA GLN A 823 -4.93 -0.95 34.61
C GLN A 823 -5.20 -2.37 34.22
N TYR A 824 -4.22 -3.27 34.39
CA TYR A 824 -4.47 -4.57 33.85
C TYR A 824 -5.56 -5.23 34.63
N GLY A 825 -5.61 -4.96 35.94
CA GLY A 825 -6.58 -5.55 36.81
C GLY A 825 -7.96 -5.19 36.34
N ASP A 826 -8.12 -3.99 35.73
CA ASP A 826 -9.42 -3.53 35.33
C ASP A 826 -10.04 -4.50 34.37
N CYS A 827 -9.24 -5.07 33.44
CA CYS A 827 -9.70 -6.02 32.48
C CYS A 827 -9.97 -7.35 33.12
N LEU A 828 -9.37 -7.64 34.28
CA LEU A 828 -9.60 -8.91 34.92
C LEU A 828 -11.08 -9.10 35.11
N GLY A 829 -11.70 -9.96 34.27
CA GLY A 829 -13.10 -10.21 34.46
C GLY A 829 -13.77 -10.39 33.15
N ASP A 830 -15.12 -10.40 33.19
CA ASP A 830 -16.02 -10.58 32.07
C ASP A 830 -15.83 -9.45 31.12
N ILE A 831 -15.47 -8.28 31.67
CA ILE A 831 -15.34 -7.05 30.97
C ILE A 831 -14.38 -7.14 29.83
N ALA A 832 -13.31 -7.96 29.93
CA ALA A 832 -12.28 -7.95 28.93
C ALA A 832 -12.86 -8.21 27.57
N ALA A 833 -13.82 -9.15 27.46
CA ALA A 833 -14.42 -9.48 26.20
C ALA A 833 -15.21 -8.32 25.67
N ARG A 834 -15.93 -7.60 26.56
CA ARG A 834 -16.75 -6.51 26.13
C ARG A 834 -15.90 -5.36 25.66
N ASP A 835 -14.82 -5.06 26.39
CA ASP A 835 -13.96 -3.95 26.09
C ASP A 835 -13.15 -4.32 24.90
N LEU A 836 -13.54 -3.79 23.72
CA LEU A 836 -12.86 -4.11 22.50
C LEU A 836 -11.47 -3.58 22.57
N ILE A 837 -11.31 -2.36 23.10
CA ILE A 837 -10.02 -1.74 23.16
C ILE A 837 -9.13 -2.56 24.05
N CYS A 838 -9.63 -3.01 25.21
CA CYS A 838 -8.79 -3.78 26.06
C CYS A 838 -8.41 -5.02 25.32
N ALA A 839 -9.36 -5.61 24.59
CA ALA A 839 -9.13 -6.84 23.89
C ALA A 839 -7.99 -6.63 22.93
N GLN A 840 -7.96 -5.47 22.25
CA GLN A 840 -6.91 -5.20 21.29
C GLN A 840 -5.63 -5.07 22.06
N LYS A 841 -5.70 -4.52 23.29
CA LYS A 841 -4.52 -4.38 24.09
C LYS A 841 -3.96 -5.72 24.33
N PHE A 842 -4.84 -6.73 24.37
CA PHE A 842 -4.33 -8.03 24.73
C PHE A 842 -3.31 -8.48 23.75
N ASN A 843 -3.58 -8.25 22.45
CA ASN A 843 -2.81 -8.66 21.31
C ASN A 843 -1.54 -7.90 21.17
N GLY A 844 -1.37 -6.78 21.90
CA GLY A 844 -0.19 -5.99 21.69
C GLY A 844 -0.63 -4.69 21.12
N LEU A 845 -1.94 -4.57 20.78
CA LEU A 845 -2.40 -3.28 20.30
C LEU A 845 -2.53 -2.38 21.47
N THR A 846 -1.93 -1.18 21.41
CA THR A 846 -2.01 -0.30 22.54
C THR A 846 -2.59 0.98 22.03
N VAL A 847 -2.95 1.88 22.96
CA VAL A 847 -3.38 3.20 22.61
C VAL A 847 -2.53 4.13 23.40
N LEU A 848 -2.11 5.25 22.78
CA LEU A 848 -1.25 6.14 23.50
C LEU A 848 -2.06 7.36 23.82
N PRO A 849 -1.73 7.99 24.93
CA PRO A 849 -2.48 9.15 25.35
C PRO A 849 -2.15 10.35 24.52
N PRO A 850 -3.07 11.28 24.38
CA PRO A 850 -2.79 12.48 23.65
C PRO A 850 -1.96 13.38 24.51
N LEU A 851 -1.08 14.20 23.89
CA LEU A 851 -0.21 15.07 24.63
C LEU A 851 -1.03 16.12 25.31
N LEU A 852 -1.95 16.77 24.58
CA LEU A 852 -2.75 17.80 25.18
C LEU A 852 -3.99 17.13 25.67
N THR A 853 -4.25 17.23 26.99
CA THR A 853 -5.38 16.55 27.55
C THR A 853 -6.61 17.31 27.20
N ASP A 854 -7.78 16.70 27.49
CA ASP A 854 -9.05 17.28 27.16
C ASP A 854 -9.15 18.58 27.88
N GLU A 855 -8.69 18.62 29.14
CA GLU A 855 -8.71 19.83 29.90
C GLU A 855 -7.84 20.84 29.23
N MET A 856 -6.63 20.43 28.80
CA MET A 856 -5.72 21.36 28.21
C MET A 856 -6.31 21.94 26.97
N ILE A 857 -6.94 21.10 26.12
CA ILE A 857 -7.48 21.62 24.90
C ILE A 857 -8.54 22.63 25.21
N ALA A 858 -9.30 22.41 26.28
CA ALA A 858 -10.34 23.33 26.65
C ALA A 858 -9.71 24.66 26.93
N GLN A 859 -8.49 24.66 27.52
CA GLN A 859 -7.85 25.90 27.87
C GLN A 859 -7.55 26.72 26.64
N TYR A 860 -6.95 26.10 25.60
CA TYR A 860 -6.58 26.88 24.44
C TYR A 860 -7.81 27.46 23.84
N THR A 861 -8.88 26.64 23.72
CA THR A 861 -10.08 27.10 23.09
C THR A 861 -10.59 28.28 23.85
N SER A 862 -10.57 28.21 25.19
CA SER A 862 -11.11 29.27 25.99
C SER A 862 -10.41 30.54 25.62
N ALA A 863 -9.08 30.47 25.44
CA ALA A 863 -8.32 31.62 25.05
C ALA A 863 -8.73 32.06 23.69
N LEU A 864 -8.91 31.09 22.76
CA LEU A 864 -9.24 31.41 21.41
C LEU A 864 -10.52 32.17 21.44
N LEU A 865 -11.44 31.81 22.35
CA LEU A 865 -12.63 32.59 22.52
C LEU A 865 -12.28 33.90 23.18
N ALA A 866 -11.38 33.86 24.18
CA ALA A 866 -11.09 35.04 24.95
C ALA A 866 -10.53 36.12 24.07
N GLY A 867 -9.55 35.77 23.21
CA GLY A 867 -8.97 36.73 22.32
C GLY A 867 -9.99 37.16 21.32
N THR A 868 -10.79 36.21 20.82
CA THR A 868 -11.75 36.56 19.81
C THR A 868 -12.75 37.52 20.38
N ILE A 869 -13.25 37.26 21.61
CA ILE A 869 -14.25 38.13 22.15
C ILE A 869 -13.70 39.47 22.55
N THR A 870 -12.68 39.47 23.42
CA THR A 870 -12.18 40.69 23.99
C THR A 870 -11.28 41.48 23.07
N SER A 871 -10.36 40.81 22.36
CA SER A 871 -9.43 41.51 21.50
C SER A 871 -9.76 41.52 20.04
N GLY A 872 -10.56 40.56 19.53
CA GLY A 872 -10.81 40.53 18.11
C GLY A 872 -9.71 39.78 17.42
N TRP A 873 -9.34 40.24 16.22
CA TRP A 873 -8.32 39.68 15.37
C TRP A 873 -6.93 39.94 15.84
N THR A 874 -6.71 41.06 16.56
CA THR A 874 -5.39 41.54 16.87
C THR A 874 -4.56 40.49 17.58
N PHE A 875 -5.18 39.58 18.34
CA PHE A 875 -4.42 38.61 19.07
C PHE A 875 -3.72 37.68 18.12
N GLY A 876 -4.23 37.52 16.88
CA GLY A 876 -3.56 36.69 15.91
C GLY A 876 -2.29 37.30 15.41
N ALA A 877 -2.35 38.57 14.95
CA ALA A 877 -1.20 39.21 14.37
C ALA A 877 -0.13 39.49 15.39
N GLY A 878 -0.49 40.12 16.52
CA GLY A 878 0.52 40.55 17.44
C GLY A 878 -0.02 40.43 18.82
N ALA A 879 0.10 41.52 19.62
CA ALA A 879 -0.40 41.52 20.96
C ALA A 879 -1.89 41.57 20.90
N ALA A 880 -2.57 41.11 21.97
CA ALA A 880 -4.00 41.14 21.94
C ALA A 880 -4.44 42.47 22.47
N LEU A 881 -4.92 43.35 21.57
CA LEU A 881 -5.36 44.65 21.99
C LEU A 881 -6.81 44.51 22.33
N GLN A 882 -7.15 44.76 23.60
CA GLN A 882 -8.52 44.57 24.02
C GLN A 882 -9.38 45.62 23.40
N ILE A 883 -10.60 45.19 22.98
CA ILE A 883 -11.57 46.06 22.37
C ILE A 883 -12.94 45.59 22.77
N PRO A 884 -13.87 46.50 22.97
CA PRO A 884 -15.19 46.11 23.38
C PRO A 884 -15.83 45.32 22.28
N PHE A 885 -16.67 44.35 22.65
CA PHE A 885 -17.27 43.44 21.70
C PHE A 885 -18.14 44.21 20.76
N ALA A 886 -18.91 45.18 21.29
CA ALA A 886 -19.82 45.95 20.48
C ALA A 886 -19.03 46.64 19.43
N MET A 887 -17.81 47.10 19.78
CA MET A 887 -16.97 47.77 18.83
C MET A 887 -16.60 46.82 17.73
N GLN A 888 -16.32 45.55 18.09
CA GLN A 888 -15.78 44.59 17.16
C GLN A 888 -16.67 44.33 15.98
N MET A 889 -17.98 44.15 16.21
CA MET A 889 -18.89 43.79 15.16
C MET A 889 -18.97 44.90 14.16
N ALA A 890 -18.75 46.15 14.59
CA ALA A 890 -18.85 47.26 13.70
C ALA A 890 -17.89 47.01 12.57
N TYR A 891 -16.72 46.40 12.88
CA TYR A 891 -15.74 46.08 11.87
C TYR A 891 -16.21 44.94 11.00
N ARG A 892 -16.70 43.84 11.61
CA ARG A 892 -17.05 42.64 10.90
C ARG A 892 -18.06 42.99 9.86
N PHE A 893 -18.97 43.92 10.19
CA PHE A 893 -19.93 44.36 9.23
C PHE A 893 -19.23 45.07 8.11
N ASN A 894 -18.26 45.94 8.46
CA ASN A 894 -17.52 46.71 7.49
C ASN A 894 -16.79 45.72 6.65
N GLY A 895 -16.49 44.54 7.23
CA GLY A 895 -15.79 43.48 6.59
C GLY A 895 -16.58 42.96 5.42
N ILE A 896 -17.92 42.95 5.53
CA ILE A 896 -18.85 42.60 4.50
C ILE A 896 -19.17 43.71 3.53
N GLY A 897 -19.04 44.99 3.95
CA GLY A 897 -19.39 46.07 3.06
C GLY A 897 -20.59 46.80 3.58
N VAL A 898 -20.97 46.55 4.85
CA VAL A 898 -22.06 47.27 5.45
C VAL A 898 -21.45 48.14 6.52
N THR A 899 -21.86 49.43 6.56
CA THR A 899 -21.24 50.36 7.47
C THR A 899 -21.77 50.15 8.86
N GLN A 900 -20.98 50.58 9.86
CA GLN A 900 -21.19 50.37 11.27
C GLN A 900 -22.47 51.00 11.71
N ASN A 901 -23.04 51.93 10.91
CA ASN A 901 -24.27 52.54 11.31
C ASN A 901 -25.32 51.48 11.48
N VAL A 902 -25.22 50.35 10.75
CA VAL A 902 -26.21 49.32 10.86
C VAL A 902 -26.24 48.69 12.23
N LEU A 903 -25.07 48.30 12.78
CA LEU A 903 -25.03 47.55 14.01
C LEU A 903 -25.56 48.30 15.19
N TYR A 904 -25.01 49.50 15.47
CA TYR A 904 -25.38 50.21 16.65
C TYR A 904 -26.82 50.59 16.55
N GLU A 905 -27.25 51.01 15.35
CA GLU A 905 -28.61 51.43 15.17
C GLU A 905 -29.49 50.28 15.54
N ASN A 906 -29.11 49.02 15.22
CA ASN A 906 -29.97 48.02 15.78
C ASN A 906 -29.15 47.08 16.63
N GLN A 907 -28.50 47.64 17.67
CA GLN A 907 -27.62 46.90 18.51
C GLN A 907 -28.35 45.88 19.33
N LYS A 908 -29.46 46.29 19.98
CA LYS A 908 -30.15 45.40 20.88
C LYS A 908 -30.71 44.23 20.13
N LEU A 909 -31.32 44.49 18.96
CA LEU A 909 -31.95 43.43 18.21
C LEU A 909 -30.93 42.44 17.79
N ILE A 910 -29.82 42.94 17.23
CA ILE A 910 -28.84 42.05 16.66
C ILE A 910 -28.31 41.19 17.75
N ALA A 911 -28.02 41.78 18.92
CA ALA A 911 -27.48 41.02 19.99
C ALA A 911 -28.47 39.96 20.35
N ASN A 912 -29.75 40.33 20.43
CA ASN A 912 -30.77 39.41 20.81
C ASN A 912 -30.81 38.30 19.79
N GLN A 913 -30.66 38.67 18.50
CA GLN A 913 -30.72 37.70 17.46
C GLN A 913 -29.61 36.74 17.64
N PHE A 914 -28.42 37.26 17.98
CA PHE A 914 -27.27 36.44 18.19
C PHE A 914 -27.48 35.58 19.40
N ASN A 915 -28.06 36.14 20.49
CA ASN A 915 -28.14 35.27 21.63
C ASN A 915 -29.09 34.13 21.38
N SER A 916 -30.24 34.39 20.71
CA SER A 916 -31.20 33.34 20.47
C SER A 916 -30.62 32.33 19.52
N ALA A 917 -29.84 32.81 18.53
CA ALA A 917 -29.32 31.93 17.52
C ALA A 917 -28.48 30.88 18.16
N ILE A 918 -27.64 31.27 19.14
CA ILE A 918 -26.83 30.32 19.82
C ILE A 918 -27.70 29.37 20.59
N GLY A 919 -28.81 29.85 21.15
CA GLY A 919 -29.63 28.96 21.93
C GLY A 919 -30.09 27.82 21.06
N LYS A 920 -30.46 28.11 19.80
CA LYS A 920 -30.97 27.09 18.93
C LYS A 920 -29.92 26.04 18.75
N ILE A 921 -28.63 26.43 18.68
CA ILE A 921 -27.64 25.43 18.44
C ILE A 921 -27.66 24.43 19.56
N GLN A 922 -27.89 24.86 20.81
CA GLN A 922 -27.87 23.89 21.87
C GLN A 922 -28.91 22.85 21.62
N ASP A 923 -30.14 23.25 21.22
CA ASP A 923 -31.19 22.29 21.02
C ASP A 923 -30.84 21.39 19.89
N SER A 924 -30.31 21.96 18.78
CA SER A 924 -29.99 21.17 17.64
C SER A 924 -28.97 20.15 18.04
N LEU A 925 -27.94 20.59 18.78
CA LEU A 925 -26.94 19.67 19.23
C LEU A 925 -27.53 18.68 20.19
N SER A 926 -28.43 19.16 21.07
CA SER A 926 -29.00 18.30 22.08
C SER A 926 -29.83 17.23 21.44
N SER A 927 -30.77 17.62 20.57
CA SER A 927 -31.72 16.71 19.99
C SER A 927 -31.12 15.76 18.99
N THR A 928 -30.33 16.26 18.02
CA THR A 928 -29.93 15.40 16.95
C THR A 928 -28.51 14.97 17.11
N ALA A 929 -28.32 13.63 17.21
CA ALA A 929 -27.04 13.00 17.33
C ALA A 929 -26.25 13.16 16.06
N SER A 930 -26.93 13.08 14.90
CA SER A 930 -26.33 13.07 13.60
C SER A 930 -25.60 14.34 13.34
N ALA A 931 -25.76 15.36 14.21
CA ALA A 931 -25.07 16.60 13.98
C ALA A 931 -23.59 16.32 14.00
N LEU A 932 -23.19 15.41 14.90
CA LEU A 932 -21.88 14.89 15.22
C LEU A 932 -21.37 13.81 14.30
N GLY A 933 -22.07 13.46 13.21
CA GLY A 933 -21.69 12.31 12.44
C GLY A 933 -20.25 12.30 11.98
N LYS A 934 -19.66 13.44 11.57
CA LYS A 934 -18.33 13.39 11.01
C LYS A 934 -17.34 12.84 12.00
N LEU A 935 -17.34 13.34 13.25
CA LEU A 935 -16.42 12.90 14.25
C LEU A 935 -16.71 11.47 14.53
N GLN A 936 -18.01 11.12 14.59
CA GLN A 936 -18.43 9.79 14.90
C GLN A 936 -17.93 8.87 13.85
N ASP A 937 -17.93 9.34 12.58
CA ASP A 937 -17.46 8.50 11.51
C ASP A 937 -16.02 8.19 11.72
N VAL A 938 -15.23 9.18 12.18
CA VAL A 938 -13.82 8.97 12.38
C VAL A 938 -13.61 7.86 13.36
N VAL A 939 -14.32 7.91 14.51
CA VAL A 939 -14.15 6.92 15.52
C VAL A 939 -14.61 5.59 15.00
N ASN A 940 -15.74 5.57 14.27
CA ASN A 940 -16.29 4.33 13.79
C ASN A 940 -15.32 3.67 12.86
N GLN A 941 -14.70 4.44 11.95
CA GLN A 941 -13.83 3.85 10.98
C GLN A 941 -12.67 3.19 11.66
N ASN A 942 -12.06 3.87 12.65
CA ASN A 942 -10.93 3.31 13.33
C ASN A 942 -11.33 2.08 14.06
N ALA A 943 -12.51 2.12 14.72
CA ALA A 943 -12.92 1.01 15.51
C ALA A 943 -13.02 -0.17 14.60
N GLN A 944 -13.58 0.04 13.39
CA GLN A 944 -13.73 -1.03 12.46
C GLN A 944 -12.37 -1.50 12.08
N ALA A 945 -11.44 -0.58 11.83
CA ALA A 945 -10.14 -0.98 11.37
C ALA A 945 -9.51 -1.83 12.42
N LEU A 946 -9.57 -1.43 13.70
CA LEU A 946 -8.97 -2.23 14.72
C LEU A 946 -9.71 -3.53 14.86
N ASN A 947 -11.05 -3.48 14.83
CA ASN A 947 -11.81 -4.69 15.02
C ASN A 947 -11.48 -5.64 13.91
N THR A 948 -11.41 -5.12 12.67
CA THR A 948 -11.11 -5.95 11.54
C THR A 948 -9.73 -6.50 11.74
N LEU A 949 -8.81 -5.66 12.24
CA LEU A 949 -7.44 -6.06 12.39
C LEU A 949 -7.38 -7.22 13.33
N VAL A 950 -8.13 -7.14 14.45
CA VAL A 950 -8.09 -8.15 15.46
C VAL A 950 -8.57 -9.47 14.94
N LYS A 951 -9.61 -9.47 14.08
CA LYS A 951 -10.25 -10.67 13.63
C LYS A 951 -9.31 -11.60 12.92
N GLN A 952 -8.34 -11.06 12.15
CA GLN A 952 -7.49 -11.89 11.35
C GLN A 952 -6.74 -12.86 12.20
N LEU A 953 -6.54 -12.55 13.49
CA LEU A 953 -5.80 -13.43 14.35
C LEU A 953 -6.48 -14.78 14.34
N SER A 954 -7.80 -14.80 14.18
CA SER A 954 -8.58 -16.00 14.12
C SER A 954 -8.47 -16.69 12.78
N SER A 955 -7.91 -16.04 11.75
CA SER A 955 -7.92 -16.64 10.43
C SER A 955 -6.86 -17.69 10.29
N ASN A 956 -7.20 -18.79 9.59
CA ASN A 956 -6.32 -19.90 9.36
C ASN A 956 -5.23 -19.56 8.39
N PHE A 957 -5.58 -18.85 7.29
CA PHE A 957 -4.62 -18.52 6.27
C PHE A 957 -4.04 -19.79 5.72
N GLY A 958 -4.78 -20.92 5.80
CA GLY A 958 -4.30 -22.16 5.27
C GLY A 958 -3.58 -22.94 6.32
N ALA A 959 -3.41 -22.36 7.52
CA ALA A 959 -2.72 -23.05 8.57
C ALA A 959 -3.64 -24.10 9.11
N ILE A 960 -3.05 -25.12 9.76
CA ILE A 960 -3.78 -26.18 10.39
C ILE A 960 -4.61 -25.57 11.48
N SER A 961 -4.08 -24.55 12.16
CA SER A 961 -4.87 -23.90 13.18
C SER A 961 -4.50 -22.45 13.24
N SER A 962 -5.42 -21.64 13.81
CA SER A 962 -5.30 -20.22 13.95
C SER A 962 -4.51 -19.83 15.17
N VAL A 963 -4.30 -20.75 16.12
CA VAL A 963 -3.57 -20.39 17.31
C VAL A 963 -2.17 -20.90 17.17
N LEU A 964 -1.20 -20.00 17.35
CA LEU A 964 0.18 -20.29 17.18
C LEU A 964 0.59 -21.28 18.23
N ASN A 965 0.03 -21.15 19.45
CA ASN A 965 0.42 -22.07 20.49
C ASN A 965 0.02 -23.45 20.09
N ASP A 966 -1.16 -23.64 19.48
CA ASP A 966 -1.49 -24.97 19.12
C ASP A 966 -0.54 -25.47 18.07
N ILE A 967 -0.06 -24.60 17.16
CA ILE A 967 0.88 -25.11 16.21
C ILE A 967 2.10 -25.55 16.97
N LEU A 968 2.53 -24.79 17.99
CA LEU A 968 3.68 -25.18 18.76
C LEU A 968 3.41 -26.44 19.52
N SER A 969 2.24 -26.52 20.17
CA SER A 969 1.90 -27.64 21.00
C SER A 969 1.75 -28.84 20.14
N ARG A 970 1.19 -28.70 18.91
CA ARG A 970 1.09 -29.88 18.11
C ARG A 970 2.30 -30.24 17.30
N LEU A 971 2.93 -29.27 16.60
CA LEU A 971 3.96 -29.56 15.63
C LEU A 971 5.31 -29.73 16.22
N ASP A 972 6.15 -30.54 15.55
CA ASP A 972 7.56 -30.52 15.81
C ASP A 972 8.09 -29.47 14.87
N PRO A 973 9.35 -29.05 15.03
CA PRO A 973 9.87 -27.94 14.28
C PRO A 973 9.91 -28.18 12.81
N PRO A 974 10.31 -29.40 12.36
CA PRO A 974 10.55 -29.65 10.96
C PRO A 974 9.35 -29.23 10.15
N GLU A 975 8.13 -29.56 10.62
CA GLU A 975 6.89 -29.14 10.04
C GLU A 975 6.45 -27.77 10.47
N ALA A 976 6.80 -27.36 11.72
CA ALA A 976 6.24 -26.16 12.30
C ALA A 976 6.56 -24.91 11.54
N GLU A 977 7.83 -24.74 11.12
CA GLU A 977 8.20 -23.50 10.49
C GLU A 977 7.37 -23.29 9.28
N VAL A 978 7.07 -24.38 8.55
CA VAL A 978 6.25 -24.25 7.38
C VAL A 978 4.89 -23.73 7.77
N GLN A 979 4.29 -24.30 8.83
CA GLN A 979 2.95 -23.94 9.18
C GLN A 979 2.87 -22.53 9.69
N ILE A 980 3.82 -22.12 10.56
CA ILE A 980 3.84 -20.81 11.12
C ILE A 980 4.05 -19.80 10.04
N ASP A 981 4.90 -20.14 9.04
CA ASP A 981 5.18 -19.23 7.96
C ASP A 981 3.92 -18.90 7.25
N ARG A 982 3.03 -19.90 7.07
CA ARG A 982 1.81 -19.65 6.38
C ARG A 982 1.05 -18.59 7.12
N LEU A 983 1.07 -18.68 8.46
CA LEU A 983 0.41 -17.75 9.31
C LEU A 983 1.11 -16.42 9.28
N ILE A 984 2.46 -16.42 9.18
CA ILE A 984 3.20 -15.20 9.31
C ILE A 984 2.91 -14.27 8.17
N THR A 985 2.84 -14.78 6.93
CA THR A 985 2.64 -13.92 5.79
C THR A 985 1.30 -13.24 5.83
N GLY A 986 0.22 -13.98 6.12
CA GLY A 986 -1.09 -13.40 6.09
C GLY A 986 -1.25 -12.35 7.16
N ARG A 987 -0.79 -12.65 8.40
CA ARG A 987 -0.99 -11.70 9.45
C ARG A 987 -0.23 -10.45 9.15
N LEU A 988 1.02 -10.58 8.68
CA LEU A 988 1.84 -9.45 8.39
C LEU A 988 1.18 -8.68 7.28
N GLN A 989 0.63 -9.41 6.29
CA GLN A 989 -0.01 -8.80 5.17
C GLN A 989 -1.18 -8.02 5.69
N SER A 990 -1.84 -8.53 6.76
CA SER A 990 -2.99 -7.88 7.31
C SER A 990 -2.60 -6.56 7.90
N LEU A 991 -1.52 -6.53 8.69
CA LEU A 991 -1.09 -5.31 9.31
C LEU A 991 -0.64 -4.36 8.25
N GLN A 992 0.06 -4.89 7.22
CA GLN A 992 0.58 -4.05 6.18
C GLN A 992 -0.57 -3.32 5.53
N THR A 993 -1.70 -4.03 5.29
CA THR A 993 -2.82 -3.38 4.67
C THR A 993 -3.37 -2.34 5.59
N TYR A 994 -3.42 -2.66 6.90
CA TYR A 994 -4.00 -1.81 7.90
C TYR A 994 -3.24 -0.51 7.97
N VAL A 995 -1.90 -0.57 7.97
CA VAL A 995 -1.14 0.64 8.10
C VAL A 995 -1.39 1.52 6.90
N THR A 996 -1.43 0.94 5.69
CA THR A 996 -1.64 1.76 4.53
C THR A 996 -2.99 2.41 4.64
N GLN A 997 -3.99 1.67 5.15
CA GLN A 997 -5.30 2.23 5.27
C GLN A 997 -5.22 3.40 6.19
N GLN A 998 -4.48 3.24 7.31
CA GLN A 998 -4.35 4.29 8.26
C GLN A 998 -3.58 5.43 7.67
N LEU A 999 -2.52 5.15 6.91
CA LEU A 999 -1.67 6.18 6.42
C LEU A 999 -2.44 7.06 5.50
N ILE A 1000 -3.27 6.47 4.63
CA ILE A 1000 -4.06 7.22 3.70
C ILE A 1000 -5.08 8.01 4.47
N ARG A 1001 -5.73 7.36 5.46
CA ARG A 1001 -6.77 7.97 6.24
C ARG A 1001 -6.18 9.11 7.04
N ALA A 1002 -4.93 8.95 7.50
CA ALA A 1002 -4.26 9.93 8.28
C ALA A 1002 -4.12 11.17 7.46
N ALA A 1003 -3.79 11.01 6.17
CA ALA A 1003 -3.62 12.14 5.30
C ALA A 1003 -4.93 12.86 5.22
N GLU A 1004 -6.04 12.11 5.18
CA GLU A 1004 -7.35 12.69 5.05
C GLU A 1004 -7.57 13.61 6.22
N ILE A 1005 -7.20 13.14 7.43
CA ILE A 1005 -7.36 13.92 8.62
C ILE A 1005 -6.47 15.12 8.53
N ARG A 1006 -5.24 14.93 7.99
CA ARG A 1006 -4.27 15.98 7.94
C ARG A 1006 -4.77 17.15 7.15
N ALA A 1007 -5.32 16.90 5.94
CA ALA A 1007 -5.76 18.00 5.13
C ALA A 1007 -6.86 18.71 5.84
N SER A 1008 -7.73 17.94 6.49
CA SER A 1008 -8.82 18.47 7.25
C SER A 1008 -8.26 19.30 8.36
N ALA A 1009 -7.19 18.80 9.02
CA ALA A 1009 -6.59 19.50 10.12
C ALA A 1009 -6.02 20.79 9.63
N ASN A 1010 -5.31 20.77 8.49
CA ASN A 1010 -4.74 22.00 8.03
C ASN A 1010 -5.85 22.94 7.68
N LEU A 1011 -6.96 22.41 7.13
CA LEU A 1011 -8.10 23.23 6.83
C LEU A 1011 -8.65 23.73 8.14
N ALA A 1012 -8.63 22.89 9.18
CA ALA A 1012 -9.13 23.26 10.47
C ALA A 1012 -8.30 24.38 10.98
N ALA A 1013 -6.97 24.26 10.81
CA ALA A 1013 -6.08 25.27 11.29
C ALA A 1013 -6.38 26.53 10.54
N THR A 1014 -6.60 26.44 9.21
CA THR A 1014 -6.84 27.62 8.45
C THR A 1014 -8.15 28.22 8.84
N LYS A 1015 -9.17 27.38 9.13
CA LYS A 1015 -10.45 27.95 9.47
C LYS A 1015 -10.28 28.77 10.71
N MET A 1016 -9.49 28.29 11.68
CA MET A 1016 -9.23 29.12 12.82
C MET A 1016 -8.39 30.28 12.37
N SER A 1017 -7.36 30.02 11.56
CA SER A 1017 -6.39 31.01 11.21
C SER A 1017 -7.05 32.19 10.54
N GLU A 1018 -7.87 31.93 9.52
CA GLU A 1018 -8.55 32.96 8.78
C GLU A 1018 -9.84 33.45 9.40
N CYS A 1019 -10.71 32.49 9.77
CA CYS A 1019 -12.07 32.76 10.20
C CYS A 1019 -12.21 33.23 11.63
N VAL A 1020 -11.51 32.59 12.58
CA VAL A 1020 -11.61 32.98 13.96
C VAL A 1020 -10.85 34.24 14.24
N LEU A 1021 -9.56 34.17 13.91
CA LEU A 1021 -8.50 35.10 14.13
C LEU A 1021 -8.73 36.32 13.28
N GLY A 1022 -9.61 36.23 12.25
CA GLY A 1022 -9.80 37.40 11.42
C GLY A 1022 -11.14 37.38 10.75
N GLN A 1023 -11.27 38.16 9.65
CA GLN A 1023 -12.50 38.24 8.91
C GLN A 1023 -12.26 37.59 7.57
N SER A 1024 -12.75 36.35 7.39
CA SER A 1024 -12.54 35.63 6.16
C SER A 1024 -13.43 36.21 5.09
N LYS A 1025 -12.79 36.60 3.96
CA LYS A 1025 -13.38 37.14 2.76
C LYS A 1025 -13.93 36.09 1.84
N ARG A 1026 -13.48 34.83 1.97
CA ARG A 1026 -13.80 33.77 1.05
C ARG A 1026 -15.24 33.38 1.18
N VAL A 1027 -15.99 33.47 0.07
CA VAL A 1027 -17.39 33.13 0.10
C VAL A 1027 -17.51 31.65 0.32
N ASP A 1028 -18.46 31.25 1.18
CA ASP A 1028 -18.78 29.90 1.55
C ASP A 1028 -17.60 29.22 2.18
N PHE A 1029 -16.66 29.98 2.79
CA PHE A 1029 -15.63 29.36 3.57
C PHE A 1029 -16.07 29.14 5.01
N CYS A 1030 -16.65 30.21 5.59
CA CYS A 1030 -17.15 30.35 6.94
C CYS A 1030 -18.59 29.94 7.09
N GLY A 1031 -19.16 29.22 6.11
CA GLY A 1031 -20.55 28.88 6.25
C GLY A 1031 -21.27 29.78 5.31
N LYS A 1032 -22.56 29.47 5.04
CA LYS A 1032 -23.25 30.21 4.05
C LYS A 1032 -23.35 31.66 4.41
N GLY A 1033 -22.94 32.54 3.46
CA GLY A 1033 -23.17 33.95 3.60
C GLY A 1033 -21.92 34.73 3.91
N TYR A 1034 -22.10 36.07 3.97
CA TYR A 1034 -21.04 36.98 4.27
C TYR A 1034 -20.68 36.68 5.69
N HIS A 1035 -19.44 36.23 5.92
CA HIS A 1035 -19.01 35.78 7.22
C HIS A 1035 -18.75 36.90 8.18
N LEU A 1036 -19.30 36.80 9.41
CA LEU A 1036 -18.92 37.71 10.47
C LEU A 1036 -17.74 37.28 11.32
N MET A 1037 -17.85 36.09 11.96
CA MET A 1037 -16.88 35.68 12.94
C MET A 1037 -17.22 34.29 13.39
N SER A 1038 -16.31 33.64 14.16
CA SER A 1038 -16.59 32.26 14.54
C SER A 1038 -16.03 31.98 15.90
N PHE A 1039 -16.58 30.93 16.55
CA PHE A 1039 -16.12 30.49 17.84
C PHE A 1039 -15.75 29.04 17.71
N PRO A 1040 -14.56 28.69 18.12
CA PRO A 1040 -14.17 27.30 18.11
C PRO A 1040 -14.68 26.62 19.33
N GLN A 1041 -14.93 25.30 19.26
CA GLN A 1041 -15.35 24.54 20.41
C GLN A 1041 -14.64 23.23 20.30
N SER A 1042 -14.18 22.71 21.45
CA SER A 1042 -13.45 21.48 21.49
C SER A 1042 -14.40 20.35 21.21
N ALA A 1043 -13.84 19.15 20.95
CA ALA A 1043 -14.64 17.97 20.70
C ALA A 1043 -13.69 16.82 20.67
N PRO A 1044 -14.22 15.63 20.72
CA PRO A 1044 -13.33 14.50 20.66
C PRO A 1044 -12.74 14.35 19.31
N HIS A 1045 -11.39 14.31 19.22
CA HIS A 1045 -10.67 14.07 18.01
C HIS A 1045 -11.08 15.03 16.93
N GLY A 1046 -11.64 16.20 17.29
CA GLY A 1046 -12.06 17.09 16.25
C GLY A 1046 -12.43 18.41 16.86
N VAL A 1047 -12.87 19.37 16.01
CA VAL A 1047 -13.26 20.66 16.50
C VAL A 1047 -14.55 21.04 15.86
N VAL A 1048 -15.37 21.85 16.56
CA VAL A 1048 -16.62 22.30 16.03
C VAL A 1048 -16.62 23.80 16.09
N PHE A 1049 -17.00 24.46 14.99
CA PHE A 1049 -17.01 25.90 14.93
C PHE A 1049 -18.43 26.36 14.89
N LEU A 1050 -18.68 27.59 15.39
CA LEU A 1050 -20.01 28.17 15.35
C LEU A 1050 -19.89 29.39 14.49
N HIS A 1051 -20.07 29.24 13.17
CA HIS A 1051 -19.84 30.33 12.28
C HIS A 1051 -21.01 31.27 12.33
N VAL A 1052 -20.79 32.48 12.87
CA VAL A 1052 -21.84 33.45 12.90
C VAL A 1052 -21.82 34.10 11.55
N THR A 1053 -22.80 33.75 10.70
CA THR A 1053 -22.79 34.23 9.35
C THR A 1053 -23.99 35.10 9.11
N TYR A 1054 -23.83 36.06 8.19
CA TYR A 1054 -24.83 37.02 7.79
C TYR A 1054 -25.54 36.51 6.56
N VAL A 1055 -26.89 36.63 6.52
CA VAL A 1055 -27.67 36.27 5.37
C VAL A 1055 -28.79 37.28 5.24
N PRO A 1056 -29.03 37.81 4.06
CA PRO A 1056 -30.11 38.77 3.89
C PRO A 1056 -31.48 38.18 4.01
N ALA A 1057 -32.34 38.73 4.90
CA ALA A 1057 -33.69 38.25 5.07
C ALA A 1057 -34.79 38.77 4.18
N GLN A 1058 -35.01 40.10 4.17
CA GLN A 1058 -36.23 40.59 3.55
C GLN A 1058 -35.85 41.55 2.49
N GLU A 1059 -36.63 41.57 1.38
CA GLU A 1059 -36.22 42.36 0.27
C GLU A 1059 -37.39 43.01 -0.39
N LYS A 1060 -37.11 44.13 -1.09
CA LYS A 1060 -38.07 44.87 -1.87
C LYS A 1060 -37.37 45.26 -3.14
N ASN A 1061 -38.09 45.25 -4.27
CA ASN A 1061 -37.51 45.61 -5.53
C ASN A 1061 -37.54 47.10 -5.65
N PHE A 1062 -36.66 47.66 -6.51
CA PHE A 1062 -36.59 49.07 -6.72
C PHE A 1062 -36.17 49.29 -8.14
N THR A 1063 -36.13 50.57 -8.58
CA THR A 1063 -35.78 50.87 -9.95
C THR A 1063 -34.37 51.39 -9.95
N THR A 1064 -33.55 50.93 -10.93
CA THR A 1064 -32.16 51.30 -10.91
C THR A 1064 -31.69 51.75 -12.26
N ALA A 1065 -30.59 52.53 -12.26
CA ALA A 1065 -29.90 53.02 -13.42
C ALA A 1065 -28.54 53.45 -12.94
N PRO A 1066 -27.52 53.13 -13.69
CA PRO A 1066 -26.14 53.32 -13.30
C PRO A 1066 -25.71 54.76 -13.09
N ALA A 1067 -26.48 55.76 -13.56
CA ALA A 1067 -25.96 57.09 -13.44
C ALA A 1067 -27.10 58.08 -13.42
N ILE A 1068 -26.75 59.36 -13.17
CA ILE A 1068 -27.68 60.45 -13.03
C ILE A 1068 -27.11 61.65 -13.75
N CYS A 1069 -27.99 62.58 -14.22
CA CYS A 1069 -27.53 63.79 -14.85
C CYS A 1069 -28.05 64.99 -14.09
N HIS A 1070 -27.15 65.74 -13.41
CA HIS A 1070 -27.58 67.00 -12.84
C HIS A 1070 -27.54 68.12 -13.85
N ASP A 1071 -26.32 68.34 -14.40
CA ASP A 1071 -25.87 69.34 -15.33
C ASP A 1071 -26.02 68.95 -16.77
N GLY A 1072 -26.32 67.67 -17.05
CA GLY A 1072 -26.18 67.25 -18.41
C GLY A 1072 -24.93 66.44 -18.34
N LYS A 1073 -24.43 66.26 -17.11
CA LYS A 1073 -23.25 65.51 -16.82
C LYS A 1073 -23.63 64.27 -16.04
N ALA A 1074 -22.87 63.18 -16.23
CA ALA A 1074 -23.13 61.91 -15.61
C ALA A 1074 -22.61 61.88 -14.20
N HIS A 1075 -23.24 61.05 -13.34
CA HIS A 1075 -22.80 60.93 -11.96
C HIS A 1075 -22.84 59.49 -11.57
N PHE A 1076 -22.00 59.11 -10.57
CA PHE A 1076 -21.90 57.77 -10.06
C PHE A 1076 -21.75 57.81 -8.57
N PRO A 1077 -22.05 56.70 -7.92
CA PRO A 1077 -21.89 56.65 -6.49
C PRO A 1077 -20.50 56.34 -6.04
N ARG A 1078 -20.02 57.04 -4.99
CA ARG A 1078 -18.75 56.70 -4.42
C ARG A 1078 -18.97 55.36 -3.80
N GLU A 1079 -20.11 55.21 -3.09
CA GLU A 1079 -20.49 53.95 -2.52
C GLU A 1079 -21.99 53.92 -2.49
N GLY A 1080 -22.57 52.72 -2.69
CA GLY A 1080 -23.99 52.59 -2.73
C GLY A 1080 -24.41 52.48 -4.17
N VAL A 1081 -25.70 52.15 -4.41
CA VAL A 1081 -26.27 51.98 -5.71
C VAL A 1081 -27.56 52.74 -5.76
N PHE A 1082 -27.90 53.30 -6.95
CA PHE A 1082 -29.08 54.13 -7.05
C PHE A 1082 -30.32 53.29 -7.08
N VAL A 1083 -31.37 53.81 -6.41
CA VAL A 1083 -32.66 53.21 -6.32
C VAL A 1083 -33.68 54.28 -6.36
N SER A 1084 -34.93 53.95 -6.72
CA SER A 1084 -35.90 55.00 -6.67
C SER A 1084 -37.16 54.45 -6.13
N ASN A 1085 -37.70 55.19 -5.16
CA ASN A 1085 -39.03 55.00 -4.75
C ASN A 1085 -39.63 55.59 -5.97
N GLY A 1086 -40.84 55.22 -6.39
CA GLY A 1086 -41.32 55.64 -7.69
C GLY A 1086 -41.22 57.14 -7.88
N THR A 1087 -41.42 57.93 -6.81
CA THR A 1087 -41.27 59.36 -6.89
C THR A 1087 -39.84 59.88 -6.91
N HIS A 1088 -38.97 59.42 -5.98
CA HIS A 1088 -37.69 60.06 -5.85
C HIS A 1088 -36.55 59.09 -5.99
N TRP A 1089 -35.37 59.58 -6.42
CA TRP A 1089 -34.22 58.73 -6.57
C TRP A 1089 -33.39 58.82 -5.33
N PHE A 1090 -32.81 57.67 -4.92
CA PHE A 1090 -31.99 57.57 -3.76
C PHE A 1090 -30.85 56.67 -4.14
N VAL A 1091 -29.76 56.68 -3.36
CA VAL A 1091 -28.66 55.76 -3.55
C VAL A 1091 -28.56 55.02 -2.27
N THR A 1092 -28.29 53.69 -2.32
CA THR A 1092 -28.27 52.94 -1.09
C THR A 1092 -27.17 51.92 -1.09
N GLN A 1093 -26.78 51.47 0.12
CA GLN A 1093 -25.73 50.48 0.28
C GLN A 1093 -26.15 49.28 -0.50
N ARG A 1094 -25.16 48.45 -0.85
CA ARG A 1094 -25.38 47.32 -1.71
C ARG A 1094 -26.14 46.19 -1.08
N ASN A 1095 -26.17 46.03 0.26
CA ASN A 1095 -26.92 44.88 0.73
C ASN A 1095 -27.99 45.27 1.73
N PHE A 1096 -28.35 46.56 1.85
CA PHE A 1096 -29.39 46.92 2.77
C PHE A 1096 -30.10 48.09 2.18
N TYR A 1097 -31.43 48.19 2.39
CA TYR A 1097 -32.07 49.29 1.76
C TYR A 1097 -32.06 50.44 2.73
N GLU A 1098 -31.04 51.31 2.56
CA GLU A 1098 -30.91 52.52 3.29
C GLU A 1098 -30.67 53.58 2.25
N PRO A 1099 -31.71 54.24 1.85
CA PRO A 1099 -31.63 55.24 0.82
C PRO A 1099 -31.02 56.50 1.35
N GLN A 1100 -30.39 57.31 0.46
CA GLN A 1100 -29.77 58.53 0.88
C GLN A 1100 -30.12 59.57 -0.15
N ILE A 1101 -30.10 60.85 0.26
CA ILE A 1101 -30.35 61.94 -0.64
C ILE A 1101 -29.10 62.12 -1.44
N ILE A 1102 -29.24 62.43 -2.75
CA ILE A 1102 -28.10 62.45 -3.61
C ILE A 1102 -27.45 63.79 -3.56
N THR A 1103 -26.23 63.82 -3.00
CA THR A 1103 -25.45 65.02 -2.89
C THR A 1103 -24.12 64.72 -3.50
N THR A 1104 -23.34 65.79 -3.77
CA THR A 1104 -22.05 65.69 -4.37
C THR A 1104 -21.14 64.95 -3.44
N ASP A 1105 -21.42 65.07 -2.13
CA ASP A 1105 -20.60 64.48 -1.11
C ASP A 1105 -20.56 62.99 -1.30
N ASN A 1106 -21.72 62.36 -1.63
CA ASN A 1106 -21.85 60.95 -1.86
C ASN A 1106 -21.40 60.53 -3.22
N THR A 1107 -21.60 61.38 -4.25
CA THR A 1107 -21.39 60.94 -5.62
C THR A 1107 -20.15 61.54 -6.20
N PHE A 1108 -19.41 60.74 -7.00
CA PHE A 1108 -18.19 61.21 -7.60
C PHE A 1108 -18.44 61.72 -8.97
N VAL A 1109 -17.53 62.58 -9.46
CA VAL A 1109 -17.68 63.30 -10.69
C VAL A 1109 -17.04 62.56 -11.84
N SER A 1110 -17.85 62.20 -12.86
CA SER A 1110 -17.26 61.54 -14.00
C SER A 1110 -18.17 61.65 -15.19
N GLY A 1111 -17.57 61.89 -16.38
CA GLY A 1111 -18.20 61.79 -17.66
C GLY A 1111 -19.35 62.74 -17.86
N ASN A 1112 -20.10 62.46 -18.96
CA ASN A 1112 -21.23 63.18 -19.47
C ASN A 1112 -22.33 62.19 -19.70
N CYS A 1113 -23.57 62.68 -19.94
CA CYS A 1113 -24.78 61.91 -20.12
C CYS A 1113 -24.81 61.13 -21.40
N ASP A 1114 -24.13 61.60 -22.47
CA ASP A 1114 -24.27 60.96 -23.75
C ASP A 1114 -23.75 59.55 -23.76
N VAL A 1115 -22.64 59.27 -23.03
CA VAL A 1115 -21.94 58.02 -23.04
C VAL A 1115 -22.63 56.88 -22.31
N VAL A 1116 -23.17 57.13 -21.10
CA VAL A 1116 -23.66 56.05 -20.28
C VAL A 1116 -24.96 55.52 -20.79
N ILE A 1117 -25.16 54.19 -20.61
CA ILE A 1117 -26.39 53.59 -21.02
C ILE A 1117 -27.24 53.41 -19.79
N GLY A 1118 -28.49 53.92 -19.85
CA GLY A 1118 -29.42 53.75 -18.78
C GLY A 1118 -29.44 54.92 -17.84
N ILE A 1119 -28.58 55.93 -18.06
CA ILE A 1119 -28.56 57.06 -17.17
C ILE A 1119 -29.88 57.76 -17.22
N VAL A 1120 -30.27 58.36 -16.08
CA VAL A 1120 -31.53 59.04 -15.96
C VAL A 1120 -31.27 60.41 -15.41
N ASN A 1121 -32.18 61.35 -15.69
CA ASN A 1121 -32.02 62.68 -15.17
C ASN A 1121 -32.53 62.72 -13.77
N ASN A 1122 -31.81 63.43 -12.88
CA ASN A 1122 -32.33 63.69 -11.56
C ASN A 1122 -31.63 64.88 -10.99
N THR A 1123 -31.84 65.16 -9.69
CA THR A 1123 -31.26 66.34 -9.14
C THR A 1123 -30.37 66.01 -7.99
N VAL A 1124 -29.14 66.54 -8.00
CA VAL A 1124 -28.19 66.33 -6.95
C VAL A 1124 -28.15 67.58 -6.12
N TYR A 1125 -28.08 67.42 -4.79
CA TYR A 1125 -28.11 68.51 -3.85
C TYR A 1125 -26.71 68.97 -3.55
N ASP A 1126 -26.50 70.30 -3.52
CA ASP A 1126 -25.22 70.87 -3.22
C ASP A 1126 -25.31 71.51 -1.87
N PRO A 1127 -24.54 71.00 -0.94
CA PRO A 1127 -24.54 71.55 0.40
C PRO A 1127 -23.96 72.94 0.49
N LEU A 1128 -23.06 73.30 -0.45
CA LEU A 1128 -22.37 74.56 -0.41
C LEU A 1128 -23.28 75.73 -0.66
N GLN A 1129 -24.24 75.60 -1.59
CA GLN A 1129 -25.02 76.71 -2.06
C GLN A 1129 -25.78 77.37 -0.94
N PRO A 1130 -26.44 76.64 -0.08
CA PRO A 1130 -27.20 77.26 0.96
C PRO A 1130 -26.30 78.00 1.89
N GLU A 1131 -25.06 77.54 2.04
CA GLU A 1131 -24.13 78.20 2.90
C GLU A 1131 -23.82 79.53 2.29
N LEU A 1132 -23.65 79.55 0.95
CA LEU A 1132 -23.28 80.74 0.26
C LEU A 1132 -24.39 81.75 0.38
N ASP A 1133 -25.64 81.34 0.13
CA ASP A 1133 -26.73 82.26 0.16
C ASP A 1133 -26.93 82.79 1.54
N SER A 1134 -26.89 81.90 2.55
CA SER A 1134 -27.10 82.36 3.89
C SER A 1134 -25.92 83.24 4.25
N ALA B 14 22.29 -10.21 -55.88
CA ALA B 14 21.54 -8.94 -55.72
C ALA B 14 20.52 -9.07 -54.65
N TYR B 15 20.14 -7.94 -54.04
CA TYR B 15 19.20 -8.01 -52.97
C TYR B 15 18.13 -7.00 -53.24
N THR B 16 16.91 -7.26 -52.71
CA THR B 16 15.84 -6.34 -52.90
C THR B 16 15.28 -6.04 -51.55
N ASN B 17 14.54 -4.95 -51.41
CA ASN B 17 14.04 -4.61 -50.11
C ASN B 17 12.72 -5.26 -49.93
N SER B 18 12.63 -6.16 -48.93
CA SER B 18 11.36 -6.76 -48.62
C SER B 18 10.83 -5.90 -47.53
N PHE B 19 10.06 -4.85 -47.90
CA PHE B 19 9.75 -3.87 -46.90
C PHE B 19 9.00 -4.45 -45.73
N THR B 20 7.68 -4.66 -45.91
CA THR B 20 6.77 -5.11 -44.89
C THR B 20 6.48 -6.60 -44.83
N ARG B 21 6.62 -7.31 -45.96
CA ARG B 21 6.02 -8.61 -46.10
C ARG B 21 6.54 -9.65 -45.15
N GLY B 22 5.78 -10.77 -45.06
CA GLY B 22 6.14 -11.91 -44.26
C GLY B 22 5.32 -12.01 -43.00
N VAL B 23 4.24 -11.22 -42.85
CA VAL B 23 3.46 -11.34 -41.63
C VAL B 23 2.37 -12.35 -41.84
N TYR B 24 2.10 -13.19 -40.81
CA TYR B 24 1.05 -14.17 -40.91
C TYR B 24 0.39 -14.28 -39.58
N TYR B 25 -0.81 -14.92 -39.53
CA TYR B 25 -1.53 -15.04 -38.30
C TYR B 25 -0.75 -15.97 -37.42
N PRO B 26 -0.39 -15.49 -36.26
CA PRO B 26 0.40 -16.26 -35.35
C PRO B 26 -0.29 -17.48 -34.87
N ASP B 27 -1.63 -17.42 -34.71
CA ASP B 27 -2.32 -18.56 -34.19
C ASP B 27 -3.62 -18.72 -34.89
N LYS B 28 -4.32 -19.81 -34.54
CA LYS B 28 -5.62 -20.17 -35.03
C LYS B 28 -6.66 -19.23 -34.48
N VAL B 29 -6.42 -18.68 -33.28
CA VAL B 29 -7.40 -17.91 -32.57
C VAL B 29 -7.79 -16.66 -33.30
N PHE B 30 -9.10 -16.37 -33.28
CA PHE B 30 -9.67 -15.19 -33.89
C PHE B 30 -9.64 -14.09 -32.87
N ARG B 31 -9.34 -12.87 -33.33
CA ARG B 31 -9.34 -11.72 -32.47
C ARG B 31 -9.84 -10.58 -33.31
N SER B 32 -10.47 -9.57 -32.67
CA SER B 32 -10.95 -8.50 -33.49
C SER B 32 -10.75 -7.20 -32.78
N SER B 33 -10.43 -6.15 -33.55
CA SER B 33 -10.30 -4.81 -33.05
C SER B 33 -9.42 -4.78 -31.86
N VAL B 34 -8.27 -5.49 -31.89
CA VAL B 34 -7.41 -5.43 -30.75
C VAL B 34 -6.00 -5.46 -31.23
N LEU B 35 -5.08 -4.84 -30.47
CA LEU B 35 -3.72 -4.91 -30.86
C LEU B 35 -3.07 -5.89 -29.94
N HIS B 36 -2.58 -6.99 -30.52
CA HIS B 36 -2.03 -8.05 -29.73
C HIS B 36 -0.59 -8.19 -30.06
N SER B 37 0.24 -8.55 -29.06
CA SER B 37 1.64 -8.69 -29.31
C SER B 37 1.97 -10.13 -29.13
N THR B 38 2.83 -10.68 -30.02
CA THR B 38 3.20 -12.05 -29.92
C THR B 38 4.63 -12.17 -30.37
N GLN B 39 5.27 -13.32 -30.10
CA GLN B 39 6.63 -13.51 -30.52
C GLN B 39 6.69 -14.79 -31.29
N ASP B 40 7.14 -14.72 -32.56
CA ASP B 40 7.28 -15.88 -33.38
C ASP B 40 8.44 -15.63 -34.30
N LEU B 41 8.68 -16.54 -35.26
CA LEU B 41 9.75 -16.34 -36.18
C LEU B 41 9.17 -15.62 -37.36
N PHE B 42 9.60 -14.37 -37.58
CA PHE B 42 9.05 -13.59 -38.65
C PHE B 42 10.18 -13.03 -39.44
N LEU B 43 9.85 -12.40 -40.59
CA LEU B 43 10.85 -11.78 -41.39
C LEU B 43 10.96 -10.39 -40.87
N PRO B 44 12.16 -10.01 -40.50
CA PRO B 44 12.37 -8.70 -39.95
C PRO B 44 12.08 -7.69 -41.02
N PHE B 45 11.57 -6.51 -40.63
CA PHE B 45 11.22 -5.53 -41.61
C PHE B 45 12.45 -4.97 -42.25
N PHE B 46 12.31 -4.58 -43.53
CA PHE B 46 13.38 -3.97 -44.27
C PHE B 46 14.60 -4.84 -44.24
N SER B 47 14.42 -6.15 -44.43
CA SER B 47 15.54 -7.04 -44.43
C SER B 47 15.86 -7.32 -45.87
N ASN B 48 17.14 -7.67 -46.13
CA ASN B 48 17.52 -7.96 -47.48
C ASN B 48 17.05 -9.34 -47.81
N VAL B 49 16.63 -9.55 -49.07
CA VAL B 49 16.24 -10.86 -49.51
C VAL B 49 17.12 -11.13 -50.67
N THR B 50 17.40 -12.41 -50.94
CA THR B 50 18.25 -12.66 -52.06
C THR B 50 17.37 -12.94 -53.24
N TRP B 51 17.69 -12.25 -54.35
CA TRP B 51 16.90 -12.32 -55.54
C TRP B 51 17.53 -13.36 -56.41
N PHE B 52 16.71 -14.31 -56.91
CA PHE B 52 17.23 -15.33 -57.78
C PHE B 52 16.61 -15.08 -59.11
N HIS B 53 17.29 -15.48 -60.20
CA HIS B 53 16.74 -15.09 -61.47
C HIS B 53 16.77 -16.21 -62.44
N ALA B 54 15.94 -16.05 -63.49
CA ALA B 54 15.90 -16.92 -64.62
C ALA B 54 16.10 -16.01 -65.79
N ILE B 55 16.99 -16.40 -66.72
CA ILE B 55 17.27 -15.60 -67.87
C ILE B 55 17.19 -16.51 -69.06
N HIS B 56 16.66 -15.99 -70.17
CA HIS B 56 16.58 -16.78 -71.36
C HIS B 56 17.90 -16.67 -72.04
N VAL B 57 18.18 -17.58 -73.00
CA VAL B 57 19.43 -17.52 -73.68
C VAL B 57 19.51 -16.17 -74.32
N SER B 58 20.75 -15.63 -74.42
CA SER B 58 20.92 -14.31 -74.94
C SER B 58 21.97 -14.36 -76.00
N GLY B 59 22.45 -13.17 -76.42
CA GLY B 59 23.47 -13.01 -77.41
C GLY B 59 24.72 -13.69 -76.94
N THR B 60 25.86 -13.25 -77.49
CA THR B 60 27.11 -13.88 -77.18
C THR B 60 27.34 -13.79 -75.71
N ASN B 61 27.11 -12.62 -75.10
CA ASN B 61 27.37 -12.55 -73.69
C ASN B 61 26.45 -13.53 -73.03
N GLY B 62 25.14 -13.37 -73.25
CA GLY B 62 24.18 -14.31 -72.74
C GLY B 62 24.06 -14.10 -71.26
N THR B 63 22.96 -13.48 -70.84
CA THR B 63 22.63 -13.22 -69.46
C THR B 63 22.12 -14.47 -68.81
N LYS B 64 21.58 -15.39 -69.63
CA LYS B 64 20.83 -16.56 -69.25
C LYS B 64 21.27 -17.15 -67.93
N ARG B 65 20.29 -17.31 -67.02
CA ARG B 65 20.53 -17.89 -65.74
C ARG B 65 19.37 -18.76 -65.41
N PHE B 66 19.61 -19.87 -64.69
CA PHE B 66 18.52 -20.68 -64.24
C PHE B 66 18.96 -21.02 -62.86
N ASP B 67 18.43 -20.30 -61.84
CA ASP B 67 19.01 -20.47 -60.55
C ASP B 67 18.21 -21.41 -59.71
N ASN B 68 18.72 -22.63 -59.52
CA ASN B 68 18.10 -23.50 -58.56
C ASN B 68 19.17 -24.00 -57.60
N PRO B 69 19.71 -23.16 -56.73
CA PRO B 69 20.69 -23.68 -55.81
C PRO B 69 19.99 -24.18 -54.59
N VAL B 70 20.73 -24.89 -53.71
CA VAL B 70 20.15 -25.29 -52.46
C VAL B 70 20.44 -24.19 -51.49
N LEU B 71 19.44 -23.84 -50.66
CA LEU B 71 19.62 -22.77 -49.73
C LEU B 71 19.36 -23.30 -48.36
N PRO B 72 19.85 -22.58 -47.38
CA PRO B 72 19.67 -22.97 -46.02
C PRO B 72 18.27 -22.77 -45.52
N PHE B 73 17.80 -23.72 -44.69
CA PHE B 73 16.50 -23.75 -44.06
C PHE B 73 16.41 -22.83 -42.88
N ASN B 74 17.56 -22.61 -42.17
CA ASN B 74 17.68 -21.80 -40.98
C ASN B 74 16.46 -21.98 -40.12
N ASP B 75 16.03 -20.90 -39.42
CA ASP B 75 14.87 -20.98 -38.59
C ASP B 75 13.62 -21.16 -39.42
N GLY B 76 13.49 -20.44 -40.55
CA GLY B 76 12.32 -20.57 -41.36
C GLY B 76 12.53 -19.73 -42.58
N VAL B 77 11.85 -20.09 -43.69
CA VAL B 77 12.08 -19.33 -44.88
C VAL B 77 10.82 -18.68 -45.34
N TYR B 78 10.97 -17.44 -45.84
CA TYR B 78 9.91 -16.69 -46.41
C TYR B 78 10.20 -16.71 -47.87
N PHE B 79 9.27 -17.26 -48.66
CA PHE B 79 9.52 -17.41 -50.06
C PHE B 79 8.48 -16.65 -50.80
N ALA B 80 8.90 -15.85 -51.81
CA ALA B 80 7.94 -15.12 -52.57
C ALA B 80 8.39 -15.19 -53.99
N SER B 81 7.43 -15.17 -54.95
CA SER B 81 7.85 -15.22 -56.31
C SER B 81 6.88 -14.48 -57.16
N THR B 82 7.41 -13.91 -58.26
CA THR B 82 6.59 -13.31 -59.27
C THR B 82 6.93 -14.13 -60.47
N GLU B 83 5.93 -14.77 -61.11
CA GLU B 83 6.32 -15.57 -62.22
C GLU B 83 5.64 -15.13 -63.46
N LYS B 84 6.40 -15.02 -64.55
CA LYS B 84 5.84 -14.68 -65.83
C LYS B 84 4.90 -15.80 -66.10
N SER B 85 5.49 -17.01 -65.98
CA SER B 85 4.80 -18.24 -66.14
C SER B 85 5.17 -18.98 -64.91
N ASN B 86 4.40 -20.02 -64.59
CA ASN B 86 4.68 -20.72 -63.37
C ASN B 86 5.78 -21.67 -63.64
N ILE B 87 7.02 -21.15 -63.71
CA ILE B 87 8.16 -21.98 -63.92
C ILE B 87 8.41 -22.77 -62.68
N ILE B 88 8.24 -22.15 -61.49
CA ILE B 88 8.62 -22.80 -60.27
C ILE B 88 7.55 -23.74 -59.81
N ARG B 89 7.82 -25.05 -59.95
CA ARG B 89 6.91 -26.09 -59.54
C ARG B 89 6.87 -26.35 -58.07
N GLY B 90 8.03 -26.35 -57.36
CA GLY B 90 7.91 -26.74 -55.97
C GLY B 90 9.22 -26.59 -55.26
N TRP B 91 9.32 -27.20 -54.04
CA TRP B 91 10.49 -27.07 -53.22
C TRP B 91 10.86 -28.42 -52.69
N ILE B 92 12.07 -28.50 -52.09
CA ILE B 92 12.56 -29.70 -51.46
C ILE B 92 13.05 -29.28 -50.10
N PHE B 93 12.74 -30.08 -49.06
CA PHE B 93 13.22 -29.72 -47.74
C PHE B 93 13.86 -30.93 -47.13
N GLY B 94 14.97 -30.73 -46.38
CA GLY B 94 15.61 -31.84 -45.74
C GLY B 94 17.05 -31.50 -45.50
N THR B 95 17.75 -32.31 -44.69
CA THR B 95 19.15 -32.05 -44.46
C THR B 95 20.02 -32.40 -45.64
N THR B 96 20.04 -33.69 -46.01
CA THR B 96 20.90 -34.22 -47.05
C THR B 96 20.40 -33.94 -48.42
N LEU B 97 19.07 -34.07 -48.63
CA LEU B 97 18.54 -33.97 -49.96
C LEU B 97 19.08 -35.11 -50.75
N ASP B 98 19.44 -36.22 -50.06
CA ASP B 98 19.93 -37.42 -50.67
C ASP B 98 19.21 -38.54 -49.96
N SER B 99 19.18 -39.74 -50.57
CA SER B 99 18.44 -40.84 -50.00
C SER B 99 19.05 -41.26 -48.71
N LYS B 100 18.46 -42.30 -48.12
CA LYS B 100 18.85 -42.82 -46.84
C LYS B 100 18.37 -41.90 -45.78
N THR B 101 17.52 -40.92 -46.17
CA THR B 101 16.90 -40.06 -45.20
C THR B 101 15.63 -39.60 -45.82
N GLN B 102 14.60 -39.32 -44.99
CA GLN B 102 13.36 -38.86 -45.54
C GLN B 102 13.51 -37.42 -45.88
N SER B 103 12.83 -36.97 -46.97
CA SER B 103 12.94 -35.60 -47.37
C SER B 103 11.59 -35.15 -47.84
N LEU B 104 11.23 -33.88 -47.55
CA LEU B 104 9.96 -33.36 -47.97
C LEU B 104 10.06 -33.00 -49.42
N LEU B 105 9.02 -33.32 -50.21
CA LEU B 105 9.05 -33.01 -51.60
C LEU B 105 7.68 -32.49 -51.95
N ILE B 106 7.60 -31.26 -52.49
CA ILE B 106 6.32 -30.75 -52.87
C ILE B 106 6.43 -30.36 -54.31
N VAL B 107 5.59 -30.94 -55.17
CA VAL B 107 5.65 -30.56 -56.54
C VAL B 107 4.27 -30.51 -57.07
N ASN B 108 4.02 -29.54 -57.99
CA ASN B 108 2.71 -29.54 -58.55
C ASN B 108 2.86 -29.89 -59.98
N ASN B 109 2.26 -31.03 -60.36
CA ASN B 109 2.22 -31.33 -61.75
C ASN B 109 1.15 -30.44 -62.24
N ALA B 110 0.87 -30.44 -63.55
CA ALA B 110 -0.13 -29.54 -64.03
C ALA B 110 -1.42 -29.87 -63.35
N THR B 111 -1.71 -31.18 -63.17
CA THR B 111 -2.96 -31.62 -62.61
C THR B 111 -3.15 -31.27 -61.16
N ASN B 112 -2.20 -31.63 -60.26
CA ASN B 112 -2.50 -31.43 -58.85
C ASN B 112 -1.24 -31.21 -58.09
N VAL B 113 -1.37 -31.10 -56.75
CA VAL B 113 -0.21 -30.89 -55.91
C VAL B 113 -0.01 -32.11 -55.09
N VAL B 114 1.23 -32.62 -55.05
CA VAL B 114 1.48 -33.78 -54.25
C VAL B 114 2.58 -33.46 -53.30
N ILE B 115 2.41 -33.90 -52.03
CA ILE B 115 3.42 -33.72 -51.02
C ILE B 115 3.85 -35.10 -50.61
N LYS B 116 5.17 -35.35 -50.57
CA LYS B 116 5.59 -36.70 -50.28
C LYS B 116 6.94 -36.66 -49.60
N VAL B 117 7.05 -37.42 -48.49
CA VAL B 117 8.15 -37.64 -47.56
C VAL B 117 9.21 -38.62 -47.99
N CYS B 118 8.97 -39.46 -49.02
CA CYS B 118 9.82 -40.60 -49.34
C CYS B 118 11.28 -40.29 -49.31
N GLU B 119 12.09 -41.35 -49.14
CA GLU B 119 13.52 -41.23 -49.20
C GLU B 119 13.82 -41.35 -50.66
N PHE B 120 13.69 -40.21 -51.36
CA PHE B 120 13.80 -40.16 -52.78
C PHE B 120 15.23 -40.17 -53.17
N GLN B 121 15.49 -40.63 -54.41
CA GLN B 121 16.82 -40.58 -54.95
C GLN B 121 16.82 -39.30 -55.73
N PHE B 122 17.34 -38.22 -55.13
CA PHE B 122 17.26 -36.96 -55.81
C PHE B 122 18.30 -36.89 -56.88
N CYS B 123 17.97 -36.17 -57.97
CA CYS B 123 18.90 -35.95 -59.04
C CYS B 123 19.83 -34.89 -58.57
N ASN B 124 21.00 -34.77 -59.22
CA ASN B 124 21.92 -33.75 -58.80
C ASN B 124 21.27 -32.43 -59.04
N ASP B 125 20.65 -32.25 -60.22
CA ASP B 125 20.01 -31.00 -60.52
C ASP B 125 18.59 -31.32 -60.89
N PRO B 126 17.74 -31.42 -59.90
CA PRO B 126 16.37 -31.76 -60.15
C PRO B 126 15.58 -30.60 -60.69
N PHE B 127 14.56 -30.89 -61.53
CA PHE B 127 13.70 -29.83 -61.98
C PHE B 127 12.42 -30.45 -62.48
N LEU B 128 11.47 -29.63 -62.93
CA LEU B 128 10.23 -30.15 -63.44
C LEU B 128 9.98 -29.50 -64.76
N GLY B 129 8.77 -29.66 -65.35
CA GLY B 129 8.60 -28.86 -66.52
C GLY B 129 7.33 -29.07 -67.31
N VAL B 130 6.89 -27.97 -67.97
CA VAL B 130 5.92 -27.96 -69.04
C VAL B 130 6.57 -27.48 -70.34
N TYR B 131 6.27 -28.18 -71.48
CA TYR B 131 6.81 -27.96 -72.80
C TYR B 131 5.73 -27.28 -73.58
N TYR B 132 6.12 -26.32 -74.43
CA TYR B 132 5.16 -25.62 -75.21
C TYR B 132 5.28 -26.11 -76.62
N HIS B 133 4.19 -26.69 -77.14
CA HIS B 133 4.16 -27.29 -78.45
C HIS B 133 4.00 -26.23 -79.51
N LYS B 134 4.71 -26.44 -80.65
CA LYS B 134 4.70 -25.56 -81.78
C LYS B 134 3.38 -25.59 -82.51
N ASN B 135 2.84 -26.80 -82.75
CA ASN B 135 1.66 -26.93 -83.56
C ASN B 135 0.48 -26.28 -82.90
N ASN B 136 0.31 -26.48 -81.59
CA ASN B 136 -0.85 -25.93 -80.93
C ASN B 136 -0.39 -25.04 -79.83
N LYS B 137 -1.36 -24.34 -79.21
CA LYS B 137 -1.17 -23.42 -78.13
C LYS B 137 -0.81 -24.09 -76.83
N SER B 138 -1.23 -25.35 -76.63
CA SER B 138 -1.13 -26.03 -75.37
C SER B 138 0.24 -26.00 -74.75
N TRP B 139 0.23 -26.03 -73.40
CA TRP B 139 1.38 -26.03 -72.54
C TRP B 139 1.19 -27.30 -71.76
N MET B 140 2.19 -28.21 -71.76
CA MET B 140 1.95 -29.41 -71.00
C MET B 140 3.14 -29.76 -70.18
N GLU B 141 2.89 -30.24 -68.96
CA GLU B 141 3.98 -30.61 -68.10
C GLU B 141 4.27 -32.05 -68.31
N SER B 142 5.52 -32.39 -68.68
CA SER B 142 5.81 -33.79 -68.78
C SER B 142 7.21 -34.01 -68.36
N GLU B 143 7.81 -33.02 -67.65
CA GLU B 143 9.15 -33.24 -67.22
C GLU B 143 9.11 -33.28 -65.72
N PHE B 144 9.30 -34.48 -65.14
CA PHE B 144 9.28 -34.54 -63.72
C PHE B 144 10.47 -35.35 -63.31
N ARG B 145 11.60 -34.69 -62.97
CA ARG B 145 12.69 -35.49 -62.52
C ARG B 145 13.19 -34.96 -61.22
N VAL B 146 12.41 -35.14 -60.15
CA VAL B 146 12.89 -34.81 -58.83
C VAL B 146 13.79 -35.92 -58.36
N TYR B 147 13.31 -37.17 -58.49
CA TYR B 147 14.04 -38.28 -57.95
C TYR B 147 13.90 -39.49 -58.81
N SER B 148 14.91 -40.38 -58.74
CA SER B 148 14.92 -41.63 -59.44
C SER B 148 13.98 -42.60 -58.77
N SER B 149 14.06 -42.71 -57.43
CA SER B 149 13.28 -43.71 -56.75
C SER B 149 13.01 -43.24 -55.34
N ALA B 150 12.20 -44.02 -54.57
CA ALA B 150 11.92 -43.65 -53.21
C ALA B 150 11.60 -44.89 -52.43
N ASN B 151 11.77 -44.84 -51.09
CA ASN B 151 11.47 -45.99 -50.27
C ASN B 151 11.00 -45.51 -48.92
N ASN B 152 10.32 -46.40 -48.17
CA ASN B 152 9.87 -46.14 -46.83
C ASN B 152 9.22 -44.80 -46.73
N CYS B 153 8.09 -44.60 -47.44
CA CYS B 153 7.42 -43.33 -47.47
C CYS B 153 6.47 -43.25 -46.31
N THR B 154 6.69 -42.26 -45.41
CA THR B 154 5.88 -42.04 -44.25
C THR B 154 4.53 -41.47 -44.57
N PHE B 155 4.46 -40.36 -45.33
CA PHE B 155 3.20 -39.70 -45.52
C PHE B 155 3.12 -39.15 -46.92
N GLU B 156 1.89 -39.09 -47.48
CA GLU B 156 1.77 -38.51 -48.79
C GLU B 156 0.41 -37.88 -48.90
N TYR B 157 0.32 -36.75 -49.64
CA TYR B 157 -0.92 -36.04 -49.78
C TYR B 157 -1.10 -35.66 -51.22
N VAL B 158 -2.37 -35.55 -51.65
CA VAL B 158 -2.65 -35.14 -53.01
C VAL B 158 -3.69 -34.07 -52.94
N SER B 159 -3.55 -33.04 -53.79
CA SER B 159 -4.48 -31.94 -53.81
C SER B 159 -5.47 -32.16 -54.92
N GLN B 160 -6.28 -31.13 -55.21
CA GLN B 160 -7.25 -31.17 -56.26
C GLN B 160 -6.55 -30.72 -57.50
N PRO B 161 -7.26 -30.82 -58.58
CA PRO B 161 -6.72 -30.35 -59.82
C PRO B 161 -6.74 -28.85 -59.84
N PHE B 162 -5.83 -28.23 -60.63
CA PHE B 162 -5.77 -26.81 -60.77
C PHE B 162 -5.12 -26.51 -62.08
N LEU B 163 -5.20 -25.24 -62.54
CA LEU B 163 -4.62 -24.88 -63.80
C LEU B 163 -3.62 -23.80 -63.56
N MET B 164 -2.43 -23.90 -64.20
CA MET B 164 -1.40 -22.92 -64.00
C MET B 164 -0.75 -22.72 -65.34
N ASP B 165 0.31 -21.87 -65.38
CA ASP B 165 0.99 -21.60 -66.63
C ASP B 165 2.07 -22.62 -66.82
N LEU B 166 1.81 -23.59 -67.70
CA LEU B 166 2.72 -24.62 -68.08
C LEU B 166 3.83 -24.15 -68.98
N GLU B 167 3.49 -23.40 -70.04
CA GLU B 167 4.35 -23.00 -71.13
C GLU B 167 5.45 -22.12 -70.67
N GLY B 168 6.49 -22.00 -71.53
CA GLY B 168 7.59 -21.14 -71.21
C GLY B 168 7.27 -19.77 -71.72
N LYS B 169 7.41 -18.79 -70.79
CA LYS B 169 7.23 -17.37 -70.99
C LYS B 169 8.18 -16.74 -70.01
N GLN B 170 8.61 -15.48 -70.24
CA GLN B 170 9.59 -14.97 -69.32
C GLN B 170 9.22 -13.59 -68.88
N GLY B 171 9.31 -13.32 -67.55
CA GLY B 171 9.02 -12.00 -67.04
C GLY B 171 8.42 -12.13 -65.69
N ASN B 172 8.12 -10.99 -65.02
CA ASN B 172 7.44 -11.03 -63.76
C ASN B 172 6.24 -10.15 -63.93
N PHE B 173 5.37 -10.53 -64.89
CA PHE B 173 4.22 -9.77 -65.29
C PHE B 173 3.14 -9.79 -64.27
N LYS B 174 2.84 -10.96 -63.69
CA LYS B 174 1.61 -10.98 -62.95
C LYS B 174 1.74 -11.62 -61.60
N ASN B 175 1.41 -12.92 -61.53
CA ASN B 175 1.24 -13.64 -60.31
C ASN B 175 2.31 -13.36 -59.30
N LEU B 176 1.84 -13.00 -58.10
CA LEU B 176 2.69 -12.76 -56.97
C LEU B 176 2.25 -13.78 -55.98
N ARG B 177 3.18 -14.64 -55.54
CA ARG B 177 2.80 -15.63 -54.58
C ARG B 177 3.78 -15.60 -53.47
N GLU B 178 3.28 -15.62 -52.21
CA GLU B 178 4.17 -15.57 -51.10
C GLU B 178 3.87 -16.74 -50.21
N PHE B 179 4.91 -17.26 -49.53
CA PHE B 179 4.74 -18.39 -48.69
C PHE B 179 5.63 -18.22 -47.50
N VAL B 180 5.28 -18.89 -46.38
CA VAL B 180 6.13 -18.86 -45.23
C VAL B 180 6.29 -20.29 -44.80
N PHE B 181 7.54 -20.75 -44.64
CA PHE B 181 7.72 -22.10 -44.22
C PHE B 181 8.41 -22.04 -42.90
N LYS B 182 7.78 -22.63 -41.86
CA LYS B 182 8.38 -22.64 -40.55
C LYS B 182 8.15 -23.99 -39.98
N ASN B 183 8.87 -24.29 -38.88
CA ASN B 183 8.66 -25.54 -38.21
C ASN B 183 8.24 -25.23 -36.82
N ILE B 184 7.14 -25.85 -36.36
CA ILE B 184 6.69 -25.57 -35.03
C ILE B 184 6.59 -26.88 -34.32
N ASP B 185 7.43 -27.09 -33.29
CA ASP B 185 7.39 -28.33 -32.55
C ASP B 185 7.49 -29.48 -33.51
N GLY B 186 8.38 -29.36 -34.51
CA GLY B 186 8.59 -30.45 -35.41
C GLY B 186 7.56 -30.40 -36.50
N TYR B 187 6.62 -29.45 -36.38
CA TYR B 187 5.58 -29.30 -37.36
C TYR B 187 6.06 -28.52 -38.51
N PHE B 188 5.64 -28.94 -39.72
CA PHE B 188 5.97 -28.20 -40.90
C PHE B 188 4.72 -27.42 -41.20
N LYS B 189 4.84 -26.08 -41.23
CA LYS B 189 3.69 -25.24 -41.45
C LYS B 189 3.82 -24.57 -42.77
N ILE B 190 2.65 -24.28 -43.40
CA ILE B 190 2.63 -23.60 -44.67
C ILE B 190 1.66 -22.47 -44.55
N TYR B 191 2.03 -21.31 -45.11
CA TYR B 191 1.17 -20.15 -45.13
C TYR B 191 1.25 -19.64 -46.54
N SER B 192 0.19 -18.96 -47.03
CA SER B 192 0.29 -18.48 -48.38
C SER B 192 -0.61 -17.30 -48.56
N LYS B 193 -0.32 -16.52 -49.62
CA LYS B 193 -1.12 -15.39 -50.02
C LYS B 193 -0.84 -15.20 -51.47
N HIS B 194 -1.89 -15.15 -52.31
CA HIS B 194 -1.59 -14.96 -53.70
C HIS B 194 -2.37 -13.79 -54.20
N THR B 195 -1.65 -12.79 -54.75
CA THR B 195 -2.29 -11.63 -55.28
C THR B 195 -1.61 -11.33 -56.58
N PRO B 196 -2.37 -11.04 -57.59
CA PRO B 196 -1.74 -10.72 -58.83
C PRO B 196 -1.15 -9.36 -58.79
N ILE B 197 0.08 -9.21 -59.30
CA ILE B 197 0.65 -7.90 -59.41
C ILE B 197 0.85 -7.68 -60.88
N ASN B 198 -0.24 -7.65 -61.65
CA ASN B 198 -0.04 -7.41 -63.06
C ASN B 198 0.43 -6.01 -63.20
N LEU B 199 -0.43 -5.06 -62.77
CA LEU B 199 -0.12 -3.68 -62.78
C LEU B 199 0.87 -3.46 -61.69
N VAL B 200 0.68 -4.20 -60.59
CA VAL B 200 1.48 -4.07 -59.43
C VAL B 200 2.90 -4.33 -59.80
N ARG B 201 3.81 -3.69 -59.03
CA ARG B 201 5.23 -3.74 -59.27
C ARG B 201 5.73 -5.12 -59.01
N ASP B 202 6.85 -5.47 -59.66
CA ASP B 202 7.46 -6.74 -59.38
C ASP B 202 7.91 -6.62 -57.97
N LEU B 203 7.63 -7.66 -57.15
CA LEU B 203 7.81 -7.68 -55.72
C LEU B 203 7.51 -6.31 -55.23
N PRO B 204 6.24 -6.13 -54.98
CA PRO B 204 5.72 -4.84 -54.65
C PRO B 204 5.87 -4.43 -53.24
N GLN B 205 5.68 -3.12 -52.99
CA GLN B 205 5.67 -2.63 -51.65
C GLN B 205 4.23 -2.56 -51.27
N GLY B 206 3.90 -3.11 -50.09
CA GLY B 206 2.54 -3.12 -49.63
C GLY B 206 2.49 -4.15 -48.57
N PHE B 207 1.36 -4.23 -47.84
CA PHE B 207 1.29 -5.18 -46.77
C PHE B 207 0.16 -6.12 -47.03
N SER B 208 0.40 -7.42 -46.75
CA SER B 208 -0.60 -8.44 -46.92
C SER B 208 -0.33 -9.45 -45.85
N ALA B 209 -1.38 -10.18 -45.40
CA ALA B 209 -1.19 -11.14 -44.36
C ALA B 209 -1.34 -12.50 -44.95
N LEU B 210 -0.58 -13.48 -44.40
CA LEU B 210 -0.66 -14.82 -44.90
C LEU B 210 -1.42 -15.64 -43.92
N GLU B 211 -2.20 -16.62 -44.43
CA GLU B 211 -2.98 -17.47 -43.59
C GLU B 211 -2.62 -18.90 -43.86
N PRO B 212 -2.72 -19.73 -42.85
CA PRO B 212 -2.33 -21.11 -42.97
C PRO B 212 -3.20 -22.00 -43.80
N LEU B 213 -2.64 -22.55 -44.90
CA LEU B 213 -3.27 -23.49 -45.79
C LEU B 213 -3.29 -24.88 -45.24
N VAL B 214 -2.09 -25.41 -44.89
CA VAL B 214 -1.98 -26.82 -44.65
C VAL B 214 -1.15 -27.07 -43.44
N ASP B 215 -1.35 -28.25 -42.81
CA ASP B 215 -0.58 -28.69 -41.69
C ASP B 215 0.09 -29.98 -42.09
N LEU B 216 1.42 -30.06 -41.91
CA LEU B 216 2.12 -31.28 -42.21
C LEU B 216 2.79 -31.72 -40.94
N PRO B 217 2.25 -32.78 -40.40
CA PRO B 217 2.71 -33.38 -39.16
C PRO B 217 3.94 -34.21 -39.29
N ILE B 218 4.67 -34.10 -40.41
CA ILE B 218 5.78 -34.98 -40.68
C ILE B 218 6.84 -34.94 -39.63
N GLY B 219 7.28 -33.75 -39.16
CA GLY B 219 8.28 -33.75 -38.12
C GLY B 219 9.63 -34.04 -38.70
N ILE B 220 9.92 -33.52 -39.90
CA ILE B 220 11.20 -33.74 -40.52
C ILE B 220 12.13 -32.67 -40.06
N ASN B 221 13.38 -33.05 -39.72
CA ASN B 221 14.34 -32.05 -39.32
C ASN B 221 14.95 -31.54 -40.59
N ILE B 222 14.70 -30.27 -40.94
CA ILE B 222 15.15 -29.78 -42.22
C ILE B 222 16.15 -28.68 -42.05
N THR B 223 17.41 -28.96 -42.46
CA THR B 223 18.50 -28.02 -42.51
C THR B 223 18.48 -27.16 -43.75
N ARG B 224 18.20 -27.75 -44.94
CA ARG B 224 18.34 -26.99 -46.15
C ARG B 224 17.19 -27.28 -47.06
N PHE B 225 16.95 -26.37 -48.04
CA PHE B 225 15.88 -26.58 -48.98
C PHE B 225 16.33 -26.09 -50.31
N GLN B 226 15.67 -26.55 -51.39
CA GLN B 226 16.02 -26.13 -52.72
C GLN B 226 14.74 -25.89 -53.45
N THR B 227 14.75 -24.97 -54.44
CA THR B 227 13.56 -24.70 -55.19
C THR B 227 13.69 -25.37 -56.50
N LEU B 228 12.57 -25.93 -57.00
CA LEU B 228 12.66 -26.64 -58.23
C LEU B 228 11.97 -25.86 -59.30
N LEU B 229 12.74 -25.46 -60.32
CA LEU B 229 12.22 -24.73 -61.44
C LEU B 229 11.76 -25.75 -62.44
N ALA B 230 10.86 -25.37 -63.38
CA ALA B 230 10.33 -26.38 -64.26
C ALA B 230 9.95 -25.83 -65.61
N LEU B 231 10.25 -26.63 -66.68
CA LEU B 231 9.90 -26.40 -68.06
C LEU B 231 10.13 -27.72 -68.81
N HIS B 232 9.06 -28.31 -69.38
CA HIS B 232 8.87 -29.58 -70.08
C HIS B 232 9.39 -29.49 -71.46
N ARG B 233 9.65 -28.25 -71.90
CA ARG B 233 10.32 -28.16 -73.15
C ARG B 233 11.62 -28.92 -72.96
N SER B 234 12.13 -28.97 -71.71
CA SER B 234 13.38 -29.67 -71.48
C SER B 234 13.17 -30.98 -70.78
N TYR B 235 13.99 -31.98 -71.19
CA TYR B 235 14.03 -33.35 -70.72
C TYR B 235 14.92 -33.41 -69.53
N LEU B 236 14.74 -34.40 -68.63
CA LEU B 236 15.60 -34.33 -67.48
C LEU B 236 16.21 -35.67 -67.19
N THR B 237 17.47 -35.65 -66.74
CA THR B 237 18.15 -36.81 -66.27
C THR B 237 18.85 -36.39 -65.03
N PRO B 238 19.01 -37.28 -64.09
CA PRO B 238 19.78 -36.94 -62.93
C PRO B 238 21.12 -36.65 -63.53
N GLY B 239 21.90 -35.71 -62.97
CA GLY B 239 23.20 -35.45 -63.53
C GLY B 239 23.08 -34.41 -64.61
N ASP B 240 21.89 -33.81 -64.77
CA ASP B 240 21.73 -32.80 -65.76
C ASP B 240 22.29 -31.54 -65.17
N SER B 241 23.33 -30.96 -65.81
CA SER B 241 23.91 -29.80 -65.21
C SER B 241 23.43 -28.58 -65.93
N SER B 242 22.15 -28.22 -65.70
CA SER B 242 21.59 -26.99 -66.20
C SER B 242 21.85 -26.87 -67.66
N SER B 243 21.84 -27.99 -68.40
CA SER B 243 22.09 -27.91 -69.81
C SER B 243 20.75 -27.91 -70.49
N GLY B 244 20.74 -27.82 -71.83
CA GLY B 244 19.50 -27.90 -72.56
C GLY B 244 18.82 -26.57 -72.56
N TRP B 245 17.51 -26.57 -72.87
CA TRP B 245 16.74 -25.36 -72.97
C TRP B 245 16.32 -24.96 -71.59
N THR B 246 16.06 -23.64 -71.39
CA THR B 246 15.67 -23.21 -70.07
C THR B 246 14.33 -22.57 -70.15
N ALA B 247 13.68 -22.46 -68.99
CA ALA B 247 12.36 -21.92 -68.85
C ALA B 247 12.40 -20.44 -69.00
N GLY B 248 11.20 -19.83 -69.03
CA GLY B 248 11.08 -18.42 -69.17
C GLY B 248 11.55 -17.83 -67.88
N ALA B 249 11.77 -16.51 -67.92
CA ALA B 249 12.26 -15.67 -66.88
C ALA B 249 11.32 -15.74 -65.73
N ALA B 250 11.92 -15.86 -64.53
CA ALA B 250 11.13 -15.87 -63.34
C ALA B 250 12.06 -15.47 -62.25
N ALA B 251 11.52 -14.90 -61.16
CA ALA B 251 12.36 -14.51 -60.08
C ALA B 251 11.67 -14.93 -58.84
N TYR B 252 12.46 -15.39 -57.84
CA TYR B 252 11.88 -15.75 -56.58
C TYR B 252 12.78 -15.20 -55.53
N TYR B 253 12.27 -15.01 -54.31
CA TYR B 253 13.07 -14.42 -53.29
C TYR B 253 13.06 -15.32 -52.10
N VAL B 254 14.13 -15.26 -51.29
CA VAL B 254 14.15 -16.01 -50.08
C VAL B 254 14.72 -15.13 -49.00
N GLY B 255 14.16 -15.25 -47.79
CA GLY B 255 14.61 -14.47 -46.67
C GLY B 255 14.62 -15.39 -45.48
N TYR B 256 15.15 -14.90 -44.35
CA TYR B 256 15.28 -15.75 -43.20
C TYR B 256 14.46 -15.18 -42.09
N LEU B 257 13.72 -16.06 -41.37
CA LEU B 257 12.90 -15.65 -40.26
C LEU B 257 13.78 -15.52 -39.05
N GLN B 258 13.37 -14.67 -38.09
CA GLN B 258 14.13 -14.49 -36.88
C GLN B 258 13.16 -14.29 -35.76
N PRO B 259 13.54 -14.68 -34.58
CA PRO B 259 12.64 -14.45 -33.47
C PRO B 259 12.58 -12.99 -33.22
N ARG B 260 11.37 -12.41 -33.28
CA ARG B 260 11.26 -11.00 -33.05
C ARG B 260 9.88 -10.75 -32.57
N THR B 261 9.66 -9.61 -31.89
CA THR B 261 8.33 -9.32 -31.42
C THR B 261 7.65 -8.48 -32.45
N PHE B 262 6.31 -8.61 -32.51
CA PHE B 262 5.53 -7.82 -33.42
C PHE B 262 4.26 -7.45 -32.73
N LEU B 263 3.67 -6.30 -33.14
CA LEU B 263 2.39 -5.92 -32.62
C LEU B 263 1.47 -6.02 -33.79
N LEU B 264 0.46 -6.91 -33.71
CA LEU B 264 -0.37 -7.09 -34.86
C LEU B 264 -1.65 -6.36 -34.65
N LYS B 265 -2.17 -5.77 -35.75
CA LYS B 265 -3.38 -5.02 -35.70
C LYS B 265 -4.45 -5.84 -36.35
N TYR B 266 -5.48 -6.22 -35.58
CA TYR B 266 -6.56 -6.98 -36.14
C TYR B 266 -7.66 -6.01 -36.44
N ASN B 267 -8.21 -6.07 -37.66
CA ASN B 267 -9.29 -5.18 -37.97
C ASN B 267 -10.56 -5.82 -37.49
N GLU B 268 -11.71 -5.22 -37.81
CA GLU B 268 -12.97 -5.71 -37.32
C GLU B 268 -13.16 -7.09 -37.86
N ASN B 269 -12.75 -7.29 -39.12
CA ASN B 269 -12.90 -8.54 -39.81
C ASN B 269 -12.05 -9.57 -39.14
N GLY B 270 -10.92 -9.16 -38.53
CA GLY B 270 -10.02 -10.14 -38.00
C GLY B 270 -8.92 -10.28 -38.99
N THR B 271 -8.86 -9.31 -39.92
CA THR B 271 -7.83 -9.30 -40.92
C THR B 271 -6.71 -8.47 -40.37
N ILE B 272 -5.47 -8.85 -40.72
CA ILE B 272 -4.34 -8.15 -40.19
C ILE B 272 -3.96 -7.09 -41.17
N THR B 273 -4.35 -5.84 -40.85
CA THR B 273 -4.08 -4.67 -41.64
C THR B 273 -2.66 -4.23 -41.58
N ASP B 274 -2.05 -4.18 -40.38
CA ASP B 274 -0.73 -3.62 -40.29
C ASP B 274 0.07 -4.43 -39.31
N ALA B 275 1.33 -3.98 -39.07
CA ALA B 275 2.16 -4.66 -38.11
C ALA B 275 3.32 -3.76 -37.79
N VAL B 276 3.99 -4.00 -36.65
CA VAL B 276 5.14 -3.21 -36.32
C VAL B 276 6.25 -4.16 -35.99
N ASP B 277 7.44 -3.92 -36.58
CA ASP B 277 8.57 -4.75 -36.29
C ASP B 277 9.12 -4.24 -34.98
N CYS B 278 9.10 -4.86 -33.89
CA CYS B 278 9.43 -4.12 -32.70
C CYS B 278 10.86 -3.67 -32.62
N ALA B 279 11.80 -4.55 -32.98
CA ALA B 279 13.24 -4.40 -32.98
C ALA B 279 13.76 -3.50 -34.06
N LEU B 280 12.95 -3.23 -35.10
CA LEU B 280 13.45 -2.58 -36.29
C LEU B 280 14.16 -1.30 -35.94
N ASP B 281 13.55 -0.37 -35.17
CA ASP B 281 14.26 0.84 -34.84
C ASP B 281 13.69 1.40 -33.57
N PRO B 282 14.32 2.41 -33.02
CA PRO B 282 13.88 2.96 -31.77
C PRO B 282 12.48 3.49 -31.86
N LEU B 283 12.06 3.97 -33.03
CA LEU B 283 10.73 4.46 -33.20
C LEU B 283 9.80 3.28 -33.04
N SER B 284 10.17 2.14 -33.64
CA SER B 284 9.34 0.96 -33.65
C SER B 284 9.24 0.40 -32.26
N GLU B 285 10.29 0.56 -31.45
CA GLU B 285 10.28 0.04 -30.11
C GLU B 285 9.23 0.76 -29.31
N THR B 286 9.10 2.08 -29.54
CA THR B 286 8.17 2.90 -28.80
C THR B 286 6.78 2.40 -29.07
N LYS B 287 6.50 2.03 -30.33
CA LYS B 287 5.20 1.58 -30.73
C LYS B 287 4.89 0.33 -29.97
N CYS B 288 5.93 -0.47 -29.69
CA CYS B 288 5.77 -1.73 -29.05
C CYS B 288 5.25 -1.54 -27.64
N THR B 289 5.87 -0.64 -26.85
CA THR B 289 5.52 -0.43 -25.46
C THR B 289 4.14 0.14 -25.31
N LEU B 290 3.83 1.16 -26.14
CA LEU B 290 2.61 1.90 -26.10
C LEU B 290 1.45 1.06 -26.55
N LYS B 291 1.72 0.00 -27.34
CA LYS B 291 0.65 -0.80 -27.88
C LYS B 291 -0.21 0.04 -28.76
N SER B 292 0.42 0.88 -29.59
CA SER B 292 -0.31 1.69 -30.52
C SER B 292 0.54 1.95 -31.72
N PHE B 293 -0.11 2.12 -32.88
CA PHE B 293 0.49 2.44 -34.15
C PHE B 293 0.84 3.90 -34.22
N THR B 294 0.17 4.74 -33.42
CA THR B 294 0.46 6.15 -33.45
C THR B 294 1.07 6.54 -32.14
N VAL B 295 2.08 7.44 -32.17
CA VAL B 295 2.73 7.87 -30.96
C VAL B 295 2.67 9.37 -30.89
N GLU B 296 2.21 9.91 -29.74
CA GLU B 296 2.11 11.33 -29.55
C GLU B 296 3.46 11.84 -29.20
N LYS B 297 3.72 13.15 -29.42
CA LYS B 297 5.04 13.63 -29.17
C LYS B 297 5.32 13.58 -27.70
N GLY B 298 6.57 13.20 -27.36
CA GLY B 298 6.96 13.15 -25.97
C GLY B 298 8.16 12.26 -25.86
N ILE B 299 8.52 11.93 -24.60
CA ILE B 299 9.64 11.08 -24.31
C ILE B 299 9.08 9.84 -23.69
N TYR B 300 9.47 8.66 -24.21
CA TYR B 300 8.91 7.44 -23.70
C TYR B 300 10.02 6.49 -23.34
N GLN B 301 9.85 5.74 -22.23
CA GLN B 301 10.87 4.79 -21.87
C GLN B 301 10.51 3.47 -22.45
N THR B 302 11.24 3.10 -23.51
CA THR B 302 11.05 1.89 -24.27
C THR B 302 11.69 0.66 -23.68
N SER B 303 12.95 0.75 -23.22
CA SER B 303 13.63 -0.45 -22.82
C SER B 303 14.70 -0.11 -21.83
N ASN B 304 15.62 -1.07 -21.59
CA ASN B 304 16.67 -0.85 -20.62
C ASN B 304 17.98 -1.12 -21.30
N PHE B 305 19.00 -0.29 -20.98
CA PHE B 305 20.32 -0.39 -21.55
C PHE B 305 21.17 -1.16 -20.58
N ARG B 306 21.93 -2.15 -21.09
CA ARG B 306 22.73 -2.93 -20.19
C ARG B 306 23.97 -3.40 -20.89
N VAL B 307 25.14 -3.23 -20.25
CA VAL B 307 26.35 -3.70 -20.86
C VAL B 307 26.49 -5.15 -20.51
N GLN B 308 26.81 -5.99 -21.49
CA GLN B 308 26.94 -7.39 -21.23
C GLN B 308 28.34 -7.66 -20.79
N PRO B 309 28.53 -8.68 -19.99
CA PRO B 309 29.86 -9.01 -19.55
C PRO B 309 30.69 -9.60 -20.64
N THR B 310 31.99 -9.22 -20.70
CA THR B 310 32.92 -9.68 -21.68
C THR B 310 33.42 -11.09 -21.43
N GLU B 311 33.78 -11.42 -20.17
CA GLU B 311 34.39 -12.72 -19.96
C GLU B 311 34.09 -13.20 -18.58
N SER B 312 34.38 -14.49 -18.31
CA SER B 312 34.10 -15.03 -17.01
C SER B 312 35.41 -15.28 -16.32
N ILE B 313 35.47 -14.92 -15.01
CA ILE B 313 36.67 -15.11 -14.25
C ILE B 313 36.32 -15.97 -13.06
N VAL B 314 37.08 -17.07 -12.89
CA VAL B 314 36.88 -17.94 -11.76
C VAL B 314 38.14 -17.88 -10.97
N ARG B 315 38.04 -17.78 -9.63
CA ARG B 315 39.25 -17.64 -8.88
C ARG B 315 39.16 -18.35 -7.57
N PHE B 316 40.32 -18.84 -7.09
CA PHE B 316 40.46 -19.46 -5.82
C PHE B 316 41.82 -19.03 -5.35
N PRO B 317 42.13 -19.19 -4.08
CA PRO B 317 43.33 -18.62 -3.53
C PRO B 317 44.61 -19.24 -3.98
N ASN B 318 45.75 -18.63 -3.59
CA ASN B 318 47.04 -19.09 -3.99
C ASN B 318 47.17 -20.55 -3.63
N ILE B 319 47.90 -21.25 -4.51
CA ILE B 319 48.15 -22.66 -4.60
C ILE B 319 48.97 -23.20 -3.45
N THR B 320 49.84 -22.37 -2.84
CA THR B 320 50.76 -22.86 -1.85
C THR B 320 50.07 -23.66 -0.78
N ASN B 321 50.87 -24.28 0.11
CA ASN B 321 50.40 -25.13 1.16
C ASN B 321 49.64 -26.29 0.59
N LEU B 322 50.30 -27.05 -0.31
CA LEU B 322 49.72 -28.21 -0.94
C LEU B 322 49.91 -29.36 0.01
N CYS B 323 48.98 -30.34 -0.01
CA CYS B 323 49.03 -31.49 0.86
C CYS B 323 50.13 -32.38 0.37
N PRO B 324 50.88 -33.06 1.21
CA PRO B 324 51.89 -33.93 0.67
C PRO B 324 51.37 -35.20 0.06
N PHE B 325 51.01 -35.17 -1.23
CA PHE B 325 50.59 -36.35 -1.94
C PHE B 325 51.80 -37.17 -2.24
N GLY B 326 52.93 -36.47 -2.49
CA GLY B 326 54.14 -37.09 -2.94
C GLY B 326 54.59 -38.09 -1.92
N GLU B 327 54.37 -37.79 -0.64
CA GLU B 327 54.80 -38.69 0.40
C GLU B 327 54.03 -39.97 0.30
N VAL B 328 52.73 -39.92 -0.05
CA VAL B 328 51.94 -41.12 -0.16
C VAL B 328 52.18 -41.93 -1.41
N PHE B 329 52.04 -41.30 -2.59
CA PHE B 329 52.15 -41.96 -3.87
C PHE B 329 53.57 -42.31 -4.20
N ASN B 330 54.49 -41.34 -4.06
CA ASN B 330 55.85 -41.58 -4.45
C ASN B 330 56.59 -41.99 -3.21
N ALA B 331 55.96 -42.84 -2.39
CA ALA B 331 56.58 -43.24 -1.16
C ALA B 331 57.56 -44.33 -1.44
N THR B 332 58.66 -44.35 -0.67
CA THR B 332 59.69 -45.34 -0.81
C THR B 332 59.21 -46.69 -0.37
N ARG B 333 58.50 -46.75 0.79
CA ARG B 333 58.08 -48.02 1.32
C ARG B 333 56.59 -48.03 1.49
N PHE B 334 56.00 -49.25 1.49
CA PHE B 334 54.57 -49.42 1.55
C PHE B 334 54.28 -50.26 2.76
N ALA B 335 53.09 -50.09 3.37
CA ALA B 335 52.68 -50.89 4.50
C ALA B 335 51.95 -52.10 4.01
N SER B 336 51.73 -53.07 4.93
CA SER B 336 51.01 -54.28 4.62
C SER B 336 49.55 -53.99 4.66
N VAL B 337 48.76 -54.91 4.09
CA VAL B 337 47.34 -54.75 3.96
C VAL B 337 46.68 -54.76 5.32
N TYR B 338 47.10 -55.68 6.20
CA TYR B 338 46.42 -55.82 7.46
C TYR B 338 46.63 -54.59 8.30
N ALA B 339 47.88 -54.09 8.37
CA ALA B 339 48.10 -52.85 9.05
C ALA B 339 48.60 -51.91 8.01
N TRP B 340 47.72 -51.00 7.56
CA TRP B 340 48.08 -50.11 6.50
C TRP B 340 48.40 -48.76 7.09
N ASN B 341 49.17 -47.95 6.34
CA ASN B 341 49.52 -46.64 6.80
C ASN B 341 48.37 -45.73 6.55
N ARG B 342 48.05 -44.88 7.55
CA ARG B 342 46.97 -43.96 7.41
C ARG B 342 47.51 -42.61 7.69
N LYS B 343 47.60 -41.76 6.65
CA LYS B 343 48.10 -40.44 6.85
C LYS B 343 46.94 -39.53 6.60
N ARG B 344 46.64 -38.67 7.60
CA ARG B 344 45.54 -37.76 7.48
C ARG B 344 46.00 -36.56 6.74
N ILE B 345 45.17 -36.07 5.79
CA ILE B 345 45.56 -34.88 5.09
C ILE B 345 44.56 -33.82 5.42
N SER B 346 45.07 -32.65 5.85
CA SER B 346 44.23 -31.58 6.29
C SER B 346 45.02 -30.31 6.19
N ASN B 347 44.30 -29.17 6.30
CA ASN B 347 44.91 -27.86 6.27
C ASN B 347 45.77 -27.69 5.06
N CYS B 348 45.19 -27.83 3.85
CA CYS B 348 45.95 -27.64 2.65
C CYS B 348 45.00 -27.45 1.51
N VAL B 349 45.55 -27.19 0.30
CA VAL B 349 44.76 -27.18 -0.89
C VAL B 349 45.19 -28.42 -1.61
N ALA B 350 44.33 -29.46 -1.62
CA ALA B 350 44.75 -30.72 -2.17
C ALA B 350 44.50 -30.73 -3.64
N ASP B 351 45.60 -30.90 -4.43
CA ASP B 351 45.47 -30.91 -5.86
C ASP B 351 45.45 -32.32 -6.34
N TYR B 352 44.24 -32.79 -6.69
CA TYR B 352 43.87 -34.09 -7.21
C TYR B 352 44.24 -34.23 -8.65
N SER B 353 44.33 -33.11 -9.39
CA SER B 353 44.47 -33.17 -10.81
C SER B 353 45.63 -34.04 -11.20
N VAL B 354 46.76 -33.94 -10.48
CA VAL B 354 47.90 -34.71 -10.87
C VAL B 354 47.57 -36.16 -10.81
N LEU B 355 46.90 -36.62 -9.73
CA LEU B 355 46.64 -38.03 -9.67
C LEU B 355 45.71 -38.48 -10.75
N TYR B 356 44.67 -37.68 -11.08
CA TYR B 356 43.74 -38.12 -12.09
C TYR B 356 44.41 -38.20 -13.44
N ASN B 357 45.17 -37.14 -13.80
CA ASN B 357 45.77 -37.05 -15.10
C ASN B 357 46.86 -38.05 -15.32
N SER B 358 47.63 -38.39 -14.27
CA SER B 358 48.80 -39.21 -14.44
C SER B 358 48.44 -40.58 -14.94
N ALA B 359 49.27 -41.04 -15.91
CA ALA B 359 49.27 -42.32 -16.58
C ALA B 359 49.74 -43.43 -15.69
N SER B 360 50.61 -43.10 -14.71
CA SER B 360 51.31 -44.07 -13.92
C SER B 360 50.37 -45.02 -13.22
N PHE B 361 49.14 -44.60 -12.89
CA PHE B 361 48.28 -45.52 -12.18
C PHE B 361 47.49 -46.33 -13.16
N SER B 362 47.31 -47.63 -12.83
CA SER B 362 46.55 -48.54 -13.65
C SER B 362 45.10 -48.15 -13.61
N THR B 363 44.58 -47.82 -12.41
CA THR B 363 43.18 -47.47 -12.33
C THR B 363 43.02 -46.36 -11.34
N PHE B 364 41.94 -45.56 -11.51
CA PHE B 364 41.63 -44.51 -10.59
C PHE B 364 40.13 -44.47 -10.53
N LYS B 365 39.53 -44.91 -9.41
CA LYS B 365 38.10 -44.97 -9.37
C LYS B 365 37.60 -44.23 -8.16
N CYS B 366 36.56 -43.37 -8.35
CA CYS B 366 36.01 -42.65 -7.24
C CYS B 366 34.53 -42.96 -7.20
N TYR B 367 34.06 -43.53 -6.07
CA TYR B 367 32.68 -43.89 -5.88
C TYR B 367 31.73 -42.76 -5.61
N GLY B 368 31.98 -42.01 -4.52
CA GLY B 368 31.08 -41.00 -4.00
C GLY B 368 30.98 -39.77 -4.84
N VAL B 369 32.12 -39.29 -5.39
CA VAL B 369 32.08 -38.04 -6.08
C VAL B 369 32.75 -38.21 -7.40
N SER B 370 32.51 -37.26 -8.33
CA SER B 370 33.12 -37.35 -9.63
C SER B 370 34.58 -37.12 -9.44
N PRO B 371 35.38 -37.90 -10.14
CA PRO B 371 36.81 -37.78 -10.03
C PRO B 371 37.27 -36.46 -10.57
N THR B 372 36.48 -35.86 -11.48
CA THR B 372 36.75 -34.59 -12.07
C THR B 372 36.47 -33.49 -11.09
N LYS B 373 35.51 -33.74 -10.17
CA LYS B 373 34.98 -32.85 -9.18
C LYS B 373 35.91 -32.54 -8.04
N LEU B 374 36.95 -33.35 -7.81
CA LEU B 374 37.78 -33.20 -6.64
C LEU B 374 38.39 -31.83 -6.58
N ASN B 375 38.77 -31.24 -7.73
CA ASN B 375 39.39 -29.94 -7.71
C ASN B 375 38.45 -28.93 -7.11
N ASP B 376 37.14 -29.04 -7.39
CA ASP B 376 36.16 -28.16 -6.81
C ASP B 376 35.74 -28.53 -5.41
N LEU B 377 35.60 -29.85 -5.12
CA LEU B 377 35.04 -30.30 -3.86
C LEU B 377 36.02 -30.14 -2.74
N CYS B 378 35.48 -30.00 -1.51
CA CYS B 378 36.32 -29.86 -0.35
C CYS B 378 35.78 -30.76 0.73
N PHE B 379 36.69 -31.40 1.51
CA PHE B 379 36.24 -32.29 2.55
C PHE B 379 36.83 -31.87 3.85
N THR B 380 36.10 -32.17 4.94
CA THR B 380 36.52 -31.79 6.26
C THR B 380 37.78 -32.50 6.62
N ASN B 381 37.86 -33.82 6.33
CA ASN B 381 39.06 -34.53 6.68
C ASN B 381 39.30 -35.55 5.62
N VAL B 382 40.59 -35.78 5.29
CA VAL B 382 40.89 -36.78 4.31
C VAL B 382 41.89 -37.74 4.90
N TYR B 383 41.64 -39.05 4.73
CA TYR B 383 42.54 -40.06 5.22
C TYR B 383 43.04 -40.83 4.04
N ALA B 384 44.36 -41.10 4.02
CA ALA B 384 44.91 -41.87 2.93
C ALA B 384 45.35 -43.17 3.51
N ASP B 385 44.81 -44.28 2.97
CA ASP B 385 45.19 -45.57 3.44
C ASP B 385 45.99 -46.21 2.36
N SER B 386 47.32 -46.36 2.57
CA SER B 386 48.13 -46.94 1.55
C SER B 386 48.59 -48.29 2.01
N PHE B 387 48.43 -49.31 1.15
CA PHE B 387 48.86 -50.64 1.47
C PHE B 387 49.18 -51.36 0.20
N VAL B 388 49.94 -52.47 0.29
CA VAL B 388 50.31 -53.23 -0.86
C VAL B 388 49.56 -54.53 -0.81
N ILE B 389 48.86 -54.88 -1.92
CA ILE B 389 48.07 -56.07 -1.94
C ILE B 389 48.25 -56.68 -3.30
N ARG B 390 47.77 -57.93 -3.49
CA ARG B 390 47.88 -58.64 -4.73
C ARG B 390 46.99 -57.99 -5.75
N GLY B 391 47.33 -58.17 -7.04
CA GLY B 391 46.64 -57.57 -8.15
C GLY B 391 45.23 -58.07 -8.27
N ASP B 392 45.00 -59.39 -8.09
CA ASP B 392 43.69 -59.96 -8.27
C ASP B 392 42.73 -59.36 -7.29
N GLU B 393 43.22 -59.12 -6.06
CA GLU B 393 42.52 -58.57 -4.94
C GLU B 393 42.24 -57.09 -5.05
N VAL B 394 42.84 -56.38 -6.02
CA VAL B 394 42.70 -54.95 -6.12
C VAL B 394 41.25 -54.53 -6.20
N ARG B 395 40.40 -55.34 -6.86
CA ARG B 395 39.01 -55.03 -7.04
C ARG B 395 38.31 -54.91 -5.72
N GLN B 396 38.80 -55.63 -4.69
CA GLN B 396 38.18 -55.72 -3.39
C GLN B 396 38.15 -54.38 -2.72
N ILE B 397 39.06 -53.45 -3.08
CA ILE B 397 39.07 -52.17 -2.43
C ILE B 397 38.01 -51.32 -3.06
N ALA B 398 36.77 -51.46 -2.53
CA ALA B 398 35.63 -50.73 -2.99
C ALA B 398 34.57 -50.95 -1.97
N PRO B 399 33.57 -50.11 -1.95
CA PRO B 399 32.51 -50.26 -1.00
C PRO B 399 31.63 -51.42 -1.35
N GLY B 400 31.07 -52.12 -0.34
CA GLY B 400 30.15 -53.19 -0.57
C GLY B 400 30.85 -54.38 -1.16
N GLN B 401 32.09 -54.68 -0.70
CA GLN B 401 32.78 -55.81 -1.26
C GLN B 401 33.11 -56.77 -0.15
N THR B 402 33.40 -58.04 -0.52
CA THR B 402 33.76 -59.05 0.43
C THR B 402 34.99 -59.76 -0.08
N GLY B 403 35.75 -60.41 0.82
CA GLY B 403 36.92 -61.11 0.40
C GLY B 403 37.88 -61.14 1.55
N LYS B 404 39.14 -61.56 1.26
CA LYS B 404 40.15 -61.67 2.25
C LYS B 404 40.45 -60.29 2.80
N ILE B 405 40.68 -59.30 1.92
CA ILE B 405 40.94 -57.98 2.41
C ILE B 405 39.71 -57.31 2.92
N ALA B 406 38.59 -57.41 2.19
CA ALA B 406 37.45 -56.62 2.56
C ALA B 406 36.95 -56.98 3.93
N ASP B 407 36.86 -58.30 4.24
CA ASP B 407 36.37 -58.71 5.53
C ASP B 407 37.37 -58.59 6.64
N TYR B 408 38.52 -59.30 6.50
CA TYR B 408 39.48 -59.32 7.55
C TYR B 408 40.50 -58.22 7.55
N ASN B 409 41.00 -57.85 6.35
CA ASN B 409 42.08 -56.92 6.18
C ASN B 409 41.77 -55.46 6.35
N TYR B 410 41.06 -54.92 5.33
CA TYR B 410 40.72 -53.54 5.19
C TYR B 410 39.29 -53.51 4.72
N LYS B 411 38.38 -52.99 5.57
CA LYS B 411 37.00 -52.99 5.19
C LYS B 411 36.60 -51.58 4.88
N LEU B 412 35.66 -51.43 3.92
CA LEU B 412 35.19 -50.14 3.51
C LEU B 412 33.74 -50.01 3.87
N PRO B 413 33.31 -48.81 4.14
CA PRO B 413 31.93 -48.59 4.47
C PRO B 413 31.10 -48.76 3.23
N ASP B 414 29.82 -49.15 3.39
CA ASP B 414 28.96 -49.33 2.25
C ASP B 414 28.77 -48.00 1.56
N ASP B 415 28.60 -46.95 2.38
CA ASP B 415 28.38 -45.58 2.01
C ASP B 415 29.61 -44.89 1.52
N PHE B 416 30.79 -45.50 1.74
CA PHE B 416 32.10 -44.94 1.53
C PHE B 416 32.18 -43.93 0.43
N THR B 417 32.71 -42.73 0.79
CA THR B 417 32.95 -41.67 -0.14
C THR B 417 34.42 -41.45 -0.17
N GLY B 418 35.02 -41.62 -1.37
CA GLY B 418 36.44 -41.45 -1.48
C GLY B 418 36.86 -42.06 -2.77
N CYS B 419 38.18 -42.00 -3.07
CA CYS B 419 38.61 -42.50 -4.32
C CYS B 419 39.71 -43.50 -4.08
N VAL B 420 39.78 -44.55 -4.93
CA VAL B 420 40.80 -45.54 -4.79
C VAL B 420 41.71 -45.44 -5.97
N ILE B 421 43.02 -45.27 -5.72
CA ILE B 421 43.99 -45.18 -6.77
C ILE B 421 44.99 -46.27 -6.54
N ALA B 422 45.31 -47.04 -7.61
CA ALA B 422 46.24 -48.12 -7.44
C ALA B 422 47.15 -48.20 -8.64
N TRP B 423 48.35 -48.78 -8.45
CA TRP B 423 49.25 -49.00 -9.54
C TRP B 423 50.14 -50.16 -9.21
N ASN B 424 50.80 -50.72 -10.23
CA ASN B 424 51.63 -51.89 -10.05
C ASN B 424 52.97 -51.50 -9.52
N SER B 425 53.59 -52.40 -8.71
CA SER B 425 54.91 -52.14 -8.21
C SER B 425 55.68 -53.42 -8.31
N ASN B 426 55.64 -54.07 -9.49
CA ASN B 426 56.34 -55.30 -9.71
C ASN B 426 57.81 -54.99 -9.64
N ASN B 427 58.20 -53.83 -10.18
CA ASN B 427 59.57 -53.42 -10.23
C ASN B 427 60.09 -53.13 -8.85
N LEU B 428 59.30 -52.40 -8.04
CA LEU B 428 59.74 -52.02 -6.71
C LEU B 428 59.64 -53.07 -5.65
N ASP B 429 58.42 -53.63 -5.45
CA ASP B 429 58.10 -54.53 -4.37
C ASP B 429 58.64 -55.92 -4.55
N SER B 430 58.52 -56.46 -5.77
CA SER B 430 58.83 -57.85 -6.04
C SER B 430 60.28 -58.12 -5.75
N LYS B 431 60.55 -59.36 -5.31
CA LYS B 431 61.88 -59.83 -5.07
C LYS B 431 61.97 -61.17 -5.74
N VAL B 432 63.16 -61.52 -6.27
CA VAL B 432 63.31 -62.79 -6.94
C VAL B 432 63.06 -63.87 -5.94
N GLY B 433 63.61 -63.69 -4.73
CA GLY B 433 63.48 -64.62 -3.64
C GLY B 433 62.05 -64.67 -3.22
N GLY B 434 61.34 -63.52 -3.33
CA GLY B 434 59.97 -63.42 -2.93
C GLY B 434 59.91 -62.39 -1.84
N ASN B 435 58.91 -61.48 -1.92
CA ASN B 435 58.80 -60.46 -0.92
C ASN B 435 57.68 -60.81 0.01
N TYR B 436 58.07 -61.38 1.15
CA TYR B 436 57.34 -61.88 2.28
C TYR B 436 56.77 -60.78 3.14
N ASN B 437 57.36 -59.58 3.08
CA ASN B 437 57.11 -58.49 3.98
C ASN B 437 55.64 -58.17 4.12
N TYR B 438 54.81 -58.47 3.10
CA TYR B 438 53.42 -58.09 3.15
C TYR B 438 52.56 -59.23 3.66
N LEU B 439 51.73 -58.95 4.68
CA LEU B 439 50.89 -59.94 5.32
C LEU B 439 49.44 -59.53 5.30
N TYR B 440 48.53 -60.53 5.37
CA TYR B 440 47.11 -60.37 5.42
C TYR B 440 46.58 -61.34 6.45
N ARG B 441 45.31 -61.23 6.89
CA ARG B 441 44.95 -62.05 8.00
C ARG B 441 43.97 -63.13 7.67
N LEU B 442 44.34 -64.37 8.09
CA LEU B 442 43.59 -65.59 7.98
C LEU B 442 42.50 -65.75 9.01
N PHE B 443 42.75 -65.41 10.30
CA PHE B 443 41.78 -65.73 11.32
C PHE B 443 41.48 -64.53 12.16
N ARG B 444 40.25 -64.47 12.71
CA ARG B 444 39.93 -63.42 13.63
C ARG B 444 38.70 -63.83 14.38
N LYS B 445 38.44 -63.20 15.54
CA LYS B 445 37.32 -63.53 16.36
C LYS B 445 36.06 -63.21 15.62
N SER B 446 36.03 -62.04 14.94
CA SER B 446 34.85 -61.67 14.21
C SER B 446 35.27 -60.90 13.01
N ASN B 447 34.29 -60.49 12.17
CA ASN B 447 34.59 -59.75 10.98
C ASN B 447 34.99 -58.37 11.38
N LEU B 448 35.84 -57.74 10.53
CA LEU B 448 36.42 -56.45 10.74
C LEU B 448 35.48 -55.37 10.28
N LYS B 449 35.40 -54.26 11.04
CA LYS B 449 34.55 -53.13 10.72
C LYS B 449 35.30 -52.27 9.75
N PRO B 450 34.63 -51.30 9.17
CA PRO B 450 35.30 -50.49 8.19
C PRO B 450 36.42 -49.70 8.77
N PHE B 451 37.57 -49.66 8.05
CA PHE B 451 38.73 -48.91 8.42
C PHE B 451 39.28 -49.39 9.72
N GLU B 452 38.96 -50.63 10.12
CA GLU B 452 39.53 -51.08 11.36
C GLU B 452 40.75 -51.85 10.99
N ARG B 453 41.90 -51.58 11.64
CA ARG B 453 43.07 -52.33 11.28
C ARG B 453 43.56 -53.05 12.49
N ASP B 454 44.12 -54.26 12.27
CA ASP B 454 44.60 -55.03 13.38
C ASP B 454 46.01 -55.46 13.10
N ILE B 455 46.98 -54.82 13.77
CA ILE B 455 48.39 -55.04 13.74
C ILE B 455 48.83 -56.26 14.52
N SER B 456 48.07 -56.65 15.55
CA SER B 456 48.46 -57.64 16.53
C SER B 456 49.09 -58.88 15.95
N THR B 457 50.24 -59.24 16.55
CA THR B 457 51.13 -60.36 16.32
C THR B 457 50.71 -61.62 17.02
N GLU B 458 49.86 -61.55 18.08
CA GLU B 458 49.59 -62.69 18.91
C GLU B 458 49.09 -63.88 18.14
N ILE B 459 49.41 -65.10 18.66
CA ILE B 459 49.04 -66.34 18.03
C ILE B 459 47.57 -66.52 18.24
N TYR B 460 46.85 -66.86 17.15
CA TYR B 460 45.43 -67.03 17.21
C TYR B 460 45.15 -68.45 17.62
N GLN B 461 44.25 -68.63 18.60
CA GLN B 461 43.94 -69.94 19.08
C GLN B 461 42.68 -70.39 18.42
N ALA B 462 42.82 -71.24 17.39
CA ALA B 462 41.70 -71.78 16.67
C ALA B 462 40.97 -72.76 17.54
N GLY B 463 41.71 -73.64 18.25
CA GLY B 463 41.11 -74.71 19.00
C GLY B 463 41.05 -74.39 20.46
N SER B 464 40.85 -75.46 21.26
CA SER B 464 40.76 -75.43 22.70
C SER B 464 42.10 -75.34 23.35
N THR B 465 43.14 -75.93 22.74
CA THR B 465 44.43 -75.99 23.40
C THR B 465 44.97 -74.61 23.57
N PRO B 466 45.52 -74.36 24.73
CA PRO B 466 46.11 -73.07 24.99
C PRO B 466 47.36 -72.92 24.18
N CYS B 467 47.45 -71.83 23.40
CA CYS B 467 48.58 -71.56 22.56
C CYS B 467 49.77 -71.14 23.38
N ASN B 468 49.55 -70.31 24.41
CA ASN B 468 50.60 -69.83 25.26
C ASN B 468 51.60 -69.06 24.46
N GLY B 469 51.16 -68.42 23.36
CA GLY B 469 52.04 -67.57 22.61
C GLY B 469 52.76 -68.30 21.52
N VAL B 470 52.53 -69.62 21.34
CA VAL B 470 53.27 -70.30 20.31
C VAL B 470 52.34 -71.06 19.43
N GLU B 471 52.82 -71.41 18.21
CA GLU B 471 52.04 -72.16 17.27
C GLU B 471 52.10 -73.60 17.67
N GLY B 472 51.08 -74.38 17.26
CA GLY B 472 51.00 -75.78 17.60
C GLY B 472 49.72 -76.28 17.02
N PHE B 473 49.18 -77.39 17.56
CA PHE B 473 47.96 -77.86 17.00
C PHE B 473 46.89 -76.85 17.31
N ASN B 474 46.16 -76.45 16.26
CA ASN B 474 45.08 -75.52 16.37
C ASN B 474 45.55 -74.17 16.85
N CYS B 475 46.83 -73.82 16.60
CA CYS B 475 47.32 -72.51 16.95
C CYS B 475 48.11 -72.01 15.78
N TYR B 476 47.78 -70.82 15.25
CA TYR B 476 48.51 -70.39 14.09
C TYR B 476 48.78 -68.92 14.18
N PHE B 477 49.87 -68.47 13.52
CA PHE B 477 50.10 -67.07 13.49
C PHE B 477 48.98 -66.57 12.63
N PRO B 478 48.38 -65.49 13.03
CA PRO B 478 47.21 -64.97 12.38
C PRO B 478 47.41 -64.43 10.98
N LEU B 479 48.64 -64.14 10.55
CA LEU B 479 48.76 -63.56 9.25
C LEU B 479 49.59 -64.43 8.37
N GLN B 480 49.33 -64.35 7.03
CA GLN B 480 50.07 -65.09 6.06
C GLN B 480 50.68 -64.07 5.12
N SER B 481 51.88 -64.36 4.59
CA SER B 481 52.54 -63.42 3.72
C SER B 481 52.19 -63.69 2.29
N TYR B 482 52.49 -62.71 1.40
CA TYR B 482 52.25 -62.86 0.00
C TYR B 482 53.56 -63.08 -0.67
N GLY B 483 53.62 -64.06 -1.60
CA GLY B 483 54.89 -64.30 -2.21
C GLY B 483 54.94 -63.57 -3.51
N PHE B 484 55.41 -62.31 -3.48
CA PHE B 484 55.45 -61.68 -4.77
C PHE B 484 56.81 -61.85 -5.35
N GLN B 485 56.84 -62.19 -6.65
CA GLN B 485 58.07 -62.33 -7.36
C GLN B 485 57.88 -61.71 -8.70
N PRO B 486 58.89 -61.08 -9.21
CA PRO B 486 58.85 -60.36 -10.46
C PRO B 486 58.42 -61.23 -11.61
N THR B 487 58.67 -62.55 -11.53
CA THR B 487 58.38 -63.48 -12.58
C THR B 487 56.91 -63.67 -12.77
N ASN B 488 56.13 -63.53 -11.67
CA ASN B 488 54.73 -63.85 -11.64
C ASN B 488 53.94 -63.08 -12.67
N GLY B 489 52.62 -63.37 -12.73
CA GLY B 489 51.72 -62.80 -13.68
C GLY B 489 51.21 -61.49 -13.18
N VAL B 490 50.23 -60.92 -13.93
CA VAL B 490 49.67 -59.64 -13.65
C VAL B 490 48.95 -59.64 -12.32
N GLY B 491 48.10 -60.66 -12.08
CA GLY B 491 47.30 -60.71 -10.88
C GLY B 491 48.18 -60.86 -9.68
N TYR B 492 49.29 -61.59 -9.84
CA TYR B 492 50.25 -61.94 -8.84
C TYR B 492 51.04 -60.75 -8.36
N GLN B 493 51.26 -59.75 -9.24
CA GLN B 493 52.10 -58.60 -8.97
C GLN B 493 51.57 -57.78 -7.84
N PRO B 494 52.47 -57.31 -7.01
CA PRO B 494 52.14 -56.47 -5.90
C PRO B 494 51.65 -55.16 -6.46
N TYR B 495 50.64 -54.53 -5.83
CA TYR B 495 50.17 -53.26 -6.32
C TYR B 495 50.09 -52.30 -5.17
N ARG B 496 50.47 -51.03 -5.40
CA ARG B 496 50.36 -50.07 -4.33
C ARG B 496 49.05 -49.36 -4.51
N VAL B 497 48.19 -49.45 -3.48
CA VAL B 497 46.90 -48.82 -3.57
C VAL B 497 46.77 -47.79 -2.50
N VAL B 498 46.23 -46.62 -2.87
CA VAL B 498 46.00 -45.56 -1.94
C VAL B 498 44.54 -45.22 -2.03
N VAL B 499 43.85 -45.18 -0.88
CA VAL B 499 42.45 -44.82 -0.90
C VAL B 499 42.32 -43.55 -0.14
N LEU B 500 41.70 -42.52 -0.75
CA LEU B 500 41.55 -41.27 -0.06
C LEU B 500 40.13 -41.17 0.42
N SER B 501 39.90 -41.46 1.72
CA SER B 501 38.57 -41.36 2.25
C SER B 501 38.34 -39.91 2.53
N PHE B 502 37.10 -39.41 2.30
CA PHE B 502 36.92 -38.00 2.55
C PHE B 502 35.86 -37.78 3.58
N GLU B 503 36.16 -37.89 4.88
CA GLU B 503 35.07 -37.75 5.84
C GLU B 503 34.47 -36.39 5.73
N LEU B 504 33.12 -36.34 5.67
CA LEU B 504 32.42 -35.09 5.57
C LEU B 504 31.64 -34.91 6.82
N LEU B 505 31.93 -33.82 7.55
CA LEU B 505 31.26 -33.49 8.76
C LEU B 505 30.88 -32.05 8.67
N HIS B 506 30.14 -31.55 9.67
CA HIS B 506 29.74 -30.17 9.74
C HIS B 506 30.95 -29.33 10.00
N ALA B 507 31.93 -29.90 10.73
CA ALA B 507 33.12 -29.22 11.18
C ALA B 507 33.79 -28.57 10.01
N PRO B 508 34.58 -27.54 10.29
CA PRO B 508 35.24 -26.78 9.26
C PRO B 508 35.96 -27.69 8.33
N ALA B 509 35.93 -27.38 7.02
CA ALA B 509 36.59 -28.24 6.08
C ALA B 509 37.99 -27.75 5.89
N THR B 510 38.96 -28.61 6.22
CA THR B 510 40.38 -28.39 6.11
C THR B 510 40.95 -28.69 4.75
N VAL B 511 40.44 -29.71 4.03
CA VAL B 511 41.09 -30.06 2.80
C VAL B 511 40.21 -29.72 1.65
N CYS B 512 40.62 -28.69 0.88
CA CYS B 512 39.83 -28.28 -0.24
C CYS B 512 40.63 -28.48 -1.49
N GLY B 513 39.99 -28.32 -2.66
CA GLY B 513 40.63 -28.53 -3.93
C GLY B 513 41.46 -27.34 -4.30
N PRO B 514 42.14 -27.48 -5.41
CA PRO B 514 43.06 -26.51 -5.97
C PRO B 514 42.35 -25.32 -6.55
N LYS B 515 43.13 -24.29 -6.94
CA LYS B 515 42.54 -23.08 -7.43
C LYS B 515 42.75 -22.92 -8.92
N LYS B 516 41.66 -22.96 -9.69
CA LYS B 516 41.85 -22.72 -11.10
C LYS B 516 41.55 -21.27 -11.27
N SER B 517 42.59 -20.44 -11.52
CA SER B 517 42.36 -19.02 -11.59
C SER B 517 42.76 -18.49 -12.92
N THR B 518 42.35 -17.23 -13.20
CA THR B 518 42.61 -16.56 -14.44
C THR B 518 43.29 -15.27 -14.12
N ASN B 519 43.69 -14.51 -15.17
CA ASN B 519 44.38 -13.26 -15.00
C ASN B 519 43.37 -12.23 -14.60
N LEU B 520 43.84 -11.12 -13.99
CA LEU B 520 42.98 -10.06 -13.56
C LEU B 520 43.03 -8.96 -14.56
N VAL B 521 41.85 -8.48 -15.00
CA VAL B 521 41.78 -7.40 -15.96
C VAL B 521 41.06 -6.27 -15.29
N LYS B 522 41.57 -5.03 -15.46
CA LYS B 522 40.95 -3.93 -14.80
C LYS B 522 40.35 -2.99 -15.80
N ASN B 523 39.51 -2.07 -15.28
CA ASN B 523 38.86 -1.04 -16.03
C ASN B 523 38.00 -1.61 -17.11
N LYS B 524 37.38 -2.78 -16.86
CA LYS B 524 36.48 -3.34 -17.85
C LYS B 524 35.35 -4.01 -17.14
N CYS B 525 34.13 -3.94 -17.71
CA CYS B 525 33.01 -4.60 -17.10
C CYS B 525 33.30 -6.04 -17.23
N VAL B 526 33.52 -6.75 -16.11
CA VAL B 526 33.86 -8.14 -16.23
C VAL B 526 33.03 -8.90 -15.26
N ASN B 527 32.95 -10.23 -15.45
CA ASN B 527 32.23 -11.05 -14.51
C ASN B 527 33.28 -11.65 -13.62
N PHE B 528 33.40 -11.12 -12.39
CA PHE B 528 34.46 -11.52 -11.51
C PHE B 528 33.94 -12.42 -10.44
N ASN B 529 34.78 -13.39 -10.04
CA ASN B 529 34.46 -14.27 -8.96
C ASN B 529 35.65 -14.31 -8.06
N PHE B 530 35.59 -13.57 -6.94
CA PHE B 530 36.63 -13.58 -5.94
C PHE B 530 36.30 -14.73 -5.04
N ASN B 531 37.10 -14.92 -3.97
CA ASN B 531 37.05 -16.15 -3.22
C ASN B 531 35.64 -16.55 -2.86
N GLY B 532 34.96 -15.77 -2.01
CA GLY B 532 33.61 -16.06 -1.62
C GLY B 532 32.52 -15.59 -2.54
N LEU B 533 32.68 -14.39 -3.14
CA LEU B 533 31.55 -13.79 -3.80
C LEU B 533 31.73 -13.68 -5.28
N THR B 534 30.68 -13.19 -5.96
CA THR B 534 30.69 -12.99 -7.38
C THR B 534 29.95 -11.72 -7.70
N GLY B 535 30.07 -11.21 -8.94
CA GLY B 535 29.38 -10.01 -9.31
C GLY B 535 29.96 -9.49 -10.60
N THR B 536 29.39 -8.40 -11.14
CA THR B 536 29.93 -7.78 -12.33
C THR B 536 30.20 -6.33 -12.06
N GLY B 537 31.33 -5.81 -12.59
CA GLY B 537 31.69 -4.42 -12.38
C GLY B 537 33.04 -4.15 -13.01
N VAL B 538 33.63 -2.92 -12.81
CA VAL B 538 34.96 -2.63 -13.34
C VAL B 538 35.94 -2.47 -12.26
N LEU B 539 36.90 -3.40 -12.18
CA LEU B 539 37.84 -3.43 -11.12
C LEU B 539 38.83 -2.34 -11.35
N THR B 540 39.06 -1.47 -10.35
CA THR B 540 40.05 -0.45 -10.54
C THR B 540 40.93 -0.44 -9.35
N GLU B 541 42.12 0.20 -9.48
CA GLU B 541 42.98 0.32 -8.34
C GLU B 541 42.35 1.29 -7.41
N SER B 542 42.37 0.99 -6.10
CA SER B 542 41.74 1.85 -5.14
C SER B 542 42.81 2.52 -4.32
N ASN B 543 42.37 3.46 -3.44
CA ASN B 543 43.30 4.05 -2.53
C ASN B 543 42.73 3.80 -1.18
N LYS B 544 42.68 2.51 -0.80
CA LYS B 544 42.08 2.09 0.43
C LYS B 544 43.14 1.33 1.16
N LYS B 545 43.21 1.46 2.50
CA LYS B 545 44.20 0.73 3.22
C LYS B 545 43.51 -0.31 4.04
N PHE B 546 43.57 -1.59 3.59
CA PHE B 546 42.96 -2.69 4.30
C PHE B 546 43.90 -3.17 5.36
N LEU B 547 43.31 -3.79 6.42
CA LEU B 547 44.09 -4.37 7.47
C LEU B 547 44.58 -5.69 6.95
N PRO B 548 45.66 -6.17 7.49
CA PRO B 548 46.30 -7.37 7.02
C PRO B 548 45.38 -8.55 7.05
N PHE B 549 44.54 -8.65 8.08
CA PHE B 549 43.61 -9.75 8.22
C PHE B 549 42.38 -9.63 7.37
N GLN B 550 41.84 -8.40 7.18
CA GLN B 550 40.57 -8.20 6.53
C GLN B 550 40.63 -8.46 5.05
N GLN B 551 39.66 -9.27 4.54
CA GLN B 551 39.51 -9.59 3.13
C GLN B 551 38.66 -8.67 2.29
N PHE B 552 37.45 -8.29 2.76
CA PHE B 552 36.56 -7.60 1.87
C PHE B 552 36.12 -6.35 2.56
N GLY B 553 35.73 -5.33 1.79
CA GLY B 553 35.18 -4.12 2.32
C GLY B 553 33.71 -4.31 2.48
N ARG B 554 32.97 -3.21 2.74
CA ARG B 554 31.54 -3.23 2.74
C ARG B 554 31.03 -1.84 2.70
N ASP B 555 29.88 -1.69 2.06
CA ASP B 555 29.17 -0.47 1.87
C ASP B 555 28.57 -0.15 3.19
N ILE B 556 28.15 1.10 3.38
CA ILE B 556 27.40 1.44 4.55
C ILE B 556 26.13 0.67 4.45
N ALA B 557 25.58 0.62 3.22
CA ALA B 557 24.36 -0.02 2.85
C ALA B 557 24.47 -1.51 3.04
N ASP B 558 25.68 -2.09 2.99
CA ASP B 558 25.91 -3.50 3.17
C ASP B 558 26.03 -4.06 1.79
N THR B 559 27.02 -3.52 1.06
CA THR B 559 27.20 -3.93 -0.30
C THR B 559 28.63 -4.33 -0.40
N THR B 560 29.02 -4.91 -1.55
CA THR B 560 30.37 -5.30 -1.84
C THR B 560 30.90 -4.21 -2.70
N ASP B 561 31.82 -3.42 -2.13
CA ASP B 561 32.43 -2.24 -2.67
C ASP B 561 33.84 -2.10 -3.44
N ALA B 562 35.08 -2.65 -3.06
CA ALA B 562 36.53 -3.03 -3.04
C ALA B 562 36.99 -4.33 -2.29
N VAL B 563 37.65 -5.25 -3.05
CA VAL B 563 38.02 -6.56 -2.57
C VAL B 563 39.50 -6.73 -2.67
N ARG B 564 40.08 -7.61 -1.82
CA ARG B 564 41.50 -7.86 -1.87
C ARG B 564 41.69 -9.08 -2.73
N ASP B 565 42.58 -8.97 -3.73
CA ASP B 565 42.83 -10.10 -4.59
C ASP B 565 43.55 -11.15 -3.79
N PRO B 566 43.13 -12.38 -3.89
CA PRO B 566 43.75 -13.47 -3.18
C PRO B 566 45.18 -13.67 -3.56
N GLN B 567 45.53 -13.47 -4.84
CA GLN B 567 46.88 -13.65 -5.30
C GLN B 567 47.77 -12.48 -4.99
N THR B 568 47.29 -11.26 -5.26
CA THR B 568 48.12 -10.10 -5.06
C THR B 568 47.48 -9.30 -3.98
N LEU B 569 48.30 -8.72 -3.09
CA LEU B 569 47.70 -7.98 -2.01
C LEU B 569 47.40 -6.61 -2.53
N GLU B 570 46.34 -6.51 -3.36
CA GLU B 570 45.97 -5.26 -3.93
C GLU B 570 44.53 -5.02 -3.55
N ILE B 571 44.13 -3.74 -3.41
CA ILE B 571 42.78 -3.44 -3.05
C ILE B 571 42.11 -2.89 -4.27
N LEU B 572 41.02 -3.54 -4.73
CA LEU B 572 40.34 -3.13 -5.94
C LEU B 572 38.95 -2.76 -5.60
N ASP B 573 38.57 -1.51 -5.91
CA ASP B 573 37.30 -0.90 -5.62
C ASP B 573 36.38 -1.38 -6.65
N ILE B 574 34.97 -1.66 -6.34
CA ILE B 574 33.55 -2.06 -6.93
C ILE B 574 32.55 -1.22 -7.69
N THR B 575 32.40 -1.52 -8.99
CA THR B 575 31.72 -0.51 -9.74
C THR B 575 30.79 -1.22 -10.57
N PRO B 576 29.55 -0.99 -10.42
CA PRO B 576 28.68 -1.60 -11.36
C PRO B 576 29.00 -1.04 -12.74
N CYS B 577 28.98 -1.92 -13.77
CA CYS B 577 29.23 -1.58 -15.14
C CYS B 577 28.17 -0.65 -15.61
N SER B 578 28.48 0.18 -16.63
CA SER B 578 27.59 1.21 -17.09
C SER B 578 26.30 0.63 -17.55
N PHE B 579 25.18 1.30 -17.18
CA PHE B 579 23.88 0.94 -17.65
C PHE B 579 23.00 2.12 -17.37
N GLY B 580 21.80 2.15 -17.97
CA GLY B 580 20.93 3.27 -17.73
C GLY B 580 19.70 3.08 -18.56
N GLY B 581 18.77 4.04 -18.47
CA GLY B 581 17.55 3.94 -19.22
C GLY B 581 17.76 4.46 -20.60
N VAL B 582 16.91 3.99 -21.55
CA VAL B 582 16.96 4.45 -22.89
C VAL B 582 15.63 5.07 -23.17
N SER B 583 15.61 6.35 -23.57
CA SER B 583 14.36 6.98 -23.85
C SER B 583 14.40 7.51 -25.23
N VAL B 584 13.30 7.32 -25.98
CA VAL B 584 13.25 7.76 -27.35
C VAL B 584 12.58 9.09 -27.42
N ILE B 585 13.28 10.06 -28.01
CA ILE B 585 12.69 11.36 -28.17
C ILE B 585 12.25 11.42 -29.60
N THR B 586 10.92 11.41 -29.83
CA THR B 586 10.43 11.44 -31.17
C THR B 586 9.35 12.47 -31.26
N PRO B 587 9.23 13.02 -32.42
CA PRO B 587 8.14 13.90 -32.73
C PRO B 587 6.99 12.99 -33.04
N GLY B 588 5.76 13.53 -33.15
CA GLY B 588 4.64 12.67 -33.40
C GLY B 588 4.84 12.00 -34.72
N THR B 589 4.29 10.78 -34.85
CA THR B 589 4.42 9.99 -36.03
C THR B 589 3.77 10.69 -37.17
N ASN B 590 2.70 11.46 -36.89
CA ASN B 590 2.09 12.13 -37.99
C ASN B 590 3.10 13.05 -38.60
N THR B 591 3.87 13.78 -37.77
CA THR B 591 4.83 14.70 -38.31
C THR B 591 6.01 14.01 -38.95
N SER B 592 6.67 13.04 -38.28
CA SER B 592 7.83 12.45 -38.88
C SER B 592 8.08 11.11 -38.25
N ASN B 593 9.15 10.42 -38.70
CA ASN B 593 9.49 9.16 -38.11
C ASN B 593 10.93 9.17 -37.72
N GLN B 594 11.60 10.34 -37.80
CA GLN B 594 12.98 10.42 -37.42
C GLN B 594 13.00 10.58 -35.93
N VAL B 595 13.94 9.90 -35.24
CA VAL B 595 13.92 9.95 -33.81
C VAL B 595 15.27 10.32 -33.30
N ALA B 596 15.36 10.50 -31.96
CA ALA B 596 16.60 10.76 -31.29
C ALA B 596 16.54 9.96 -30.03
N VAL B 597 17.66 9.33 -29.63
CA VAL B 597 17.64 8.46 -28.49
C VAL B 597 18.49 9.05 -27.40
N LEU B 598 18.04 8.89 -26.14
CA LEU B 598 18.76 9.39 -25.01
C LEU B 598 19.20 8.22 -24.18
N TYR B 599 20.53 8.05 -24.03
CA TYR B 599 21.05 6.98 -23.22
C TYR B 599 21.32 7.61 -21.89
N GLN B 600 20.49 7.28 -20.89
CA GLN B 600 20.59 7.98 -19.65
C GLN B 600 21.78 7.54 -18.86
N GLY B 601 22.41 8.52 -18.18
CA GLY B 601 23.49 8.37 -17.25
C GLY B 601 24.62 7.57 -17.82
N VAL B 602 25.01 7.84 -19.08
CA VAL B 602 26.14 7.12 -19.61
C VAL B 602 26.95 8.07 -20.41
N ASN B 603 28.23 7.72 -20.62
CA ASN B 603 29.12 8.50 -21.43
C ASN B 603 28.97 7.97 -22.83
N CYS B 604 29.29 8.80 -23.83
CA CYS B 604 29.13 8.49 -25.22
C CYS B 604 30.06 7.37 -25.58
N THR B 605 31.16 7.22 -24.82
CA THR B 605 32.18 6.27 -25.10
C THR B 605 31.68 4.85 -25.11
N GLU B 606 30.83 4.46 -24.14
CA GLU B 606 30.38 3.10 -23.98
C GLU B 606 29.49 2.63 -25.11
N VAL B 607 28.73 3.52 -25.76
CA VAL B 607 27.84 3.02 -26.77
C VAL B 607 28.58 2.36 -27.92
N PRO B 608 29.69 2.80 -28.45
CA PRO B 608 30.31 2.05 -29.53
C PRO B 608 30.89 0.75 -29.09
N VAL B 609 31.34 0.68 -27.83
CA VAL B 609 31.93 -0.50 -27.24
C VAL B 609 30.87 -1.49 -26.85
N ALA B 610 29.69 -1.01 -26.45
CA ALA B 610 28.66 -1.91 -25.99
C ALA B 610 28.32 -2.84 -27.10
N ILE B 611 28.15 -2.30 -28.32
CA ILE B 611 27.88 -3.19 -29.41
C ILE B 611 29.19 -3.27 -30.10
N HIS B 612 29.40 -4.31 -30.94
CA HIS B 612 30.70 -4.34 -31.54
C HIS B 612 30.61 -3.63 -32.84
N ALA B 613 30.89 -2.32 -32.78
CA ALA B 613 30.82 -1.44 -33.91
C ALA B 613 31.83 -1.86 -34.91
N ASP B 614 33.02 -2.27 -34.45
CA ASP B 614 34.05 -2.66 -35.37
C ASP B 614 33.59 -3.87 -36.12
N GLN B 615 32.86 -4.78 -35.44
CA GLN B 615 32.38 -6.01 -36.00
C GLN B 615 31.31 -5.77 -37.03
N LEU B 616 30.46 -4.75 -36.81
CA LEU B 616 29.27 -4.51 -37.58
C LEU B 616 29.56 -4.02 -38.96
N THR B 617 28.50 -4.02 -39.80
CA THR B 617 28.58 -3.59 -41.16
C THR B 617 28.66 -2.09 -41.15
N PRO B 618 29.09 -1.53 -42.24
CA PRO B 618 29.24 -0.11 -42.34
C PRO B 618 27.95 0.63 -42.26
N THR B 619 26.81 -0.03 -42.55
CA THR B 619 25.55 0.65 -42.45
C THR B 619 25.29 0.94 -41.00
N TRP B 620 25.61 -0.03 -40.13
CA TRP B 620 25.45 0.02 -38.70
C TRP B 620 26.43 0.95 -38.05
N ARG B 621 27.63 1.10 -38.63
CA ARG B 621 28.71 1.84 -38.06
C ARG B 621 28.36 3.29 -37.88
N VAL B 622 27.54 3.87 -38.79
CA VAL B 622 27.26 5.28 -38.72
C VAL B 622 26.61 5.65 -37.42
N TYR B 623 25.73 4.79 -36.89
CA TYR B 623 24.94 5.00 -35.72
C TYR B 623 25.78 5.11 -34.47
N SER B 624 26.93 4.42 -34.41
CA SER B 624 27.73 4.44 -33.21
C SER B 624 28.30 5.78 -32.90
N THR B 625 29.02 6.41 -33.86
CA THR B 625 29.66 7.65 -33.54
C THR B 625 29.55 8.57 -34.70
N GLY B 626 29.82 9.87 -34.49
CA GLY B 626 29.76 10.82 -35.55
C GLY B 626 29.75 12.17 -34.94
N SER B 627 29.70 13.21 -35.79
CA SER B 627 29.66 14.55 -35.30
C SER B 627 28.33 14.73 -34.65
N ASN B 628 27.32 13.97 -35.10
CA ASN B 628 26.01 14.18 -34.58
C ASN B 628 25.82 13.43 -33.29
N VAL B 629 26.53 13.85 -32.23
CA VAL B 629 26.32 13.27 -30.94
C VAL B 629 26.40 14.40 -29.97
N PHE B 630 25.50 14.42 -28.98
CA PHE B 630 25.52 15.49 -28.03
C PHE B 630 25.58 14.86 -26.67
N GLN B 631 26.49 15.33 -25.81
CA GLN B 631 26.52 14.73 -24.51
C GLN B 631 25.99 15.73 -23.54
N THR B 632 25.17 15.25 -22.59
CA THR B 632 24.58 16.11 -21.61
C THR B 632 24.73 15.45 -20.27
N ARG B 633 24.33 16.17 -19.20
CA ARG B 633 24.46 15.69 -17.87
C ARG B 633 23.62 14.46 -17.71
N ALA B 634 22.43 14.47 -18.34
CA ALA B 634 21.50 13.38 -18.23
C ALA B 634 22.07 12.13 -18.82
N GLY B 635 22.78 12.23 -19.97
CA GLY B 635 23.33 11.05 -20.58
C GLY B 635 23.78 11.42 -21.95
N CYS B 636 24.02 10.42 -22.83
CA CYS B 636 24.44 10.77 -24.15
C CYS B 636 23.28 10.68 -25.08
N LEU B 637 22.98 11.82 -25.73
CA LEU B 637 21.86 11.92 -26.61
C LEU B 637 22.39 11.82 -28.00
N ILE B 638 21.92 10.84 -28.78
CA ILE B 638 22.38 10.70 -30.13
C ILE B 638 21.21 10.88 -31.03
N GLY B 639 21.46 11.48 -32.20
CA GLY B 639 20.40 11.70 -33.15
C GLY B 639 19.96 13.14 -33.07
N ALA B 640 20.52 13.94 -32.15
CA ALA B 640 20.08 15.31 -32.09
C ALA B 640 21.26 16.23 -32.21
N GLU B 641 21.12 17.28 -33.04
CA GLU B 641 22.17 18.24 -33.17
C GLU B 641 22.03 19.26 -32.08
N HIS B 642 23.17 19.63 -31.47
CA HIS B 642 23.18 20.60 -30.41
C HIS B 642 22.99 21.94 -31.03
N VAL B 643 22.20 22.82 -30.37
CA VAL B 643 21.95 24.11 -30.92
C VAL B 643 22.19 25.17 -29.89
N ASN B 644 22.81 26.28 -30.31
CA ASN B 644 23.11 27.40 -29.45
C ASN B 644 21.85 28.14 -29.08
N ASN B 645 20.94 28.35 -30.05
CA ASN B 645 19.77 29.16 -29.83
C ASN B 645 18.89 28.51 -28.81
N SER B 646 18.19 29.34 -28.01
CA SER B 646 17.33 28.81 -26.99
C SER B 646 15.90 29.04 -27.40
N TYR B 647 15.05 28.03 -27.16
CA TYR B 647 13.66 28.12 -27.52
C TYR B 647 12.89 27.54 -26.37
N GLU B 648 11.54 27.57 -26.46
CA GLU B 648 10.70 27.03 -25.43
C GLU B 648 10.86 25.55 -25.44
N CYS B 649 10.60 24.89 -24.30
CA CYS B 649 10.83 23.47 -24.21
C CYS B 649 9.64 22.69 -24.69
N ASP B 650 9.81 21.96 -25.83
CA ASP B 650 8.80 21.07 -26.33
C ASP B 650 8.77 19.75 -25.60
N ILE B 651 9.95 19.09 -25.47
CA ILE B 651 10.04 17.80 -24.81
C ILE B 651 11.18 17.86 -23.84
N PRO B 652 10.95 17.56 -22.58
CA PRO B 652 12.04 17.62 -21.63
C PRO B 652 12.98 16.44 -21.65
N ILE B 653 14.30 16.69 -21.79
CA ILE B 653 15.32 15.66 -21.70
C ILE B 653 15.81 15.42 -20.30
N GLY B 654 16.18 16.52 -19.61
CA GLY B 654 16.79 16.44 -18.31
C GLY B 654 17.94 17.41 -18.31
N ALA B 655 18.32 17.90 -17.11
CA ALA B 655 19.42 18.80 -16.96
C ALA B 655 19.20 20.05 -17.77
N GLY B 656 17.92 20.43 -18.00
CA GLY B 656 17.65 21.69 -18.64
C GLY B 656 17.73 21.60 -20.13
N ILE B 657 18.00 20.41 -20.70
CA ILE B 657 18.08 20.31 -22.13
C ILE B 657 16.76 19.83 -22.64
N CYS B 658 16.28 20.46 -23.74
CA CYS B 658 14.99 20.15 -24.30
C CYS B 658 15.18 19.87 -25.76
N ALA B 659 14.33 18.96 -26.33
CA ALA B 659 14.45 18.60 -27.72
C ALA B 659 13.18 18.99 -28.43
N SER B 660 13.30 19.31 -29.73
CA SER B 660 12.16 19.71 -30.53
C SER B 660 12.48 19.37 -31.95
N TYR B 661 11.46 19.41 -32.82
CA TYR B 661 11.67 19.09 -34.21
C TYR B 661 11.47 20.38 -34.93
N GLN B 662 12.53 20.91 -35.56
CA GLN B 662 12.38 22.20 -36.13
C GLN B 662 13.06 22.21 -37.45
N THR B 663 12.55 23.06 -38.36
CA THR B 663 13.19 23.24 -39.62
C THR B 663 13.01 24.67 -39.95
N GLN B 664 14.04 25.29 -40.56
CA GLN B 664 13.83 26.64 -40.99
C GLN B 664 13.24 26.51 -42.35
N THR B 665 12.21 27.32 -42.66
CA THR B 665 11.60 27.12 -43.93
C THR B 665 11.57 28.40 -44.68
N ASN B 666 11.89 28.35 -45.98
CA ASN B 666 11.80 29.52 -46.80
C ASN B 666 10.98 29.12 -48.00
N SER B 667 9.69 29.50 -48.00
CA SER B 667 8.87 29.20 -49.14
C SER B 667 7.77 30.18 -49.15
N PRO B 668 7.36 30.57 -50.32
CA PRO B 668 6.27 31.51 -50.36
C PRO B 668 4.98 30.84 -50.03
N GLY B 669 4.15 31.50 -49.21
CA GLY B 669 2.84 31.02 -48.85
C GLY B 669 2.95 29.59 -48.45
N SER B 670 4.04 29.22 -47.75
CA SER B 670 4.19 27.86 -47.34
C SER B 670 4.41 27.78 -45.87
N ALA B 671 3.77 26.77 -45.25
CA ALA B 671 4.00 26.47 -43.88
C ALA B 671 5.28 25.71 -43.92
N GLY B 672 5.92 25.46 -42.75
CA GLY B 672 7.14 24.72 -42.84
C GLY B 672 6.80 23.40 -43.42
N SER B 673 7.21 23.19 -44.68
CA SER B 673 6.92 21.98 -45.38
C SER B 673 8.00 21.01 -45.08
N VAL B 674 7.84 19.77 -45.57
CA VAL B 674 8.88 18.82 -45.34
C VAL B 674 10.06 19.32 -46.09
N ALA B 675 11.23 19.26 -45.45
CA ALA B 675 12.45 19.76 -46.01
C ALA B 675 13.52 19.08 -45.23
N SER B 676 14.76 19.55 -45.33
CA SER B 676 15.75 18.91 -44.52
C SER B 676 15.45 19.37 -43.13
N GLN B 677 14.63 18.57 -42.42
CA GLN B 677 14.19 18.86 -41.09
C GLN B 677 15.07 18.04 -40.22
N SER B 678 15.15 18.39 -38.93
CA SER B 678 15.97 17.59 -38.07
C SER B 678 15.51 17.77 -36.66
N ILE B 679 16.07 16.93 -35.76
CA ILE B 679 15.74 17.02 -34.36
C ILE B 679 16.87 17.76 -33.72
N ILE B 680 16.53 18.78 -32.91
CA ILE B 680 17.53 19.58 -32.27
C ILE B 680 17.34 19.48 -30.79
N ALA B 681 18.44 19.67 -30.03
CA ALA B 681 18.40 19.68 -28.60
C ALA B 681 19.11 20.94 -28.18
N TYR B 682 18.58 21.63 -27.15
CA TYR B 682 19.22 22.86 -26.77
C TYR B 682 18.96 23.14 -25.32
N THR B 683 19.68 24.14 -24.76
CA THR B 683 19.41 24.54 -23.42
C THR B 683 18.09 25.22 -23.49
N MET B 684 17.11 24.73 -22.70
CA MET B 684 15.80 25.27 -22.82
C MET B 684 15.79 26.70 -22.39
N SER B 685 15.09 27.53 -23.18
CA SER B 685 15.02 28.93 -22.90
C SER B 685 14.08 29.13 -21.77
N LEU B 686 14.53 29.93 -20.78
CA LEU B 686 13.76 30.28 -19.62
C LEU B 686 12.68 31.21 -20.08
N GLY B 687 12.90 31.81 -21.27
CA GLY B 687 11.93 32.69 -21.85
C GLY B 687 12.68 33.89 -22.29
N ALA B 688 12.01 34.82 -22.99
CA ALA B 688 12.72 35.99 -23.38
C ALA B 688 13.07 36.68 -22.10
N GLU B 689 14.36 36.97 -21.89
CA GLU B 689 14.78 37.59 -20.68
C GLU B 689 14.34 39.02 -20.75
N ASN B 690 14.09 39.64 -19.59
CA ASN B 690 13.61 41.00 -19.62
C ASN B 690 14.34 41.77 -18.55
N SER B 691 14.00 43.06 -18.41
CA SER B 691 14.59 43.90 -17.40
C SER B 691 13.60 44.99 -17.16
N VAL B 692 13.63 45.62 -15.95
CA VAL B 692 12.66 46.64 -15.69
C VAL B 692 13.38 47.92 -15.41
N ALA B 693 12.92 49.04 -16.01
CA ALA B 693 13.62 50.27 -15.80
C ALA B 693 13.24 50.77 -14.45
N TYR B 694 14.01 50.33 -13.44
CA TYR B 694 13.78 50.69 -12.08
C TYR B 694 14.35 52.05 -11.86
N SER B 695 13.62 52.90 -11.13
CA SER B 695 14.16 54.21 -10.85
C SER B 695 13.53 54.73 -9.61
N ASN B 696 14.14 55.78 -9.05
CA ASN B 696 13.60 56.45 -7.91
C ASN B 696 12.36 57.16 -8.35
N ASN B 697 12.34 57.67 -9.60
CA ASN B 697 11.22 58.51 -9.92
C ASN B 697 10.54 58.17 -11.22
N SER B 698 9.81 57.03 -11.29
CA SER B 698 9.03 56.83 -12.50
C SER B 698 8.09 55.67 -12.26
N ILE B 699 6.90 55.70 -12.91
CA ILE B 699 5.99 54.59 -12.78
C ILE B 699 5.50 54.25 -14.15
N ALA B 700 5.04 52.98 -14.33
CA ALA B 700 4.49 52.58 -15.59
C ALA B 700 3.04 52.24 -15.34
N ILE B 701 2.11 53.09 -15.83
CA ILE B 701 0.71 52.90 -15.59
C ILE B 701 0.05 52.60 -16.91
N PRO B 702 -0.65 51.50 -17.02
CA PRO B 702 -1.26 51.16 -18.29
C PRO B 702 -2.41 52.04 -18.69
N THR B 703 -2.44 52.42 -19.98
CA THR B 703 -3.44 53.21 -20.63
C THR B 703 -4.65 52.38 -20.99
N ASN B 704 -4.46 51.12 -21.42
CA ASN B 704 -5.61 50.33 -21.77
C ASN B 704 -5.38 48.93 -21.33
N PHE B 705 -6.45 48.11 -21.36
CA PHE B 705 -6.36 46.76 -20.85
C PHE B 705 -7.01 45.83 -21.79
N THR B 706 -7.16 44.57 -21.32
CA THR B 706 -7.82 43.57 -22.10
C THR B 706 -8.71 42.80 -21.18
N ILE B 707 -9.82 42.25 -21.74
CA ILE B 707 -10.63 41.36 -20.96
C ILE B 707 -10.40 40.04 -21.62
N SER B 708 -9.74 39.12 -20.90
CA SER B 708 -9.38 37.86 -21.49
C SER B 708 -10.15 36.78 -20.83
N VAL B 709 -10.13 35.57 -21.45
CA VAL B 709 -10.75 34.43 -20.87
C VAL B 709 -9.80 33.28 -21.07
N THR B 710 -9.56 32.50 -20.00
CA THR B 710 -8.67 31.37 -20.06
C THR B 710 -9.43 30.21 -19.50
N THR B 711 -8.93 28.98 -19.74
CA THR B 711 -9.64 27.84 -19.25
C THR B 711 -8.79 27.13 -18.25
N GLU B 712 -9.39 26.82 -17.08
CA GLU B 712 -8.77 26.09 -16.02
C GLU B 712 -9.58 24.84 -15.89
N ILE B 713 -8.92 23.66 -15.94
CA ILE B 713 -9.66 22.43 -15.97
C ILE B 713 -9.24 21.60 -14.79
N LEU B 714 -10.23 21.00 -14.07
CA LEU B 714 -9.90 20.19 -12.93
C LEU B 714 -10.77 18.95 -12.95
N PRO B 715 -10.25 17.80 -12.58
CA PRO B 715 -11.05 16.61 -12.47
C PRO B 715 -11.88 16.69 -11.22
N VAL B 716 -13.18 16.32 -11.29
CA VAL B 716 -14.04 16.24 -10.14
C VAL B 716 -14.18 14.85 -9.57
N SER B 717 -14.43 13.84 -10.45
CA SER B 717 -14.71 12.54 -9.89
C SER B 717 -14.14 11.49 -10.78
N MET B 718 -13.86 10.32 -10.17
CA MET B 718 -13.41 9.15 -10.85
C MET B 718 -14.65 8.41 -11.25
N THR B 719 -14.50 7.33 -12.03
CA THR B 719 -15.66 6.56 -12.39
C THR B 719 -15.96 5.67 -11.22
N LYS B 720 -17.25 5.55 -10.84
CA LYS B 720 -17.57 4.78 -9.66
C LYS B 720 -17.42 3.32 -9.98
N THR B 721 -16.21 2.78 -9.80
CA THR B 721 -15.98 1.40 -10.08
C THR B 721 -16.35 0.59 -8.88
N SER B 722 -16.83 -0.65 -9.12
CA SER B 722 -17.15 -1.54 -8.04
C SER B 722 -16.63 -2.89 -8.43
N VAL B 723 -16.09 -3.65 -7.45
CA VAL B 723 -15.59 -4.96 -7.76
C VAL B 723 -16.00 -5.89 -6.67
N ASP B 724 -16.48 -7.09 -7.05
CA ASP B 724 -16.81 -8.07 -6.05
C ASP B 724 -15.69 -9.06 -6.05
N CYS B 725 -14.99 -9.13 -4.91
CA CYS B 725 -13.80 -9.93 -4.84
C CYS B 725 -14.15 -11.36 -5.12
N THR B 726 -15.26 -11.88 -4.56
CA THR B 726 -15.51 -13.27 -4.69
C THR B 726 -15.70 -13.62 -6.13
N MET B 727 -16.45 -12.81 -6.89
CA MET B 727 -16.60 -13.16 -8.28
C MET B 727 -15.29 -12.97 -8.99
N TYR B 728 -14.57 -11.89 -8.65
CA TYR B 728 -13.34 -11.58 -9.34
C TYR B 728 -12.35 -12.69 -9.12
N ILE B 729 -12.20 -13.13 -7.86
CA ILE B 729 -11.27 -14.17 -7.53
C ILE B 729 -11.80 -15.55 -7.85
N CYS B 730 -12.97 -15.81 -7.23
CA CYS B 730 -13.80 -16.97 -7.12
C CYS B 730 -14.88 -17.23 -8.11
N GLY B 731 -15.05 -16.41 -9.17
CA GLY B 731 -16.21 -16.48 -10.01
C GLY B 731 -16.63 -17.89 -10.34
N ASP B 732 -17.87 -18.22 -9.90
CA ASP B 732 -18.55 -19.46 -10.12
C ASP B 732 -17.77 -20.65 -9.68
N SER B 733 -17.22 -20.63 -8.45
CA SER B 733 -16.55 -21.83 -7.99
C SER B 733 -16.74 -21.93 -6.51
N THR B 734 -17.54 -22.92 -6.07
CA THR B 734 -17.74 -23.14 -4.67
C THR B 734 -16.42 -23.60 -4.14
N GLU B 735 -15.71 -24.40 -4.95
CA GLU B 735 -14.46 -24.96 -4.53
C GLU B 735 -13.51 -23.84 -4.25
N CYS B 736 -13.47 -22.80 -5.10
CA CYS B 736 -12.55 -21.77 -4.77
C CYS B 736 -13.06 -20.93 -3.62
N SER B 737 -14.39 -20.75 -3.53
CA SER B 737 -14.94 -19.86 -2.55
C SER B 737 -14.55 -20.32 -1.19
N ASN B 738 -14.59 -21.64 -0.95
CA ASN B 738 -14.30 -22.15 0.37
C ASN B 738 -12.92 -21.76 0.75
N LEU B 739 -11.96 -21.82 -0.19
CA LEU B 739 -10.59 -21.50 0.08
C LEU B 739 -10.44 -20.04 0.41
N LEU B 740 -11.24 -19.17 -0.23
CA LEU B 740 -11.15 -17.75 -0.06
C LEU B 740 -11.48 -17.34 1.36
N LEU B 741 -12.46 -18.01 2.00
CA LEU B 741 -12.91 -17.67 3.31
C LEU B 741 -11.80 -17.77 4.32
N GLN B 742 -10.82 -18.66 4.08
CA GLN B 742 -9.74 -18.87 5.01
C GLN B 742 -8.98 -17.59 5.21
N TYR B 743 -9.03 -16.70 4.21
CA TYR B 743 -8.42 -15.40 4.15
C TYR B 743 -9.02 -14.45 5.15
N GLY B 744 -10.19 -14.78 5.71
CA GLY B 744 -10.71 -13.89 6.70
C GLY B 744 -11.43 -12.79 5.98
N SER B 745 -11.31 -11.58 6.52
CA SER B 745 -12.02 -10.38 6.13
C SER B 745 -11.40 -9.60 4.99
N PHE B 746 -10.45 -10.14 4.20
CA PHE B 746 -9.87 -9.30 3.16
C PHE B 746 -10.93 -8.80 2.23
N CYS B 747 -11.83 -9.70 1.79
CA CYS B 747 -12.85 -9.33 0.85
C CYS B 747 -13.71 -8.22 1.35
N THR B 748 -14.27 -8.38 2.56
CA THR B 748 -15.24 -7.44 3.05
C THR B 748 -14.59 -6.09 3.10
N GLN B 749 -13.31 -6.05 3.51
CA GLN B 749 -12.64 -4.78 3.57
C GLN B 749 -12.43 -4.25 2.18
N LEU B 750 -11.99 -5.12 1.24
CA LEU B 750 -11.70 -4.61 -0.07
C LEU B 750 -12.95 -4.10 -0.71
N ASN B 751 -14.05 -4.85 -0.59
CA ASN B 751 -15.27 -4.42 -1.20
C ASN B 751 -15.71 -3.14 -0.56
N ARG B 752 -15.51 -3.04 0.77
CA ARG B 752 -15.90 -1.88 1.53
C ARG B 752 -15.13 -0.68 1.07
N ALA B 753 -13.82 -0.86 0.80
CA ALA B 753 -13.00 0.28 0.49
C ALA B 753 -13.48 0.96 -0.76
N LEU B 754 -13.78 0.18 -1.82
CA LEU B 754 -14.19 0.76 -3.06
C LEU B 754 -15.51 1.43 -2.88
N THR B 755 -16.41 0.82 -2.09
CA THR B 755 -17.71 1.39 -1.91
C THR B 755 -17.53 2.73 -1.26
N GLY B 756 -16.52 2.86 -0.39
CA GLY B 756 -16.28 4.13 0.25
C GLY B 756 -15.92 5.13 -0.80
N ILE B 757 -15.08 4.75 -1.78
CA ILE B 757 -14.68 5.66 -2.81
C ILE B 757 -15.89 6.00 -3.63
N ALA B 758 -16.74 4.99 -3.92
CA ALA B 758 -17.87 5.22 -4.76
C ALA B 758 -18.75 6.25 -4.14
N VAL B 759 -19.01 6.15 -2.82
CA VAL B 759 -19.87 7.10 -2.17
C VAL B 759 -19.25 8.45 -2.20
N GLU B 760 -17.92 8.49 -2.01
CA GLU B 760 -17.20 9.73 -1.95
C GLU B 760 -17.34 10.44 -3.26
N GLN B 761 -17.40 9.69 -4.38
CA GLN B 761 -17.45 10.30 -5.67
C GLN B 761 -18.66 11.17 -5.80
N ASP B 762 -19.82 10.70 -5.31
CA ASP B 762 -21.01 11.49 -5.37
C ASP B 762 -20.81 12.69 -4.49
N LYS B 763 -20.16 12.50 -3.34
CA LYS B 763 -19.94 13.55 -2.39
C LYS B 763 -19.16 14.60 -3.10
N ASN B 764 -18.23 14.17 -3.98
CA ASN B 764 -17.43 15.11 -4.70
C ASN B 764 -18.34 15.94 -5.57
N THR B 765 -19.20 15.28 -6.37
CA THR B 765 -20.06 15.96 -7.30
C THR B 765 -21.03 16.81 -6.55
N GLN B 766 -21.49 16.31 -5.39
CA GLN B 766 -22.48 17.00 -4.62
C GLN B 766 -21.90 18.29 -4.13
N GLU B 767 -20.66 18.27 -3.62
CA GLU B 767 -20.06 19.45 -3.07
C GLU B 767 -19.73 20.44 -4.14
N VAL B 768 -19.23 19.97 -5.31
CA VAL B 768 -18.81 20.90 -6.32
C VAL B 768 -19.95 21.68 -6.91
N PHE B 769 -20.91 20.98 -7.53
CA PHE B 769 -22.01 21.58 -8.26
C PHE B 769 -23.14 22.13 -7.42
N ALA B 770 -23.53 21.38 -6.38
CA ALA B 770 -24.68 21.53 -5.50
C ALA B 770 -24.64 22.73 -4.61
N GLN B 771 -23.67 23.63 -4.78
CA GLN B 771 -23.52 24.77 -3.92
C GLN B 771 -24.79 25.57 -3.81
N VAL B 772 -25.70 25.51 -4.81
CA VAL B 772 -26.92 26.30 -4.75
C VAL B 772 -28.11 25.47 -4.40
N LYS B 773 -28.99 26.03 -3.53
CA LYS B 773 -30.22 25.41 -3.11
C LYS B 773 -31.29 25.50 -4.16
N GLN B 774 -31.47 26.69 -4.78
CA GLN B 774 -32.59 26.87 -5.66
C GLN B 774 -32.10 26.94 -7.07
N ILE B 775 -32.75 26.15 -7.95
CA ILE B 775 -32.37 26.15 -9.33
C ILE B 775 -32.92 27.40 -9.92
N TYR B 776 -32.02 28.27 -10.41
CA TYR B 776 -32.43 29.49 -11.02
C TYR B 776 -32.51 29.24 -12.49
N LYS B 777 -33.36 30.00 -13.20
CA LYS B 777 -33.43 29.83 -14.63
C LYS B 777 -33.27 31.17 -15.27
N THR B 778 -32.98 31.16 -16.59
CA THR B 778 -32.74 32.38 -17.31
C THR B 778 -34.00 32.76 -18.03
N PRO B 779 -34.32 34.03 -17.95
CA PRO B 779 -35.51 34.54 -18.57
C PRO B 779 -35.32 34.64 -20.05
N PRO B 780 -36.39 34.79 -20.77
CA PRO B 780 -36.30 34.95 -22.20
C PRO B 780 -35.64 36.25 -22.55
N ILE B 781 -35.65 37.26 -21.66
CA ILE B 781 -35.05 38.51 -22.01
C ILE B 781 -33.58 38.38 -21.76
N LYS B 782 -32.83 38.52 -22.87
CA LYS B 782 -31.41 38.42 -23.01
C LYS B 782 -30.63 39.67 -22.72
N ASP B 783 -31.27 40.86 -22.56
CA ASP B 783 -30.58 42.13 -22.49
C ASP B 783 -29.56 42.17 -21.38
N PHE B 784 -28.35 41.69 -21.71
CA PHE B 784 -27.14 41.56 -20.96
C PHE B 784 -26.33 42.82 -20.97
N GLY B 785 -26.79 43.87 -21.67
CA GLY B 785 -25.99 45.05 -21.67
C GLY B 785 -25.01 44.90 -22.77
N GLY B 786 -25.30 43.97 -23.69
CA GLY B 786 -24.47 43.77 -24.83
C GLY B 786 -23.65 42.53 -24.64
N PHE B 787 -23.49 42.07 -23.38
CA PHE B 787 -22.71 40.88 -23.16
C PHE B 787 -23.48 39.74 -23.76
N ASN B 788 -22.77 38.78 -24.40
CA ASN B 788 -23.45 37.69 -25.06
C ASN B 788 -23.06 36.39 -24.43
N PHE B 789 -23.98 35.80 -23.65
CA PHE B 789 -23.88 34.52 -22.98
C PHE B 789 -24.39 33.34 -23.76
N SER B 790 -25.14 33.56 -24.86
CA SER B 790 -25.94 32.53 -25.50
C SER B 790 -25.20 31.23 -25.69
N GLN B 791 -23.86 31.27 -25.80
CA GLN B 791 -23.06 30.08 -25.94
C GLN B 791 -22.97 29.28 -24.67
N ILE B 792 -22.82 29.94 -23.51
CA ILE B 792 -22.70 29.36 -22.19
C ILE B 792 -23.98 28.84 -21.62
N LEU B 793 -25.12 29.52 -21.88
CA LEU B 793 -26.35 29.08 -21.31
C LEU B 793 -26.83 27.86 -22.03
N PRO B 794 -27.55 27.03 -21.32
CA PRO B 794 -28.04 25.79 -21.85
C PRO B 794 -28.91 26.07 -23.04
N ASP B 795 -28.90 25.17 -24.05
CA ASP B 795 -29.71 25.31 -25.22
C ASP B 795 -30.99 24.61 -24.92
N PRO B 796 -32.08 25.33 -25.02
CA PRO B 796 -33.35 24.68 -24.80
C PRO B 796 -33.65 23.71 -25.89
N SER B 797 -33.00 23.86 -27.07
CA SER B 797 -33.29 23.04 -28.21
C SER B 797 -32.95 21.60 -27.93
N LYS B 798 -31.76 21.34 -27.38
CA LYS B 798 -31.32 19.99 -27.21
C LYS B 798 -32.05 19.35 -26.07
N PRO B 799 -32.15 18.04 -26.16
CA PRO B 799 -32.82 17.22 -25.18
C PRO B 799 -32.09 17.33 -23.88
N SER B 800 -30.76 17.49 -23.91
CA SER B 800 -30.02 17.70 -22.70
C SER B 800 -29.86 19.18 -22.66
N LYS B 801 -30.36 19.83 -21.60
CA LYS B 801 -30.23 21.26 -21.64
C LYS B 801 -28.85 21.63 -21.26
N ARG B 802 -27.95 21.63 -22.27
CA ARG B 802 -26.57 21.94 -22.07
C ARG B 802 -26.23 23.09 -22.96
N SER B 803 -25.09 23.74 -22.68
CA SER B 803 -24.66 24.88 -23.44
C SER B 803 -23.92 24.41 -24.65
N PHE B 804 -23.58 25.38 -25.54
CA PHE B 804 -22.88 25.10 -26.75
C PHE B 804 -21.50 24.59 -26.48
N ILE B 805 -20.72 25.29 -25.64
CA ILE B 805 -19.36 24.93 -25.39
C ILE B 805 -19.34 23.58 -24.77
N GLU B 806 -20.36 23.28 -23.93
CA GLU B 806 -20.38 22.02 -23.24
C GLU B 806 -20.35 20.90 -24.24
N ASP B 807 -21.05 21.05 -25.37
CA ASP B 807 -21.11 19.97 -26.32
C ASP B 807 -19.71 19.65 -26.76
N LEU B 808 -18.89 20.68 -27.01
CA LEU B 808 -17.54 20.44 -27.45
C LEU B 808 -16.83 19.72 -26.35
N LEU B 809 -17.04 20.15 -25.09
CA LEU B 809 -16.34 19.55 -24.00
C LEU B 809 -16.66 18.09 -23.90
N PHE B 810 -17.94 17.72 -24.05
CA PHE B 810 -18.29 16.33 -23.92
C PHE B 810 -17.66 15.54 -25.04
N ASN B 811 -17.60 16.13 -26.25
CA ASN B 811 -17.10 15.44 -27.42
C ASN B 811 -15.63 15.12 -27.35
N LYS B 812 -14.81 16.04 -26.81
CA LYS B 812 -13.38 15.92 -26.83
C LYS B 812 -12.84 14.79 -26.00
N VAL B 813 -13.56 14.34 -24.95
CA VAL B 813 -13.05 13.28 -24.12
C VAL B 813 -13.43 11.97 -24.72
N THR B 814 -12.49 11.00 -24.76
CA THR B 814 -12.83 9.85 -25.53
C THR B 814 -12.47 8.55 -24.92
N LEU B 815 -13.17 7.50 -25.38
CA LEU B 815 -13.06 6.11 -25.04
C LEU B 815 -11.93 5.38 -25.73
N ALA B 816 -11.44 5.89 -26.87
CA ALA B 816 -10.61 5.18 -27.81
C ALA B 816 -9.39 4.55 -27.19
N ASP B 817 -8.80 5.15 -26.15
CA ASP B 817 -7.55 4.71 -25.59
C ASP B 817 -7.57 3.32 -24.99
N ALA B 818 -8.62 2.91 -24.25
CA ALA B 818 -8.55 1.70 -23.46
C ALA B 818 -9.23 0.51 -24.08
N GLY B 819 -8.67 -0.70 -23.85
CA GLY B 819 -9.22 -1.94 -24.35
C GLY B 819 -10.49 -2.39 -23.67
N PHE B 820 -10.46 -2.61 -22.33
CA PHE B 820 -11.55 -3.15 -21.56
C PHE B 820 -12.68 -2.18 -21.48
N ILE B 821 -12.37 -0.91 -21.14
CA ILE B 821 -13.39 0.10 -20.95
C ILE B 821 -14.15 0.29 -22.22
N LYS B 822 -13.45 0.33 -23.36
CA LYS B 822 -14.07 0.54 -24.65
C LYS B 822 -14.95 -0.64 -24.95
N GLN B 823 -14.49 -1.85 -24.58
CA GLN B 823 -15.21 -3.07 -24.80
C GLN B 823 -16.48 -3.03 -24.03
N TYR B 824 -16.44 -2.44 -22.83
CA TYR B 824 -17.59 -2.34 -21.98
C TYR B 824 -18.64 -1.49 -22.66
N GLY B 825 -18.24 -0.38 -23.30
CA GLY B 825 -19.15 0.53 -23.95
C GLY B 825 -19.87 -0.16 -25.06
N ASP B 826 -19.17 -1.07 -25.75
CA ASP B 826 -19.74 -1.79 -26.85
C ASP B 826 -20.87 -2.62 -26.30
N CYS B 827 -20.72 -3.08 -25.04
CA CYS B 827 -21.66 -3.93 -24.38
C CYS B 827 -22.99 -3.23 -24.27
N LEU B 828 -22.97 -1.92 -23.96
CA LEU B 828 -24.17 -1.14 -23.81
C LEU B 828 -24.89 -1.03 -25.12
N GLY B 829 -24.14 -1.02 -26.23
CA GLY B 829 -24.66 -0.84 -27.55
C GLY B 829 -25.62 -1.92 -27.99
N ASP B 830 -25.39 -3.19 -27.60
CA ASP B 830 -26.12 -4.31 -28.16
C ASP B 830 -27.51 -4.48 -27.62
N ILE B 831 -28.53 -4.25 -28.49
CA ILE B 831 -29.91 -4.54 -28.19
C ILE B 831 -30.21 -6.00 -28.38
N ALA B 832 -29.70 -6.57 -29.49
CA ALA B 832 -30.01 -7.91 -29.94
C ALA B 832 -29.59 -8.94 -28.94
N ALA B 833 -28.40 -8.78 -28.33
CA ALA B 833 -27.86 -9.77 -27.45
C ALA B 833 -28.81 -10.05 -26.33
N ARG B 834 -28.83 -11.32 -25.91
CA ARG B 834 -29.68 -11.77 -24.84
C ARG B 834 -28.88 -12.03 -23.63
N ASP B 835 -29.53 -11.86 -22.46
CA ASP B 835 -28.91 -12.06 -21.18
C ASP B 835 -27.66 -11.27 -21.10
N LEU B 836 -27.77 -9.98 -21.44
CA LEU B 836 -26.60 -9.18 -21.49
C LEU B 836 -26.64 -8.21 -20.33
N ILE B 837 -26.16 -8.64 -19.14
CA ILE B 837 -26.09 -7.69 -18.06
C ILE B 837 -24.63 -7.30 -17.94
N CYS B 838 -24.32 -6.10 -18.42
CA CYS B 838 -22.97 -5.60 -18.58
C CYS B 838 -22.26 -5.36 -17.28
N ALA B 839 -23.01 -5.12 -16.19
CA ALA B 839 -22.45 -4.73 -14.93
C ALA B 839 -21.40 -5.72 -14.54
N GLN B 840 -21.60 -6.94 -14.98
CA GLN B 840 -20.86 -8.14 -14.74
C GLN B 840 -19.44 -8.14 -15.31
N LYS B 841 -18.86 -7.07 -15.99
CA LYS B 841 -18.18 -7.16 -17.25
C LYS B 841 -17.85 -8.51 -17.40
N PHE B 842 -16.68 -8.98 -17.22
CA PHE B 842 -17.09 -10.30 -17.29
C PHE B 842 -16.87 -10.85 -15.94
N ASN B 843 -15.93 -10.22 -15.22
CA ASN B 843 -15.55 -10.80 -13.97
C ASN B 843 -15.84 -9.94 -12.78
N GLY B 844 -17.13 -9.60 -12.58
CA GLY B 844 -17.55 -8.95 -11.37
C GLY B 844 -17.25 -7.49 -11.39
N LEU B 845 -16.64 -6.97 -12.47
CA LEU B 845 -16.28 -5.58 -12.45
C LEU B 845 -17.40 -4.82 -13.08
N THR B 846 -18.09 -3.98 -12.27
CA THR B 846 -19.23 -3.25 -12.73
C THR B 846 -18.95 -1.79 -12.58
N VAL B 847 -19.78 -0.96 -13.24
CA VAL B 847 -19.63 0.45 -13.11
C VAL B 847 -20.94 1.00 -12.62
N LEU B 848 -20.93 1.67 -11.47
CA LEU B 848 -22.13 2.26 -10.94
C LEU B 848 -22.33 3.57 -11.64
N PRO B 849 -23.57 3.92 -11.85
CA PRO B 849 -23.86 5.19 -12.48
C PRO B 849 -23.72 6.31 -11.49
N PRO B 850 -23.46 7.51 -11.95
CA PRO B 850 -23.37 8.63 -11.06
C PRO B 850 -24.73 9.05 -10.60
N LEU B 851 -24.83 9.53 -9.35
CA LEU B 851 -26.09 9.92 -8.75
C LEU B 851 -26.67 11.07 -9.51
N LEU B 852 -25.85 12.12 -9.75
CA LEU B 852 -26.35 13.26 -10.46
C LEU B 852 -26.15 12.99 -11.91
N THR B 853 -27.26 12.87 -12.66
CA THR B 853 -27.17 12.54 -14.05
C THR B 853 -26.62 13.71 -14.79
N ASP B 854 -26.11 13.44 -16.00
CA ASP B 854 -25.45 14.45 -16.80
C ASP B 854 -26.43 15.54 -17.09
N GLU B 855 -27.71 15.19 -17.30
CA GLU B 855 -28.68 16.21 -17.57
C GLU B 855 -28.78 17.09 -16.36
N MET B 856 -28.81 16.47 -15.16
CA MET B 856 -28.97 17.21 -13.94
C MET B 856 -27.79 18.11 -13.74
N ILE B 857 -26.59 17.62 -14.05
CA ILE B 857 -25.39 18.37 -13.82
C ILE B 857 -25.50 19.65 -14.59
N ALA B 858 -26.10 19.59 -15.78
CA ALA B 858 -26.26 20.78 -16.58
C ALA B 858 -27.14 21.76 -15.86
N GLN B 859 -28.21 21.28 -15.21
CA GLN B 859 -29.10 22.22 -14.59
C GLN B 859 -28.40 22.95 -13.48
N TYR B 860 -27.55 22.25 -12.71
CA TYR B 860 -26.83 22.93 -11.67
C TYR B 860 -26.03 24.02 -12.33
N THR B 861 -25.27 23.68 -13.38
CA THR B 861 -24.42 24.65 -13.98
C THR B 861 -25.22 25.77 -14.54
N SER B 862 -26.38 25.47 -15.15
CA SER B 862 -27.19 26.53 -15.67
C SER B 862 -27.61 27.40 -14.53
N ALA B 863 -28.00 26.81 -13.39
CA ALA B 863 -28.42 27.61 -12.26
C ALA B 863 -27.24 28.40 -11.76
N LEU B 864 -26.08 27.75 -11.67
CA LEU B 864 -24.87 28.34 -11.19
C LEU B 864 -24.57 29.48 -12.10
N LEU B 865 -24.89 29.32 -13.38
CA LEU B 865 -24.73 30.36 -14.35
C LEU B 865 -25.75 31.45 -14.19
N ALA B 866 -27.03 31.07 -14.03
CA ALA B 866 -28.13 31.99 -14.07
C ALA B 866 -28.03 32.99 -12.97
N GLY B 867 -27.75 32.54 -11.75
CA GLY B 867 -27.63 33.45 -10.64
C GLY B 867 -26.44 34.32 -10.86
N THR B 868 -25.36 33.75 -11.41
CA THR B 868 -24.17 34.51 -11.62
C THR B 868 -24.46 35.61 -12.58
N ILE B 869 -25.26 35.33 -13.62
CA ILE B 869 -25.57 36.37 -14.55
C ILE B 869 -26.48 37.40 -13.92
N THR B 870 -27.59 36.92 -13.33
CA THR B 870 -28.64 37.79 -12.87
C THR B 870 -28.41 38.49 -11.56
N SER B 871 -28.01 37.73 -10.53
CA SER B 871 -27.98 38.14 -9.15
C SER B 871 -26.66 38.61 -8.58
N GLY B 872 -25.57 38.61 -9.35
CA GLY B 872 -24.34 38.98 -8.68
C GLY B 872 -23.94 37.80 -7.82
N TRP B 873 -23.17 38.08 -6.77
CA TRP B 873 -22.63 37.15 -5.80
C TRP B 873 -23.65 36.68 -4.79
N THR B 874 -24.77 37.41 -4.62
CA THR B 874 -25.69 37.22 -3.54
C THR B 874 -26.26 35.83 -3.47
N PHE B 875 -26.36 35.09 -4.58
CA PHE B 875 -27.02 33.82 -4.56
C PHE B 875 -26.33 32.81 -3.69
N GLY B 876 -25.02 33.00 -3.41
CA GLY B 876 -24.32 32.17 -2.45
C GLY B 876 -24.66 32.55 -1.03
N ALA B 877 -24.74 33.87 -0.77
CA ALA B 877 -24.98 34.46 0.53
C ALA B 877 -26.39 34.23 1.00
N GLY B 878 -27.37 34.18 0.08
CA GLY B 878 -28.72 34.04 0.56
C GLY B 878 -29.63 34.02 -0.63
N ALA B 879 -30.76 34.77 -0.53
CA ALA B 879 -31.68 34.82 -1.62
C ALA B 879 -31.07 35.63 -2.72
N ALA B 880 -31.12 35.09 -3.96
CA ALA B 880 -30.51 35.77 -5.06
C ALA B 880 -31.27 37.03 -5.32
N LEU B 881 -30.54 38.17 -5.39
CA LEU B 881 -31.14 39.45 -5.62
C LEU B 881 -30.86 39.78 -7.05
N GLN B 882 -31.92 39.89 -7.89
CA GLN B 882 -31.68 40.15 -9.27
C GLN B 882 -31.08 41.51 -9.44
N ILE B 883 -30.00 41.60 -10.24
CA ILE B 883 -29.38 42.88 -10.50
C ILE B 883 -29.04 42.95 -11.96
N PRO B 884 -29.20 44.09 -12.57
CA PRO B 884 -28.90 44.29 -13.97
C PRO B 884 -27.44 44.03 -14.17
N PHE B 885 -27.08 43.40 -15.30
CA PHE B 885 -25.76 42.89 -15.54
C PHE B 885 -24.73 43.98 -15.56
N ALA B 886 -25.01 45.11 -16.21
CA ALA B 886 -24.05 46.17 -16.33
C ALA B 886 -23.69 46.61 -14.95
N MET B 887 -24.66 46.53 -14.02
CA MET B 887 -24.45 46.92 -12.66
C MET B 887 -23.49 45.96 -12.00
N GLN B 888 -23.50 44.68 -12.41
CA GLN B 888 -22.66 43.71 -11.75
C GLN B 888 -21.20 43.97 -11.99
N MET B 889 -20.80 44.17 -13.25
CA MET B 889 -19.41 44.35 -13.57
C MET B 889 -18.95 45.61 -12.92
N ALA B 890 -19.83 46.61 -12.80
CA ALA B 890 -19.45 47.84 -12.17
C ALA B 890 -19.04 47.51 -10.77
N TYR B 891 -19.80 46.61 -10.10
CA TYR B 891 -19.41 46.18 -8.79
C TYR B 891 -18.12 45.41 -8.91
N ARG B 892 -18.01 44.60 -9.97
CA ARG B 892 -16.89 43.71 -10.14
C ARG B 892 -15.60 44.45 -10.32
N PHE B 893 -15.61 45.49 -11.16
CA PHE B 893 -14.44 46.29 -11.43
C PHE B 893 -14.08 46.94 -10.14
N ASN B 894 -15.09 47.21 -9.30
CA ASN B 894 -14.85 47.80 -8.02
C ASN B 894 -13.95 46.88 -7.26
N GLY B 895 -14.04 45.57 -7.54
CA GLY B 895 -13.30 44.53 -6.87
C GLY B 895 -11.80 44.59 -7.07
N ILE B 896 -11.36 44.99 -8.29
CA ILE B 896 -9.99 45.15 -8.70
C ILE B 896 -9.33 46.42 -8.26
N GLY B 897 -10.08 47.50 -7.96
CA GLY B 897 -9.41 48.72 -7.62
C GLY B 897 -9.56 49.66 -8.77
N VAL B 898 -10.52 49.38 -9.69
CA VAL B 898 -10.81 50.28 -10.76
C VAL B 898 -12.23 50.74 -10.57
N THR B 899 -12.48 52.05 -10.76
CA THR B 899 -13.80 52.58 -10.48
C THR B 899 -14.79 52.11 -11.49
N GLN B 900 -16.07 52.36 -11.16
CA GLN B 900 -17.21 51.97 -11.94
C GLN B 900 -17.16 52.63 -13.29
N ASN B 901 -16.68 53.88 -13.34
CA ASN B 901 -16.76 54.66 -14.55
C ASN B 901 -16.03 53.99 -15.68
N VAL B 902 -15.01 53.16 -15.38
CA VAL B 902 -14.28 52.59 -16.47
C VAL B 902 -15.16 51.72 -17.31
N LEU B 903 -16.03 50.89 -16.69
CA LEU B 903 -16.82 49.99 -17.47
C LEU B 903 -17.78 50.72 -18.36
N TYR B 904 -18.59 51.65 -17.81
CA TYR B 904 -19.62 52.30 -18.58
C TYR B 904 -19.02 53.16 -19.63
N GLU B 905 -17.92 53.86 -19.30
CA GLU B 905 -17.28 54.73 -20.22
C GLU B 905 -16.81 53.90 -21.37
N ASN B 906 -16.55 52.60 -21.12
CA ASN B 906 -16.13 51.75 -22.20
C ASN B 906 -17.04 50.54 -22.27
N GLN B 907 -18.36 50.72 -22.10
CA GLN B 907 -19.17 49.53 -21.97
C GLN B 907 -19.25 48.74 -23.25
N LYS B 908 -19.43 49.40 -24.40
CA LYS B 908 -19.64 48.68 -25.63
C LYS B 908 -18.44 47.84 -25.96
N LEU B 909 -17.24 48.45 -25.93
CA LEU B 909 -16.04 47.74 -26.29
C LEU B 909 -15.78 46.65 -25.31
N ILE B 910 -15.98 46.90 -24.00
CA ILE B 910 -15.72 45.87 -23.03
C ILE B 910 -16.66 44.75 -23.30
N ALA B 911 -17.92 45.08 -23.59
CA ALA B 911 -18.88 44.05 -23.83
C ALA B 911 -18.44 43.27 -25.03
N ASN B 912 -18.05 43.99 -26.10
CA ASN B 912 -17.68 43.33 -27.32
C ASN B 912 -16.44 42.51 -27.09
N GLN B 913 -15.50 43.04 -26.30
CA GLN B 913 -14.26 42.36 -26.08
C GLN B 913 -14.55 41.08 -25.37
N PHE B 914 -15.50 41.09 -24.43
CA PHE B 914 -15.88 39.89 -23.73
C PHE B 914 -16.48 38.94 -24.73
N ASN B 915 -17.35 39.47 -25.62
CA ASN B 915 -18.03 38.62 -26.56
C ASN B 915 -17.04 37.92 -27.45
N SER B 916 -16.08 38.66 -28.01
CA SER B 916 -15.13 38.07 -28.91
C SER B 916 -14.28 37.11 -28.15
N ALA B 917 -14.02 37.41 -26.87
CA ALA B 917 -13.14 36.58 -26.09
C ALA B 917 -13.72 35.19 -25.99
N ILE B 918 -15.03 35.09 -25.74
CA ILE B 918 -15.66 33.82 -25.53
C ILE B 918 -15.53 32.96 -26.75
N GLY B 919 -15.72 33.56 -27.94
CA GLY B 919 -15.69 32.81 -29.16
C GLY B 919 -14.35 32.15 -29.32
N LYS B 920 -13.29 32.79 -28.83
CA LYS B 920 -11.96 32.25 -28.98
C LYS B 920 -11.90 30.92 -28.30
N ILE B 921 -12.52 30.79 -27.11
CA ILE B 921 -12.49 29.55 -26.39
C ILE B 921 -13.13 28.50 -27.23
N GLN B 922 -14.21 28.85 -27.95
CA GLN B 922 -14.87 27.85 -28.73
C GLN B 922 -13.90 27.28 -29.70
N ASP B 923 -13.09 28.13 -30.35
CA ASP B 923 -12.13 27.67 -31.33
C ASP B 923 -11.06 26.84 -30.68
N SER B 924 -10.49 27.29 -29.54
CA SER B 924 -9.38 26.59 -28.96
C SER B 924 -9.81 25.20 -28.57
N LEU B 925 -10.99 25.08 -27.93
CA LEU B 925 -11.47 23.80 -27.50
C LEU B 925 -11.74 22.96 -28.71
N SER B 926 -12.36 23.54 -29.74
CA SER B 926 -12.72 22.81 -30.92
C SER B 926 -11.49 22.35 -31.63
N SER B 927 -10.49 23.25 -31.73
CA SER B 927 -9.29 22.99 -32.48
C SER B 927 -8.52 21.85 -31.88
N THR B 928 -8.22 21.91 -30.57
CA THR B 928 -7.41 20.87 -30.02
C THR B 928 -8.05 20.30 -28.79
N ALA B 929 -8.04 18.96 -28.71
CA ALA B 929 -8.47 18.13 -27.62
C ALA B 929 -7.50 18.26 -26.47
N SER B 930 -6.24 18.60 -26.80
CA SER B 930 -5.13 18.62 -25.89
C SER B 930 -5.42 19.51 -24.72
N ALA B 931 -6.32 20.50 -24.87
CA ALA B 931 -6.60 21.40 -23.79
C ALA B 931 -7.13 20.63 -22.61
N LEU B 932 -7.90 19.56 -22.90
CA LEU B 932 -8.60 18.63 -22.05
C LEU B 932 -7.73 17.61 -21.36
N GLY B 933 -6.39 17.66 -21.47
CA GLY B 933 -5.58 16.62 -20.91
C GLY B 933 -5.88 16.34 -19.45
N LYS B 934 -6.16 17.38 -18.63
CA LYS B 934 -6.37 17.18 -17.22
C LYS B 934 -7.51 16.24 -16.96
N LEU B 935 -8.57 16.31 -17.78
CA LEU B 935 -9.65 15.37 -17.64
C LEU B 935 -9.29 14.04 -18.24
N GLN B 936 -8.65 14.08 -19.42
CA GLN B 936 -8.42 12.89 -20.21
C GLN B 936 -7.55 11.93 -19.47
N ASP B 937 -6.53 12.42 -18.77
CA ASP B 937 -5.67 11.50 -18.08
C ASP B 937 -6.44 10.78 -17.02
N VAL B 938 -7.40 11.44 -16.35
CA VAL B 938 -8.13 10.77 -15.31
C VAL B 938 -8.86 9.61 -15.91
N VAL B 939 -9.52 9.81 -17.07
CA VAL B 939 -10.23 8.74 -17.68
C VAL B 939 -9.23 7.71 -18.12
N ASN B 940 -8.07 8.16 -18.64
CA ASN B 940 -7.08 7.26 -19.16
C ASN B 940 -6.54 6.40 -18.05
N GLN B 941 -6.25 7.02 -16.90
CA GLN B 941 -5.62 6.35 -15.79
C GLN B 941 -6.53 5.27 -15.30
N ASN B 942 -7.81 5.58 -15.13
CA ASN B 942 -8.75 4.63 -14.61
C ASN B 942 -8.84 3.50 -15.58
N ALA B 943 -8.91 3.82 -16.89
CA ALA B 943 -9.08 2.80 -17.88
C ALA B 943 -7.90 1.90 -17.77
N GLN B 944 -6.69 2.48 -17.60
CA GLN B 944 -5.49 1.72 -17.54
C GLN B 944 -5.53 0.84 -16.33
N ALA B 945 -6.00 1.37 -15.18
CA ALA B 945 -6.03 0.59 -13.98
C ALA B 945 -6.93 -0.59 -14.17
N LEU B 946 -8.11 -0.37 -14.78
CA LEU B 946 -9.02 -1.46 -14.98
C LEU B 946 -8.44 -2.46 -15.92
N ASN B 947 -7.77 -1.99 -17.00
CA ASN B 947 -7.23 -2.91 -17.96
C ASN B 947 -6.22 -3.76 -17.28
N THR B 948 -5.32 -3.15 -16.49
CA THR B 948 -4.28 -3.89 -15.83
C THR B 948 -4.93 -4.88 -14.92
N LEU B 949 -5.98 -4.44 -14.21
CA LEU B 949 -6.65 -5.31 -13.29
C LEU B 949 -7.27 -6.45 -14.04
N VAL B 950 -7.84 -6.18 -15.23
CA VAL B 950 -8.48 -7.23 -15.97
C VAL B 950 -7.46 -8.22 -16.48
N LYS B 951 -6.31 -7.71 -16.96
CA LYS B 951 -5.28 -8.48 -17.60
C LYS B 951 -4.67 -9.47 -16.65
N GLN B 952 -4.67 -9.13 -15.34
CA GLN B 952 -4.04 -9.95 -14.35
C GLN B 952 -4.64 -11.31 -14.35
N LEU B 953 -5.91 -11.43 -14.76
CA LEU B 953 -6.60 -12.68 -14.72
C LEU B 953 -5.83 -13.72 -15.49
N SER B 954 -5.15 -13.31 -16.56
CA SER B 954 -4.41 -14.19 -17.43
C SER B 954 -3.15 -14.74 -16.79
N SER B 955 -2.57 -14.07 -15.78
CA SER B 955 -1.30 -14.51 -15.27
C SER B 955 -1.41 -15.80 -14.51
N ASN B 956 -0.46 -16.71 -14.76
CA ASN B 956 -0.40 -18.03 -14.16
C ASN B 956 -0.04 -17.94 -12.71
N PHE B 957 0.79 -16.97 -12.30
CA PHE B 957 1.14 -16.80 -10.92
C PHE B 957 1.84 -18.02 -10.40
N GLY B 958 2.38 -18.88 -11.30
CA GLY B 958 3.04 -20.06 -10.82
C GLY B 958 2.08 -21.22 -10.85
N ALA B 959 0.78 -20.96 -11.07
CA ALA B 959 -0.19 -22.03 -11.15
C ALA B 959 -0.01 -22.66 -12.49
N ILE B 960 -0.47 -23.93 -12.64
CA ILE B 960 -0.28 -24.62 -13.88
C ILE B 960 -1.01 -23.89 -14.95
N SER B 961 -2.18 -23.32 -14.62
CA SER B 961 -2.91 -22.59 -15.62
C SER B 961 -3.61 -21.44 -14.99
N SER B 962 -3.98 -20.47 -15.83
CA SER B 962 -4.65 -19.24 -15.52
C SER B 962 -6.14 -19.35 -15.47
N VAL B 963 -6.73 -20.53 -15.77
CA VAL B 963 -8.17 -20.60 -15.80
C VAL B 963 -8.65 -21.45 -14.65
N LEU B 964 -9.59 -20.89 -13.86
CA LEU B 964 -10.13 -21.58 -12.71
C LEU B 964 -10.90 -22.79 -13.17
N ASN B 965 -11.73 -22.64 -14.22
CA ASN B 965 -12.54 -23.75 -14.63
C ASN B 965 -11.68 -24.86 -15.10
N ASP B 966 -10.52 -24.55 -15.72
CA ASP B 966 -9.63 -25.58 -16.15
C ASP B 966 -9.12 -26.32 -14.97
N ILE B 967 -8.63 -25.63 -13.92
CA ILE B 967 -8.01 -26.27 -12.80
C ILE B 967 -9.01 -27.20 -12.17
N LEU B 968 -10.27 -26.74 -12.06
CA LEU B 968 -11.30 -27.52 -11.44
C LEU B 968 -11.51 -28.77 -12.24
N SER B 969 -11.55 -28.63 -13.58
CA SER B 969 -11.77 -29.77 -14.43
C SER B 969 -10.55 -30.64 -14.45
N ARG B 970 -9.36 -30.03 -14.28
CA ARG B 970 -8.07 -30.65 -14.34
C ARG B 970 -7.67 -31.44 -13.13
N LEU B 971 -7.90 -30.90 -11.91
CA LEU B 971 -7.34 -31.58 -10.76
C LEU B 971 -8.40 -31.89 -9.75
N ASP B 972 -8.14 -32.95 -8.96
CA ASP B 972 -8.99 -33.29 -7.86
C ASP B 972 -8.72 -32.29 -6.78
N PRO B 973 -9.63 -32.18 -5.80
CA PRO B 973 -9.59 -31.12 -4.82
C PRO B 973 -8.33 -31.13 -4.01
N PRO B 974 -7.83 -32.31 -3.61
CA PRO B 974 -6.69 -32.32 -2.72
C PRO B 974 -5.54 -31.60 -3.36
N GLU B 975 -5.26 -31.87 -4.65
CA GLU B 975 -4.21 -31.23 -5.41
C GLU B 975 -4.59 -29.86 -5.89
N ALA B 976 -5.86 -29.68 -6.32
CA ALA B 976 -6.32 -28.46 -6.92
C ALA B 976 -6.22 -27.33 -5.93
N GLU B 977 -6.45 -27.62 -4.65
CA GLU B 977 -6.47 -26.57 -3.67
C GLU B 977 -5.15 -25.86 -3.70
N VAL B 978 -4.04 -26.57 -3.90
CA VAL B 978 -2.78 -25.90 -3.88
C VAL B 978 -2.68 -24.92 -5.02
N GLN B 979 -3.08 -25.34 -6.24
CA GLN B 979 -2.88 -24.50 -7.39
C GLN B 979 -3.75 -23.29 -7.32
N ILE B 980 -5.02 -23.45 -6.92
CA ILE B 980 -5.96 -22.36 -6.87
C ILE B 980 -5.46 -21.36 -5.87
N ASP B 981 -4.87 -21.86 -4.77
CA ASP B 981 -4.39 -21.02 -3.71
C ASP B 981 -3.38 -20.07 -4.29
N ARG B 982 -2.55 -20.54 -5.24
CA ARG B 982 -1.54 -19.66 -5.79
C ARG B 982 -2.18 -18.50 -6.47
N LEU B 983 -3.27 -18.75 -7.22
CA LEU B 983 -3.92 -17.71 -7.92
C LEU B 983 -4.56 -16.76 -6.95
N ILE B 984 -5.21 -17.28 -5.88
CA ILE B 984 -5.93 -16.43 -4.98
C ILE B 984 -5.01 -15.48 -4.29
N THR B 985 -3.87 -15.98 -3.79
CA THR B 985 -2.97 -15.09 -3.09
C THR B 985 -2.49 -14.04 -4.05
N GLY B 986 -2.15 -14.43 -5.29
CA GLY B 986 -1.65 -13.48 -6.25
C GLY B 986 -2.70 -12.51 -6.71
N ARG B 987 -3.87 -13.02 -7.14
CA ARG B 987 -4.91 -12.20 -7.71
C ARG B 987 -5.39 -11.23 -6.70
N LEU B 988 -5.57 -11.70 -5.45
CA LEU B 988 -6.05 -10.84 -4.42
C LEU B 988 -5.06 -9.74 -4.21
N GLN B 989 -3.77 -10.09 -4.28
CA GLN B 989 -2.73 -9.13 -4.04
C GLN B 989 -2.79 -8.09 -5.12
N SER B 990 -3.12 -8.50 -6.37
CA SER B 990 -3.23 -7.57 -7.45
C SER B 990 -4.38 -6.65 -7.19
N LEU B 991 -5.51 -7.22 -6.74
CA LEU B 991 -6.68 -6.46 -6.47
C LEU B 991 -6.38 -5.51 -5.35
N GLN B 992 -5.59 -5.98 -4.36
CA GLN B 992 -5.22 -5.17 -3.25
C GLN B 992 -4.42 -4.00 -3.76
N THR B 993 -3.54 -4.25 -4.76
CA THR B 993 -2.70 -3.23 -5.31
C THR B 993 -3.56 -2.19 -5.97
N TYR B 994 -4.58 -2.63 -6.71
CA TYR B 994 -5.46 -1.77 -7.44
C TYR B 994 -6.20 -0.85 -6.51
N VAL B 995 -6.72 -1.40 -5.40
CA VAL B 995 -7.50 -0.63 -4.46
C VAL B 995 -6.65 0.45 -3.87
N THR B 996 -5.40 0.12 -3.48
CA THR B 996 -4.56 1.09 -2.84
C THR B 996 -4.33 2.21 -3.80
N GLN B 997 -4.16 1.89 -5.10
CA GLN B 997 -3.92 2.91 -6.08
C GLN B 997 -5.10 3.81 -6.14
N GLN B 998 -6.31 3.22 -6.11
CA GLN B 998 -7.51 4.00 -6.24
C GLN B 998 -7.65 4.93 -5.08
N LEU B 999 -7.37 4.45 -3.85
CA LEU B 999 -7.55 5.30 -2.70
C LEU B 999 -6.66 6.49 -2.83
N ILE B 1000 -5.39 6.26 -3.22
CA ILE B 1000 -4.46 7.34 -3.33
C ILE B 1000 -4.93 8.28 -4.40
N ARG B 1001 -5.33 7.72 -5.56
CA ARG B 1001 -5.71 8.51 -6.69
C ARG B 1001 -6.96 9.29 -6.36
N ALA B 1002 -7.89 8.65 -5.64
CA ALA B 1002 -9.14 9.24 -5.26
C ALA B 1002 -8.85 10.42 -4.40
N ALA B 1003 -7.83 10.30 -3.52
CA ALA B 1003 -7.51 11.37 -2.64
C ALA B 1003 -7.08 12.54 -3.48
N GLU B 1004 -6.31 12.28 -4.55
CA GLU B 1004 -5.85 13.37 -5.37
C GLU B 1004 -7.04 14.05 -5.99
N ILE B 1005 -7.99 13.26 -6.51
CA ILE B 1005 -9.15 13.87 -7.12
C ILE B 1005 -9.94 14.61 -6.09
N ARG B 1006 -10.13 14.02 -4.89
CA ARG B 1006 -10.91 14.71 -3.90
C ARG B 1006 -10.20 15.97 -3.53
N ALA B 1007 -8.85 15.96 -3.56
CA ALA B 1007 -8.14 17.16 -3.26
C ALA B 1007 -8.53 18.20 -4.28
N SER B 1008 -8.63 17.78 -5.55
CA SER B 1008 -9.00 18.67 -6.62
C SER B 1008 -10.42 19.09 -6.43
N ALA B 1009 -11.29 18.18 -5.97
CA ALA B 1009 -12.68 18.51 -5.82
C ALA B 1009 -12.83 19.61 -4.81
N ASN B 1010 -12.08 19.54 -3.70
CA ASN B 1010 -12.17 20.53 -2.68
C ASN B 1010 -11.75 21.83 -3.28
N LEU B 1011 -10.68 21.79 -4.09
CA LEU B 1011 -10.21 22.99 -4.74
C LEU B 1011 -11.26 23.47 -5.68
N ALA B 1012 -11.91 22.53 -6.39
CA ALA B 1012 -12.91 22.86 -7.36
C ALA B 1012 -14.03 23.54 -6.64
N ALA B 1013 -14.42 22.99 -5.48
CA ALA B 1013 -15.52 23.53 -4.74
C ALA B 1013 -15.15 24.91 -4.30
N THR B 1014 -13.90 25.13 -3.87
CA THR B 1014 -13.49 26.42 -3.40
C THR B 1014 -13.54 27.40 -4.52
N LYS B 1015 -13.11 26.97 -5.72
CA LYS B 1015 -13.08 27.82 -6.88
C LYS B 1015 -14.50 28.17 -7.19
N MET B 1016 -15.41 27.19 -7.11
CA MET B 1016 -16.80 27.42 -7.38
C MET B 1016 -17.33 28.34 -6.33
N SER B 1017 -16.86 28.15 -5.10
CA SER B 1017 -17.30 28.87 -3.95
C SER B 1017 -16.89 30.32 -4.04
N GLU B 1018 -15.57 30.56 -4.24
CA GLU B 1018 -14.95 31.85 -4.32
C GLU B 1018 -14.99 32.55 -5.65
N CYS B 1019 -14.75 31.80 -6.74
CA CYS B 1019 -14.63 32.37 -8.06
C CYS B 1019 -15.96 32.61 -8.75
N VAL B 1020 -16.87 31.62 -8.69
CA VAL B 1020 -18.18 31.73 -9.29
C VAL B 1020 -19.10 32.57 -8.46
N LEU B 1021 -19.24 32.19 -7.19
CA LEU B 1021 -20.14 32.75 -6.22
C LEU B 1021 -19.73 34.15 -5.89
N GLY B 1022 -18.44 34.48 -6.09
CA GLY B 1022 -18.00 35.80 -5.80
C GLY B 1022 -16.72 36.04 -6.56
N GLN B 1023 -16.11 37.22 -6.34
CA GLN B 1023 -14.88 37.55 -7.00
C GLN B 1023 -13.77 37.28 -6.03
N SER B 1024 -12.87 36.34 -6.39
CA SER B 1024 -11.78 35.99 -5.51
C SER B 1024 -10.70 37.04 -5.60
N LYS B 1025 -10.10 37.33 -4.42
CA LYS B 1025 -9.00 38.23 -4.20
C LYS B 1025 -7.64 37.58 -4.39
N ARG B 1026 -7.58 36.24 -4.38
CA ARG B 1026 -6.32 35.54 -4.39
C ARG B 1026 -5.67 35.65 -5.75
N VAL B 1027 -4.43 36.17 -5.79
CA VAL B 1027 -3.76 36.34 -7.04
C VAL B 1027 -3.44 34.98 -7.59
N ASP B 1028 -3.70 34.80 -8.90
CA ASP B 1028 -3.48 33.59 -9.65
C ASP B 1028 -4.31 32.46 -9.11
N PHE B 1029 -5.45 32.75 -8.45
CA PHE B 1029 -6.38 31.71 -8.09
C PHE B 1029 -7.35 31.41 -9.21
N CYS B 1030 -7.91 32.50 -9.78
CA CYS B 1030 -8.86 32.59 -10.87
C CYS B 1030 -8.23 32.76 -12.22
N GLY B 1031 -6.93 32.48 -12.39
CA GLY B 1031 -6.36 32.68 -13.69
C GLY B 1031 -5.50 33.89 -13.58
N LYS B 1032 -4.58 34.06 -14.54
CA LYS B 1032 -3.62 35.12 -14.45
C LYS B 1032 -4.31 36.45 -14.49
N GLY B 1033 -4.10 37.27 -13.44
CA GLY B 1033 -4.59 38.62 -13.48
C GLY B 1033 -5.65 38.93 -12.46
N TYR B 1034 -6.03 40.23 -12.40
CA TYR B 1034 -7.04 40.70 -11.49
C TYR B 1034 -8.31 40.06 -11.94
N HIS B 1035 -8.82 39.12 -11.13
CA HIS B 1035 -9.93 38.29 -11.52
C HIS B 1035 -11.24 39.01 -11.51
N LEU B 1036 -12.02 38.87 -12.62
CA LEU B 1036 -13.38 39.35 -12.65
C LEU B 1036 -14.40 38.35 -12.18
N MET B 1037 -14.48 37.16 -12.84
CA MET B 1037 -15.55 36.23 -12.55
C MET B 1037 -15.34 34.98 -13.34
N SER B 1038 -16.15 33.94 -13.07
CA SER B 1038 -15.94 32.69 -13.74
C SER B 1038 -17.26 32.08 -14.06
N PHE B 1039 -17.32 31.28 -15.16
CA PHE B 1039 -18.53 30.58 -15.49
C PHE B 1039 -18.21 29.11 -15.50
N PRO B 1040 -18.76 28.38 -14.57
CA PRO B 1040 -18.49 26.98 -14.47
C PRO B 1040 -19.14 26.26 -15.62
N GLN B 1041 -18.54 25.15 -16.06
CA GLN B 1041 -19.08 24.45 -17.18
C GLN B 1041 -18.95 22.99 -16.87
N SER B 1042 -19.93 22.18 -17.32
CA SER B 1042 -19.91 20.77 -17.03
C SER B 1042 -18.86 20.12 -17.86
N ALA B 1043 -18.52 18.85 -17.52
CA ALA B 1043 -17.55 18.10 -18.25
C ALA B 1043 -17.64 16.69 -17.76
N PRO B 1044 -17.09 15.74 -18.49
CA PRO B 1044 -17.12 14.39 -18.03
C PRO B 1044 -16.15 14.20 -16.90
N HIS B 1045 -16.63 13.68 -15.76
CA HIS B 1045 -15.82 13.38 -14.62
C HIS B 1045 -15.04 14.58 -14.18
N GLY B 1046 -15.52 15.81 -14.45
CA GLY B 1046 -14.71 16.94 -14.06
C GLY B 1046 -15.44 18.20 -14.38
N VAL B 1047 -14.78 19.36 -14.15
CA VAL B 1047 -15.40 20.63 -14.38
C VAL B 1047 -14.43 21.51 -15.13
N VAL B 1048 -14.96 22.52 -15.85
CA VAL B 1048 -14.15 23.45 -16.58
C VAL B 1048 -14.65 24.83 -16.26
N PHE B 1049 -13.73 25.78 -16.02
CA PHE B 1049 -14.13 27.12 -15.67
C PHE B 1049 -13.66 28.05 -16.74
N LEU B 1050 -14.50 29.06 -17.06
CA LEU B 1050 -14.09 30.05 -18.03
C LEU B 1050 -13.89 31.32 -17.28
N HIS B 1051 -12.68 31.52 -16.74
CA HIS B 1051 -12.39 32.67 -15.93
C HIS B 1051 -12.31 33.87 -16.81
N VAL B 1052 -12.77 35.03 -16.29
CA VAL B 1052 -12.66 36.27 -17.02
C VAL B 1052 -11.69 37.11 -16.24
N THR B 1053 -10.52 37.41 -16.81
CA THR B 1053 -9.52 38.09 -16.04
C THR B 1053 -9.11 39.38 -16.71
N TYR B 1054 -8.83 40.39 -15.87
CA TYR B 1054 -8.43 41.70 -16.32
C TYR B 1054 -6.93 41.69 -16.40
N VAL B 1055 -6.39 42.01 -17.60
CA VAL B 1055 -4.96 42.06 -17.80
C VAL B 1055 -4.63 43.39 -18.44
N PRO B 1056 -3.67 44.12 -17.91
CA PRO B 1056 -3.34 45.41 -18.49
C PRO B 1056 -2.69 45.31 -19.84
N ALA B 1057 -3.22 46.00 -20.86
CA ALA B 1057 -2.68 46.00 -22.21
C ALA B 1057 -1.57 46.96 -22.57
N GLN B 1058 -1.80 48.28 -22.38
CA GLN B 1058 -0.83 49.18 -22.94
C GLN B 1058 -0.38 50.07 -21.85
N GLU B 1059 0.90 50.47 -21.89
CA GLU B 1059 1.36 51.25 -20.78
C GLU B 1059 2.20 52.40 -21.23
N LYS B 1060 2.35 53.38 -20.32
CA LYS B 1060 3.13 54.56 -20.59
C LYS B 1060 3.87 54.91 -19.33
N ASN B 1061 5.14 55.33 -19.48
CA ASN B 1061 5.94 55.71 -18.35
C ASN B 1061 5.53 57.07 -17.89
N PHE B 1062 5.72 57.35 -16.58
CA PHE B 1062 5.43 58.63 -16.01
C PHE B 1062 6.41 58.85 -14.90
N THR B 1063 6.55 60.11 -14.43
CA THR B 1063 7.48 60.39 -13.38
C THR B 1063 6.68 60.57 -12.11
N THR B 1064 7.13 59.92 -11.02
CA THR B 1064 6.34 59.89 -9.82
C THR B 1064 7.09 60.43 -8.64
N ALA B 1065 6.33 60.76 -7.58
CA ALA B 1065 6.85 61.19 -6.31
C ALA B 1065 5.73 60.99 -5.32
N PRO B 1066 6.06 60.46 -4.18
CA PRO B 1066 5.09 60.06 -3.18
C PRO B 1066 4.21 61.16 -2.70
N ALA B 1067 4.52 62.44 -2.99
CA ALA B 1067 3.72 63.49 -2.43
C ALA B 1067 3.95 64.74 -3.21
N ILE B 1068 3.33 65.84 -2.75
CA ILE B 1068 3.55 67.15 -3.29
C ILE B 1068 3.39 68.14 -2.18
N CYS B 1069 4.06 69.31 -2.28
CA CYS B 1069 3.92 70.33 -1.27
C CYS B 1069 3.17 71.48 -1.87
N HIS B 1070 2.00 71.85 -1.30
CA HIS B 1070 1.38 73.08 -1.74
C HIS B 1070 1.93 74.28 -1.00
N ASP B 1071 1.73 74.25 0.33
CA ASP B 1071 2.07 75.23 1.34
C ASP B 1071 3.45 75.07 1.88
N GLY B 1072 4.07 73.89 1.69
CA GLY B 1072 5.28 73.59 2.39
C GLY B 1072 4.92 72.43 3.25
N LYS B 1073 3.64 72.01 3.13
CA LYS B 1073 3.05 70.88 3.81
C LYS B 1073 3.06 69.73 2.84
N ALA B 1074 2.77 68.51 3.33
CA ALA B 1074 2.82 67.34 2.49
C ALA B 1074 1.43 66.84 2.18
N HIS B 1075 1.24 66.40 0.92
CA HIS B 1075 0.01 65.81 0.46
C HIS B 1075 0.31 64.44 -0.09
N PHE B 1076 -0.54 63.45 0.26
CA PHE B 1076 -0.43 62.11 -0.26
C PHE B 1076 -1.73 61.84 -0.98
N PRO B 1077 -1.74 60.95 -1.94
CA PRO B 1077 -2.96 60.68 -2.66
C PRO B 1077 -3.88 59.77 -1.90
N ARG B 1078 -5.18 60.11 -1.82
CA ARG B 1078 -6.12 59.26 -1.15
C ARG B 1078 -6.23 58.00 -1.94
N GLU B 1079 -6.37 58.12 -3.27
CA GLU B 1079 -6.43 56.96 -4.11
C GLU B 1079 -5.68 57.31 -5.36
N GLY B 1080 -4.57 56.59 -5.62
CA GLY B 1080 -3.83 56.84 -6.83
C GLY B 1080 -2.39 57.08 -6.48
N VAL B 1081 -1.60 57.48 -7.50
CA VAL B 1081 -0.21 57.79 -7.35
C VAL B 1081 0.05 59.04 -8.14
N PHE B 1082 1.11 59.80 -7.79
CA PHE B 1082 1.39 61.03 -8.49
C PHE B 1082 2.21 60.72 -9.71
N VAL B 1083 1.87 61.40 -10.83
CA VAL B 1083 2.53 61.26 -12.09
C VAL B 1083 2.57 62.60 -12.75
N SER B 1084 3.32 62.73 -13.86
CA SER B 1084 3.35 63.98 -14.57
C SER B 1084 3.49 63.69 -16.03
N ASN B 1085 2.80 64.50 -16.86
CA ASN B 1085 2.89 64.44 -18.29
C ASN B 1085 4.17 65.08 -18.70
N GLY B 1086 4.83 65.77 -17.76
CA GLY B 1086 6.08 66.43 -17.99
C GLY B 1086 5.87 67.88 -17.70
N THR B 1087 4.78 68.45 -18.24
CA THR B 1087 4.46 69.81 -17.94
C THR B 1087 3.77 69.93 -16.60
N HIS B 1088 2.76 69.05 -16.36
CA HIS B 1088 1.95 69.19 -15.19
C HIS B 1088 1.81 67.88 -14.48
N TRP B 1089 1.58 67.96 -13.15
CA TRP B 1089 1.49 66.78 -12.35
C TRP B 1089 0.06 66.34 -12.24
N PHE B 1090 -0.16 65.01 -12.31
CA PHE B 1090 -1.47 64.42 -12.23
C PHE B 1090 -1.39 63.27 -11.27
N VAL B 1091 -2.52 62.92 -10.62
CA VAL B 1091 -2.56 61.78 -9.75
C VAL B 1091 -3.57 60.85 -10.33
N THR B 1092 -3.28 59.52 -10.42
CA THR B 1092 -4.23 58.65 -11.06
C THR B 1092 -4.28 57.33 -10.36
N GLN B 1093 -5.28 56.52 -10.74
CA GLN B 1093 -5.51 55.21 -10.22
C GLN B 1093 -4.38 54.33 -10.70
N ARG B 1094 -4.23 53.18 -10.02
CA ARG B 1094 -3.14 52.24 -10.18
C ARG B 1094 -3.13 51.39 -11.43
N ASN B 1095 -4.29 50.96 -11.98
CA ASN B 1095 -4.15 49.96 -13.02
C ASN B 1095 -4.70 50.39 -14.35
N PHE B 1096 -5.16 51.64 -14.51
CA PHE B 1096 -5.65 52.08 -15.79
C PHE B 1096 -5.47 53.57 -15.73
N TYR B 1097 -4.81 54.17 -16.74
CA TYR B 1097 -4.41 55.55 -16.61
C TYR B 1097 -5.53 56.51 -16.86
N GLU B 1098 -5.73 57.42 -15.88
CA GLU B 1098 -6.66 58.52 -16.00
C GLU B 1098 -6.09 59.61 -15.14
N PRO B 1099 -5.61 60.69 -15.68
CA PRO B 1099 -5.06 61.75 -14.86
C PRO B 1099 -6.15 62.58 -14.27
N GLN B 1100 -5.87 63.27 -13.15
CA GLN B 1100 -6.86 64.14 -12.57
C GLN B 1100 -6.17 65.34 -12.03
N ILE B 1101 -6.91 66.47 -11.96
CA ILE B 1101 -6.35 67.69 -11.43
C ILE B 1101 -6.22 67.46 -9.97
N ILE B 1102 -5.01 67.71 -9.41
CA ILE B 1102 -4.81 67.38 -8.03
C ILE B 1102 -5.40 68.47 -7.20
N THR B 1103 -6.52 68.13 -6.54
CA THR B 1103 -7.20 69.07 -5.71
C THR B 1103 -7.22 68.48 -4.33
N THR B 1104 -7.60 69.31 -3.35
CA THR B 1104 -7.63 68.92 -1.98
C THR B 1104 -8.63 67.83 -1.82
N ASP B 1105 -9.67 67.81 -2.67
CA ASP B 1105 -10.73 66.85 -2.56
C ASP B 1105 -10.16 65.46 -2.69
N ASN B 1106 -9.15 65.27 -3.57
CA ASN B 1106 -8.47 64.02 -3.79
C ASN B 1106 -7.40 63.73 -2.77
N THR B 1107 -6.80 64.77 -2.14
CA THR B 1107 -5.59 64.57 -1.38
C THR B 1107 -5.86 64.70 0.10
N PHE B 1108 -4.93 64.15 0.94
CA PHE B 1108 -5.04 64.27 2.36
C PHE B 1108 -3.73 64.76 2.91
N VAL B 1109 -3.78 65.40 4.11
CA VAL B 1109 -2.63 66.00 4.74
C VAL B 1109 -1.91 65.01 5.60
N SER B 1110 -0.56 65.11 5.64
CA SER B 1110 0.22 64.31 6.56
C SER B 1110 1.62 64.83 6.56
N GLY B 1111 2.00 65.58 7.63
CA GLY B 1111 3.37 66.02 7.79
C GLY B 1111 3.71 67.18 6.90
N ASN B 1112 5.04 67.39 6.75
CA ASN B 1112 5.63 68.51 6.06
C ASN B 1112 6.63 67.95 5.07
N CYS B 1113 7.20 68.85 4.26
CA CYS B 1113 8.10 68.61 3.15
C CYS B 1113 9.43 68.06 3.59
N ASP B 1114 9.88 68.34 4.81
CA ASP B 1114 11.23 68.02 5.21
C ASP B 1114 11.55 66.54 5.27
N VAL B 1115 10.62 65.69 5.77
CA VAL B 1115 10.75 64.27 5.98
C VAL B 1115 10.58 63.35 4.78
N VAL B 1116 9.80 63.79 3.77
CA VAL B 1116 9.14 63.07 2.71
C VAL B 1116 9.90 62.20 1.72
N ILE B 1117 11.17 62.39 1.35
CA ILE B 1117 11.82 61.59 0.33
C ILE B 1117 11.01 61.48 -0.95
N GLY B 1118 11.41 62.27 -1.97
CA GLY B 1118 10.82 62.22 -3.29
C GLY B 1118 9.78 63.29 -3.51
N ILE B 1119 9.29 63.95 -2.46
CA ILE B 1119 8.24 64.94 -2.60
C ILE B 1119 8.69 66.05 -3.50
N VAL B 1120 7.76 66.59 -4.30
CA VAL B 1120 8.06 67.64 -5.24
C VAL B 1120 7.11 68.78 -5.03
N ASN B 1121 7.59 70.02 -5.29
CA ASN B 1121 6.76 71.19 -5.13
C ASN B 1121 5.71 71.15 -6.20
N ASN B 1122 4.49 71.59 -5.85
CA ASN B 1122 3.40 71.55 -6.78
C ASN B 1122 2.35 72.50 -6.30
N THR B 1123 1.27 72.67 -7.10
CA THR B 1123 0.18 73.53 -6.73
C THR B 1123 -1.06 72.69 -6.69
N VAL B 1124 -1.80 72.76 -5.55
CA VAL B 1124 -3.03 72.02 -5.40
C VAL B 1124 -4.15 73.01 -5.55
N TYR B 1125 -5.19 72.63 -6.32
CA TYR B 1125 -6.31 73.48 -6.60
C TYR B 1125 -7.36 73.32 -5.55
N ASP B 1126 -7.91 74.46 -5.08
CA ASP B 1126 -8.95 74.45 -4.09
C ASP B 1126 -10.22 74.93 -4.76
N PRO B 1127 -11.21 74.08 -4.81
CA PRO B 1127 -12.45 74.43 -5.45
C PRO B 1127 -13.21 75.50 -4.72
N LEU B 1128 -12.95 75.65 -3.40
CA LEU B 1128 -13.69 76.57 -2.58
C LEU B 1128 -13.42 78.00 -2.95
N GLN B 1129 -12.18 78.35 -3.31
CA GLN B 1129 -11.83 79.73 -3.51
C GLN B 1129 -12.66 80.35 -4.60
N PRO B 1130 -12.88 79.68 -5.70
CA PRO B 1130 -13.65 80.31 -6.73
C PRO B 1130 -15.06 80.55 -6.32
N GLU B 1131 -15.61 79.74 -5.40
CA GLU B 1131 -16.97 80.00 -5.02
C GLU B 1131 -17.05 81.28 -4.24
N LEU B 1132 -16.16 81.46 -3.23
CA LEU B 1132 -16.31 82.66 -2.46
C LEU B 1132 -15.94 83.87 -3.25
N ASP B 1133 -14.86 83.81 -4.06
CA ASP B 1133 -14.49 85.02 -4.73
C ASP B 1133 -15.55 85.38 -5.73
N SER B 1134 -16.13 84.37 -6.42
CA SER B 1134 -17.15 84.69 -7.38
C SER B 1134 -18.37 85.16 -6.60
N ALA C 14 38.20 -12.01 44.52
CA ALA C 14 38.44 -10.59 44.14
C ALA C 14 37.78 -10.28 42.84
N TYR C 15 37.11 -9.13 42.76
CA TYR C 15 36.43 -8.80 41.54
C TYR C 15 36.83 -7.41 41.14
N THR C 16 36.94 -7.17 39.83
CA THR C 16 37.29 -5.86 39.36
C THR C 16 36.34 -5.51 38.27
N ASN C 17 36.40 -4.24 37.81
CA ASN C 17 35.48 -3.82 36.79
C ASN C 17 36.21 -3.78 35.48
N SER C 18 35.73 -4.57 34.51
CA SER C 18 36.32 -4.52 33.19
C SER C 18 35.48 -3.51 32.50
N PHE C 19 35.91 -2.23 32.54
CA PHE C 19 34.99 -1.23 32.07
C PHE C 19 34.60 -1.42 30.64
N THR C 20 35.52 -1.07 29.71
CA THR C 20 35.29 -1.12 28.29
C THR C 20 35.76 -2.36 27.57
N ARG C 21 36.74 -3.09 28.14
CA ARG C 21 37.47 -4.09 27.39
C ARG C 21 36.70 -5.33 27.03
N GLY C 22 37.26 -6.08 26.05
CA GLY C 22 36.67 -7.31 25.58
C GLY C 22 36.03 -7.16 24.24
N VAL C 23 36.41 -6.15 23.44
CA VAL C 23 35.80 -6.00 22.15
C VAL C 23 36.76 -6.46 21.10
N TYR C 24 36.32 -7.39 20.22
CA TYR C 24 37.16 -7.85 19.15
C TYR C 24 36.36 -7.84 17.89
N TYR C 25 37.04 -7.77 16.73
CA TYR C 25 36.34 -7.64 15.49
C TYR C 25 35.55 -8.88 15.23
N PRO C 26 34.27 -8.66 15.05
CA PRO C 26 33.32 -9.71 14.81
C PRO C 26 33.68 -10.50 13.59
N ASP C 27 34.25 -9.85 12.56
CA ASP C 27 34.53 -10.56 11.35
C ASP C 27 35.71 -9.94 10.67
N LYS C 28 36.12 -10.57 9.56
CA LYS C 28 37.19 -10.14 8.71
C LYS C 28 36.80 -8.95 7.88
N VAL C 29 35.49 -8.74 7.66
CA VAL C 29 35.04 -7.70 6.77
C VAL C 29 35.49 -6.34 7.21
N PHE C 30 35.97 -5.56 6.24
CA PHE C 30 36.41 -4.21 6.45
C PHE C 30 35.23 -3.32 6.23
N ARG C 31 35.12 -2.26 7.06
CA ARG C 31 34.07 -1.29 6.94
C ARG C 31 34.69 0.02 7.26
N SER C 32 34.07 1.14 6.84
CA SER C 32 34.71 2.38 7.17
C SER C 32 33.68 3.43 7.42
N SER C 33 33.93 4.27 8.44
CA SER C 33 33.10 5.38 8.78
C SER C 33 31.69 4.91 8.90
N VAL C 34 31.48 3.69 9.45
CA VAL C 34 30.14 3.22 9.53
C VAL C 34 29.93 2.66 10.89
N LEU C 35 28.66 2.61 11.32
CA LEU C 35 28.34 2.04 12.59
C LEU C 35 27.65 0.76 12.27
N HIS C 36 28.26 -0.38 12.64
CA HIS C 36 27.67 -1.63 12.28
C HIS C 36 27.26 -2.34 13.54
N SER C 37 25.96 -2.62 13.67
CA SER C 37 25.50 -3.32 14.83
C SER C 37 25.61 -4.78 14.55
N THR C 38 25.93 -5.57 15.59
CA THR C 38 26.00 -7.00 15.42
C THR C 38 25.78 -7.61 16.76
N GLN C 39 25.36 -8.90 16.79
CA GLN C 39 25.25 -9.53 18.07
C GLN C 39 26.21 -10.68 18.03
N ASP C 40 27.13 -10.70 19.01
CA ASP C 40 28.11 -11.75 19.07
C ASP C 40 28.39 -11.96 20.52
N LEU C 41 29.25 -12.95 20.84
CA LEU C 41 29.58 -13.17 22.21
C LEU C 41 30.63 -12.18 22.57
N PHE C 42 30.33 -11.34 23.59
CA PHE C 42 31.28 -10.34 24.00
C PHE C 42 31.27 -10.29 25.49
N LEU C 43 32.33 -9.70 26.04
CA LEU C 43 32.43 -9.46 27.45
C LEU C 43 31.53 -8.29 27.68
N PRO C 44 30.65 -8.36 28.64
CA PRO C 44 29.72 -7.28 28.88
C PRO C 44 30.41 -6.08 29.41
N PHE C 45 29.93 -4.86 29.08
CA PHE C 45 30.59 -3.69 29.58
C PHE C 45 30.29 -3.56 31.04
N PHE C 46 31.30 -3.08 31.80
CA PHE C 46 31.15 -2.87 33.21
C PHE C 46 30.79 -4.17 33.85
N SER C 47 31.23 -5.30 33.24
CA SER C 47 30.90 -6.58 33.79
C SER C 47 31.80 -6.83 34.96
N ASN C 48 31.52 -7.90 35.71
CA ASN C 48 32.32 -8.22 36.86
C ASN C 48 33.26 -9.30 36.46
N VAL C 49 34.57 -9.09 36.74
CA VAL C 49 35.55 -10.05 36.33
C VAL C 49 36.23 -10.57 37.56
N THR C 50 36.56 -11.88 37.55
CA THR C 50 37.22 -12.47 38.67
C THR C 50 38.66 -12.12 38.57
N TRP C 51 39.32 -11.99 39.73
CA TRP C 51 40.71 -11.63 39.77
C TRP C 51 41.46 -12.79 40.34
N PHE C 52 42.58 -13.17 39.70
CA PHE C 52 43.39 -14.26 40.18
C PHE C 52 44.75 -13.71 40.48
N HIS C 53 45.48 -14.32 41.44
CA HIS C 53 46.74 -13.78 41.89
C HIS C 53 47.82 -14.83 41.77
N ALA C 54 49.12 -14.42 41.75
CA ALA C 54 50.20 -15.35 41.55
C ALA C 54 51.27 -15.25 42.60
N ILE C 55 52.04 -16.36 42.77
CA ILE C 55 53.11 -16.64 43.71
C ILE C 55 52.54 -17.05 45.02
N HIS C 56 52.73 -18.35 45.38
CA HIS C 56 52.17 -18.86 46.61
C HIS C 56 53.28 -19.43 47.44
N VAL C 57 53.59 -18.79 48.58
CA VAL C 57 54.60 -19.34 49.44
C VAL C 57 54.19 -19.03 50.84
N SER C 58 54.73 -19.77 51.82
CA SER C 58 54.35 -19.56 53.18
C SER C 58 54.99 -18.32 53.70
N GLY C 59 54.38 -17.75 54.75
CA GLY C 59 54.87 -16.57 55.41
C GLY C 59 53.86 -16.23 56.43
N THR C 60 54.24 -15.46 57.47
CA THR C 60 53.26 -15.13 58.45
C THR C 60 52.38 -14.07 57.87
N ASN C 61 51.06 -14.27 57.97
CA ASN C 61 50.11 -13.35 57.43
C ASN C 61 50.46 -13.19 55.99
N GLY C 62 50.99 -14.26 55.39
CA GLY C 62 51.43 -14.21 54.02
C GLY C 62 50.25 -14.17 53.13
N THR C 63 50.29 -13.24 52.17
CA THR C 63 49.32 -13.06 51.13
C THR C 63 49.51 -14.11 50.09
N LYS C 64 50.75 -14.64 49.96
CA LYS C 64 51.16 -15.49 48.88
C LYS C 64 50.14 -16.46 48.47
N ARG C 65 49.84 -16.41 47.16
CA ARG C 65 48.91 -17.29 46.54
C ARG C 65 49.38 -17.54 45.14
N PHE C 66 49.28 -18.80 44.69
CA PHE C 66 49.61 -19.16 43.35
C PHE C 66 48.37 -19.85 42.89
N ASP C 67 47.53 -19.14 42.12
CA ASP C 67 46.25 -19.71 41.82
C ASP C 67 46.23 -20.31 40.45
N ASN C 68 46.20 -21.65 40.37
CA ASN C 68 45.99 -22.22 39.07
C ASN C 68 44.75 -23.08 39.17
N PRO C 69 43.58 -22.50 39.22
CA PRO C 69 42.39 -23.31 39.31
C PRO C 69 41.87 -23.61 37.94
N VAL C 70 40.96 -24.59 37.84
CA VAL C 70 40.33 -24.85 36.58
C VAL C 70 39.14 -23.94 36.54
N LEU C 71 38.85 -23.34 35.36
CA LEU C 71 37.74 -22.43 35.25
C LEU C 71 36.82 -22.95 34.20
N PRO C 72 35.58 -22.53 34.29
CA PRO C 72 34.61 -22.94 33.30
C PRO C 72 34.79 -22.24 31.99
N PHE C 73 34.58 -22.96 30.86
CA PHE C 73 34.66 -22.46 29.51
C PHE C 73 33.42 -21.67 29.19
N ASN C 74 32.25 -22.10 29.72
CA ASN C 74 31.00 -21.40 29.53
C ASN C 74 30.81 -21.07 28.09
N ASP C 75 30.38 -19.81 27.85
CA ASP C 75 30.12 -19.23 26.56
C ASP C 75 31.41 -19.02 25.81
N GLY C 76 32.52 -18.82 26.55
CA GLY C 76 33.81 -18.57 25.98
C GLY C 76 34.50 -17.80 27.04
N VAL C 77 35.83 -17.57 26.95
CA VAL C 77 36.35 -16.85 28.07
C VAL C 77 37.16 -15.70 27.59
N TYR C 78 37.01 -14.57 28.32
CA TYR C 78 37.79 -13.41 28.08
C TYR C 78 38.96 -13.59 28.98
N PHE C 79 40.18 -13.49 28.44
CA PHE C 79 41.30 -13.71 29.31
C PHE C 79 42.20 -12.52 29.17
N ALA C 80 42.63 -11.95 30.31
CA ALA C 80 43.51 -10.82 30.26
C ALA C 80 44.62 -11.12 31.21
N SER C 81 45.84 -10.67 30.90
CA SER C 81 46.92 -10.96 31.79
C SER C 81 47.88 -9.81 31.77
N THR C 82 48.62 -9.69 32.88
CA THR C 82 49.66 -8.73 33.11
C THR C 82 50.69 -9.55 33.84
N GLU C 83 51.99 -9.15 33.97
CA GLU C 83 52.65 -7.96 33.52
C GLU C 83 53.41 -8.37 32.30
N LYS C 84 54.45 -7.57 32.02
CA LYS C 84 55.37 -7.83 30.95
C LYS C 84 56.03 -9.12 31.27
N SER C 85 56.30 -9.36 32.57
CA SER C 85 56.93 -10.58 32.97
C SER C 85 56.06 -11.68 32.47
N ASN C 86 56.68 -12.80 32.06
CA ASN C 86 55.85 -13.80 31.45
C ASN C 86 55.75 -15.00 32.31
N ILE C 87 54.99 -14.87 33.41
CA ILE C 87 54.76 -15.97 34.29
C ILE C 87 53.87 -16.95 33.58
N ILE C 88 52.83 -16.45 32.88
CA ILE C 88 51.84 -17.35 32.36
C ILE C 88 52.26 -17.87 31.02
N ARG C 89 52.57 -19.19 31.01
CA ARG C 89 52.96 -19.92 29.85
C ARG C 89 51.84 -20.24 28.90
N GLY C 90 50.66 -20.68 29.40
CA GLY C 90 49.68 -21.09 28.43
C GLY C 90 48.39 -21.46 29.08
N TRP C 91 47.51 -22.12 28.30
CA TRP C 91 46.20 -22.46 28.80
C TRP C 91 45.88 -23.86 28.38
N ILE C 92 44.84 -24.44 29.01
CA ILE C 92 44.40 -25.75 28.66
C ILE C 92 42.93 -25.64 28.36
N PHE C 93 42.47 -26.28 27.27
CA PHE C 93 41.06 -26.24 26.98
C PHE C 93 40.63 -27.65 26.74
N GLY C 94 39.47 -28.04 27.31
CA GLY C 94 38.98 -29.38 27.13
C GLY C 94 37.95 -29.64 28.18
N THR C 95 37.14 -30.72 28.01
CA THR C 95 36.22 -30.98 29.06
C THR C 95 36.86 -31.56 30.30
N THR C 96 37.38 -32.81 30.18
CA THR C 96 37.95 -33.58 31.26
C THR C 96 39.38 -33.25 31.60
N LEU C 97 40.26 -33.20 30.57
CA LEU C 97 41.68 -33.07 30.77
C LEU C 97 42.23 -34.29 31.46
N ASP C 98 41.50 -35.42 31.34
CA ASP C 98 41.79 -36.74 31.84
C ASP C 98 42.73 -37.49 30.94
N SER C 99 42.91 -37.04 29.68
CA SER C 99 43.61 -37.77 28.65
C SER C 99 42.67 -38.82 28.13
N LYS C 100 41.38 -38.65 28.42
CA LYS C 100 40.36 -39.49 27.84
C LYS C 100 40.17 -39.12 26.39
N THR C 101 40.17 -37.81 26.09
CA THR C 101 39.88 -37.35 24.75
C THR C 101 40.86 -36.28 24.37
N GLN C 102 40.67 -35.68 23.17
CA GLN C 102 41.59 -34.66 22.72
C GLN C 102 41.33 -33.39 23.47
N SER C 103 42.42 -32.65 23.75
CA SER C 103 42.33 -31.42 24.48
C SER C 103 43.31 -30.47 23.85
N LEU C 104 43.21 -29.18 24.23
CA LEU C 104 44.02 -28.19 23.60
C LEU C 104 45.09 -27.78 24.55
N LEU C 105 46.34 -27.73 24.04
CA LEU C 105 47.46 -27.38 24.87
C LEU C 105 48.16 -26.26 24.16
N ILE C 106 48.05 -25.02 24.68
CA ILE C 106 48.75 -23.93 24.08
C ILE C 106 49.75 -23.48 25.08
N VAL C 107 51.05 -23.61 24.76
CA VAL C 107 51.99 -23.19 25.76
C VAL C 107 53.21 -22.71 25.05
N ASN C 108 53.91 -21.72 25.63
CA ASN C 108 55.13 -21.35 24.97
C ASN C 108 56.24 -21.88 25.81
N ASN C 109 57.08 -22.74 25.21
CA ASN C 109 58.11 -23.38 25.97
C ASN C 109 59.29 -22.48 25.97
N ALA C 110 59.04 -21.17 26.10
CA ALA C 110 60.03 -20.14 26.16
C ALA C 110 60.68 -19.98 24.82
N THR C 111 60.91 -21.10 24.09
CA THR C 111 61.49 -21.05 22.78
C THR C 111 60.48 -20.72 21.73
N ASN C 112 59.34 -21.44 21.71
CA ASN C 112 58.39 -21.26 20.63
C ASN C 112 57.02 -21.54 21.17
N VAL C 113 55.99 -21.00 20.49
CA VAL C 113 54.66 -21.29 20.92
C VAL C 113 54.28 -22.58 20.26
N VAL C 114 53.69 -23.50 21.02
CA VAL C 114 53.33 -24.75 20.43
C VAL C 114 51.89 -25.00 20.74
N ILE C 115 51.14 -25.51 19.74
CA ILE C 115 49.78 -25.87 19.94
C ILE C 115 49.66 -27.31 19.62
N LYS C 116 49.03 -28.10 20.52
CA LYS C 116 48.90 -29.51 20.27
C LYS C 116 47.58 -29.95 20.83
N VAL C 117 46.78 -30.62 19.98
CA VAL C 117 45.45 -31.16 20.20
C VAL C 117 45.41 -32.49 20.92
N CYS C 118 46.53 -33.23 21.00
CA CYS C 118 46.58 -34.61 21.45
C CYS C 118 45.84 -34.83 22.74
N GLU C 119 45.58 -36.14 23.04
CA GLU C 119 44.97 -36.51 24.29
C GLU C 119 46.05 -36.54 25.29
N PHE C 120 46.27 -35.40 25.96
CA PHE C 120 47.36 -35.33 26.89
C PHE C 120 46.89 -35.79 28.23
N GLN C 121 47.83 -36.31 29.04
CA GLN C 121 47.53 -36.64 30.40
C GLN C 121 48.11 -35.51 31.17
N PHE C 122 47.31 -34.82 32.01
CA PHE C 122 47.81 -33.66 32.68
C PHE C 122 48.04 -34.02 34.10
N CYS C 123 48.96 -33.31 34.78
CA CYS C 123 49.17 -33.65 36.15
C CYS C 123 48.11 -33.00 36.97
N ASN C 124 48.06 -33.33 38.27
CA ASN C 124 47.04 -32.81 39.12
C ASN C 124 47.19 -31.33 39.14
N ASP C 125 48.43 -30.83 39.32
CA ASP C 125 48.63 -29.42 39.31
C ASP C 125 49.74 -29.15 38.35
N PRO C 126 49.39 -28.90 37.11
CA PRO C 126 50.40 -28.65 36.13
C PRO C 126 51.00 -27.30 36.31
N PHE C 127 52.29 -27.14 36.00
CA PHE C 127 52.90 -25.85 36.12
C PHE C 127 54.24 -25.93 35.47
N LEU C 128 54.93 -24.78 35.37
CA LEU C 128 56.26 -24.75 34.83
C LEU C 128 57.14 -24.15 35.87
N GLY C 129 58.46 -24.40 35.75
CA GLY C 129 59.38 -23.82 36.66
C GLY C 129 60.62 -23.53 35.90
N VAL C 130 61.37 -22.49 36.29
CA VAL C 130 62.61 -22.31 35.59
C VAL C 130 63.59 -22.26 36.67
N TYR C 131 64.87 -22.49 36.38
CA TYR C 131 65.79 -22.52 37.47
C TYR C 131 66.99 -21.79 37.03
N TYR C 132 67.70 -21.12 37.95
CA TYR C 132 68.86 -20.50 37.41
C TYR C 132 70.05 -20.98 38.16
N HIS C 133 71.07 -21.39 37.38
CA HIS C 133 72.22 -21.96 37.98
C HIS C 133 73.12 -20.85 38.37
N LYS C 134 73.85 -21.02 39.49
CA LYS C 134 74.77 -20.02 39.96
C LYS C 134 75.93 -19.90 39.03
N ASN C 135 76.43 -21.03 38.50
CA ASN C 135 77.62 -20.97 37.71
C ASN C 135 77.40 -20.13 36.50
N ASN C 136 76.25 -20.30 35.81
CA ASN C 136 76.04 -19.53 34.61
C ASN C 136 74.96 -18.56 34.90
N LYS C 137 75.15 -17.30 34.48
CA LYS C 137 74.13 -16.37 34.79
C LYS C 137 73.18 -16.26 33.64
N SER C 138 72.16 -17.14 33.66
CA SER C 138 71.16 -17.15 32.63
C SER C 138 69.96 -17.84 33.20
N TRP C 139 68.76 -17.43 32.75
CA TRP C 139 67.55 -18.03 33.26
C TRP C 139 67.07 -18.98 32.21
N MET C 140 66.97 -20.26 32.58
CA MET C 140 66.55 -21.26 31.64
C MET C 140 65.43 -22.02 32.27
N GLU C 141 64.58 -22.64 31.42
CA GLU C 141 63.48 -23.38 31.95
C GLU C 141 64.02 -24.65 32.52
N SER C 142 63.26 -25.24 33.46
CA SER C 142 63.70 -26.43 34.15
C SER C 142 62.52 -27.36 34.26
N GLU C 143 61.87 -27.37 35.44
CA GLU C 143 60.75 -28.25 35.74
C GLU C 143 59.64 -27.96 34.79
N PHE C 144 59.02 -29.03 34.25
CA PHE C 144 57.88 -28.87 33.38
C PHE C 144 57.01 -30.06 33.65
N ARG C 145 55.78 -29.85 34.14
CA ARG C 145 54.97 -31.01 34.39
C ARG C 145 53.60 -30.77 33.85
N VAL C 146 53.47 -30.51 32.54
CA VAL C 146 52.16 -30.37 31.97
C VAL C 146 51.52 -31.71 31.68
N TYR C 147 52.22 -32.57 30.91
CA TYR C 147 51.57 -33.79 30.50
C TYR C 147 52.51 -34.96 30.54
N SER C 148 51.95 -36.13 30.92
CA SER C 148 52.67 -37.37 30.96
C SER C 148 52.98 -37.85 29.59
N SER C 149 51.94 -38.08 28.77
CA SER C 149 52.16 -38.61 27.46
C SER C 149 51.06 -38.12 26.56
N ALA C 150 51.22 -38.32 25.25
CA ALA C 150 50.23 -37.86 24.33
C ALA C 150 49.66 -39.03 23.61
N ASN C 151 48.36 -38.95 23.29
CA ASN C 151 47.66 -39.96 22.56
C ASN C 151 47.73 -39.55 21.13
N ASN C 152 46.76 -39.99 20.30
CA ASN C 152 46.80 -39.64 18.91
C ASN C 152 46.66 -38.15 18.83
N CYS C 153 47.21 -37.56 17.75
CA CYS C 153 47.15 -36.13 17.63
C CYS C 153 46.57 -35.79 16.29
N THR C 154 45.50 -34.97 16.30
CA THR C 154 44.89 -34.49 15.09
C THR C 154 45.71 -33.39 14.48
N PHE C 155 46.28 -32.47 15.30
CA PHE C 155 46.93 -31.33 14.74
C PHE C 155 48.06 -30.90 15.64
N GLU C 156 49.10 -30.26 15.05
CA GLU C 156 50.20 -29.76 15.83
C GLU C 156 50.71 -28.51 15.17
N TYR C 157 51.06 -27.49 15.99
CA TYR C 157 51.52 -26.24 15.46
C TYR C 157 52.70 -25.77 16.28
N VAL C 158 53.62 -25.03 15.65
CA VAL C 158 54.78 -24.51 16.34
C VAL C 158 54.93 -23.08 15.89
N SER C 159 55.59 -22.25 16.70
CA SER C 159 55.68 -20.85 16.36
C SER C 159 57.08 -20.36 16.61
N GLN C 160 57.23 -19.02 16.61
CA GLN C 160 58.45 -18.26 16.70
C GLN C 160 59.25 -18.56 17.93
N PRO C 161 60.52 -18.30 17.70
CA PRO C 161 61.60 -18.48 18.64
C PRO C 161 61.73 -17.53 19.80
N PHE C 162 60.89 -16.48 19.91
CA PHE C 162 61.02 -15.47 20.93
C PHE C 162 61.19 -16.12 22.28
N LEU C 163 61.80 -15.37 23.23
CA LEU C 163 62.02 -15.83 24.58
C LEU C 163 60.99 -15.19 25.46
N MET C 164 60.79 -15.76 26.67
CA MET C 164 59.82 -15.24 27.61
C MET C 164 60.49 -14.94 28.90
N ASP C 165 59.79 -14.17 29.76
CA ASP C 165 60.31 -13.77 31.04
C ASP C 165 60.27 -14.96 31.94
N LEU C 166 61.48 -15.49 32.23
CA LEU C 166 61.80 -16.61 33.07
C LEU C 166 61.79 -16.35 34.54
N GLU C 167 61.95 -15.09 35.00
CA GLU C 167 62.15 -14.80 36.41
C GLU C 167 60.90 -14.28 37.06
N GLY C 168 60.86 -14.38 38.41
CA GLY C 168 59.69 -13.94 39.13
C GLY C 168 59.98 -12.55 39.58
N LYS C 169 59.20 -11.58 39.07
CA LYS C 169 59.37 -10.19 39.40
C LYS C 169 58.02 -9.63 39.73
N GLN C 170 57.94 -8.66 40.66
CA GLN C 170 56.65 -8.14 41.02
C GLN C 170 56.71 -6.68 41.25
N GLY C 171 55.93 -5.93 40.46
CA GLY C 171 55.93 -4.51 40.54
C GLY C 171 54.94 -4.04 39.54
N ASN C 172 55.19 -2.87 38.95
CA ASN C 172 54.26 -2.34 38.00
C ASN C 172 54.14 -3.33 36.91
N PHE C 173 52.89 -3.59 36.46
CA PHE C 173 52.74 -4.48 35.36
C PHE C 173 53.15 -3.68 34.16
N LYS C 174 54.16 -4.17 33.43
CA LYS C 174 54.67 -3.51 32.24
C LYS C 174 53.77 -3.71 31.06
N ASN C 175 53.27 -4.95 30.84
CA ASN C 175 52.55 -5.19 29.62
C ASN C 175 51.20 -5.73 29.91
N LEU C 176 50.31 -5.62 28.89
CA LEU C 176 48.98 -6.15 28.98
C LEU C 176 48.76 -7.02 27.79
N ARG C 177 48.24 -8.24 28.02
CA ARG C 177 47.95 -9.11 26.92
C ARG C 177 46.53 -9.52 27.07
N GLU C 178 45.69 -9.18 26.07
CA GLU C 178 44.29 -9.50 26.15
C GLU C 178 44.02 -10.58 25.18
N PHE C 179 43.22 -11.59 25.60
CA PHE C 179 42.90 -12.70 24.75
C PHE C 179 41.44 -12.98 24.89
N VAL C 180 40.83 -13.52 23.81
CA VAL C 180 39.47 -13.95 23.86
C VAL C 180 39.47 -15.33 23.30
N PHE C 181 38.90 -16.31 24.03
CA PHE C 181 38.90 -17.64 23.51
C PHE C 181 37.48 -18.04 23.29
N LYS C 182 37.13 -18.45 22.04
CA LYS C 182 35.79 -18.89 21.81
C LYS C 182 35.84 -19.91 20.73
N ASN C 183 35.02 -20.96 20.85
CA ASN C 183 34.96 -22.01 19.88
C ASN C 183 33.59 -22.00 19.32
N ILE C 184 33.45 -21.57 18.07
CA ILE C 184 32.15 -21.60 17.47
C ILE C 184 32.29 -22.48 16.28
N ASP C 185 31.36 -23.43 16.14
CA ASP C 185 31.42 -24.33 15.02
C ASP C 185 32.77 -24.97 14.93
N GLY C 186 33.27 -25.61 15.97
CA GLY C 186 34.47 -26.36 15.75
C GLY C 186 35.68 -25.48 15.69
N TYR C 187 35.50 -24.16 15.44
CA TYR C 187 36.67 -23.34 15.25
C TYR C 187 37.06 -22.76 16.58
N PHE C 188 38.36 -22.88 16.91
CA PHE C 188 38.88 -22.31 18.12
C PHE C 188 39.43 -20.99 17.68
N LYS C 189 38.73 -19.89 18.02
CA LYS C 189 39.20 -18.62 17.53
C LYS C 189 39.94 -17.95 18.63
N ILE C 190 41.05 -17.28 18.28
CA ILE C 190 41.82 -16.60 19.27
C ILE C 190 42.04 -15.20 18.79
N TYR C 191 41.91 -14.23 19.71
CA TYR C 191 42.11 -12.84 19.39
C TYR C 191 43.09 -12.34 20.41
N SER C 192 43.90 -11.31 20.07
CA SER C 192 44.81 -10.83 21.06
C SER C 192 45.17 -9.41 20.77
N LYS C 193 45.84 -8.77 21.75
CA LYS C 193 46.33 -7.43 21.61
C LYS C 193 47.40 -7.26 22.65
N HIS C 194 48.50 -6.57 22.29
CA HIS C 194 49.56 -6.37 23.25
C HIS C 194 49.77 -4.90 23.37
N THR C 195 49.87 -4.40 24.63
CA THR C 195 50.10 -3.00 24.81
C THR C 195 50.95 -2.82 26.03
N PRO C 196 51.80 -1.83 26.00
CA PRO C 196 52.58 -1.50 27.17
C PRO C 196 51.71 -0.73 28.10
N ILE C 197 51.85 -0.94 29.42
CA ILE C 197 51.00 -0.25 30.34
C ILE C 197 51.68 -0.06 31.67
N ASN C 198 51.36 1.07 32.35
CA ASN C 198 51.78 1.27 33.71
C ASN C 198 50.50 1.16 34.44
N LEU C 199 49.93 -0.06 34.42
CA LEU C 199 48.60 -0.25 34.91
C LEU C 199 48.56 -0.48 36.37
N VAL C 200 47.35 -0.28 36.91
CA VAL C 200 47.04 -0.56 38.26
C VAL C 200 46.91 -2.04 38.24
N ARG C 201 46.79 -2.68 39.42
CA ARG C 201 46.61 -4.10 39.42
C ARG C 201 45.38 -4.33 38.60
N ASP C 202 44.37 -3.47 38.81
CA ASP C 202 43.16 -3.58 38.05
C ASP C 202 43.50 -3.20 36.64
N LEU C 203 42.62 -3.59 35.69
CA LEU C 203 42.87 -3.31 34.31
C LEU C 203 42.68 -1.85 34.08
N PRO C 204 43.46 -1.36 33.15
CA PRO C 204 43.45 0.02 32.76
C PRO C 204 42.10 0.31 32.21
N GLN C 205 41.65 1.57 32.32
CA GLN C 205 40.39 1.86 31.70
C GLN C 205 40.70 2.48 30.38
N GLY C 206 40.30 1.80 29.29
CA GLY C 206 40.57 2.30 27.98
C GLY C 206 40.04 1.29 27.02
N PHE C 207 39.87 1.69 25.74
CA PHE C 207 39.26 0.82 24.78
C PHE C 207 40.28 0.43 23.75
N SER C 208 40.30 -0.88 23.39
CA SER C 208 41.19 -1.39 22.38
C SER C 208 40.55 -2.61 21.80
N ALA C 209 40.88 -2.90 20.52
CA ALA C 209 40.34 -4.04 19.85
C ALA C 209 41.26 -5.21 20.01
N LEU C 210 40.75 -6.42 19.68
CA LEU C 210 41.54 -7.62 19.73
C LEU C 210 41.46 -8.22 18.36
N GLU C 211 42.58 -8.18 17.60
CA GLU C 211 42.59 -8.71 16.26
C GLU C 211 42.77 -10.19 16.32
N PRO C 212 42.16 -10.90 15.40
CA PRO C 212 42.27 -12.34 15.37
C PRO C 212 43.59 -12.85 14.86
N LEU C 213 44.34 -13.58 15.71
CA LEU C 213 45.57 -14.21 15.32
C LEU C 213 45.36 -15.53 14.62
N VAL C 214 44.54 -16.43 15.20
CA VAL C 214 44.50 -17.76 14.67
C VAL C 214 43.11 -18.30 14.68
N ASP C 215 42.83 -19.21 13.73
CA ASP C 215 41.57 -19.89 13.63
C ASP C 215 41.92 -21.35 13.51
N LEU C 216 41.61 -22.17 14.53
CA LEU C 216 41.96 -23.55 14.46
C LEU C 216 40.73 -24.40 14.28
N PRO C 217 40.90 -25.32 13.37
CA PRO C 217 39.88 -26.28 12.98
C PRO C 217 39.69 -27.44 13.91
N ILE C 218 40.07 -27.32 15.19
CA ILE C 218 40.06 -28.45 16.07
C ILE C 218 38.73 -29.14 16.10
N GLY C 219 37.61 -28.42 16.29
CA GLY C 219 36.34 -29.09 16.22
C GLY C 219 36.17 -30.01 17.40
N ILE C 220 36.67 -29.62 18.58
CA ILE C 220 36.51 -30.44 19.74
C ILE C 220 35.63 -29.71 20.67
N ASN C 221 34.80 -30.45 21.44
CA ASN C 221 33.92 -29.79 22.36
C ASN C 221 34.64 -29.58 23.65
N ILE C 222 34.85 -28.29 24.01
CA ILE C 222 35.52 -27.97 25.25
C ILE C 222 34.59 -27.34 26.23
N THR C 223 34.42 -28.04 27.37
CA THR C 223 33.67 -27.61 28.50
C THR C 223 34.43 -26.67 29.40
N ARG C 224 35.73 -26.93 29.66
CA ARG C 224 36.40 -26.15 30.67
C ARG C 224 37.80 -25.82 30.24
N PHE C 225 38.51 -24.98 31.04
CA PHE C 225 39.86 -24.63 30.73
C PHE C 225 40.61 -24.36 31.99
N GLN C 226 41.96 -24.27 31.90
CA GLN C 226 42.78 -23.98 33.04
C GLN C 226 43.99 -23.26 32.54
N THR C 227 44.50 -22.28 33.32
CA THR C 227 45.64 -21.51 32.89
C THR C 227 46.90 -22.10 33.45
N LEU C 228 48.03 -21.92 32.75
CA LEU C 228 49.28 -22.45 33.23
C LEU C 228 50.20 -21.31 33.52
N LEU C 229 51.00 -21.45 34.60
CA LEU C 229 51.94 -20.45 35.03
C LEU C 229 53.30 -21.08 35.01
N ALA C 230 54.36 -20.25 35.14
CA ALA C 230 55.70 -20.74 35.08
C ALA C 230 56.44 -20.30 36.29
N LEU C 231 57.51 -21.04 36.64
CA LEU C 231 58.29 -20.71 37.79
C LEU C 231 59.55 -20.11 37.30
N HIS C 232 60.21 -19.37 38.19
CA HIS C 232 61.32 -18.59 37.76
C HIS C 232 62.43 -18.81 38.73
N ARG C 233 63.49 -19.52 38.34
CA ARG C 233 64.48 -19.65 39.36
C ARG C 233 65.71 -19.02 38.86
N SER C 234 66.42 -18.34 39.79
CA SER C 234 67.64 -17.62 39.56
C SER C 234 68.75 -18.51 40.01
N TYR C 235 70.00 -18.04 39.80
CA TYR C 235 71.23 -18.74 40.02
C TYR C 235 71.37 -19.04 41.45
N LEU C 236 70.91 -18.12 42.29
CA LEU C 236 71.05 -18.28 43.69
C LEU C 236 70.31 -19.49 44.15
N THR C 237 69.10 -19.73 43.59
CA THR C 237 68.31 -20.81 44.11
C THR C 237 68.96 -22.10 43.80
N PRO C 238 68.74 -23.02 44.69
CA PRO C 238 69.11 -24.38 44.44
C PRO C 238 68.02 -24.82 43.51
N GLY C 239 68.27 -25.82 42.65
CA GLY C 239 67.37 -26.30 41.64
C GLY C 239 66.15 -26.98 42.19
N ASP C 240 66.23 -27.56 43.40
CA ASP C 240 65.17 -28.41 43.88
C ASP C 240 63.85 -27.71 43.99
N SER C 241 62.79 -28.55 44.03
CA SER C 241 61.40 -28.17 44.08
C SER C 241 60.98 -27.75 45.46
N SER C 242 61.88 -27.85 46.47
CA SER C 242 61.44 -27.50 47.80
C SER C 242 60.91 -26.10 47.83
N SER C 243 61.78 -25.07 47.78
CA SER C 243 61.22 -23.75 47.81
C SER C 243 62.06 -22.84 46.99
N GLY C 244 62.75 -23.37 45.96
CA GLY C 244 63.51 -22.47 45.16
C GLY C 244 62.75 -22.35 43.90
N TRP C 245 61.83 -21.35 43.83
CA TRP C 245 61.06 -21.12 42.66
C TRP C 245 60.35 -19.82 42.83
N THR C 246 60.19 -19.03 41.75
CA THR C 246 59.45 -17.82 41.94
C THR C 246 58.45 -17.69 40.84
N ALA C 247 57.16 -17.57 41.25
CA ALA C 247 56.01 -17.43 40.41
C ALA C 247 55.97 -16.08 39.75
N GLY C 248 56.48 -15.03 40.42
CA GLY C 248 56.44 -13.74 39.79
C GLY C 248 55.21 -13.00 40.27
N ALA C 249 55.13 -11.70 39.90
CA ALA C 249 54.12 -10.71 40.20
C ALA C 249 52.80 -10.91 39.55
N ALA C 250 52.80 -11.44 38.32
CA ALA C 250 51.68 -11.36 37.44
C ALA C 250 50.38 -11.82 38.01
N ALA C 251 49.30 -11.26 37.41
CA ALA C 251 47.94 -11.57 37.74
C ALA C 251 47.18 -11.59 36.46
N TYR C 252 46.03 -12.29 36.44
CA TYR C 252 45.23 -12.33 35.25
C TYR C 252 43.80 -12.22 35.66
N TYR C 253 42.90 -11.94 34.70
CA TYR C 253 41.52 -11.81 35.04
C TYR C 253 40.73 -12.62 34.06
N VAL C 254 39.56 -13.12 34.49
CA VAL C 254 38.75 -13.87 33.57
C VAL C 254 37.34 -13.39 33.69
N GLY C 255 36.67 -13.22 32.53
CA GLY C 255 35.31 -12.82 32.47
C GLY C 255 34.66 -13.78 31.53
N TYR C 256 33.34 -13.66 31.32
CA TYR C 256 32.72 -14.57 30.40
C TYR C 256 31.91 -13.81 29.41
N LEU C 257 31.88 -14.29 28.16
CA LEU C 257 31.19 -13.65 27.08
C LEU C 257 29.74 -14.01 27.18
N GLN C 258 28.87 -13.12 26.66
CA GLN C 258 27.46 -13.38 26.68
C GLN C 258 26.90 -12.82 25.41
N PRO C 259 26.00 -13.54 24.78
CA PRO C 259 25.40 -13.05 23.56
C PRO C 259 24.79 -11.72 23.86
N ARG C 260 25.26 -10.66 23.17
CA ARG C 260 24.76 -9.34 23.42
C ARG C 260 24.79 -8.62 22.13
N THR C 261 24.14 -7.44 22.09
CA THR C 261 24.17 -6.66 20.89
C THR C 261 25.08 -5.51 21.14
N PHE C 262 25.94 -5.20 20.15
CA PHE C 262 26.87 -4.12 20.30
C PHE C 262 26.87 -3.30 19.05
N LEU C 263 27.23 -2.01 19.22
CA LEU C 263 27.34 -1.09 18.12
C LEU C 263 28.82 -0.86 17.98
N LEU C 264 29.38 -1.18 16.79
CA LEU C 264 30.80 -1.01 16.63
C LEU C 264 31.03 0.19 15.77
N LYS C 265 31.92 1.09 16.21
CA LYS C 265 32.15 2.26 15.41
C LYS C 265 33.43 2.05 14.66
N TYR C 266 33.34 2.09 13.32
CA TYR C 266 34.49 1.87 12.50
C TYR C 266 35.06 3.18 12.11
N ASN C 267 36.39 3.28 12.23
CA ASN C 267 37.17 4.44 11.90
C ASN C 267 37.33 4.45 10.41
N GLU C 268 37.94 5.53 9.88
CA GLU C 268 38.19 5.64 8.47
C GLU C 268 39.14 4.54 8.13
N ASN C 269 40.05 4.22 9.08
CA ASN C 269 41.04 3.20 8.93
C ASN C 269 40.40 1.84 8.90
N GLY C 270 39.32 1.63 9.67
CA GLY C 270 38.75 0.32 9.73
C GLY C 270 39.02 -0.25 11.09
N THR C 271 39.66 0.55 11.97
CA THR C 271 39.88 0.12 13.32
C THR C 271 38.68 0.57 14.11
N ILE C 272 38.36 -0.12 15.23
CA ILE C 272 37.16 0.25 15.95
C ILE C 272 37.56 1.09 17.12
N THR C 273 37.12 2.36 17.12
CA THR C 273 37.36 3.32 18.16
C THR C 273 36.53 3.06 19.39
N ASP C 274 35.21 2.89 19.22
CA ASP C 274 34.36 2.81 20.38
C ASP C 274 33.30 1.79 20.16
N ALA C 275 32.55 1.46 21.24
CA ALA C 275 31.47 0.51 21.12
C ALA C 275 30.44 0.87 22.15
N VAL C 276 29.18 0.44 21.93
CA VAL C 276 28.15 0.72 22.89
C VAL C 276 27.48 -0.57 23.23
N ASP C 277 27.28 -0.82 24.55
CA ASP C 277 26.61 -2.01 24.98
C ASP C 277 25.16 -1.64 25.21
N CYS C 278 24.32 -1.78 24.28
CA CYS C 278 22.95 -1.35 24.29
C CYS C 278 22.16 -2.06 25.34
N ALA C 279 22.66 -3.20 25.83
CA ALA C 279 22.09 -3.93 26.92
C ALA C 279 22.33 -3.26 28.26
N LEU C 280 23.41 -2.46 28.36
CA LEU C 280 23.90 -1.91 29.60
C LEU C 280 23.00 -0.93 30.29
N ASP C 281 22.54 0.13 29.61
CA ASP C 281 21.86 1.21 30.28
C ASP C 281 20.80 1.75 29.37
N PRO C 282 19.87 2.53 29.89
CA PRO C 282 18.85 3.09 29.06
C PRO C 282 19.43 4.00 28.03
N LEU C 283 20.52 4.70 28.37
CA LEU C 283 21.13 5.58 27.43
C LEU C 283 21.69 4.73 26.33
N SER C 284 22.27 3.58 26.69
CA SER C 284 22.88 2.68 25.74
C SER C 284 21.85 2.09 24.84
N GLU C 285 20.67 1.73 25.39
CA GLU C 285 19.65 1.05 24.64
C GLU C 285 19.20 1.93 23.51
N THR C 286 19.16 3.27 23.76
CA THR C 286 18.76 4.20 22.75
C THR C 286 19.76 4.22 21.63
N LYS C 287 21.05 4.08 21.97
CA LYS C 287 22.10 4.21 20.99
C LYS C 287 21.93 3.22 19.89
N CYS C 288 21.60 1.94 20.20
CA CYS C 288 21.44 0.97 19.15
C CYS C 288 20.27 1.33 18.29
N THR C 289 19.16 1.79 18.89
CA THR C 289 17.98 2.03 18.11
C THR C 289 18.25 3.11 17.10
N LEU C 290 18.86 4.22 17.54
CA LEU C 290 19.21 5.33 16.68
C LEU C 290 20.35 4.93 15.79
N LYS C 291 21.19 3.97 16.27
CA LYS C 291 22.37 3.56 15.57
C LYS C 291 23.30 4.71 15.41
N SER C 292 23.46 5.49 16.50
CA SER C 292 24.40 6.57 16.49
C SER C 292 24.93 6.71 17.89
N PHE C 293 26.18 7.22 18.00
CA PHE C 293 26.81 7.46 19.26
C PHE C 293 26.17 8.62 19.94
N THR C 294 25.67 9.61 19.15
CA THR C 294 25.05 10.74 19.77
C THR C 294 23.61 10.77 19.34
N VAL C 295 22.71 11.16 20.27
CA VAL C 295 21.31 11.19 19.94
C VAL C 295 20.75 12.54 20.30
N GLU C 296 19.80 13.03 19.49
CA GLU C 296 19.18 14.29 19.77
C GLU C 296 18.21 14.05 20.88
N LYS C 297 17.89 15.10 21.65
CA LYS C 297 17.02 14.94 22.79
C LYS C 297 15.65 14.57 22.32
N GLY C 298 14.89 13.88 23.20
CA GLY C 298 13.55 13.51 22.84
C GLY C 298 13.20 12.24 23.56
N ILE C 299 12.10 11.60 23.09
CA ILE C 299 11.60 10.36 23.62
C ILE C 299 11.71 9.36 22.51
N TYR C 300 12.34 8.20 22.80
CA TYR C 300 12.47 7.20 21.78
C TYR C 300 11.93 5.89 22.28
N GLN C 301 11.04 5.23 21.50
CA GLN C 301 10.54 3.93 21.89
C GLN C 301 11.59 2.94 21.51
N THR C 302 12.32 2.43 22.52
CA THR C 302 13.36 1.48 22.27
C THR C 302 12.95 0.04 22.22
N SER C 303 12.19 -0.43 23.23
CA SER C 303 11.92 -1.83 23.34
C SER C 303 10.62 -1.99 24.07
N ASN C 304 10.29 -3.23 24.50
CA ASN C 304 9.04 -3.44 25.15
C ASN C 304 9.27 -4.19 26.44
N PHE C 305 8.53 -3.78 27.49
CA PHE C 305 8.59 -4.32 28.82
C PHE C 305 7.59 -5.42 28.96
N ARG C 306 8.03 -6.62 29.38
CA ARG C 306 7.07 -7.68 29.55
C ARG C 306 7.41 -8.40 30.82
N VAL C 307 6.39 -8.60 31.70
CA VAL C 307 6.61 -9.25 32.95
C VAL C 307 6.88 -10.69 32.63
N GLN C 308 7.86 -11.31 33.31
CA GLN C 308 8.19 -12.66 32.98
C GLN C 308 7.49 -13.57 33.94
N PRO C 309 7.14 -14.74 33.47
CA PRO C 309 6.47 -15.69 34.32
C PRO C 309 7.38 -16.26 35.37
N THR C 310 6.89 -16.34 36.61
CA THR C 310 7.64 -16.89 37.70
C THR C 310 7.61 -18.39 37.74
N GLU C 311 6.43 -19.00 37.49
CA GLU C 311 6.26 -20.40 37.76
C GLU C 311 5.73 -21.09 36.55
N SER C 312 5.73 -22.45 36.59
CA SER C 312 5.13 -23.25 35.57
C SER C 312 3.97 -23.91 36.24
N ILE C 313 2.75 -23.71 35.71
CA ILE C 313 1.57 -24.20 36.36
C ILE C 313 0.88 -25.19 35.49
N VAL C 314 0.40 -26.31 36.08
CA VAL C 314 -0.29 -27.27 35.28
C VAL C 314 -1.48 -27.80 36.05
N ARG C 315 -2.66 -27.84 35.40
CA ARG C 315 -3.81 -28.42 36.05
C ARG C 315 -4.53 -29.31 35.09
N PHE C 316 -4.62 -30.61 35.45
CA PHE C 316 -5.28 -31.61 34.66
C PHE C 316 -6.40 -32.15 35.46
N PRO C 317 -7.28 -32.84 34.78
CA PRO C 317 -8.45 -33.43 35.38
C PRO C 317 -8.05 -34.52 36.31
N ASN C 318 -8.98 -34.92 37.19
CA ASN C 318 -8.79 -35.92 38.20
C ASN C 318 -8.78 -37.33 37.65
N ILE C 319 -9.52 -37.61 36.54
CA ILE C 319 -9.69 -38.96 36.07
C ILE C 319 -8.40 -39.51 35.51
N THR C 320 -7.81 -40.46 36.26
CA THR C 320 -6.61 -41.22 36.03
C THR C 320 -6.78 -42.64 35.53
N ASN C 321 -8.01 -43.18 35.39
CA ASN C 321 -8.13 -44.63 35.25
C ASN C 321 -7.31 -45.26 34.15
N LEU C 322 -7.72 -45.21 32.86
CA LEU C 322 -6.97 -45.82 31.78
C LEU C 322 -7.75 -45.77 30.50
N CYS C 323 -7.02 -45.75 29.38
CA CYS C 323 -7.61 -45.82 28.07
C CYS C 323 -7.24 -47.20 27.62
N PRO C 324 -8.10 -47.83 26.87
CA PRO C 324 -7.92 -49.17 26.37
C PRO C 324 -6.99 -49.24 25.19
N PHE C 325 -5.93 -48.40 25.12
CA PHE C 325 -5.09 -48.44 23.96
C PHE C 325 -4.58 -49.84 23.77
N GLY C 326 -4.24 -50.55 24.86
CA GLY C 326 -3.75 -51.88 24.70
C GLY C 326 -4.81 -52.70 24.03
N GLU C 327 -6.09 -52.49 24.40
CA GLU C 327 -7.13 -53.29 23.82
C GLU C 327 -7.19 -53.07 22.34
N VAL C 328 -7.23 -51.80 21.89
CA VAL C 328 -7.36 -51.55 20.49
C VAL C 328 -6.13 -51.98 19.76
N PHE C 329 -4.95 -51.62 20.30
CA PHE C 329 -3.73 -51.96 19.63
C PHE C 329 -3.57 -53.44 19.60
N ASN C 330 -3.81 -54.12 20.73
CA ASN C 330 -3.64 -55.55 20.76
C ASN C 330 -4.98 -56.20 20.66
N ALA C 331 -5.78 -55.82 19.65
CA ALA C 331 -7.06 -56.45 19.50
C ALA C 331 -6.81 -57.83 19.00
N THR C 332 -7.66 -58.80 19.39
CA THR C 332 -7.43 -60.15 18.98
C THR C 332 -7.46 -60.21 17.49
N ARG C 333 -8.53 -59.67 16.87
CA ARG C 333 -8.57 -59.69 15.44
C ARG C 333 -9.21 -58.41 15.02
N PHE C 334 -8.75 -57.86 13.88
CA PHE C 334 -9.30 -56.63 13.40
C PHE C 334 -10.22 -56.95 12.27
N ALA C 335 -11.00 -55.94 11.85
CA ALA C 335 -11.91 -56.07 10.75
C ALA C 335 -11.17 -55.76 9.50
N SER C 336 -11.78 -56.03 8.34
CA SER C 336 -11.09 -55.74 7.11
C SER C 336 -11.33 -54.29 6.82
N VAL C 337 -10.65 -53.76 5.79
CA VAL C 337 -10.67 -52.36 5.47
C VAL C 337 -12.06 -51.90 5.08
N TYR C 338 -12.80 -52.69 4.29
CA TYR C 338 -14.07 -52.19 3.82
C TYR C 338 -15.02 -52.00 4.97
N ALA C 339 -15.06 -53.01 5.86
CA ALA C 339 -15.80 -53.22 7.07
C ALA C 339 -15.28 -52.46 8.27
N TRP C 340 -14.09 -51.84 8.17
CA TRP C 340 -13.28 -51.26 9.23
C TRP C 340 -14.01 -50.96 10.51
N ASN C 341 -13.34 -51.31 11.64
CA ASN C 341 -13.90 -51.19 12.95
C ASN C 341 -13.44 -49.89 13.57
N ARG C 342 -14.37 -49.20 14.26
CA ARG C 342 -14.04 -47.97 14.92
C ARG C 342 -14.30 -48.15 16.39
N LYS C 343 -13.33 -47.72 17.23
CA LYS C 343 -13.43 -47.87 18.65
C LYS C 343 -13.45 -46.48 19.22
N ARG C 344 -14.13 -46.29 20.36
CA ARG C 344 -14.17 -44.99 20.97
C ARG C 344 -13.28 -45.02 22.17
N ILE C 345 -12.42 -44.00 22.32
CA ILE C 345 -11.52 -43.95 23.43
C ILE C 345 -11.76 -42.68 24.18
N SER C 346 -11.98 -42.79 25.50
CA SER C 346 -12.23 -41.62 26.30
C SER C 346 -12.10 -41.97 27.75
N ASN C 347 -12.36 -40.97 28.62
CA ASN C 347 -12.34 -41.09 30.04
C ASN C 347 -11.07 -41.72 30.53
N CYS C 348 -9.92 -41.03 30.34
CA CYS C 348 -8.69 -41.60 30.82
C CYS C 348 -7.58 -40.60 30.76
N VAL C 349 -6.35 -41.13 30.97
CA VAL C 349 -5.10 -40.43 30.82
C VAL C 349 -4.39 -41.31 29.82
N ALA C 350 -3.55 -40.74 28.92
CA ALA C 350 -2.92 -41.56 27.92
C ALA C 350 -1.47 -41.17 27.78
N ASP C 351 -0.61 -42.21 27.73
CA ASP C 351 0.82 -42.34 27.67
C ASP C 351 1.45 -42.45 26.29
N TYR C 352 0.99 -41.77 25.22
CA TYR C 352 1.36 -42.01 23.84
C TYR C 352 2.85 -42.24 23.65
N SER C 353 3.73 -41.63 24.45
CA SER C 353 5.14 -41.77 24.23
C SER C 353 5.56 -43.22 24.18
N VAL C 354 4.87 -44.13 24.89
CA VAL C 354 5.24 -45.52 24.81
C VAL C 354 5.03 -45.99 23.41
N LEU C 355 3.95 -45.51 22.75
CA LEU C 355 3.62 -45.93 21.42
C LEU C 355 4.73 -45.54 20.50
N TYR C 356 5.27 -44.32 20.68
CA TYR C 356 6.32 -43.83 19.82
C TYR C 356 7.55 -44.64 20.02
N ASN C 357 7.92 -44.98 21.27
CA ASN C 357 9.17 -45.68 21.44
C ASN C 357 8.95 -47.15 21.54
N SER C 358 8.29 -47.77 20.53
CA SER C 358 8.14 -49.20 20.46
C SER C 358 9.21 -49.85 19.61
N ALA C 359 9.57 -49.19 18.48
CA ALA C 359 10.50 -49.71 17.52
C ALA C 359 9.84 -50.83 16.76
N SER C 360 8.61 -51.20 17.17
CA SER C 360 7.83 -52.24 16.53
C SER C 360 7.15 -51.71 15.29
N PHE C 361 6.96 -50.37 15.20
CA PHE C 361 6.16 -49.85 14.13
C PHE C 361 7.02 -49.38 12.99
N SER C 362 6.79 -49.97 11.80
CA SER C 362 7.54 -49.63 10.63
C SER C 362 7.24 -48.22 10.24
N THR C 363 5.95 -47.84 10.22
CA THR C 363 5.62 -46.50 9.82
C THR C 363 4.91 -45.80 10.93
N PHE C 364 5.53 -44.73 11.46
CA PHE C 364 4.89 -43.94 12.47
C PHE C 364 4.95 -42.53 11.97
N LYS C 365 3.92 -42.09 11.23
CA LYS C 365 3.92 -40.76 10.67
C LYS C 365 2.66 -40.08 11.12
N CYS C 366 2.77 -38.78 11.42
CA CYS C 366 1.63 -38.05 11.91
C CYS C 366 1.47 -36.82 11.07
N TYR C 367 0.22 -36.34 10.93
CA TYR C 367 0.05 -35.16 10.14
C TYR C 367 -0.30 -34.04 11.06
N GLY C 368 0.73 -33.27 11.47
CA GLY C 368 0.50 -32.13 12.33
C GLY C 368 1.14 -32.28 13.69
N VAL C 369 1.33 -33.51 14.22
CA VAL C 369 1.86 -33.51 15.56
C VAL C 369 3.29 -33.93 15.53
N SER C 370 4.03 -33.51 16.57
CA SER C 370 5.33 -34.03 16.81
C SER C 370 5.01 -35.37 17.40
N PRO C 371 5.72 -36.39 17.07
CA PRO C 371 5.44 -37.69 17.63
C PRO C 371 5.68 -37.57 19.10
N THR C 372 6.59 -36.68 19.48
CA THR C 372 6.90 -36.42 20.85
C THR C 372 5.93 -35.35 21.23
N LYS C 373 5.91 -34.95 22.52
CA LYS C 373 5.11 -33.84 22.93
C LYS C 373 3.64 -34.16 22.83
N LEU C 374 3.29 -35.39 22.41
CA LEU C 374 1.91 -35.80 22.31
C LEU C 374 1.28 -35.86 23.66
N ASN C 375 2.07 -36.13 24.70
CA ASN C 375 1.58 -36.30 26.04
C ASN C 375 1.05 -35.00 26.61
N ASP C 376 1.50 -33.86 26.06
CA ASP C 376 1.17 -32.52 26.49
C ASP C 376 -0.22 -32.06 26.14
N LEU C 377 -0.99 -32.80 25.31
CA LEU C 377 -2.26 -32.29 24.88
C LEU C 377 -3.45 -32.98 25.51
N CYS C 378 -4.65 -32.38 25.29
CA CYS C 378 -5.90 -32.86 25.81
C CYS C 378 -6.89 -33.01 24.70
N PHE C 379 -7.64 -34.14 24.66
CA PHE C 379 -8.55 -34.35 23.57
C PHE C 379 -9.88 -34.83 24.11
N THR C 380 -10.99 -34.41 23.45
CA THR C 380 -12.31 -34.85 23.84
C THR C 380 -12.55 -36.26 23.44
N ASN C 381 -12.28 -36.60 22.16
CA ASN C 381 -12.53 -37.94 21.71
C ASN C 381 -11.36 -38.38 20.90
N VAL C 382 -10.87 -39.60 21.18
CA VAL C 382 -9.79 -40.15 20.40
C VAL C 382 -10.34 -41.33 19.67
N TYR C 383 -10.16 -41.33 18.33
CA TYR C 383 -10.66 -42.37 17.48
C TYR C 383 -9.56 -43.33 17.16
N ALA C 384 -9.87 -44.64 17.19
CA ALA C 384 -8.89 -45.61 16.81
C ALA C 384 -9.46 -46.44 15.69
N ASP C 385 -8.93 -46.23 14.47
CA ASP C 385 -9.35 -46.97 13.32
C ASP C 385 -8.24 -47.93 13.04
N SER C 386 -8.54 -49.14 12.53
CA SER C 386 -7.49 -50.10 12.32
C SER C 386 -7.81 -50.88 11.08
N PHE C 387 -6.74 -51.32 10.35
CA PHE C 387 -6.98 -51.92 9.07
C PHE C 387 -6.08 -53.11 8.83
N VAL C 388 -6.43 -53.89 7.79
CA VAL C 388 -5.76 -55.00 7.18
C VAL C 388 -4.95 -54.65 5.95
N ILE C 389 -4.92 -53.38 5.53
CA ILE C 389 -4.31 -52.94 4.29
C ILE C 389 -2.99 -53.60 3.97
N ARG C 390 -2.65 -53.57 2.66
CA ARG C 390 -1.44 -54.14 2.11
C ARG C 390 -0.29 -53.20 2.31
N GLY C 391 0.94 -53.73 2.19
CA GLY C 391 2.17 -53.02 2.42
C GLY C 391 2.38 -51.86 1.47
N ASP C 392 2.23 -52.07 0.16
CA ASP C 392 2.50 -51.04 -0.81
C ASP C 392 1.50 -49.94 -0.61
N GLU C 393 0.32 -50.32 -0.08
CA GLU C 393 -0.82 -49.49 0.16
C GLU C 393 -0.65 -48.45 1.23
N VAL C 394 0.23 -48.69 2.23
CA VAL C 394 0.28 -47.89 3.42
C VAL C 394 0.40 -46.44 3.09
N ARG C 395 1.05 -46.12 1.97
CA ARG C 395 1.26 -44.76 1.56
C ARG C 395 -0.08 -44.06 1.48
N GLN C 396 -1.13 -44.76 1.06
CA GLN C 396 -2.46 -44.26 0.83
C GLN C 396 -3.14 -43.85 2.11
N ILE C 397 -2.77 -44.36 3.28
CA ILE C 397 -3.52 -43.85 4.40
C ILE C 397 -2.86 -42.59 4.83
N ALA C 398 -3.32 -41.46 4.24
CA ALA C 398 -2.75 -40.16 4.47
C ALA C 398 -3.72 -39.15 3.92
N PRO C 399 -3.53 -37.88 4.17
CA PRO C 399 -4.47 -36.93 3.66
C PRO C 399 -4.75 -36.89 2.17
N GLY C 400 -3.90 -36.27 1.37
CA GLY C 400 -4.14 -35.97 -0.03
C GLY C 400 -4.22 -37.17 -0.93
N GLN C 401 -3.68 -38.33 -0.54
CA GLN C 401 -3.53 -39.36 -1.54
C GLN C 401 -4.82 -39.88 -2.10
N THR C 402 -4.66 -40.51 -3.28
CA THR C 402 -5.72 -41.16 -4.00
C THR C 402 -5.20 -42.50 -4.43
N GLY C 403 -6.11 -43.50 -4.46
CA GLY C 403 -5.71 -44.82 -4.81
C GLY C 403 -6.85 -45.72 -4.48
N LYS C 404 -6.60 -47.05 -4.52
CA LYS C 404 -7.66 -48.01 -4.36
C LYS C 404 -8.34 -47.91 -3.04
N ILE C 405 -7.57 -48.01 -1.93
CA ILE C 405 -8.12 -47.95 -0.61
C ILE C 405 -8.60 -46.56 -0.33
N ALA C 406 -7.80 -45.58 -0.74
CA ALA C 406 -8.03 -44.20 -0.44
C ALA C 406 -9.34 -43.75 -1.00
N ASP C 407 -9.77 -44.27 -2.16
CA ASP C 407 -11.04 -43.88 -2.72
C ASP C 407 -12.25 -44.61 -2.18
N TYR C 408 -12.25 -45.96 -2.34
CA TYR C 408 -13.35 -46.84 -2.05
C TYR C 408 -13.45 -47.39 -0.64
N ASN C 409 -12.29 -47.65 -0.01
CA ASN C 409 -12.24 -48.29 1.28
C ASN C 409 -12.26 -47.39 2.48
N TYR C 410 -11.42 -46.32 2.46
CA TYR C 410 -11.29 -45.46 3.60
C TYR C 410 -10.84 -44.11 3.11
N LYS C 411 -11.38 -43.01 3.67
CA LYS C 411 -10.93 -41.75 3.13
C LYS C 411 -10.57 -40.87 4.29
N LEU C 412 -9.28 -40.49 4.40
CA LEU C 412 -8.89 -39.53 5.40
C LEU C 412 -9.19 -38.16 4.86
N PRO C 413 -9.60 -37.25 5.71
CA PRO C 413 -9.92 -35.91 5.31
C PRO C 413 -8.67 -35.13 5.02
N ASP C 414 -8.80 -33.98 4.35
CA ASP C 414 -7.64 -33.17 4.03
C ASP C 414 -7.08 -32.63 5.32
N ASP C 415 -7.97 -32.16 6.21
CA ASP C 415 -7.73 -31.52 7.48
C ASP C 415 -7.27 -32.47 8.55
N PHE C 416 -7.13 -33.77 8.26
CA PHE C 416 -6.83 -34.81 9.21
C PHE C 416 -5.84 -34.40 10.26
N THR C 417 -6.23 -34.61 11.54
CA THR C 417 -5.37 -34.32 12.66
C THR C 417 -5.17 -35.59 13.43
N GLY C 418 -4.03 -36.26 13.22
CA GLY C 418 -3.80 -37.49 13.93
C GLY C 418 -2.54 -38.13 13.45
N CYS C 419 -2.36 -39.42 13.82
CA CYS C 419 -1.19 -40.15 13.43
C CYS C 419 -1.63 -41.41 12.74
N VAL C 420 -0.75 -41.98 11.90
CA VAL C 420 -1.02 -43.21 11.24
C VAL C 420 0.07 -44.15 11.65
N ILE C 421 -0.28 -45.20 12.42
CA ILE C 421 0.72 -46.09 12.92
C ILE C 421 0.59 -47.38 12.16
N ALA C 422 1.69 -47.82 11.51
CA ALA C 422 1.62 -49.03 10.75
C ALA C 422 2.77 -49.93 11.13
N TRP C 423 2.48 -51.25 11.24
CA TRP C 423 3.50 -52.22 11.49
C TRP C 423 3.05 -53.48 10.84
N ASN C 424 3.93 -54.15 10.07
CA ASN C 424 3.50 -55.34 9.39
C ASN C 424 3.37 -56.47 10.35
N SER C 425 2.19 -57.10 10.37
CA SER C 425 1.99 -58.25 11.20
C SER C 425 1.87 -59.41 10.26
N ASN C 426 3.02 -59.94 9.81
CA ASN C 426 3.01 -61.09 8.95
C ASN C 426 2.67 -62.28 9.76
N ASN C 427 3.20 -62.33 11.00
CA ASN C 427 3.04 -63.49 11.83
C ASN C 427 1.60 -63.71 12.15
N LEU C 428 0.87 -62.64 12.53
CA LEU C 428 -0.48 -62.80 12.97
C LEU C 428 -1.35 -63.33 11.87
N ASP C 429 -1.28 -62.74 10.66
CA ASP C 429 -2.19 -63.22 9.66
C ASP C 429 -1.53 -63.38 8.33
N SER C 430 -0.81 -64.51 8.15
CA SER C 430 -0.36 -64.86 6.83
C SER C 430 -0.16 -66.33 6.87
N LYS C 431 -1.12 -67.08 6.29
CA LYS C 431 -1.02 -68.51 6.39
C LYS C 431 -0.67 -69.04 5.04
N VAL C 432 -0.08 -70.25 5.01
CA VAL C 432 0.29 -70.82 3.75
C VAL C 432 -0.97 -71.03 3.00
N GLY C 433 -0.94 -70.73 1.69
CA GLY C 433 -2.12 -70.86 0.90
C GLY C 433 -2.81 -69.53 0.92
N GLY C 434 -2.30 -68.59 1.73
CA GLY C 434 -2.82 -67.25 1.76
C GLY C 434 -3.91 -67.15 2.78
N ASN C 435 -3.96 -66.02 3.51
CA ASN C 435 -5.00 -65.79 4.49
C ASN C 435 -5.97 -64.83 3.87
N TYR C 436 -7.12 -65.38 3.45
CA TYR C 436 -8.21 -64.82 2.72
C TYR C 436 -9.19 -63.95 3.47
N ASN C 437 -9.22 -64.04 4.81
CA ASN C 437 -10.23 -63.45 5.64
C ASN C 437 -10.44 -61.97 5.37
N TYR C 438 -9.42 -61.23 4.87
CA TYR C 438 -9.61 -59.81 4.77
C TYR C 438 -10.00 -59.40 3.37
N LEU C 439 -11.04 -58.54 3.26
CA LEU C 439 -11.58 -58.16 1.97
C LEU C 439 -11.55 -56.67 1.77
N TYR C 440 -11.63 -56.23 0.49
CA TYR C 440 -11.66 -54.82 0.21
C TYR C 440 -12.57 -54.58 -0.95
N ARG C 441 -13.17 -53.38 -1.03
CA ARG C 441 -14.07 -53.05 -2.10
C ARG C 441 -13.24 -52.60 -3.27
N LEU C 442 -13.32 -53.34 -4.40
CA LEU C 442 -12.65 -53.00 -5.62
C LEU C 442 -13.44 -52.02 -6.46
N PHE C 443 -14.78 -52.18 -6.53
CA PHE C 443 -15.58 -51.38 -7.43
C PHE C 443 -16.47 -50.48 -6.62
N ARG C 444 -16.49 -49.17 -6.96
CA ARG C 444 -17.42 -48.29 -6.32
C ARG C 444 -17.70 -47.17 -7.28
N LYS C 445 -18.96 -46.68 -7.30
CA LYS C 445 -19.37 -45.67 -8.22
C LYS C 445 -18.65 -44.39 -7.94
N SER C 446 -18.59 -43.97 -6.66
CA SER C 446 -17.99 -42.71 -6.36
C SER C 446 -17.05 -42.89 -5.21
N ASN C 447 -16.13 -41.91 -5.05
CA ASN C 447 -15.16 -41.98 -4.00
C ASN C 447 -15.85 -41.68 -2.71
N LEU C 448 -15.28 -42.18 -1.61
CA LEU C 448 -15.88 -42.04 -0.31
C LEU C 448 -15.60 -40.69 0.26
N LYS C 449 -16.53 -40.25 1.14
CA LYS C 449 -16.36 -39.04 1.88
C LYS C 449 -15.48 -39.40 3.02
N PRO C 450 -14.96 -38.45 3.74
CA PRO C 450 -14.07 -38.79 4.81
C PRO C 450 -14.76 -39.56 5.90
N PHE C 451 -14.09 -40.61 6.39
CA PHE C 451 -14.49 -41.48 7.46
C PHE C 451 -15.78 -42.18 7.11
N GLU C 452 -16.19 -42.11 5.84
CA GLU C 452 -17.40 -42.76 5.43
C GLU C 452 -17.13 -44.24 5.35
N ARG C 453 -18.13 -45.06 5.75
CA ARG C 453 -17.98 -46.48 5.77
C ARG C 453 -19.06 -47.05 4.89
N ASP C 454 -18.71 -47.99 3.99
CA ASP C 454 -19.67 -48.57 3.09
C ASP C 454 -19.58 -50.07 3.16
N ILE C 455 -20.50 -50.69 3.92
CA ILE C 455 -20.67 -52.11 4.09
C ILE C 455 -21.38 -52.76 2.94
N SER C 456 -22.18 -51.98 2.16
CA SER C 456 -23.06 -52.48 1.14
C SER C 456 -22.50 -53.63 0.34
N THR C 457 -23.27 -54.73 0.34
CA THR C 457 -23.11 -56.00 -0.32
C THR C 457 -23.56 -55.99 -1.75
N GLU C 458 -24.33 -54.98 -2.19
CA GLU C 458 -24.93 -54.99 -3.49
C GLU C 458 -23.92 -55.20 -4.59
N ILE C 459 -24.36 -55.89 -5.66
CA ILE C 459 -23.56 -56.16 -6.82
C ILE C 459 -23.34 -54.88 -7.55
N TYR C 460 -22.14 -54.73 -8.16
CA TYR C 460 -21.75 -53.51 -8.80
C TYR C 460 -22.21 -53.59 -10.22
N GLN C 461 -23.10 -52.64 -10.61
CA GLN C 461 -23.61 -52.62 -11.95
C GLN C 461 -22.66 -51.84 -12.79
N ALA C 462 -21.73 -52.57 -13.44
CA ALA C 462 -20.71 -52.07 -14.31
C ALA C 462 -21.27 -51.52 -15.58
N GLY C 463 -22.38 -52.09 -16.10
CA GLY C 463 -22.85 -51.69 -17.39
C GLY C 463 -24.21 -51.04 -17.32
N SER C 464 -24.85 -50.96 -18.50
CA SER C 464 -26.13 -50.35 -18.75
C SER C 464 -27.26 -51.20 -18.24
N THR C 465 -27.05 -52.50 -17.99
CA THR C 465 -28.16 -53.34 -17.63
C THR C 465 -28.11 -53.69 -16.17
N PRO C 466 -29.28 -53.90 -15.61
CA PRO C 466 -29.40 -54.23 -14.21
C PRO C 466 -28.89 -55.59 -13.87
N CYS C 467 -28.17 -55.72 -12.74
CA CYS C 467 -27.61 -56.95 -12.24
C CYS C 467 -28.61 -57.83 -11.56
N ASN C 468 -29.47 -57.23 -10.71
CA ASN C 468 -30.45 -57.97 -9.96
C ASN C 468 -29.79 -59.05 -9.14
N GLY C 469 -28.59 -58.77 -8.61
CA GLY C 469 -27.94 -59.70 -7.74
C GLY C 469 -27.43 -60.88 -8.51
N VAL C 470 -27.28 -60.76 -9.84
CA VAL C 470 -26.80 -61.88 -10.58
C VAL C 470 -25.42 -61.56 -11.05
N GLU C 471 -24.42 -62.40 -10.68
CA GLU C 471 -23.08 -62.13 -11.11
C GLU C 471 -22.96 -62.54 -12.54
N GLY C 472 -22.10 -61.83 -13.28
CA GLY C 472 -21.94 -62.14 -14.67
C GLY C 472 -21.22 -60.99 -15.30
N PHE C 473 -21.51 -60.74 -16.59
CA PHE C 473 -20.88 -59.69 -17.33
C PHE C 473 -21.45 -58.39 -16.87
N ASN C 474 -20.56 -57.40 -16.65
CA ASN C 474 -20.91 -56.08 -16.22
C ASN C 474 -21.60 -56.16 -14.90
N CYS C 475 -21.47 -57.29 -14.20
CA CYS C 475 -22.06 -57.42 -12.89
C CYS C 475 -21.06 -58.13 -12.05
N TYR C 476 -20.31 -57.36 -11.24
CA TYR C 476 -19.25 -57.97 -10.48
C TYR C 476 -19.47 -57.66 -9.03
N PHE C 477 -19.14 -58.63 -8.15
CA PHE C 477 -19.24 -58.38 -6.75
C PHE C 477 -18.12 -57.43 -6.44
N PRO C 478 -18.44 -56.39 -5.73
CA PRO C 478 -17.50 -55.32 -5.45
C PRO C 478 -16.38 -55.65 -4.51
N LEU C 479 -16.39 -56.82 -3.86
CA LEU C 479 -15.39 -57.08 -2.87
C LEU C 479 -14.43 -58.12 -3.36
N GLN C 480 -13.15 -58.02 -2.91
CA GLN C 480 -12.15 -58.98 -3.27
C GLN C 480 -11.33 -59.28 -2.04
N SER C 481 -10.55 -60.39 -2.05
CA SER C 481 -9.77 -60.76 -0.90
C SER C 481 -8.32 -60.51 -1.17
N TYR C 482 -7.62 -59.88 -0.20
CA TYR C 482 -6.21 -59.62 -0.36
C TYR C 482 -5.38 -60.88 -0.43
N GLY C 483 -5.41 -61.72 0.63
CA GLY C 483 -4.66 -62.96 0.63
C GLY C 483 -3.40 -62.91 1.48
N PHE C 484 -2.51 -61.92 1.28
CA PHE C 484 -1.31 -61.80 2.07
C PHE C 484 -0.54 -63.09 2.19
N GLN C 485 0.10 -63.56 1.09
CA GLN C 485 0.89 -64.76 1.09
C GLN C 485 1.82 -64.70 2.25
N PRO C 486 2.01 -65.81 2.93
CA PRO C 486 2.80 -65.86 4.13
C PRO C 486 4.13 -65.19 3.99
N THR C 487 4.99 -65.64 3.06
CA THR C 487 6.26 -65.01 2.91
C THR C 487 6.45 -64.69 1.46
N ASN C 488 5.65 -63.75 0.95
CA ASN C 488 5.85 -63.34 -0.42
C ASN C 488 5.49 -61.89 -0.48
N GLY C 489 5.61 -61.17 0.65
CA GLY C 489 5.16 -59.81 0.54
C GLY C 489 6.19 -58.84 0.99
N VAL C 490 6.81 -58.11 0.03
CA VAL C 490 7.59 -56.99 0.45
C VAL C 490 6.62 -55.86 0.72
N GLY C 491 5.81 -55.54 -0.30
CA GLY C 491 4.66 -54.65 -0.36
C GLY C 491 3.41 -55.37 0.01
N TYR C 492 3.43 -56.70 -0.16
CA TYR C 492 2.40 -57.71 -0.10
C TYR C 492 1.92 -58.12 1.28
N GLN C 493 2.49 -57.63 2.40
CA GLN C 493 2.10 -58.15 3.69
C GLN C 493 1.05 -57.34 4.42
N PRO C 494 0.47 -57.96 5.42
CA PRO C 494 -0.54 -57.30 6.23
C PRO C 494 0.07 -56.25 7.10
N TYR C 495 -0.44 -55.00 7.00
CA TYR C 495 0.03 -53.94 7.83
C TYR C 495 -1.16 -53.44 8.58
N ARG C 496 -1.24 -53.77 9.88
CA ARG C 496 -2.42 -53.36 10.59
C ARG C 496 -2.22 -51.91 10.89
N VAL C 497 -2.82 -51.04 10.05
CA VAL C 497 -2.63 -49.65 10.18
C VAL C 497 -3.66 -49.10 11.11
N VAL C 498 -3.24 -48.75 12.34
CA VAL C 498 -4.13 -48.15 13.27
C VAL C 498 -3.99 -46.67 13.07
N VAL C 499 -5.12 -45.94 12.98
CA VAL C 499 -5.07 -44.52 12.76
C VAL C 499 -5.78 -43.85 13.88
N LEU C 500 -5.14 -42.81 14.45
CA LEU C 500 -5.74 -42.08 15.53
C LEU C 500 -6.23 -40.78 14.97
N SER C 501 -7.52 -40.47 15.19
CA SER C 501 -8.03 -39.21 14.75
C SER C 501 -8.32 -38.44 16.01
N PHE C 502 -7.71 -37.25 16.15
CA PHE C 502 -7.87 -36.52 17.37
C PHE C 502 -8.97 -35.54 17.20
N GLU C 503 -10.06 -35.72 17.96
CA GLU C 503 -11.21 -34.85 17.83
C GLU C 503 -11.28 -33.99 19.05
N LEU C 504 -11.35 -32.66 18.82
CA LEU C 504 -11.45 -31.69 19.89
C LEU C 504 -12.44 -30.64 19.50
N LEU C 505 -13.51 -30.52 20.32
CA LEU C 505 -14.59 -29.58 20.24
C LEU C 505 -14.17 -28.25 20.80
N HIS C 506 -13.05 -28.23 21.55
CA HIS C 506 -12.70 -27.13 22.39
C HIS C 506 -13.69 -27.25 23.51
N ALA C 507 -14.06 -28.52 23.77
CA ALA C 507 -14.95 -29.04 24.77
C ALA C 507 -14.11 -29.62 25.87
N PRO C 508 -14.76 -30.26 26.81
CA PRO C 508 -14.02 -30.93 27.85
C PRO C 508 -13.18 -32.01 27.25
N ALA C 509 -11.85 -31.95 27.45
CA ALA C 509 -10.97 -32.95 26.95
C ALA C 509 -10.90 -34.03 27.99
N THR C 510 -11.15 -35.29 27.56
CA THR C 510 -11.12 -36.47 28.39
C THR C 510 -9.86 -37.32 28.40
N VAL C 511 -9.15 -37.42 27.26
CA VAL C 511 -8.07 -38.35 26.94
C VAL C 511 -6.66 -37.97 27.37
N CYS C 512 -6.43 -36.76 27.90
CA CYS C 512 -5.12 -36.15 28.11
C CYS C 512 -4.12 -37.01 28.82
N GLY C 513 -2.82 -36.82 28.46
CA GLY C 513 -1.68 -37.56 28.94
C GLY C 513 -1.30 -37.24 30.35
N PRO C 514 -0.40 -38.05 30.87
CA PRO C 514 0.05 -37.95 32.23
C PRO C 514 0.81 -36.71 32.56
N LYS C 515 0.11 -35.71 33.10
CA LYS C 515 0.76 -34.53 33.57
C LYS C 515 0.38 -34.42 35.00
N LYS C 516 1.34 -34.04 35.85
CA LYS C 516 1.03 -33.92 37.25
C LYS C 516 0.38 -32.59 37.42
N SER C 517 -0.84 -32.57 37.99
CA SER C 517 -1.49 -31.31 38.15
C SER C 517 -1.02 -30.72 39.44
N THR C 518 -0.20 -29.66 39.36
CA THR C 518 0.35 -29.05 40.53
C THR C 518 -0.68 -28.16 41.15
N ASN C 519 -0.32 -27.52 42.28
CA ASN C 519 -1.21 -26.66 43.01
C ASN C 519 -1.47 -25.48 42.13
N LEU C 520 -2.45 -24.62 42.49
CA LEU C 520 -2.84 -23.49 41.67
C LEU C 520 -2.30 -22.23 42.28
N VAL C 521 -1.86 -21.28 41.42
CA VAL C 521 -1.32 -20.03 41.86
C VAL C 521 -2.15 -18.93 41.27
N LYS C 522 -2.46 -17.89 42.07
CA LYS C 522 -3.33 -16.86 41.62
C LYS C 522 -2.60 -15.55 41.64
N ASN C 523 -3.06 -14.60 40.81
CA ASN C 523 -2.59 -13.24 40.81
C ASN C 523 -1.15 -13.15 40.44
N LYS C 524 -0.59 -14.21 39.81
CA LYS C 524 0.79 -14.12 39.43
C LYS C 524 0.90 -14.61 38.01
N CYS C 525 1.81 -14.01 37.23
CA CYS C 525 2.01 -14.44 35.87
C CYS C 525 2.51 -15.84 35.92
N VAL C 526 1.82 -16.77 35.22
CA VAL C 526 2.25 -18.14 35.24
C VAL C 526 2.02 -18.70 33.87
N ASN C 527 2.68 -19.83 33.55
CA ASN C 527 2.45 -20.47 32.28
C ASN C 527 1.52 -21.61 32.57
N PHE C 528 0.26 -21.53 32.11
CA PHE C 528 -0.67 -22.54 32.50
C PHE C 528 -1.10 -23.37 31.34
N ASN C 529 -1.55 -24.59 31.66
CA ASN C 529 -2.06 -25.53 30.69
C ASN C 529 -3.31 -26.11 31.30
N PHE C 530 -4.49 -25.58 30.90
CA PHE C 530 -5.69 -26.14 31.45
C PHE C 530 -6.33 -26.98 30.41
N ASN C 531 -6.34 -28.30 30.65
CA ASN C 531 -7.09 -29.21 29.83
C ASN C 531 -6.70 -29.03 28.39
N GLY C 532 -5.40 -28.78 28.13
CA GLY C 532 -4.91 -28.68 26.79
C GLY C 532 -4.88 -27.24 26.35
N LEU C 533 -5.63 -26.33 27.02
CA LEU C 533 -5.51 -24.96 26.62
C LEU C 533 -4.31 -24.39 27.29
N THR C 534 -3.35 -23.94 26.49
CA THR C 534 -2.17 -23.36 27.03
C THR C 534 -2.27 -21.86 26.96
N GLY C 535 -1.24 -21.15 27.48
CA GLY C 535 -1.23 -19.72 27.41
C GLY C 535 -0.53 -19.19 28.63
N THR C 536 -0.35 -17.85 28.68
CA THR C 536 0.26 -17.24 29.83
C THR C 536 -0.60 -16.08 30.25
N GLY C 537 -0.73 -15.85 31.58
CA GLY C 537 -1.56 -14.76 32.04
C GLY C 537 -1.64 -14.79 33.54
N VAL C 538 -2.55 -13.97 34.10
CA VAL C 538 -2.75 -13.91 35.52
C VAL C 538 -4.08 -14.51 35.78
N LEU C 539 -4.13 -15.48 36.70
CA LEU C 539 -5.35 -16.21 36.85
C LEU C 539 -5.97 -15.73 38.13
N THR C 540 -7.12 -15.01 38.02
CA THR C 540 -7.74 -14.43 39.18
C THR C 540 -9.14 -14.91 39.27
N GLU C 541 -9.79 -14.68 40.44
CA GLU C 541 -11.16 -15.09 40.61
C GLU C 541 -12.03 -14.21 39.77
N SER C 542 -13.07 -14.82 39.16
CA SER C 542 -13.93 -14.10 38.26
C SER C 542 -15.26 -13.82 38.90
N ASN C 543 -16.11 -13.05 38.16
CA ASN C 543 -17.45 -12.75 38.56
C ASN C 543 -18.36 -13.15 37.44
N LYS C 544 -17.94 -14.13 36.62
CA LYS C 544 -18.70 -14.59 35.49
C LYS C 544 -19.62 -15.65 36.00
N LYS C 545 -20.75 -15.87 35.28
CA LYS C 545 -21.59 -16.95 35.68
C LYS C 545 -21.66 -17.92 34.53
N PHE C 546 -20.91 -19.03 34.68
CA PHE C 546 -20.81 -20.06 33.68
C PHE C 546 -21.95 -21.02 33.80
N LEU C 547 -22.36 -21.57 32.64
CA LEU C 547 -23.36 -22.59 32.55
C LEU C 547 -22.66 -23.88 32.83
N PRO C 548 -23.35 -24.87 33.33
CA PRO C 548 -22.70 -26.09 33.70
C PRO C 548 -22.00 -26.80 32.58
N PHE C 549 -22.53 -26.68 31.35
CA PHE C 549 -21.95 -27.33 30.20
C PHE C 549 -20.74 -26.60 29.68
N GLN C 550 -20.57 -25.29 29.98
CA GLN C 550 -19.52 -24.52 29.38
C GLN C 550 -18.22 -24.60 30.14
N GLN C 551 -17.13 -24.95 29.40
CA GLN C 551 -15.78 -25.03 29.90
C GLN C 551 -15.06 -23.71 29.97
N PHE C 552 -15.21 -22.82 28.96
CA PHE C 552 -14.47 -21.59 29.03
C PHE C 552 -15.09 -20.57 28.12
N GLY C 553 -14.91 -19.28 28.49
CA GLY C 553 -15.45 -18.20 27.72
C GLY C 553 -14.46 -17.81 26.68
N ARG C 554 -14.80 -16.75 25.90
CA ARG C 554 -13.91 -16.25 24.89
C ARG C 554 -14.12 -14.78 24.76
N ASP C 555 -13.13 -14.07 24.18
CA ASP C 555 -13.18 -12.66 23.96
C ASP C 555 -13.58 -12.47 22.51
N ILE C 556 -13.62 -11.21 22.04
CA ILE C 556 -13.92 -10.87 20.68
C ILE C 556 -12.82 -11.37 19.81
N ALA C 557 -11.59 -11.36 20.35
CA ALA C 557 -10.36 -11.76 19.73
C ALA C 557 -10.41 -13.23 19.41
N ASP C 558 -11.28 -13.98 20.09
CA ASP C 558 -11.38 -15.42 19.96
C ASP C 558 -10.28 -16.00 20.78
N THR C 559 -9.75 -15.20 21.73
CA THR C 559 -8.80 -15.69 22.69
C THR C 559 -9.56 -16.09 23.92
N THR C 560 -8.94 -16.88 24.81
CA THR C 560 -9.61 -17.39 25.99
C THR C 560 -9.76 -16.29 27.01
N ASP C 561 -11.03 -16.03 27.43
CA ASP C 561 -11.34 -15.08 28.48
C ASP C 561 -11.32 -15.67 29.86
N ALA C 562 -12.05 -16.81 30.06
CA ALA C 562 -12.21 -17.35 31.39
C ALA C 562 -12.09 -18.83 31.30
N VAL C 563 -11.69 -19.48 32.41
CA VAL C 563 -11.51 -20.90 32.33
C VAL C 563 -12.05 -21.51 33.58
N ARG C 564 -12.54 -22.78 33.47
CA ARG C 564 -13.03 -23.48 34.61
C ARG C 564 -11.96 -24.45 35.01
N ASP C 565 -11.60 -24.48 36.31
CA ASP C 565 -10.60 -25.40 36.78
C ASP C 565 -11.20 -26.77 36.69
N PRO C 566 -10.53 -27.71 36.08
CA PRO C 566 -11.09 -29.03 35.97
C PRO C 566 -11.19 -29.72 37.31
N GLN C 567 -10.28 -29.39 38.24
CA GLN C 567 -10.28 -29.91 39.59
C GLN C 567 -11.33 -29.26 40.43
N THR C 568 -11.42 -27.91 40.35
CA THR C 568 -12.34 -27.19 41.18
C THR C 568 -13.32 -26.48 40.30
N LEU C 569 -14.62 -26.58 40.65
CA LEU C 569 -15.57 -25.95 39.80
C LEU C 569 -15.55 -24.50 40.16
N GLU C 570 -14.55 -23.76 39.67
CA GLU C 570 -14.46 -22.35 39.92
C GLU C 570 -14.11 -21.71 38.61
N ILE C 571 -14.48 -20.42 38.46
CA ILE C 571 -14.27 -19.75 37.20
C ILE C 571 -13.17 -18.77 37.40
N LEU C 572 -12.12 -18.84 36.54
CA LEU C 572 -11.05 -17.89 36.72
C LEU C 572 -10.86 -17.10 35.46
N ASP C 573 -10.57 -15.79 35.62
CA ASP C 573 -10.39 -14.88 34.53
C ASP C 573 -8.92 -14.83 34.22
N ILE C 574 -8.60 -14.69 32.92
CA ILE C 574 -7.21 -14.61 32.57
C ILE C 574 -6.94 -13.26 32.01
N THR C 575 -6.05 -12.50 32.69
CA THR C 575 -5.66 -11.24 32.16
C THR C 575 -4.21 -11.34 31.82
N PRO C 576 -3.88 -10.91 30.64
CA PRO C 576 -2.53 -11.05 30.23
C PRO C 576 -1.60 -10.23 31.05
N CYS C 577 -0.33 -10.69 31.11
CA CYS C 577 0.66 -10.08 31.94
C CYS C 577 0.80 -8.64 31.58
N SER C 578 1.06 -7.81 32.60
CA SER C 578 1.17 -6.41 32.36
C SER C 578 2.36 -6.17 31.50
N PHE C 579 2.19 -5.32 30.47
CA PHE C 579 3.28 -5.01 29.58
C PHE C 579 2.98 -3.67 28.97
N GLY C 580 4.03 -3.03 28.41
CA GLY C 580 3.82 -1.75 27.79
C GLY C 580 5.14 -1.30 27.24
N GLY C 581 5.10 -0.26 26.39
CA GLY C 581 6.30 0.20 25.74
C GLY C 581 7.17 0.91 26.73
N VAL C 582 8.49 0.91 26.44
CA VAL C 582 9.45 1.58 27.27
C VAL C 582 10.05 2.67 26.44
N SER C 583 10.18 3.88 27.02
CA SER C 583 10.74 4.99 26.29
C SER C 583 11.83 5.57 27.12
N VAL C 584 12.88 6.08 26.45
CA VAL C 584 13.99 6.64 27.16
C VAL C 584 13.99 8.12 26.93
N ILE C 585 13.98 8.91 28.02
CA ILE C 585 13.99 10.34 27.91
C ILE C 585 15.42 10.74 28.05
N THR C 586 16.08 11.05 26.92
CA THR C 586 17.48 11.38 27.00
C THR C 586 17.63 12.85 26.76
N PRO C 587 18.24 13.51 27.70
CA PRO C 587 18.45 14.93 27.61
C PRO C 587 19.37 15.28 26.49
N GLY C 588 20.15 14.29 25.99
CA GLY C 588 21.09 14.56 24.93
C GLY C 588 22.45 14.18 25.43
N THR C 589 23.14 13.34 24.64
CA THR C 589 24.43 12.83 24.97
C THR C 589 25.38 13.97 25.05
N ASN C 590 25.16 15.00 24.20
CA ASN C 590 26.06 16.11 24.26
C ASN C 590 25.95 16.68 25.64
N THR C 591 24.72 16.88 26.14
CA THR C 591 24.52 17.45 27.45
C THR C 591 24.79 16.52 28.61
N SER C 592 24.19 15.30 28.64
CA SER C 592 24.41 14.46 29.80
C SER C 592 24.09 13.03 29.48
N ASN C 593 24.63 12.10 30.30
CA ASN C 593 24.38 10.69 30.24
C ASN C 593 23.18 10.27 31.06
N GLN C 594 22.87 11.00 32.14
CA GLN C 594 21.80 10.63 33.03
C GLN C 594 20.52 10.67 32.25
N VAL C 595 19.68 9.63 32.38
CA VAL C 595 18.52 9.55 31.56
C VAL C 595 17.31 9.24 32.41
N ALA C 596 16.11 9.21 31.80
CA ALA C 596 14.90 8.89 32.50
C ALA C 596 14.16 7.88 31.68
N VAL C 597 13.50 6.90 32.33
CA VAL C 597 12.85 5.87 31.59
C VAL C 597 11.38 5.93 31.83
N LEU C 598 10.58 5.70 30.77
CA LEU C 598 9.15 5.75 30.90
C LEU C 598 8.62 4.37 30.60
N TYR C 599 7.73 3.86 31.47
CA TYR C 599 7.08 2.60 31.22
C TYR C 599 5.67 2.96 30.89
N GLN C 600 5.25 2.72 29.63
CA GLN C 600 3.96 3.19 29.22
C GLN C 600 2.86 2.31 29.74
N GLY C 601 1.82 2.98 30.26
CA GLY C 601 0.58 2.46 30.75
C GLY C 601 0.82 1.33 31.70
N VAL C 602 1.78 1.47 32.62
CA VAL C 602 1.98 0.42 33.58
C VAL C 602 1.98 1.02 34.95
N ASN C 603 1.51 0.24 35.94
CA ASN C 603 1.50 0.66 37.29
C ASN C 603 2.92 0.49 37.77
N CYS C 604 3.33 1.35 38.72
CA CYS C 604 4.67 1.37 39.24
C CYS C 604 4.97 0.11 40.00
N THR C 605 3.93 -0.52 40.57
CA THR C 605 4.15 -1.67 41.42
C THR C 605 4.87 -2.76 40.67
N GLU C 606 4.56 -2.95 39.38
CA GLU C 606 5.07 -3.99 38.55
C GLU C 606 6.55 -3.88 38.21
N VAL C 607 7.14 -2.68 38.24
CA VAL C 607 8.51 -2.53 37.79
C VAL C 607 9.50 -3.39 38.54
N PRO C 608 9.57 -3.51 39.85
CA PRO C 608 10.55 -4.34 40.50
C PRO C 608 10.49 -5.80 40.13
N VAL C 609 9.29 -6.33 39.84
CA VAL C 609 9.16 -7.73 39.55
C VAL C 609 9.82 -8.04 38.25
N ALA C 610 9.74 -7.12 37.27
CA ALA C 610 10.30 -7.40 35.99
C ALA C 610 11.77 -7.58 36.12
N ILE C 611 12.44 -6.63 36.80
CA ILE C 611 13.85 -6.70 37.01
C ILE C 611 14.09 -7.78 38.00
N HIS C 612 15.23 -8.49 37.86
CA HIS C 612 15.47 -9.59 38.75
C HIS C 612 16.02 -9.05 40.03
N ALA C 613 15.15 -8.43 40.83
CA ALA C 613 15.53 -7.84 42.08
C ALA C 613 16.02 -8.92 42.99
N ASP C 614 15.42 -10.11 42.93
CA ASP C 614 15.84 -11.14 43.83
C ASP C 614 17.27 -11.53 43.56
N GLN C 615 17.63 -11.70 42.28
CA GLN C 615 18.94 -12.13 41.86
C GLN C 615 20.02 -11.09 41.92
N LEU C 616 19.71 -9.84 41.52
CA LEU C 616 20.71 -8.81 41.34
C LEU C 616 21.35 -8.35 42.62
N THR C 617 22.47 -7.63 42.46
CA THR C 617 23.28 -7.14 43.54
C THR C 617 22.54 -6.03 44.21
N PRO C 618 22.99 -5.70 45.39
CA PRO C 618 22.35 -4.67 46.17
C PRO C 618 22.48 -3.30 45.59
N THR C 619 23.41 -3.07 44.63
CA THR C 619 23.53 -1.78 44.02
C THR C 619 22.31 -1.56 43.19
N TRP C 620 21.86 -2.63 42.52
CA TRP C 620 20.72 -2.67 41.64
C TRP C 620 19.46 -2.48 42.42
N ARG C 621 19.47 -2.87 43.71
CA ARG C 621 18.30 -2.86 44.54
C ARG C 621 17.75 -1.47 44.66
N VAL C 622 18.63 -0.46 44.81
CA VAL C 622 18.19 0.89 44.99
C VAL C 622 17.46 1.38 43.78
N TYR C 623 17.94 1.00 42.59
CA TYR C 623 17.45 1.46 41.33
C TYR C 623 16.02 1.07 41.11
N SER C 624 15.58 -0.09 41.59
CA SER C 624 14.23 -0.53 41.39
C SER C 624 13.21 0.11 42.29
N THR C 625 13.54 0.36 43.58
CA THR C 625 12.55 0.83 44.52
C THR C 625 12.82 2.23 44.98
N GLY C 626 12.10 2.62 46.06
CA GLY C 626 12.28 3.89 46.72
C GLY C 626 11.37 4.92 46.14
N SER C 627 11.55 6.17 46.61
CA SER C 627 10.82 7.27 46.09
C SER C 627 11.53 7.57 44.81
N ASN C 628 11.43 8.80 44.32
CA ASN C 628 12.06 9.10 43.08
C ASN C 628 11.41 8.28 42.02
N VAL C 629 10.09 8.05 42.18
CA VAL C 629 9.32 7.40 41.18
C VAL C 629 8.08 8.23 41.06
N PHE C 630 7.69 8.59 39.82
CA PHE C 630 6.51 9.41 39.68
C PHE C 630 5.56 8.68 38.81
N GLN C 631 4.28 8.59 39.26
CA GLN C 631 3.28 7.89 38.51
C GLN C 631 2.51 8.91 37.73
N THR C 632 2.27 8.62 36.43
CA THR C 632 1.61 9.52 35.55
C THR C 632 0.53 8.74 34.85
N ARG C 633 -0.37 9.43 34.12
CA ARG C 633 -1.43 8.79 33.40
C ARG C 633 -0.80 7.92 32.36
N ALA C 634 0.27 8.43 31.74
CA ALA C 634 0.95 7.77 30.67
C ALA C 634 1.54 6.48 31.13
N GLY C 635 2.05 6.38 32.37
CA GLY C 635 2.64 5.15 32.83
C GLY C 635 3.49 5.48 34.01
N CYS C 636 4.44 4.58 34.36
CA CYS C 636 5.29 4.80 35.50
C CYS C 636 6.61 5.33 35.00
N LEU C 637 7.03 6.49 35.53
CA LEU C 637 8.24 7.15 35.11
C LEU C 637 9.22 7.10 36.24
N ILE C 638 10.47 6.70 35.94
CA ILE C 638 11.47 6.58 36.96
C ILE C 638 12.64 7.42 36.55
N GLY C 639 13.39 7.93 37.55
CA GLY C 639 14.57 8.69 37.29
C GLY C 639 14.23 10.15 37.23
N ALA C 640 12.94 10.51 37.28
CA ALA C 640 12.60 11.89 37.17
C ALA C 640 11.98 12.37 38.44
N GLU C 641 12.32 13.63 38.82
CA GLU C 641 11.77 14.22 40.01
C GLU C 641 10.73 15.19 39.57
N HIS C 642 9.50 15.04 40.08
CA HIS C 642 8.40 15.86 39.68
C HIS C 642 8.60 17.25 40.21
N VAL C 643 8.12 18.26 39.47
CA VAL C 643 8.20 19.60 39.99
C VAL C 643 6.89 20.28 39.81
N ASN C 644 6.49 21.02 40.87
CA ASN C 644 5.25 21.74 40.94
C ASN C 644 5.24 22.90 39.99
N ASN C 645 6.40 23.58 39.82
CA ASN C 645 6.42 24.76 39.01
C ASN C 645 6.11 24.41 37.59
N SER C 646 5.57 25.39 36.82
CA SER C 646 5.17 25.10 35.49
C SER C 646 6.17 25.69 34.55
N TYR C 647 6.53 24.90 33.51
CA TYR C 647 7.49 25.29 32.50
C TYR C 647 6.92 24.94 31.16
N GLU C 648 7.56 25.45 30.10
CA GLU C 648 7.18 25.14 28.75
C GLU C 648 7.64 23.73 28.51
N CYS C 649 7.06 23.06 27.49
CA CYS C 649 7.34 21.67 27.26
C CYS C 649 8.47 21.45 26.30
N ASP C 650 9.61 20.94 26.81
CA ASP C 650 10.75 20.57 26.01
C ASP C 650 10.58 19.23 25.34
N ILE C 651 10.24 18.18 26.15
CA ILE C 651 10.08 16.85 25.63
C ILE C 651 8.78 16.35 26.17
N PRO C 652 7.86 15.95 25.31
CA PRO C 652 6.56 15.50 25.74
C PRO C 652 6.58 14.12 26.34
N ILE C 653 5.96 13.96 27.53
CA ILE C 653 5.75 12.68 28.15
C ILE C 653 4.46 12.03 27.76
N GLY C 654 3.36 12.82 27.75
CA GLY C 654 2.03 12.31 27.56
C GLY C 654 1.18 12.81 28.69
N ALA C 655 -0.10 13.08 28.39
CA ALA C 655 -1.05 13.56 29.37
C ALA C 655 -0.61 14.87 29.95
N GLY C 656 0.12 15.70 29.18
CA GLY C 656 0.44 17.03 29.62
C GLY C 656 1.70 17.09 30.43
N ILE C 657 2.31 15.93 30.74
CA ILE C 657 3.52 15.93 31.52
C ILE C 657 4.66 16.06 30.56
N CYS C 658 5.68 16.87 30.91
CA CYS C 658 6.82 17.00 30.03
C CYS C 658 8.08 16.88 30.84
N ALA C 659 9.17 16.42 30.20
CA ALA C 659 10.41 16.19 30.90
C ALA C 659 11.47 17.11 30.36
N SER C 660 12.37 17.54 31.27
CA SER C 660 13.44 18.42 30.87
C SER C 660 14.57 18.21 31.82
N TYR C 661 15.77 18.72 31.43
CA TYR C 661 16.95 18.57 32.22
C TYR C 661 17.27 19.94 32.72
N GLN C 662 17.26 20.13 34.05
CA GLN C 662 17.49 21.45 34.55
C GLN C 662 18.35 21.36 35.74
N THR C 663 19.04 22.47 36.04
CA THR C 663 19.89 22.49 37.19
C THR C 663 19.31 23.49 38.12
N GLN C 664 19.35 23.17 39.42
CA GLN C 664 18.87 24.10 40.40
C GLN C 664 19.96 25.10 40.56
N THR C 665 19.75 26.12 41.41
CA THR C 665 20.75 27.12 41.58
C THR C 665 22.00 26.41 42.03
N ASN C 666 23.16 26.91 41.55
CA ASN C 666 24.41 26.26 41.86
C ASN C 666 25.27 27.25 42.57
N SER C 667 26.36 26.75 43.16
CA SER C 667 27.30 27.60 43.82
C SER C 667 28.14 28.19 42.73
N PRO C 668 29.16 28.91 43.10
CA PRO C 668 30.01 29.49 42.10
C PRO C 668 30.77 28.42 41.41
N GLY C 669 31.24 28.70 40.17
CA GLY C 669 31.90 27.65 39.44
C GLY C 669 33.30 27.51 39.94
N SER C 670 33.52 26.46 40.76
CA SER C 670 34.83 26.13 41.23
C SER C 670 34.73 24.77 41.81
N ALA C 671 35.87 24.07 41.95
CA ALA C 671 35.76 22.75 42.48
C ALA C 671 35.29 22.88 43.89
N GLY C 672 34.17 22.19 44.19
CA GLY C 672 33.60 22.12 45.51
C GLY C 672 32.57 21.06 45.44
N SER C 673 32.17 20.49 46.58
CA SER C 673 31.22 19.43 46.49
C SER C 673 29.85 20.01 46.58
N VAL C 674 29.06 19.83 45.50
CA VAL C 674 27.71 20.30 45.46
C VAL C 674 26.96 19.37 44.56
N ALA C 675 25.63 19.28 44.73
CA ALA C 675 24.88 18.40 43.88
C ALA C 675 23.97 19.26 43.06
N SER C 676 23.83 18.94 41.76
CA SER C 676 22.97 19.72 40.93
C SER C 676 22.72 18.94 39.68
N GLN C 677 21.83 19.49 38.81
CA GLN C 677 21.50 18.91 37.55
C GLN C 677 20.78 17.62 37.74
N SER C 678 19.58 17.51 37.13
CA SER C 678 18.81 16.31 37.24
C SER C 678 17.73 16.35 36.21
N ILE C 679 16.92 15.26 36.13
CA ILE C 679 15.86 15.17 35.17
C ILE C 679 14.58 15.43 35.91
N ILE C 680 13.76 16.35 35.38
CA ILE C 680 12.52 16.72 36.02
C ILE C 680 11.38 16.49 35.09
N ALA C 681 10.21 16.08 35.65
CA ALA C 681 9.00 15.94 34.91
C ALA C 681 8.00 16.85 35.56
N TYR C 682 7.24 17.64 34.75
CA TYR C 682 6.35 18.61 35.33
C TYR C 682 5.10 18.72 34.51
N THR C 683 4.15 19.54 35.00
CA THR C 683 2.93 19.77 34.28
C THR C 683 3.25 20.87 33.32
N MET C 684 3.12 20.56 32.01
CA MET C 684 3.55 21.50 31.01
C MET C 684 2.69 22.71 31.03
N SER C 685 3.32 23.86 30.75
CA SER C 685 2.59 25.08 30.73
C SER C 685 2.26 25.40 29.33
N LEU C 686 0.99 25.77 29.12
CA LEU C 686 0.49 26.22 27.86
C LEU C 686 1.24 27.48 27.57
N GLY C 687 1.70 28.16 28.65
CA GLY C 687 2.44 29.37 28.47
C GLY C 687 2.06 30.29 29.58
N ALA C 688 2.34 31.59 29.42
CA ALA C 688 2.03 32.51 30.46
C ALA C 688 0.63 33.01 30.27
N GLU C 689 -0.18 32.92 31.33
CA GLU C 689 -1.55 33.34 31.27
C GLU C 689 -1.58 34.84 31.20
N ASN C 690 -2.45 35.40 30.34
CA ASN C 690 -2.54 36.83 30.25
C ASN C 690 -3.99 37.22 30.28
N SER C 691 -4.48 37.68 31.45
CA SER C 691 -5.84 38.11 31.52
C SER C 691 -5.91 39.42 30.78
N VAL C 692 -7.09 39.76 30.22
CA VAL C 692 -7.18 40.96 29.45
C VAL C 692 -8.14 41.91 30.11
N ALA C 693 -7.78 43.21 30.15
CA ALA C 693 -8.65 44.13 30.80
C ALA C 693 -9.71 44.54 29.82
N TYR C 694 -10.77 43.72 29.74
CA TYR C 694 -11.91 43.96 28.90
C TYR C 694 -12.70 45.03 29.61
N SER C 695 -13.32 45.94 28.84
CA SER C 695 -14.01 46.99 29.53
C SER C 695 -15.14 47.50 28.70
N ASN C 696 -15.88 48.46 29.30
CA ASN C 696 -16.97 49.09 28.64
C ASN C 696 -16.46 49.93 27.52
N ASN C 697 -15.46 50.80 27.78
CA ASN C 697 -15.08 51.71 26.73
C ASN C 697 -13.61 51.98 26.69
N SER C 698 -12.77 50.93 26.58
CA SER C 698 -11.37 51.23 26.51
C SER C 698 -10.84 50.53 25.30
N ILE C 699 -9.81 51.13 24.66
CA ILE C 699 -9.24 50.47 23.53
C ILE C 699 -7.76 50.52 23.66
N ALA C 700 -7.09 49.47 23.17
CA ALA C 700 -5.66 49.48 23.12
C ALA C 700 -5.34 49.75 21.68
N ILE C 701 -4.62 50.85 21.42
CA ILE C 701 -4.24 51.23 20.08
C ILE C 701 -2.74 51.31 20.08
N PRO C 702 -2.06 50.55 19.26
CA PRO C 702 -0.61 50.51 19.23
C PRO C 702 0.03 51.81 18.86
N THR C 703 1.01 52.27 19.65
CA THR C 703 1.80 53.45 19.36
C THR C 703 2.91 53.15 18.38
N ASN C 704 3.54 51.96 18.49
CA ASN C 704 4.69 51.64 17.70
C ASN C 704 4.54 50.24 17.18
N PHE C 705 5.28 49.90 16.10
CA PHE C 705 5.13 48.59 15.52
C PHE C 705 6.48 48.02 15.24
N THR C 706 6.50 46.80 14.65
CA THR C 706 7.74 46.18 14.32
C THR C 706 7.59 45.50 12.99
N ILE C 707 8.63 45.61 12.14
CA ILE C 707 8.60 44.88 10.91
C ILE C 707 9.58 43.77 11.10
N SER C 708 9.05 42.59 11.46
CA SER C 708 9.87 41.44 11.72
C SER C 708 9.87 40.59 10.49
N VAL C 709 10.61 39.47 10.54
CA VAL C 709 10.66 38.54 9.43
C VAL C 709 10.80 37.17 10.02
N THR C 710 10.11 36.19 9.42
CA THR C 710 10.13 34.83 9.90
C THR C 710 10.51 34.00 8.71
N THR C 711 10.79 32.69 8.93
CA THR C 711 11.11 31.84 7.83
C THR C 711 10.15 30.70 7.82
N GLU C 712 9.60 30.38 6.63
CA GLU C 712 8.72 29.25 6.50
C GLU C 712 9.34 28.35 5.49
N ILE C 713 9.49 27.04 5.84
CA ILE C 713 10.15 26.15 4.93
C ILE C 713 9.19 25.05 4.55
N LEU C 714 9.07 24.80 3.23
CA LEU C 714 8.18 23.78 2.72
C LEU C 714 8.95 22.93 1.74
N PRO C 715 8.65 21.65 1.66
CA PRO C 715 9.28 20.85 0.64
C PRO C 715 8.60 21.12 -0.68
N VAL C 716 9.34 21.21 -1.81
CA VAL C 716 8.73 21.25 -3.12
C VAL C 716 8.72 19.95 -3.86
N SER C 717 9.89 19.27 -3.94
CA SER C 717 10.01 18.11 -4.80
C SER C 717 10.81 17.08 -4.08
N MET C 718 10.80 15.85 -4.63
CA MET C 718 11.54 14.78 -4.04
C MET C 718 12.58 14.36 -5.02
N THR C 719 13.42 13.38 -4.63
CA THR C 719 14.44 12.91 -5.52
C THR C 719 13.80 11.97 -6.48
N LYS C 720 13.96 12.24 -7.78
CA LYS C 720 13.33 11.53 -8.86
C LYS C 720 13.90 10.15 -8.90
N THR C 721 13.48 9.26 -8.00
CA THR C 721 14.04 7.94 -7.98
C THR C 721 13.34 7.10 -9.00
N SER C 722 14.11 6.19 -9.64
CA SER C 722 13.59 5.26 -10.61
C SER C 722 14.17 3.93 -10.27
N VAL C 723 13.36 2.85 -10.41
CA VAL C 723 13.88 1.55 -10.08
C VAL C 723 13.47 0.58 -11.16
N ASP C 724 14.41 -0.32 -11.53
CA ASP C 724 14.13 -1.33 -12.51
C ASP C 724 13.78 -2.56 -11.73
N CYS C 725 12.60 -3.12 -12.02
CA CYS C 725 12.08 -4.28 -11.36
C CYS C 725 12.98 -5.45 -11.65
N THR C 726 13.32 -5.62 -12.94
CA THR C 726 14.02 -6.79 -13.37
C THR C 726 15.35 -6.90 -12.70
N MET C 727 16.13 -5.82 -12.69
CA MET C 727 17.43 -5.89 -12.08
C MET C 727 17.26 -6.06 -10.59
N TYR C 728 16.31 -5.32 -10.00
CA TYR C 728 16.14 -5.36 -8.58
C TYR C 728 15.76 -6.75 -8.16
N ILE C 729 14.73 -7.33 -8.82
CA ILE C 729 14.29 -8.63 -8.44
C ILE C 729 15.17 -9.74 -8.96
N CYS C 730 15.39 -9.71 -10.28
CA CYS C 730 16.13 -10.67 -11.05
C CYS C 730 17.57 -10.42 -11.34
N GLY C 731 18.13 -9.22 -11.09
CA GLY C 731 19.47 -8.76 -11.43
C GLY C 731 20.36 -9.79 -12.09
N ASP C 732 20.43 -9.74 -13.44
CA ASP C 732 21.26 -10.60 -14.25
C ASP C 732 21.02 -12.06 -13.98
N SER C 733 19.76 -12.54 -14.06
CA SER C 733 19.54 -13.96 -13.89
C SER C 733 18.47 -14.36 -14.86
N THR C 734 18.82 -15.18 -15.86
CA THR C 734 17.85 -15.60 -16.84
C THR C 734 16.85 -16.49 -16.18
N GLU C 735 17.33 -17.38 -15.28
CA GLU C 735 16.47 -18.31 -14.63
C GLU C 735 15.49 -17.56 -13.78
N CYS C 736 15.91 -16.41 -13.22
CA CYS C 736 15.04 -15.60 -12.40
C CYS C 736 13.96 -14.92 -13.19
N SER C 737 14.32 -14.22 -14.29
CA SER C 737 13.40 -13.38 -15.02
C SER C 737 12.26 -14.20 -15.52
N ASN C 738 12.52 -15.48 -15.84
CA ASN C 738 11.47 -16.31 -16.36
C ASN C 738 10.41 -16.42 -15.30
N LEU C 739 10.84 -16.56 -14.03
CA LEU C 739 9.93 -16.72 -12.92
C LEU C 739 9.16 -15.45 -12.71
N LEU C 740 9.78 -14.30 -13.00
CA LEU C 740 9.17 -13.02 -12.79
C LEU C 740 8.02 -12.83 -13.75
N LEU C 741 8.14 -13.34 -14.98
CA LEU C 741 7.15 -13.16 -16.01
C LEU C 741 5.83 -13.72 -15.58
N GLN C 742 5.85 -14.81 -14.79
CA GLN C 742 4.69 -15.51 -14.33
C GLN C 742 3.83 -14.56 -13.54
N TYR C 743 4.48 -13.57 -12.90
CA TYR C 743 3.91 -12.51 -12.12
C TYR C 743 3.09 -11.59 -12.97
N GLY C 744 3.30 -11.59 -14.29
CA GLY C 744 2.46 -10.75 -15.09
C GLY C 744 2.98 -9.35 -15.04
N SER C 745 2.05 -8.39 -14.93
CA SER C 745 2.23 -6.96 -15.02
C SER C 745 2.70 -6.25 -13.78
N PHE C 746 3.18 -6.93 -12.72
CA PHE C 746 3.53 -6.18 -11.53
C PHE C 746 4.58 -5.14 -11.82
N CYS C 747 5.66 -5.50 -12.52
CA CYS C 747 6.74 -4.57 -12.72
C CYS C 747 6.31 -3.38 -13.52
N THR C 748 5.57 -3.60 -14.64
CA THR C 748 5.27 -2.53 -15.55
C THR C 748 4.54 -1.46 -14.81
N GLN C 749 3.61 -1.85 -13.93
CA GLN C 749 2.86 -0.86 -13.21
C GLN C 749 3.76 -0.15 -12.23
N LEU C 750 4.65 -0.89 -11.54
CA LEU C 750 5.49 -0.28 -10.53
C LEU C 750 6.38 0.72 -11.19
N ASN C 751 7.02 0.34 -12.30
CA ASN C 751 7.92 1.22 -12.98
C ASN C 751 7.14 2.41 -13.43
N ARG C 752 5.90 2.16 -13.88
CA ARG C 752 5.01 3.19 -14.35
C ARG C 752 4.70 4.12 -13.21
N ALA C 753 4.46 3.55 -12.01
CA ALA C 753 4.04 4.34 -10.89
C ALA C 753 5.10 5.33 -10.50
N LEU C 754 6.36 4.88 -10.40
CA LEU C 754 7.43 5.74 -9.98
C LEU C 754 7.64 6.79 -11.02
N THR C 755 7.54 6.41 -12.31
CA THR C 755 7.76 7.36 -13.36
C THR C 755 6.72 8.43 -13.27
N GLY C 756 5.48 8.06 -12.91
CA GLY C 756 4.43 9.02 -12.78
C GLY C 756 4.83 9.98 -11.70
N ILE C 757 5.45 9.46 -10.63
CA ILE C 757 5.87 10.29 -9.54
C ILE C 757 6.91 11.24 -10.05
N ALA C 758 7.85 10.75 -10.87
CA ALA C 758 8.97 11.56 -11.28
C ALA C 758 8.49 12.77 -12.02
N VAL C 759 7.55 12.59 -12.96
CA VAL C 759 7.07 13.70 -13.75
C VAL C 759 6.39 14.67 -12.84
N GLU C 760 5.69 14.16 -11.81
CA GLU C 760 4.95 15.02 -10.94
C GLU C 760 5.89 15.98 -10.25
N GLN C 761 7.09 15.50 -9.85
CA GLN C 761 8.00 16.39 -9.18
C GLN C 761 8.37 17.51 -10.10
N ASP C 762 8.63 17.20 -11.39
CA ASP C 762 9.02 18.22 -12.32
C ASP C 762 7.87 19.16 -12.43
N LYS C 763 6.64 18.62 -12.42
CA LYS C 763 5.46 19.43 -12.50
C LYS C 763 5.42 20.31 -11.29
N ASN C 764 5.81 19.77 -10.12
CA ASN C 764 5.75 20.55 -8.91
C ASN C 764 6.65 21.74 -9.05
N THR C 765 7.92 21.53 -9.48
CA THR C 765 8.86 22.60 -9.55
C THR C 765 8.43 23.63 -10.55
N GLN C 766 7.84 23.21 -11.67
CA GLN C 766 7.45 24.18 -12.65
C GLN C 766 6.38 25.06 -12.06
N GLU C 767 5.36 24.45 -11.43
CA GLU C 767 4.23 25.15 -10.91
C GLU C 767 4.67 26.07 -9.81
N VAL C 768 5.60 25.61 -8.97
CA VAL C 768 5.97 26.47 -7.89
C VAL C 768 6.74 27.68 -8.37
N PHE C 769 7.89 27.48 -9.05
CA PHE C 769 8.76 28.54 -9.49
C PHE C 769 8.33 29.31 -10.72
N ALA C 770 7.91 28.58 -11.77
CA ALA C 770 7.64 28.97 -13.14
C ALA C 770 6.49 29.92 -13.30
N GLN C 771 5.96 30.47 -12.20
CA GLN C 771 4.82 31.34 -12.20
C GLN C 771 5.01 32.51 -13.15
N VAL C 772 6.25 32.92 -13.47
CA VAL C 772 6.44 34.08 -14.32
C VAL C 772 6.94 33.69 -15.69
N LYS C 773 6.38 34.34 -16.75
CA LYS C 773 6.77 34.04 -18.11
C LYS C 773 8.15 34.55 -18.42
N GLN C 774 8.37 35.87 -18.25
CA GLN C 774 9.61 36.49 -18.63
C GLN C 774 10.52 36.49 -17.45
N ILE C 775 11.84 36.43 -17.73
CA ILE C 775 12.80 36.35 -16.66
C ILE C 775 13.40 37.72 -16.50
N TYR C 776 13.16 38.32 -15.32
CA TYR C 776 13.57 39.65 -15.01
C TYR C 776 14.92 39.64 -14.38
N LYS C 777 15.70 40.71 -14.61
CA LYS C 777 17.00 40.89 -14.02
C LYS C 777 17.02 42.24 -13.40
N THR C 778 17.75 42.40 -12.27
CA THR C 778 17.76 43.67 -11.58
C THR C 778 18.71 44.59 -12.28
N PRO C 779 18.41 45.86 -12.18
CA PRO C 779 19.24 46.90 -12.75
C PRO C 779 20.46 47.10 -11.92
N PRO C 780 21.46 47.71 -12.48
CA PRO C 780 22.69 47.93 -11.76
C PRO C 780 22.54 48.84 -10.57
N ILE C 781 21.46 49.63 -10.50
CA ILE C 781 21.32 50.53 -9.38
C ILE C 781 20.41 49.91 -8.37
N LYS C 782 20.93 49.78 -7.14
CA LYS C 782 20.33 49.25 -5.94
C LYS C 782 19.44 50.14 -5.16
N ASP C 783 19.34 51.46 -5.47
CA ASP C 783 18.62 52.43 -4.67
C ASP C 783 17.19 52.03 -4.36
N PHE C 784 17.01 51.15 -3.35
CA PHE C 784 15.69 50.70 -3.06
C PHE C 784 15.20 51.39 -1.83
N GLY C 785 15.10 52.74 -1.89
CA GLY C 785 14.50 53.49 -0.83
C GLY C 785 15.18 53.24 0.47
N GLY C 786 16.40 52.68 0.47
CA GLY C 786 17.09 52.44 1.70
C GLY C 786 16.99 50.99 2.08
N PHE C 787 16.04 50.25 1.47
CA PHE C 787 15.91 48.86 1.77
C PHE C 787 17.12 48.16 1.23
N ASN C 788 17.70 47.25 2.04
CA ASN C 788 18.93 46.60 1.69
C ASN C 788 18.66 45.14 1.36
N PHE C 789 18.55 44.87 0.05
CA PHE C 789 18.30 43.61 -0.63
C PHE C 789 19.52 42.77 -0.87
N SER C 790 20.74 43.35 -0.73
CA SER C 790 21.96 42.73 -1.20
C SER C 790 22.08 41.29 -0.81
N GLN C 791 21.58 40.89 0.36
CA GLN C 791 21.71 39.51 0.75
C GLN C 791 20.86 38.61 -0.11
N ILE C 792 19.61 39.03 -0.41
CA ILE C 792 18.64 38.26 -1.15
C ILE C 792 18.93 38.15 -2.62
N LEU C 793 19.47 39.19 -3.27
CA LEU C 793 19.71 39.13 -4.69
C LEU C 793 20.83 38.17 -4.98
N PRO C 794 20.80 37.59 -6.15
CA PRO C 794 21.83 36.69 -6.58
C PRO C 794 23.12 37.47 -6.62
N ASP C 795 24.26 36.80 -6.34
CA ASP C 795 25.50 37.52 -6.32
C ASP C 795 26.25 37.21 -7.57
N PRO C 796 26.19 38.08 -8.55
CA PRO C 796 26.96 37.89 -9.74
C PRO C 796 28.38 37.80 -9.25
N SER C 797 29.03 36.64 -9.45
CA SER C 797 30.37 36.46 -8.96
C SER C 797 30.53 34.98 -8.79
N LYS C 798 30.08 34.50 -7.62
CA LYS C 798 30.17 33.13 -7.23
C LYS C 798 29.60 32.30 -8.32
N PRO C 799 30.12 31.11 -8.41
CA PRO C 799 29.70 30.17 -9.41
C PRO C 799 28.23 30.07 -9.19
N SER C 800 27.44 30.02 -10.27
CA SER C 800 26.02 30.02 -10.13
C SER C 800 25.65 31.39 -9.63
N LYS C 801 24.72 32.06 -10.34
CA LYS C 801 24.37 33.36 -9.86
C LYS C 801 23.31 33.14 -8.85
N ARG C 802 23.75 32.88 -7.61
CA ARG C 802 22.89 32.54 -6.52
C ARG C 802 23.08 33.59 -5.47
N SER C 803 22.13 33.67 -4.53
CA SER C 803 22.13 34.66 -3.49
C SER C 803 22.93 34.19 -2.32
N PHE C 804 23.24 35.13 -1.41
CA PHE C 804 24.00 34.81 -0.23
C PHE C 804 23.21 33.98 0.72
N ILE C 805 21.98 34.42 1.08
CA ILE C 805 21.23 33.73 2.10
C ILE C 805 20.95 32.34 1.67
N GLU C 806 20.58 32.15 0.40
CA GLU C 806 20.30 30.83 -0.09
C GLU C 806 21.54 30.00 -0.10
N ASP C 807 22.72 30.62 -0.31
CA ASP C 807 23.94 29.88 -0.40
C ASP C 807 24.10 29.08 0.86
N LEU C 808 23.80 29.68 2.03
CA LEU C 808 23.93 28.94 3.24
C LEU C 808 22.98 27.79 3.19
N LEU C 809 21.79 28.00 2.60
CA LEU C 809 20.77 26.98 2.59
C LEU C 809 21.25 25.74 1.92
N PHE C 810 21.99 25.88 0.80
CA PHE C 810 22.50 24.72 0.13
C PHE C 810 23.49 24.03 1.03
N ASN C 811 24.26 24.82 1.80
CA ASN C 811 25.30 24.30 2.63
C ASN C 811 24.77 23.43 3.75
N LYS C 812 23.62 23.81 4.35
CA LYS C 812 23.05 23.12 5.47
C LYS C 812 22.53 21.74 5.12
N VAL C 813 22.20 21.48 3.84
CA VAL C 813 21.57 20.23 3.48
C VAL C 813 22.56 19.24 2.96
N THR C 814 22.15 17.94 2.95
CA THR C 814 23.02 16.91 2.46
C THR C 814 22.59 16.55 1.06
N LEU C 815 23.40 16.95 0.06
CA LEU C 815 23.09 16.65 -1.32
C LEU C 815 23.40 15.20 -1.52
N ALA C 816 22.51 14.48 -2.24
CA ALA C 816 22.74 13.08 -2.40
C ALA C 816 24.01 12.87 -3.16
N ASP C 817 24.17 13.60 -4.29
CA ASP C 817 25.34 13.43 -5.11
C ASP C 817 25.30 14.57 -6.07
N ALA C 818 26.41 14.81 -6.79
CA ALA C 818 26.39 15.85 -7.79
C ALA C 818 27.39 15.52 -8.85
N GLY C 819 27.15 16.00 -10.09
CA GLY C 819 28.07 15.81 -11.17
C GLY C 819 27.54 14.79 -12.12
N PHE C 820 26.84 13.76 -11.59
CA PHE C 820 26.24 12.75 -12.40
C PHE C 820 27.26 11.97 -13.18
N ILE C 821 28.54 12.00 -12.79
CA ILE C 821 29.47 11.18 -13.51
C ILE C 821 30.29 10.43 -12.51
N LYS C 822 30.32 9.09 -12.61
CA LYS C 822 31.10 8.32 -11.67
C LYS C 822 31.98 7.42 -12.48
N GLN C 823 33.28 7.37 -12.11
CA GLN C 823 34.23 6.59 -12.85
C GLN C 823 33.89 5.16 -12.65
N TYR C 824 33.68 4.46 -13.77
CA TYR C 824 33.29 3.10 -13.67
C TYR C 824 34.38 2.40 -12.95
N GLY C 825 35.61 2.37 -13.49
CA GLY C 825 36.63 1.49 -12.97
C GLY C 825 36.85 1.72 -11.53
N ASP C 826 36.87 3.01 -11.14
CA ASP C 826 37.19 3.50 -9.83
C ASP C 826 36.36 2.72 -8.92
N CYS C 827 35.18 2.43 -9.42
CA CYS C 827 34.37 1.67 -8.64
C CYS C 827 34.68 0.27 -8.34
N LEU C 828 34.99 -0.99 -9.10
CA LEU C 828 34.94 -2.63 -8.98
C LEU C 828 35.67 -3.74 -7.97
N GLY C 829 34.94 -4.27 -6.83
CA GLY C 829 35.17 -5.06 -5.54
C GLY C 829 34.13 -4.90 -4.28
N ASP C 830 34.55 -5.03 -2.93
CA ASP C 830 34.15 -4.64 -1.48
C ASP C 830 34.19 -3.12 -0.64
N ILE C 831 34.99 -1.93 -0.90
CA ILE C 831 35.09 -0.39 -0.74
C ILE C 831 34.22 0.74 -1.46
N ALA C 832 33.83 0.64 -2.76
CA ALA C 832 33.05 1.57 -3.57
C ALA C 832 31.69 1.88 -3.05
N ALA C 833 31.08 0.92 -2.38
CA ALA C 833 29.87 1.02 -1.65
C ALA C 833 30.11 1.80 -0.41
N ARG C 834 31.39 2.07 -0.14
CA ARG C 834 31.59 3.08 0.83
C ARG C 834 30.90 4.23 0.15
N ASP C 835 31.06 4.33 -1.19
CA ASP C 835 30.33 5.29 -1.97
C ASP C 835 28.96 4.69 -2.22
N LEU C 836 27.97 5.18 -1.46
CA LEU C 836 26.64 4.65 -1.43
C LEU C 836 25.94 4.77 -2.76
N ILE C 837 26.15 5.89 -3.48
CA ILE C 837 25.46 6.08 -4.71
C ILE C 837 25.90 5.02 -5.70
N CYS C 838 27.22 4.70 -5.71
CA CYS C 838 27.77 3.76 -6.64
C CYS C 838 27.11 2.45 -6.38
N ALA C 839 26.96 2.10 -5.10
CA ALA C 839 26.36 0.84 -4.77
C ALA C 839 24.96 0.84 -5.30
N GLN C 840 24.27 1.99 -5.19
CA GLN C 840 22.91 2.09 -5.65
C GLN C 840 22.92 1.88 -7.13
N LYS C 841 23.98 2.38 -7.79
CA LYS C 841 24.11 2.27 -9.20
C LYS C 841 24.10 0.80 -9.51
N PHE C 842 24.70 0.00 -8.61
CA PHE C 842 24.75 -1.41 -8.84
C PHE C 842 23.38 -2.07 -8.95
N ASN C 843 22.42 -1.83 -8.01
CA ASN C 843 21.21 -2.62 -7.96
C ASN C 843 20.03 -2.01 -8.63
N GLY C 844 20.24 -1.40 -9.80
CA GLY C 844 19.12 -0.92 -10.58
C GLY C 844 18.58 0.35 -10.04
N LEU C 845 19.14 0.88 -8.94
CA LEU C 845 18.56 2.06 -8.39
C LEU C 845 19.23 3.22 -9.08
N THR C 846 18.44 4.04 -9.79
CA THR C 846 18.99 5.13 -10.52
C THR C 846 18.33 6.38 -10.04
N VAL C 847 19.05 7.52 -10.14
CA VAL C 847 18.46 8.76 -9.75
C VAL C 847 18.40 9.61 -10.97
N LEU C 848 17.17 9.95 -11.40
CA LEU C 848 17.03 10.78 -12.56
C LEU C 848 17.33 12.17 -12.12
N PRO C 849 17.92 12.97 -12.97
CA PRO C 849 18.21 14.33 -12.63
C PRO C 849 16.97 15.17 -12.74
N PRO C 850 16.93 16.29 -12.06
CA PRO C 850 15.82 17.18 -12.16
C PRO C 850 15.85 17.92 -13.45
N LEU C 851 14.68 18.19 -14.05
CA LEU C 851 14.63 18.87 -15.32
C LEU C 851 15.14 20.26 -15.16
N LEU C 852 14.72 20.95 -14.08
CA LEU C 852 15.15 22.31 -13.90
C LEU C 852 16.38 22.29 -13.06
N THR C 853 17.52 22.72 -13.63
CA THR C 853 18.78 22.66 -12.95
C THR C 853 18.82 23.71 -11.88
N ASP C 854 19.78 23.54 -10.95
CA ASP C 854 19.91 24.43 -9.83
C ASP C 854 20.17 25.81 -10.33
N GLU C 855 21.03 25.94 -11.35
CA GLU C 855 21.33 27.24 -11.87
C GLU C 855 20.06 27.81 -12.40
N MET C 856 19.26 26.95 -13.08
CA MET C 856 18.04 27.40 -13.66
C MET C 856 17.10 27.82 -12.56
N ILE C 857 17.06 27.05 -11.46
CA ILE C 857 16.15 27.37 -10.40
C ILE C 857 16.45 28.72 -9.83
N ALA C 858 17.75 29.07 -9.71
CA ALA C 858 18.11 30.33 -9.13
C ALA C 858 17.55 31.46 -9.94
N GLN C 859 17.57 31.34 -11.28
CA GLN C 859 17.14 32.41 -12.13
C GLN C 859 15.71 32.73 -11.84
N TYR C 860 14.87 31.70 -11.64
CA TYR C 860 13.48 31.96 -11.36
C TYR C 860 13.43 32.76 -10.09
N THR C 861 14.17 32.30 -9.08
CA THR C 861 14.16 32.87 -7.76
C THR C 861 14.64 34.27 -7.87
N SER C 862 15.56 34.52 -8.83
CA SER C 862 16.02 35.85 -9.08
C SER C 862 14.90 36.65 -9.68
N ALA C 863 14.20 36.06 -10.68
CA ALA C 863 13.16 36.78 -11.38
C ALA C 863 11.99 37.08 -10.49
N LEU C 864 11.49 36.06 -9.77
CA LEU C 864 10.32 36.19 -8.94
C LEU C 864 10.63 37.27 -7.96
N LEU C 865 11.89 37.32 -7.53
CA LEU C 865 12.36 38.34 -6.65
C LEU C 865 12.43 39.67 -7.36
N ALA C 866 12.89 39.66 -8.63
CA ALA C 866 13.13 40.89 -9.35
C ALA C 866 11.87 41.67 -9.60
N GLY C 867 10.82 40.99 -10.11
CA GLY C 867 9.58 41.65 -10.40
C GLY C 867 8.96 42.11 -9.12
N THR C 868 9.11 41.29 -8.06
CA THR C 868 8.49 41.68 -6.83
C THR C 868 9.08 42.98 -6.37
N ILE C 869 10.41 43.15 -6.52
CA ILE C 869 10.99 44.36 -6.02
C ILE C 869 10.61 45.57 -6.84
N THR C 870 10.92 45.55 -8.15
CA THR C 870 10.74 46.73 -8.95
C THR C 870 9.33 46.98 -9.42
N SER C 871 8.56 45.93 -9.74
CA SER C 871 7.24 46.11 -10.30
C SER C 871 6.06 46.00 -9.35
N GLY C 872 6.25 45.56 -8.10
CA GLY C 872 5.08 45.39 -7.28
C GLY C 872 4.46 44.08 -7.65
N TRP C 873 3.14 43.94 -7.39
CA TRP C 873 2.32 42.79 -7.66
C TRP C 873 1.98 42.62 -9.11
N THR C 874 2.10 43.69 -9.91
CA THR C 874 1.62 43.71 -11.27
C THR C 874 2.21 42.62 -12.11
N PHE C 875 3.42 42.11 -11.78
CA PHE C 875 4.05 41.14 -12.64
C PHE C 875 3.29 39.86 -12.69
N GLY C 876 2.46 39.56 -11.66
CA GLY C 876 1.65 38.37 -11.68
C GLY C 876 0.54 38.48 -12.71
N ALA C 877 -0.09 39.66 -12.79
CA ALA C 877 -1.22 39.90 -13.66
C ALA C 877 -0.86 39.90 -15.12
N GLY C 878 0.30 40.49 -15.48
CA GLY C 878 0.62 40.62 -16.88
C GLY C 878 1.95 41.29 -16.99
N ALA C 879 2.02 42.37 -17.82
CA ALA C 879 3.27 43.05 -18.00
C ALA C 879 3.66 43.69 -16.70
N ALA C 880 4.93 43.48 -16.29
CA ALA C 880 5.42 44.03 -15.07
C ALA C 880 5.62 45.51 -15.28
N LEU C 881 5.22 46.32 -14.29
CA LEU C 881 5.30 47.75 -14.42
C LEU C 881 6.26 48.24 -13.39
N GLN C 882 7.31 48.97 -13.82
CA GLN C 882 8.27 49.44 -12.88
C GLN C 882 7.66 50.46 -11.98
N ILE C 883 7.86 50.26 -10.65
CA ILE C 883 7.42 51.21 -9.67
C ILE C 883 8.49 51.29 -8.61
N PRO C 884 8.85 52.48 -8.19
CA PRO C 884 9.86 52.67 -7.18
C PRO C 884 9.44 51.94 -5.94
N PHE C 885 10.41 51.35 -5.22
CA PHE C 885 10.17 50.45 -4.12
C PHE C 885 9.45 51.14 -3.01
N ALA C 886 9.84 52.38 -2.67
CA ALA C 886 9.25 53.10 -1.58
C ALA C 886 7.78 53.22 -1.83
N MET C 887 7.39 53.35 -3.11
CA MET C 887 6.00 53.46 -3.44
C MET C 887 5.29 52.18 -3.12
N GLN C 888 5.95 51.03 -3.33
CA GLN C 888 5.32 49.74 -3.16
C GLN C 888 4.86 49.54 -1.75
N MET C 889 5.70 49.94 -0.77
CA MET C 889 5.34 49.77 0.60
C MET C 889 4.13 50.60 0.86
N ALA C 890 4.01 51.77 0.22
CA ALA C 890 2.86 52.59 0.46
C ALA C 890 1.65 51.79 0.09
N TYR C 891 1.74 51.02 -1.02
CA TYR C 891 0.64 50.16 -1.38
C TYR C 891 0.53 49.07 -0.35
N ARG C 892 1.67 48.44 0.01
CA ARG C 892 1.64 47.29 0.87
C ARG C 892 1.10 47.61 2.23
N PHE C 893 1.43 48.79 2.76
CA PHE C 893 0.88 49.23 4.00
C PHE C 893 -0.58 49.46 3.78
N ASN C 894 -0.94 49.90 2.57
CA ASN C 894 -2.31 50.15 2.24
C ASN C 894 -3.06 48.84 2.36
N GLY C 895 -2.36 47.72 2.10
CA GLY C 895 -2.93 46.40 2.11
C GLY C 895 -3.41 45.96 3.47
N ILE C 896 -2.68 46.35 4.54
CA ILE C 896 -2.97 46.07 5.93
C ILE C 896 -3.98 46.98 6.56
N GLY C 897 -4.17 48.21 6.06
CA GLY C 897 -5.07 49.09 6.73
C GLY C 897 -4.29 50.14 7.45
N VAL C 898 -3.04 50.37 6.99
CA VAL C 898 -2.25 51.44 7.53
C VAL C 898 -1.98 52.33 6.35
N THR C 899 -2.32 53.63 6.45
CA THR C 899 -2.18 54.48 5.31
C THR C 899 -0.72 54.68 5.06
N GLN C 900 -0.42 55.14 3.83
CA GLN C 900 0.87 55.37 3.24
C GLN C 900 1.67 56.26 4.12
N ASN C 901 1.01 57.18 4.84
CA ASN C 901 1.71 58.18 5.60
C ASN C 901 2.62 57.54 6.60
N VAL C 902 2.28 56.33 7.08
CA VAL C 902 3.14 55.67 8.04
C VAL C 902 4.50 55.42 7.46
N LEU C 903 4.59 54.85 6.24
CA LEU C 903 5.85 54.44 5.72
C LEU C 903 6.80 55.60 5.52
N TYR C 904 6.37 56.62 4.79
CA TYR C 904 7.27 57.70 4.46
C TYR C 904 7.67 58.42 5.70
N GLU C 905 6.71 58.63 6.61
CA GLU C 905 7.02 59.37 7.80
C GLU C 905 8.09 58.63 8.52
N ASN C 906 8.10 57.27 8.49
CA ASN C 906 9.24 56.64 9.10
C ASN C 906 9.92 55.72 8.11
N GLN C 907 10.37 56.30 6.98
CA GLN C 907 10.94 55.53 5.91
C GLN C 907 12.27 54.94 6.27
N LYS C 908 13.18 55.74 6.87
CA LYS C 908 14.52 55.28 7.13
C LYS C 908 14.51 54.15 8.11
N LEU C 909 13.73 54.31 9.19
CA LEU C 909 13.68 53.35 10.25
C LEU C 909 13.19 52.05 9.72
N ILE C 910 12.10 52.09 8.92
CA ILE C 910 11.49 50.88 8.45
C ILE C 910 12.50 50.14 7.64
N ALA C 911 13.23 50.86 6.77
CA ALA C 911 14.19 50.22 5.94
C ALA C 911 15.22 49.59 6.83
N ASN C 912 15.66 50.33 7.86
CA ASN C 912 16.68 49.82 8.74
C ASN C 912 16.17 48.60 9.44
N GLN C 913 14.90 48.65 9.90
CA GLN C 913 14.37 47.54 10.64
C GLN C 913 14.39 46.34 9.76
N PHE C 914 13.96 46.52 8.50
CA PHE C 914 13.91 45.44 7.56
C PHE C 914 15.29 44.97 7.28
N ASN C 915 16.26 45.90 7.08
CA ASN C 915 17.56 45.41 6.75
C ASN C 915 18.18 44.67 7.89
N SER C 916 18.00 45.16 9.13
CA SER C 916 18.56 44.47 10.25
C SER C 916 17.88 43.14 10.36
N ALA C 917 16.58 43.11 10.00
CA ALA C 917 15.81 41.91 10.10
C ALA C 917 16.41 40.88 9.20
N ILE C 918 16.83 41.28 7.98
CA ILE C 918 17.33 40.34 7.04
C ILE C 918 18.55 39.66 7.58
N GLY C 919 19.42 40.42 8.27
CA GLY C 919 20.65 39.88 8.78
C GLY C 919 20.36 38.77 9.76
N LYS C 920 19.26 38.87 10.52
CA LYS C 920 18.97 37.93 11.57
C LYS C 920 18.82 36.55 10.99
N ILE C 921 18.20 36.42 9.81
CA ILE C 921 17.98 35.13 9.25
C ILE C 921 19.32 34.49 9.03
N GLN C 922 20.28 35.31 8.55
CA GLN C 922 21.56 34.78 8.20
C GLN C 922 22.18 34.14 9.42
N ASP C 923 22.12 34.80 10.58
CA ASP C 923 22.71 34.17 11.74
C ASP C 923 21.92 32.96 12.16
N SER C 924 20.58 33.04 12.12
CA SER C 924 19.78 31.95 12.59
C SER C 924 20.03 30.75 11.73
N LEU C 925 20.08 30.96 10.41
CA LEU C 925 20.28 29.91 9.47
C LEU C 925 21.63 29.33 9.71
N SER C 926 22.64 30.20 9.90
CA SER C 926 24.00 29.75 10.05
C SER C 926 24.17 29.04 11.37
N SER C 927 23.46 29.50 12.41
CA SER C 927 23.63 28.98 13.74
C SER C 927 23.22 27.53 13.84
N THR C 928 21.94 27.23 13.58
CA THR C 928 21.49 25.89 13.82
C THR C 928 21.05 25.26 12.53
N ALA C 929 21.44 23.99 12.36
CA ALA C 929 21.12 23.15 11.25
C ALA C 929 19.65 22.88 11.27
N SER C 930 19.06 22.86 12.48
CA SER C 930 17.69 22.52 12.71
C SER C 930 16.76 23.49 12.05
N ALA C 931 17.25 24.65 11.57
CA ALA C 931 16.36 25.59 10.94
C ALA C 931 15.73 24.93 9.75
N LEU C 932 16.55 24.15 9.02
CA LEU C 932 16.31 23.36 7.84
C LEU C 932 15.66 22.04 8.08
N GLY C 933 15.18 21.73 9.29
CA GLY C 933 14.75 20.39 9.60
C GLY C 933 13.77 19.80 8.62
N LYS C 934 12.77 20.55 8.12
CA LYS C 934 11.79 19.94 7.25
C LYS C 934 12.43 19.39 6.01
N LEU C 935 13.30 20.18 5.35
CA LEU C 935 13.94 19.76 4.12
C LEU C 935 14.76 18.57 4.43
N GLN C 936 15.46 18.60 5.58
CA GLN C 936 16.34 17.53 5.96
C GLN C 936 15.51 16.30 6.06
N ASP C 937 14.28 16.43 6.58
CA ASP C 937 13.42 15.29 6.72
C ASP C 937 13.15 14.76 5.35
N VAL C 938 12.89 15.66 4.39
CA VAL C 938 12.53 15.23 3.06
C VAL C 938 13.63 14.36 2.55
N VAL C 939 14.89 14.78 2.78
CA VAL C 939 16.01 13.99 2.34
C VAL C 939 16.08 12.71 3.14
N ASN C 940 15.92 12.80 4.47
CA ASN C 940 16.16 11.65 5.30
C ASN C 940 15.19 10.51 5.10
N GLN C 941 13.86 10.76 5.03
CA GLN C 941 12.97 9.64 4.86
C GLN C 941 13.30 9.01 3.56
N ASN C 942 13.60 9.85 2.55
CA ASN C 942 13.93 9.33 1.26
C ASN C 942 15.18 8.52 1.38
N ALA C 943 16.17 9.00 2.16
CA ALA C 943 17.39 8.25 2.30
C ALA C 943 17.04 6.95 2.97
N GLN C 944 16.16 7.01 3.98
CA GLN C 944 15.77 5.85 4.74
C GLN C 944 15.08 4.87 3.85
N ALA C 945 14.18 5.36 2.99
CA ALA C 945 13.40 4.48 2.18
C ALA C 945 14.32 3.68 1.31
N LEU C 946 15.31 4.34 0.67
CA LEU C 946 16.18 3.62 -0.19
C LEU C 946 16.98 2.63 0.58
N ASN C 947 17.54 3.03 1.75
CA ASN C 947 18.37 2.09 2.45
C ASN C 947 17.55 0.91 2.88
N THR C 948 16.32 1.14 3.35
CA THR C 948 15.49 0.04 3.78
C THR C 948 15.25 -0.80 2.58
N LEU C 949 15.04 -0.17 1.42
CA LEU C 949 14.79 -0.90 0.21
C LEU C 949 16.00 -1.72 -0.11
N VAL C 950 17.21 -1.14 0.06
CA VAL C 950 18.42 -1.83 -0.26
C VAL C 950 18.63 -3.01 0.65
N LYS C 951 18.41 -2.83 1.96
CA LYS C 951 18.72 -3.84 2.94
C LYS C 951 17.90 -5.08 2.74
N GLN C 952 16.68 -4.94 2.19
CA GLN C 952 15.77 -6.05 2.06
C GLN C 952 16.42 -7.14 1.28
N LEU C 953 17.37 -6.77 0.39
CA LEU C 953 18.02 -7.74 -0.46
C LEU C 953 18.67 -8.80 0.36
N SER C 954 19.15 -8.47 1.58
CA SER C 954 19.80 -9.43 2.43
C SER C 954 18.83 -10.39 3.09
N SER C 955 17.52 -10.08 3.10
CA SER C 955 16.62 -10.93 3.82
C SER C 955 16.35 -12.21 3.10
N ASN C 956 16.34 -13.31 3.87
CA ASN C 956 16.07 -14.60 3.34
C ASN C 956 14.64 -14.73 2.99
N PHE C 957 13.75 -14.11 3.81
CA PHE C 957 12.37 -14.47 3.69
C PHE C 957 12.49 -15.91 4.07
N GLY C 958 11.64 -16.82 3.73
CA GLY C 958 12.00 -18.15 4.17
C GLY C 958 13.22 -18.74 3.46
N ALA C 959 13.68 -18.14 2.35
CA ALA C 959 14.67 -18.73 1.47
C ALA C 959 15.88 -19.29 2.16
N ILE C 960 16.46 -20.32 1.49
CA ILE C 960 17.63 -21.04 1.94
C ILE C 960 18.77 -20.06 2.02
N SER C 961 18.88 -19.14 1.06
CA SER C 961 19.94 -18.16 1.14
C SER C 961 19.46 -16.88 0.52
N SER C 962 20.25 -15.81 0.71
CA SER C 962 19.96 -14.49 0.23
C SER C 962 20.53 -14.22 -1.14
N VAL C 963 21.38 -15.12 -1.69
CA VAL C 963 21.99 -14.82 -2.97
C VAL C 963 21.39 -15.69 -4.01
N LEU C 964 21.06 -15.08 -5.16
CA LEU C 964 20.42 -15.75 -6.26
C LEU C 964 21.34 -16.79 -6.83
N ASN C 965 22.65 -16.46 -6.96
CA ASN C 965 23.58 -17.34 -7.59
C ASN C 965 23.73 -18.61 -6.81
N ASP C 966 23.78 -18.54 -5.47
CA ASP C 966 24.00 -19.74 -4.72
C ASP C 966 22.88 -20.70 -4.93
N ILE C 967 21.63 -20.20 -5.02
CA ILE C 967 20.51 -21.09 -5.20
C ILE C 967 20.68 -21.78 -6.51
N LEU C 968 21.07 -21.02 -7.56
CA LEU C 968 21.26 -21.62 -8.84
C LEU C 968 22.38 -22.60 -8.78
N SER C 969 23.48 -22.23 -8.11
CA SER C 969 24.67 -23.03 -8.05
C SER C 969 24.41 -24.34 -7.37
N ARG C 970 23.96 -24.25 -6.09
CA ARG C 970 23.75 -25.39 -5.24
C ARG C 970 22.59 -26.25 -5.65
N LEU C 971 21.44 -25.63 -5.98
CA LEU C 971 20.25 -26.41 -6.15
C LEU C 971 19.91 -26.60 -7.60
N ASP C 972 19.29 -27.76 -7.91
CA ASP C 972 18.84 -28.02 -9.25
C ASP C 972 17.67 -27.11 -9.45
N PRO C 973 17.38 -26.77 -10.72
CA PRO C 973 16.35 -25.80 -11.01
C PRO C 973 15.04 -26.24 -10.45
N PRO C 974 14.70 -27.54 -10.50
CA PRO C 974 13.41 -27.95 -10.05
C PRO C 974 13.25 -27.54 -8.61
N GLU C 975 14.29 -27.72 -7.79
CA GLU C 975 14.28 -27.29 -6.41
C GLU C 975 14.47 -25.80 -6.31
N ALA C 976 15.31 -25.23 -7.19
CA ALA C 976 15.66 -23.84 -7.16
C ALA C 976 14.47 -22.97 -7.43
N GLU C 977 13.62 -23.39 -8.37
CA GLU C 977 12.49 -22.61 -8.78
C GLU C 977 11.65 -22.30 -7.58
N VAL C 978 11.45 -23.31 -6.71
CA VAL C 978 10.63 -23.04 -5.57
C VAL C 978 11.31 -22.01 -4.69
N GLN C 979 12.64 -22.13 -4.48
CA GLN C 979 13.37 -21.28 -3.58
C GLN C 979 13.39 -19.86 -4.04
N ILE C 980 13.67 -19.62 -5.33
CA ILE C 980 13.78 -18.29 -5.85
C ILE C 980 12.46 -17.62 -5.73
N ASP C 981 11.39 -18.39 -5.94
CA ASP C 981 10.04 -17.87 -5.94
C ASP C 981 9.81 -17.19 -4.62
N ARG C 982 10.31 -17.78 -3.50
CA ARG C 982 10.10 -17.19 -2.22
C ARG C 982 10.76 -15.85 -2.19
N LEU C 983 12.00 -15.80 -2.70
CA LEU C 983 12.80 -14.59 -2.70
C LEU C 983 12.10 -13.56 -3.54
N ILE C 984 11.48 -13.98 -4.65
CA ILE C 984 10.88 -13.04 -5.55
C ILE C 984 9.74 -12.34 -4.89
N THR C 985 8.87 -13.10 -4.20
CA THR C 985 7.68 -12.54 -3.63
C THR C 985 8.07 -11.54 -2.59
N GLY C 986 9.17 -11.81 -1.84
CA GLY C 986 9.54 -10.90 -0.80
C GLY C 986 9.96 -9.55 -1.33
N ARG C 987 10.90 -9.51 -2.29
CA ARG C 987 11.39 -8.26 -2.79
C ARG C 987 10.28 -7.54 -3.50
N LEU C 988 9.49 -8.28 -4.30
CA LEU C 988 8.44 -7.66 -5.04
C LEU C 988 7.50 -7.04 -4.05
N GLN C 989 7.30 -7.72 -2.91
CA GLN C 989 6.45 -7.21 -1.88
C GLN C 989 7.09 -5.96 -1.33
N SER C 990 8.43 -5.99 -1.16
CA SER C 990 9.15 -4.88 -0.58
C SER C 990 9.07 -3.68 -1.48
N LEU C 991 9.24 -3.88 -2.80
CA LEU C 991 9.17 -2.76 -3.69
C LEU C 991 7.77 -2.26 -3.64
N GLN C 992 6.79 -3.17 -3.54
CA GLN C 992 5.42 -2.77 -3.48
C GLN C 992 5.24 -1.92 -2.26
N THR C 993 5.86 -2.30 -1.12
CA THR C 993 5.71 -1.47 0.04
C THR C 993 6.35 -0.15 -0.20
N TYR C 994 7.51 -0.14 -0.88
CA TYR C 994 8.24 1.08 -1.13
C TYR C 994 7.45 2.03 -1.98
N VAL C 995 6.89 1.55 -3.10
CA VAL C 995 6.18 2.43 -4.00
C VAL C 995 4.96 2.97 -3.32
N THR C 996 4.22 2.10 -2.60
CA THR C 996 3.01 2.52 -1.95
C THR C 996 3.38 3.58 -0.96
N GLN C 997 4.46 3.35 -0.20
CA GLN C 997 4.93 4.28 0.77
C GLN C 997 5.33 5.53 0.03
N GLN C 998 5.92 5.35 -1.16
CA GLN C 998 6.42 6.42 -1.95
C GLN C 998 5.30 7.31 -2.42
N LEU C 999 4.18 6.70 -2.87
CA LEU C 999 3.11 7.48 -3.41
C LEU C 999 2.56 8.41 -2.37
N ILE C 1000 2.38 7.91 -1.13
CA ILE C 1000 1.76 8.69 -0.11
C ILE C 1000 2.60 9.90 0.20
N ARG C 1001 3.92 9.73 0.37
CA ARG C 1001 4.76 10.82 0.72
C ARG C 1001 4.72 11.85 -0.37
N ALA C 1002 4.70 11.39 -1.63
CA ALA C 1002 4.71 12.30 -2.74
C ALA C 1002 3.48 13.15 -2.66
N ALA C 1003 2.34 12.55 -2.27
CA ALA C 1003 1.10 13.28 -2.17
C ALA C 1003 1.28 14.34 -1.12
N GLU C 1004 1.97 13.99 -0.02
CA GLU C 1004 2.18 14.91 1.05
C GLU C 1004 2.93 16.08 0.49
N ILE C 1005 3.94 15.78 -0.35
CA ILE C 1005 4.76 16.81 -0.93
C ILE C 1005 3.92 17.66 -1.83
N ARG C 1006 3.04 17.04 -2.64
CA ARG C 1006 2.29 17.78 -3.61
C ARG C 1006 1.42 18.80 -2.93
N ALA C 1007 0.75 18.41 -1.83
CA ALA C 1007 -0.14 19.33 -1.17
C ALA C 1007 0.68 20.49 -0.72
N SER C 1008 1.88 20.19 -0.22
CA SER C 1008 2.79 21.20 0.24
C SER C 1008 3.17 22.05 -0.94
N ALA C 1009 3.43 21.41 -2.10
CA ALA C 1009 3.85 22.14 -3.26
C ALA C 1009 2.76 23.06 -3.70
N ASN C 1010 1.51 22.58 -3.69
CA ASN C 1010 0.40 23.39 -4.09
C ASN C 1010 0.31 24.51 -3.10
N LEU C 1011 0.59 24.18 -1.82
CA LEU C 1011 0.58 25.18 -0.79
C LEU C 1011 1.66 26.17 -1.09
N ALA C 1012 2.82 25.68 -1.54
CA ALA C 1012 3.95 26.51 -1.83
C ALA C 1012 3.60 27.40 -2.97
N ALA C 1013 2.97 26.83 -4.02
CA ALA C 1013 2.66 27.58 -5.19
C ALA C 1013 1.71 28.68 -4.80
N THR C 1014 0.72 28.38 -3.95
CA THR C 1014 -0.23 29.39 -3.58
C THR C 1014 0.49 30.47 -2.85
N LYS C 1015 1.50 30.11 -2.04
CA LYS C 1015 2.19 31.10 -1.27
C LYS C 1015 2.91 32.03 -2.20
N MET C 1016 3.58 31.49 -3.23
CA MET C 1016 4.23 32.37 -4.17
C MET C 1016 3.17 33.11 -4.93
N SER C 1017 2.10 32.40 -5.34
CA SER C 1017 1.08 32.98 -6.16
C SER C 1017 0.46 34.15 -5.45
N GLU C 1018 -0.09 33.90 -4.24
CA GLU C 1018 -0.76 34.91 -3.48
C GLU C 1018 0.15 35.83 -2.69
N CYS C 1019 1.09 35.25 -1.93
CA CYS C 1019 1.91 35.98 -1.00
C CYS C 1019 2.99 36.78 -1.67
N VAL C 1020 3.73 36.16 -2.61
CA VAL C 1020 4.80 36.85 -3.32
C VAL C 1020 4.28 37.76 -4.39
N LEU C 1021 3.45 37.21 -5.31
CA LEU C 1021 2.92 37.89 -6.46
C LEU C 1021 2.00 39.00 -6.05
N GLY C 1022 1.42 38.93 -4.84
CA GLY C 1022 0.55 39.97 -4.39
C GLY C 1022 0.70 40.07 -2.89
N GLN C 1023 -0.27 40.71 -2.20
CA GLN C 1023 -0.17 40.69 -0.77
C GLN C 1023 -1.40 40.02 -0.24
N SER C 1024 -1.17 38.97 0.59
CA SER C 1024 -2.23 38.15 1.09
C SER C 1024 -2.94 38.80 2.24
N LYS C 1025 -4.27 38.60 2.25
CA LYS C 1025 -5.23 39.00 3.25
C LYS C 1025 -5.44 37.96 4.31
N ARG C 1026 -5.02 36.70 4.05
CA ARG C 1026 -5.34 35.60 4.93
C ARG C 1026 -4.50 35.67 6.17
N VAL C 1027 -5.15 35.84 7.34
CA VAL C 1027 -4.41 35.94 8.56
C VAL C 1027 -3.79 34.60 8.82
N ASP C 1028 -2.51 34.64 9.24
CA ASP C 1028 -1.71 33.48 9.54
C ASP C 1028 -1.48 32.63 8.32
N PHE C 1029 -1.54 33.21 7.10
CA PHE C 1029 -1.09 32.51 5.91
C PHE C 1029 0.36 32.80 5.58
N CYS C 1030 0.72 34.08 5.64
CA CYS C 1030 2.00 34.70 5.37
C CYS C 1030 2.89 34.84 6.57
N GLY C 1031 2.60 34.14 7.68
CA GLY C 1031 3.43 34.31 8.85
C GLY C 1031 2.62 35.12 9.79
N LYS C 1032 2.99 35.11 11.09
CA LYS C 1032 2.17 35.77 12.05
C LYS C 1032 2.21 37.25 11.81
N GLY C 1033 1.04 37.85 11.50
CA GLY C 1033 0.97 39.29 11.40
C GLY C 1033 0.27 39.72 10.16
N TYR C 1034 -0.02 41.04 10.07
CA TYR C 1034 -0.62 41.59 8.89
C TYR C 1034 0.47 41.49 7.88
N HIS C 1035 0.25 40.71 6.80
CA HIS C 1035 1.30 40.40 5.88
C HIS C 1035 1.68 41.54 4.98
N LEU C 1036 3.00 41.82 4.89
CA LEU C 1036 3.51 42.75 3.91
C LEU C 1036 3.88 42.14 2.58
N MET C 1037 4.80 41.14 2.58
CA MET C 1037 5.36 40.65 1.34
C MET C 1037 6.29 39.52 1.63
N SER C 1038 6.80 38.85 0.59
CA SER C 1038 7.66 37.72 0.83
C SER C 1038 8.63 37.57 -0.30
N PHE C 1039 9.84 37.03 0.00
CA PHE C 1039 10.83 36.82 -1.02
C PHE C 1039 11.20 35.36 -0.99
N PRO C 1040 10.96 34.66 -2.07
CA PRO C 1040 11.31 33.26 -2.09
C PRO C 1040 12.78 33.06 -2.26
N GLN C 1041 13.31 31.94 -1.75
CA GLN C 1041 14.70 31.62 -1.93
C GLN C 1041 14.76 30.16 -2.27
N SER C 1042 15.59 29.79 -3.25
CA SER C 1042 15.63 28.41 -3.68
C SER C 1042 16.25 27.59 -2.59
N ALA C 1043 16.00 26.28 -2.64
CA ALA C 1043 16.54 25.38 -1.66
C ALA C 1043 16.47 24.00 -2.25
N PRO C 1044 17.20 23.07 -1.72
CA PRO C 1044 17.17 21.74 -2.26
C PRO C 1044 15.85 21.07 -2.03
N HIS C 1045 15.19 20.66 -3.12
CA HIS C 1045 13.96 19.91 -3.10
C HIS C 1045 12.90 20.66 -2.35
N GLY C 1046 13.11 21.95 -2.09
CA GLY C 1046 12.12 22.67 -1.33
C GLY C 1046 12.34 24.12 -1.55
N VAL C 1047 11.58 24.98 -0.84
CA VAL C 1047 11.75 26.39 -1.01
C VAL C 1047 11.63 27.05 0.34
N VAL C 1048 12.32 28.20 0.50
CA VAL C 1048 12.27 28.92 1.74
C VAL C 1048 11.72 30.28 1.43
N PHE C 1049 10.80 30.76 2.29
CA PHE C 1049 10.19 32.05 2.11
C PHE C 1049 10.65 32.93 3.22
N LEU C 1050 10.74 34.24 2.96
CA LEU C 1050 11.08 35.16 4.01
C LEU C 1050 9.88 36.05 4.16
N HIS C 1051 8.90 35.62 4.97
CA HIS C 1051 7.70 36.40 5.11
C HIS C 1051 7.99 37.60 5.93
N VAL C 1052 7.78 38.80 5.36
CA VAL C 1052 7.99 40.01 6.09
C VAL C 1052 6.64 40.44 6.57
N THR C 1053 6.42 40.41 7.90
CA THR C 1053 5.11 40.68 8.41
C THR C 1053 5.14 41.85 9.34
N TYR C 1054 3.96 42.49 9.50
CA TYR C 1054 3.77 43.64 10.34
C TYR C 1054 3.20 43.16 11.65
N VAL C 1055 3.79 43.61 12.78
CA VAL C 1055 3.33 43.23 14.10
C VAL C 1055 3.39 44.46 14.98
N PRO C 1056 2.35 44.74 15.74
CA PRO C 1056 2.38 45.90 16.62
C PRO C 1056 3.28 45.75 17.81
N ALA C 1057 4.18 46.73 18.07
CA ALA C 1057 5.06 46.73 19.20
C ALA C 1057 4.58 47.28 20.52
N GLN C 1058 4.09 48.54 20.54
CA GLN C 1058 3.86 49.21 21.80
C GLN C 1058 2.45 49.70 21.82
N GLU C 1059 1.82 49.72 23.01
CA GLU C 1059 0.43 50.08 23.05
C GLU C 1059 0.12 50.95 24.22
N LYS C 1060 -0.98 51.73 24.10
CA LYS C 1060 -1.46 52.58 25.16
C LYS C 1060 -2.95 52.43 25.25
N ASN C 1061 -3.51 52.58 26.46
CA ASN C 1061 -4.93 52.44 26.64
C ASN C 1061 -5.57 53.75 26.31
N PHE C 1062 -6.85 53.72 25.88
CA PHE C 1062 -7.57 54.93 25.58
C PHE C 1062 -9.02 54.70 25.88
N THR C 1063 -9.82 55.77 25.86
CA THR C 1063 -11.24 55.64 26.12
C THR C 1063 -11.95 55.88 24.83
N THR C 1064 -13.00 55.08 24.53
CA THR C 1064 -13.63 55.17 23.24
C THR C 1064 -15.12 55.31 23.37
N ALA C 1065 -15.77 55.74 22.27
CA ALA C 1065 -17.20 55.84 22.18
C ALA C 1065 -17.56 55.64 20.72
N PRO C 1066 -18.51 54.78 20.46
CA PRO C 1066 -18.87 54.39 19.12
C PRO C 1066 -19.26 55.55 18.26
N ALA C 1067 -19.71 56.67 18.85
CA ALA C 1067 -20.14 57.78 18.04
C ALA C 1067 -20.03 59.02 18.87
N ILE C 1068 -20.33 60.18 18.25
CA ILE C 1068 -20.30 61.43 18.96
C ILE C 1068 -21.44 62.29 18.48
N CYS C 1069 -21.92 63.21 19.35
CA CYS C 1069 -23.02 64.07 18.98
C CYS C 1069 -22.54 65.49 18.89
N HIS C 1070 -22.57 66.11 17.68
CA HIS C 1070 -22.33 67.52 17.64
C HIS C 1070 -23.57 68.33 17.92
N ASP C 1071 -24.53 68.24 16.98
CA ASP C 1071 -25.83 68.88 16.93
C ASP C 1071 -26.88 68.07 17.62
N GLY C 1072 -26.56 66.82 17.99
CA GLY C 1072 -27.57 65.96 18.51
C GLY C 1072 -27.63 64.84 17.51
N LYS C 1073 -26.94 65.01 16.38
CA LYS C 1073 -26.91 63.93 15.42
C LYS C 1073 -25.78 63.01 15.77
N ALA C 1074 -25.78 61.81 15.19
CA ALA C 1074 -24.77 60.83 15.49
C ALA C 1074 -23.73 60.84 14.41
N HIS C 1075 -22.45 60.76 14.82
CA HIS C 1075 -21.37 60.75 13.87
C HIS C 1075 -20.63 59.45 14.02
N PHE C 1076 -20.15 58.89 12.88
CA PHE C 1076 -19.40 57.66 12.89
C PHE C 1076 -18.11 57.89 12.14
N PRO C 1077 -17.08 57.18 12.50
CA PRO C 1077 -15.82 57.36 11.80
C PRO C 1077 -15.84 56.76 10.43
N ARG C 1078 -15.34 57.50 9.42
CA ARG C 1078 -15.30 56.94 8.09
C ARG C 1078 -14.37 55.77 8.14
N GLU C 1079 -13.17 55.98 8.73
CA GLU C 1079 -12.24 54.92 8.91
C GLU C 1079 -11.45 55.24 10.14
N GLY C 1080 -11.73 54.54 11.25
CA GLY C 1080 -11.00 54.81 12.46
C GLY C 1080 -11.93 54.60 13.62
N VAL C 1081 -11.50 55.05 14.82
CA VAL C 1081 -12.31 54.96 16.01
C VAL C 1081 -12.11 56.25 16.77
N PHE C 1082 -13.07 56.59 17.64
CA PHE C 1082 -12.91 57.78 18.44
C PHE C 1082 -12.24 57.36 19.72
N VAL C 1083 -11.31 58.21 20.22
CA VAL C 1083 -10.56 57.93 21.42
C VAL C 1083 -10.34 59.23 22.13
N SER C 1084 -9.83 59.17 23.38
CA SER C 1084 -9.58 60.39 24.10
C SER C 1084 -8.33 60.26 24.90
N ASN C 1085 -7.52 61.35 24.91
CA ASN C 1085 -6.34 61.48 25.71
C ASN C 1085 -6.77 61.76 27.12
N GLY C 1086 -8.07 62.07 27.29
CA GLY C 1086 -8.66 62.35 28.56
C GLY C 1086 -9.23 63.73 28.47
N THR C 1087 -8.44 64.68 27.94
CA THR C 1087 -8.95 66.02 27.75
C THR C 1087 -9.77 66.14 26.50
N HIS C 1088 -9.24 65.62 25.37
CA HIS C 1088 -9.90 65.85 24.11
C HIS C 1088 -10.09 64.56 23.39
N TRP C 1089 -11.17 64.50 22.60
CA TRP C 1089 -11.45 63.32 21.83
C TRP C 1089 -10.73 63.43 20.53
N PHE C 1090 -10.15 62.31 20.07
CA PHE C 1090 -9.45 62.24 18.81
C PHE C 1090 -9.96 61.03 18.10
N VAL C 1091 -9.81 61.00 16.77
CA VAL C 1091 -10.20 59.85 15.99
C VAL C 1091 -8.93 59.34 15.39
N THR C 1092 -8.72 58.00 15.37
CA THR C 1092 -7.45 57.52 14.90
C THR C 1092 -7.63 56.33 13.99
N GLN C 1093 -6.54 56.00 13.26
CA GLN C 1093 -6.55 54.86 12.40
C GLN C 1093 -6.44 53.66 13.28
N ARG C 1094 -6.75 52.47 12.73
CA ARG C 1094 -6.88 51.26 13.49
C ARG C 1094 -5.63 50.65 14.08
N ASN C 1095 -4.55 50.43 13.30
CA ASN C 1095 -3.51 49.64 13.88
C ASN C 1095 -2.25 50.43 14.09
N PHE C 1096 -2.36 51.77 14.24
CA PHE C 1096 -1.22 52.57 14.55
C PHE C 1096 -1.82 53.82 15.13
N TYR C 1097 -1.36 54.26 16.31
CA TYR C 1097 -2.03 55.34 16.96
C TYR C 1097 -1.69 56.62 16.27
N GLU C 1098 -2.72 57.28 15.70
CA GLU C 1098 -2.55 58.56 15.09
C GLU C 1098 -3.84 59.30 15.23
N PRO C 1099 -3.86 60.19 16.18
CA PRO C 1099 -5.05 60.95 16.46
C PRO C 1099 -5.24 62.08 15.49
N GLN C 1100 -6.50 62.51 15.29
CA GLN C 1100 -6.77 63.66 14.47
C GLN C 1100 -8.00 64.34 14.99
N ILE C 1101 -8.05 65.68 14.79
CA ILE C 1101 -9.15 66.45 15.26
C ILE C 1101 -10.35 66.05 14.45
N ILE C 1102 -11.47 65.78 15.14
CA ILE C 1102 -12.62 65.27 14.45
C ILE C 1102 -13.31 66.42 13.78
N THR C 1103 -13.36 66.36 12.44
CA THR C 1103 -14.02 67.37 11.66
C THR C 1103 -14.98 66.64 10.80
N THR C 1104 -15.87 67.39 10.13
CA THR C 1104 -16.89 66.82 9.31
C THR C 1104 -16.27 66.05 8.19
N ASP C 1105 -15.09 66.49 7.74
CA ASP C 1105 -14.45 65.89 6.61
C ASP C 1105 -14.19 64.43 6.89
N ASN C 1106 -13.80 64.09 8.13
CA ASN C 1106 -13.49 62.75 8.56
C ASN C 1106 -14.71 61.90 8.81
N THR C 1107 -15.83 62.51 9.25
CA THR C 1107 -16.92 61.72 9.75
C THR C 1107 -18.17 61.91 8.95
N PHE C 1108 -19.12 60.95 9.10
CA PHE C 1108 -20.40 61.05 8.43
C PHE C 1108 -21.47 60.88 9.46
N VAL C 1109 -22.70 61.34 9.16
CA VAL C 1109 -23.73 61.31 10.15
C VAL C 1109 -24.72 60.25 9.84
N SER C 1110 -25.17 59.51 10.87
CA SER C 1110 -26.21 58.54 10.71
C SER C 1110 -26.91 58.40 12.01
N GLY C 1111 -28.18 58.86 12.09
CA GLY C 1111 -28.94 58.69 13.29
C GLY C 1111 -28.72 59.84 14.23
N ASN C 1112 -29.29 59.69 15.44
CA ASN C 1112 -29.33 60.67 16.48
C ASN C 1112 -28.74 60.07 17.72
N CYS C 1113 -28.67 60.89 18.78
CA CYS C 1113 -28.07 60.59 20.06
C CYS C 1113 -28.82 59.56 20.85
N ASP C 1114 -30.14 59.47 20.68
CA ASP C 1114 -30.93 58.60 21.52
C ASP C 1114 -30.60 57.14 21.32
N VAL C 1115 -30.37 56.71 20.07
CA VAL C 1115 -30.15 55.34 19.69
C VAL C 1115 -28.82 54.73 20.08
N VAL C 1116 -27.70 55.45 19.84
CA VAL C 1116 -26.39 54.86 19.97
C VAL C 1116 -26.02 54.63 21.40
N ILE C 1117 -25.44 53.44 21.68
CA ILE C 1117 -25.03 53.14 23.02
C ILE C 1117 -23.57 53.47 23.10
N GLY C 1118 -23.19 54.36 24.04
CA GLY C 1118 -21.81 54.71 24.23
C GLY C 1118 -21.49 56.02 23.58
N ILE C 1119 -22.42 56.61 22.82
CA ILE C 1119 -22.16 57.87 22.16
C ILE C 1119 -21.98 58.93 23.21
N VAL C 1120 -21.02 59.86 22.98
CA VAL C 1120 -20.76 60.89 23.94
C VAL C 1120 -20.79 62.22 23.25
N ASN C 1121 -21.03 63.31 24.02
CA ASN C 1121 -21.11 64.63 23.47
C ASN C 1121 -19.73 65.04 23.04
N ASN C 1122 -19.65 65.80 21.92
CA ASN C 1122 -18.38 66.24 21.42
C ASN C 1122 -18.64 67.38 20.49
N THR C 1123 -17.56 68.02 19.99
CA THR C 1123 -17.71 69.08 19.03
C THR C 1123 -16.99 68.69 17.79
N VAL C 1124 -17.65 68.90 16.63
CA VAL C 1124 -17.04 68.62 15.36
C VAL C 1124 -16.76 69.94 14.72
N TYR C 1125 -15.56 70.07 14.12
CA TYR C 1125 -15.12 71.31 13.53
C TYR C 1125 -15.46 71.33 12.08
N ASP C 1126 -15.97 72.49 11.59
CA ASP C 1126 -16.28 72.69 10.20
C ASP C 1126 -15.27 73.65 9.65
N PRO C 1127 -14.50 73.21 8.70
CA PRO C 1127 -13.51 74.08 8.12
C PRO C 1127 -14.10 75.20 7.33
N LEU C 1128 -15.35 75.04 6.84
CA LEU C 1128 -15.95 76.02 5.99
C LEU C 1128 -16.30 77.27 6.74
N GLN C 1129 -16.72 77.15 8.01
CA GLN C 1129 -17.23 78.28 8.72
C GLN C 1129 -16.21 79.37 8.82
N PRO C 1130 -14.98 79.08 9.12
CA PRO C 1130 -14.03 80.16 9.21
C PRO C 1130 -13.80 80.79 7.88
N GLU C 1131 -13.98 80.03 6.80
CA GLU C 1131 -13.78 80.57 5.48
C GLU C 1131 -14.81 81.61 5.24
N LEU C 1132 -16.07 81.31 5.63
CA LEU C 1132 -17.17 82.20 5.42
C LEU C 1132 -16.94 83.45 6.21
N ASP C 1133 -16.48 83.30 7.47
CA ASP C 1133 -16.30 84.43 8.33
C ASP C 1133 -15.31 85.35 7.72
N SER C 1134 -14.17 84.81 7.26
CA SER C 1134 -13.17 85.66 6.69
C SER C 1134 -13.81 86.37 5.51
N GLU D 1 25.77 -0.92 -88.26
CA GLU D 1 24.64 -0.01 -88.04
C GLU D 1 23.47 -0.75 -87.51
N VAL D 2 23.12 -0.55 -86.22
CA VAL D 2 21.94 -1.19 -85.74
C VAL D 2 20.81 -0.43 -86.36
N GLN D 3 19.87 -1.14 -87.02
CA GLN D 3 18.83 -0.42 -87.71
C GLN D 3 17.54 -1.16 -87.50
N LEU D 4 16.42 -0.42 -87.58
CA LEU D 4 15.11 -1.01 -87.52
C LEU D 4 14.27 -0.25 -88.48
N VAL D 5 13.70 -0.93 -89.49
CA VAL D 5 12.90 -0.27 -90.48
C VAL D 5 11.52 -0.83 -90.36
N GLU D 6 10.51 0.05 -90.26
CA GLU D 6 9.15 -0.39 -90.09
C GLU D 6 8.46 -0.22 -91.40
N SER D 7 7.52 -1.13 -91.69
CA SER D 7 6.79 -1.05 -92.92
C SER D 7 5.37 -1.44 -92.62
N GLY D 8 4.42 -1.10 -93.51
CA GLY D 8 3.06 -1.53 -93.34
C GLY D 8 2.12 -0.44 -92.88
N GLY D 9 2.57 0.82 -92.68
CA GLY D 9 1.61 1.81 -92.24
C GLY D 9 0.71 2.12 -93.39
N GLY D 10 -0.43 2.80 -93.13
CA GLY D 10 -1.31 3.13 -94.22
C GLY D 10 -2.60 3.65 -93.67
N LEU D 11 -3.61 3.77 -94.55
CA LEU D 11 -4.90 4.23 -94.16
C LEU D 11 -5.71 2.99 -93.97
N VAL D 12 -6.49 2.91 -92.86
CA VAL D 12 -7.27 1.74 -92.64
C VAL D 12 -8.58 2.18 -92.06
N GLN D 13 -9.66 1.49 -92.47
CA GLN D 13 -10.98 1.76 -91.99
C GLN D 13 -11.15 1.06 -90.69
N PRO D 14 -12.13 1.48 -89.94
CA PRO D 14 -12.38 0.88 -88.67
C PRO D 14 -12.77 -0.55 -88.85
N GLY D 15 -12.29 -1.46 -87.97
CA GLY D 15 -12.63 -2.84 -88.06
C GLY D 15 -11.56 -3.57 -88.80
N GLY D 16 -10.74 -2.82 -89.55
CA GLY D 16 -9.75 -3.44 -90.38
C GLY D 16 -8.59 -3.89 -89.57
N SER D 17 -7.62 -4.53 -90.26
CA SER D 17 -6.45 -5.07 -89.66
C SER D 17 -5.28 -4.70 -90.51
N LEU D 18 -4.07 -4.61 -89.90
CA LEU D 18 -2.88 -4.39 -90.68
C LEU D 18 -1.84 -5.16 -89.98
N ARG D 19 -0.71 -5.40 -90.66
CA ARG D 19 0.36 -5.96 -89.90
C ARG D 19 1.56 -5.14 -90.24
N LEU D 20 2.21 -4.57 -89.20
CA LEU D 20 3.39 -3.84 -89.47
C LEU D 20 4.51 -4.78 -89.24
N SER D 21 5.68 -4.50 -89.84
CA SER D 21 6.81 -5.34 -89.65
C SER D 21 8.02 -4.48 -89.43
N CYS D 22 9.02 -5.01 -88.69
CA CYS D 22 10.21 -4.28 -88.41
C CYS D 22 11.37 -5.18 -88.68
N ALA D 23 12.23 -4.82 -89.65
CA ALA D 23 13.35 -5.65 -89.97
C ALA D 23 14.53 -5.12 -89.21
N ALA D 24 15.25 -6.02 -88.50
CA ALA D 24 16.33 -5.56 -87.67
C ALA D 24 17.64 -6.05 -88.21
N SER D 25 18.71 -5.29 -87.92
CA SER D 25 20.03 -5.66 -88.36
C SER D 25 21.04 -5.01 -87.46
N GLY D 26 22.26 -5.58 -87.41
CA GLY D 26 23.31 -4.99 -86.63
C GLY D 26 23.47 -5.66 -85.30
N PHE D 27 22.61 -6.62 -84.93
CA PHE D 27 22.81 -7.26 -83.66
C PHE D 27 22.22 -8.64 -83.69
N THR D 28 22.45 -9.42 -82.62
CA THR D 28 21.89 -10.74 -82.57
C THR D 28 20.47 -10.59 -82.16
N PHE D 29 19.59 -10.70 -83.16
CA PHE D 29 18.18 -10.47 -83.01
C PHE D 29 17.58 -11.46 -82.07
N SER D 30 17.99 -12.74 -82.14
CA SER D 30 17.37 -13.78 -81.39
C SER D 30 17.51 -13.59 -79.90
N SER D 31 18.58 -12.90 -79.47
CA SER D 31 18.91 -12.74 -78.08
C SER D 31 18.17 -11.62 -77.38
N TYR D 32 17.35 -10.80 -78.07
CA TYR D 32 16.81 -9.66 -77.38
C TYR D 32 15.32 -9.61 -77.44
N TRP D 33 14.72 -8.92 -76.43
CA TRP D 33 13.32 -8.67 -76.40
C TRP D 33 13.09 -7.56 -77.40
N MET D 34 11.94 -7.54 -78.11
CA MET D 34 11.63 -6.46 -78.98
C MET D 34 10.31 -5.93 -78.52
N ASN D 35 10.10 -4.59 -78.63
CA ASN D 35 8.85 -4.02 -78.20
C ASN D 35 8.34 -3.16 -79.30
N TRP D 36 7.06 -2.75 -79.20
CA TRP D 36 6.46 -1.83 -80.13
C TRP D 36 5.87 -0.74 -79.29
N VAL D 37 6.21 0.53 -79.58
CA VAL D 37 5.72 1.64 -78.82
C VAL D 37 5.04 2.54 -79.80
N ARG D 38 3.99 3.27 -79.37
CA ARG D 38 3.37 4.09 -80.36
C ARG D 38 3.27 5.48 -79.83
N GLN D 39 3.32 6.47 -80.75
CA GLN D 39 3.13 7.81 -80.35
C GLN D 39 1.94 8.28 -81.11
N ALA D 40 0.85 8.59 -80.40
CA ALA D 40 -0.28 9.12 -81.10
C ALA D 40 -0.16 10.59 -80.86
N PRO D 41 -0.13 11.34 -81.92
CA PRO D 41 0.15 12.74 -81.85
C PRO D 41 -0.45 13.56 -80.75
N GLY D 42 -1.78 13.68 -80.57
CA GLY D 42 -2.22 14.55 -79.51
C GLY D 42 -1.72 14.00 -78.22
N LYS D 43 -1.83 12.67 -78.07
CA LYS D 43 -1.41 12.01 -76.86
C LYS D 43 0.07 11.80 -76.94
N GLY D 44 0.60 11.01 -75.99
CA GLY D 44 2.02 10.83 -75.97
C GLY D 44 2.41 9.48 -76.45
N LEU D 45 3.62 9.08 -76.00
CA LEU D 45 4.19 7.81 -76.29
C LEU D 45 3.50 6.82 -75.41
N GLU D 46 3.23 5.62 -75.95
CA GLU D 46 2.58 4.58 -75.21
C GLU D 46 3.25 3.28 -75.56
N TRP D 47 3.41 2.39 -74.57
CA TRP D 47 4.02 1.10 -74.79
C TRP D 47 2.92 0.13 -75.15
N VAL D 48 3.00 -0.42 -76.38
CA VAL D 48 2.02 -1.35 -76.89
C VAL D 48 2.20 -2.80 -76.50
N ALA D 49 3.39 -3.39 -76.78
CA ALA D 49 3.53 -4.82 -76.60
C ALA D 49 4.99 -5.19 -76.52
N ASN D 50 5.30 -6.38 -75.94
CA ASN D 50 6.65 -6.84 -75.76
C ASN D 50 6.70 -8.34 -75.96
N ILE D 51 7.86 -8.85 -76.45
CA ILE D 51 8.04 -10.27 -76.61
C ILE D 51 9.38 -10.66 -76.05
N ASN D 52 9.43 -11.82 -75.37
CA ASN D 52 10.63 -12.34 -74.74
C ASN D 52 11.55 -12.79 -75.83
N GLN D 53 12.83 -13.09 -75.49
CA GLN D 53 13.79 -13.50 -76.47
C GLN D 53 13.37 -14.78 -77.10
N ASP D 54 12.78 -15.70 -76.30
CA ASP D 54 12.35 -17.00 -76.77
C ASP D 54 11.16 -16.88 -77.67
N GLY D 55 10.38 -15.78 -77.54
CA GLY D 55 9.27 -15.58 -78.45
C GLY D 55 8.01 -16.09 -77.83
N GLY D 56 8.11 -16.87 -76.75
CA GLY D 56 6.91 -17.36 -76.11
C GLY D 56 6.19 -16.32 -75.30
N GLU D 57 6.90 -15.66 -74.36
CA GLU D 57 6.25 -14.75 -73.44
C GLU D 57 5.90 -13.50 -74.19
N LYS D 58 4.62 -13.08 -74.09
CA LYS D 58 4.21 -11.90 -74.81
C LYS D 58 3.33 -11.09 -73.91
N TYR D 59 3.53 -9.75 -73.90
CA TYR D 59 2.74 -8.91 -73.05
C TYR D 59 2.14 -7.80 -73.86
N TYR D 60 0.95 -7.32 -73.44
CA TYR D 60 0.29 -6.29 -74.18
C TYR D 60 -0.36 -5.33 -73.24
N VAL D 61 -0.65 -4.10 -73.73
CA VAL D 61 -1.39 -3.13 -72.98
C VAL D 61 -2.82 -3.57 -73.08
N ASP D 62 -3.65 -3.20 -72.10
CA ASP D 62 -4.99 -3.70 -72.00
C ASP D 62 -5.83 -3.33 -73.19
N SER D 63 -5.66 -2.13 -73.76
CA SER D 63 -6.54 -1.64 -74.79
C SER D 63 -6.51 -2.52 -76.01
N VAL D 64 -5.32 -3.02 -76.36
CA VAL D 64 -5.00 -3.84 -77.51
C VAL D 64 -5.19 -5.33 -77.35
N ARG D 65 -5.42 -5.86 -76.14
CA ARG D 65 -5.24 -7.26 -75.87
C ARG D 65 -5.84 -8.24 -76.83
N GLY D 66 -7.12 -8.18 -77.20
CA GLY D 66 -7.59 -9.18 -78.13
C GLY D 66 -7.11 -8.94 -79.53
N ARG D 67 -7.05 -7.65 -79.87
CA ARG D 67 -6.82 -7.05 -81.17
C ARG D 67 -5.44 -7.23 -81.74
N PHE D 68 -4.37 -7.11 -80.91
CA PHE D 68 -3.05 -7.07 -81.47
C PHE D 68 -2.29 -8.30 -81.05
N THR D 69 -1.41 -8.80 -81.95
CA THR D 69 -0.57 -9.90 -81.62
C THR D 69 0.79 -9.52 -82.13
N ILE D 70 1.84 -9.69 -81.30
CA ILE D 70 3.18 -9.37 -81.67
C ILE D 70 3.83 -10.71 -81.88
N SER D 71 4.72 -10.81 -82.88
CA SER D 71 5.37 -12.06 -83.18
C SER D 71 6.68 -11.73 -83.83
N ARG D 72 7.53 -12.75 -84.06
CA ARG D 72 8.82 -12.48 -84.64
C ARG D 72 9.30 -13.70 -85.35
N ASP D 73 10.17 -13.50 -86.37
CA ASP D 73 10.78 -14.57 -87.11
C ASP D 73 12.26 -14.30 -87.06
N ASN D 74 12.99 -15.00 -86.17
CA ASN D 74 14.38 -14.73 -85.94
C ASN D 74 15.20 -14.99 -87.17
N ALA D 75 14.91 -16.09 -87.90
CA ALA D 75 15.66 -16.42 -89.08
C ALA D 75 15.49 -15.30 -90.05
N LYS D 76 14.27 -14.76 -90.08
CA LYS D 76 13.86 -13.65 -90.89
C LYS D 76 14.45 -12.37 -90.34
N ASN D 77 14.77 -12.33 -89.03
CA ASN D 77 15.23 -11.11 -88.42
C ASN D 77 14.13 -10.09 -88.55
N SER D 78 12.87 -10.52 -88.38
CA SER D 78 11.78 -9.59 -88.51
C SER D 78 10.87 -9.74 -87.32
N LEU D 79 10.23 -8.62 -86.93
CA LEU D 79 9.29 -8.57 -85.84
C LEU D 79 8.01 -8.10 -86.47
N TYR D 80 6.85 -8.56 -85.95
CA TYR D 80 5.62 -8.16 -86.59
C TYR D 80 4.64 -7.77 -85.55
N LEU D 81 3.64 -7.00 -85.97
CA LEU D 81 2.55 -6.67 -85.09
C LEU D 81 1.33 -6.70 -85.94
N GLN D 82 0.43 -7.68 -85.71
CA GLN D 82 -0.78 -7.80 -86.47
C GLN D 82 -1.85 -7.14 -85.66
N MET D 83 -2.67 -6.28 -86.30
CA MET D 83 -3.65 -5.56 -85.54
C MET D 83 -5.00 -5.93 -86.08
N ASN D 84 -6.02 -5.89 -85.20
CA ASN D 84 -7.35 -6.25 -85.61
C ASN D 84 -8.30 -5.28 -84.97
N SER D 85 -9.52 -5.20 -85.52
CA SER D 85 -10.58 -4.36 -84.98
C SER D 85 -10.05 -2.98 -84.73
N LEU D 86 -9.36 -2.41 -85.73
CA LEU D 86 -8.77 -1.11 -85.60
C LEU D 86 -9.82 -0.10 -85.27
N ARG D 87 -9.44 0.83 -84.38
CA ARG D 87 -10.31 1.89 -83.99
C ARG D 87 -9.63 3.15 -84.39
N ALA D 88 -10.39 4.26 -84.42
CA ALA D 88 -9.86 5.52 -84.83
C ALA D 88 -8.71 5.87 -83.91
N GLU D 89 -8.81 5.47 -82.63
CA GLU D 89 -7.91 5.76 -81.54
C GLU D 89 -6.54 5.16 -81.73
N ASP D 90 -6.40 4.06 -82.50
CA ASP D 90 -5.16 3.38 -82.72
C ASP D 90 -4.28 4.15 -83.66
N THR D 91 -4.78 5.25 -84.25
CA THR D 91 -3.97 5.99 -85.18
C THR D 91 -2.79 6.50 -84.42
N ALA D 92 -1.59 6.26 -84.95
CA ALA D 92 -0.41 6.67 -84.27
C ALA D 92 0.76 6.30 -85.12
N VAL D 93 1.97 6.69 -84.66
CA VAL D 93 3.15 6.27 -85.35
C VAL D 93 3.70 5.16 -84.51
N TYR D 94 4.00 4.02 -85.15
CA TYR D 94 4.43 2.86 -84.41
C TYR D 94 5.90 2.69 -84.60
N TYR D 95 6.61 2.54 -83.47
CA TYR D 95 8.03 2.41 -83.54
C TYR D 95 8.37 1.07 -82.98
N CYS D 96 9.34 0.38 -83.60
CA CYS D 96 9.85 -0.84 -83.07
C CYS D 96 11.12 -0.47 -82.38
N ALA D 97 11.26 -0.89 -81.11
CA ALA D 97 12.44 -0.53 -80.38
C ALA D 97 12.96 -1.76 -79.72
N ARG D 98 14.28 -1.81 -79.49
CA ARG D 98 14.88 -2.96 -78.86
C ARG D 98 14.84 -2.70 -77.39
N ASP D 99 14.26 -3.64 -76.61
CA ASP D 99 14.07 -3.36 -75.22
C ASP D 99 15.19 -3.99 -74.41
N PRO D 100 15.25 -3.65 -73.14
CA PRO D 100 16.18 -4.26 -72.22
C PRO D 100 15.56 -5.49 -71.68
N TYR D 101 16.32 -6.29 -70.90
CA TYR D 101 15.82 -7.48 -70.28
C TYR D 101 15.13 -7.07 -69.01
N ASP D 102 13.91 -7.60 -68.78
CA ASP D 102 13.11 -7.27 -67.63
C ASP D 102 13.81 -7.75 -66.39
N LEU D 103 14.63 -8.82 -66.53
CA LEU D 103 15.30 -9.49 -65.46
C LEU D 103 16.15 -8.50 -64.74
N TYR D 104 16.66 -7.51 -65.47
CA TYR D 104 17.55 -6.54 -64.89
C TYR D 104 16.82 -5.83 -63.80
N GLY D 105 15.50 -5.61 -63.96
CA GLY D 105 14.71 -5.13 -62.87
C GLY D 105 15.25 -3.87 -62.49
N ASP D 106 15.56 -3.68 -61.19
CA ASP D 106 15.66 -2.34 -60.69
C ASP D 106 16.59 -1.53 -61.53
N TYR D 107 17.55 -2.20 -62.19
CA TYR D 107 18.41 -1.51 -63.10
C TYR D 107 17.92 -1.79 -64.50
N GLY D 108 16.81 -1.17 -64.96
CA GLY D 108 16.39 -1.43 -66.31
C GLY D 108 16.96 -0.28 -67.10
N GLY D 109 17.55 -0.54 -68.26
CA GLY D 109 18.13 0.48 -69.09
C GLY D 109 17.18 1.22 -69.99
N THR D 110 16.07 0.57 -70.38
CA THR D 110 15.07 1.05 -71.30
C THR D 110 15.45 0.77 -72.72
N PHE D 111 14.69 1.33 -73.68
CA PHE D 111 14.82 1.00 -75.08
C PHE D 111 15.94 1.76 -75.71
N ASP D 112 17.02 1.03 -76.06
CA ASP D 112 18.26 1.46 -76.65
C ASP D 112 18.13 1.91 -78.09
N TYR D 113 17.44 1.13 -78.95
CA TYR D 113 17.43 1.46 -80.35
C TYR D 113 16.01 1.60 -80.79
N TRP D 114 15.74 2.55 -81.72
CA TRP D 114 14.40 2.79 -82.17
C TRP D 114 14.39 2.90 -83.68
N GLY D 115 13.26 2.53 -84.30
CA GLY D 115 13.08 2.65 -85.72
C GLY D 115 12.45 3.98 -85.99
N GLN D 116 12.35 4.35 -87.29
CA GLN D 116 11.84 5.62 -87.76
C GLN D 116 10.36 5.74 -87.52
N GLY D 117 9.60 4.64 -87.62
CA GLY D 117 8.19 4.72 -87.38
C GLY D 117 7.41 4.47 -88.63
N THR D 118 6.23 3.86 -88.47
CA THR D 118 5.28 3.61 -89.52
C THR D 118 4.01 4.27 -89.08
N LEU D 119 3.37 5.04 -89.98
CA LEU D 119 2.20 5.77 -89.59
C LEU D 119 1.00 5.01 -90.06
N VAL D 120 0.07 4.72 -89.13
CA VAL D 120 -1.15 4.07 -89.52
C VAL D 120 -2.27 4.99 -89.16
N THR D 121 -3.19 5.19 -90.11
CA THR D 121 -4.30 6.08 -89.88
C THR D 121 -5.55 5.28 -89.98
N VAL D 122 -6.44 5.42 -88.97
CA VAL D 122 -7.70 4.73 -88.99
C VAL D 122 -8.75 5.78 -89.15
N SER D 123 -9.41 5.79 -90.32
CA SER D 123 -10.44 6.75 -90.58
C SER D 123 -11.31 6.22 -91.68
N SER D 124 -12.58 6.67 -91.70
CA SER D 124 -13.52 6.24 -92.69
C SER D 124 -13.23 6.87 -94.02
N ALA D 125 -12.48 8.00 -94.05
CA ALA D 125 -12.27 8.73 -95.27
C ALA D 125 -11.43 7.95 -96.23
N SER D 126 -11.68 8.15 -97.54
CA SER D 126 -10.95 7.48 -98.57
C SER D 126 -9.79 8.34 -98.97
N THR D 127 -8.84 7.75 -99.72
CA THR D 127 -7.69 8.49 -100.16
C THR D 127 -8.15 9.50 -101.15
N LYS D 128 -7.58 10.73 -101.11
CA LYS D 128 -7.99 11.76 -102.01
C LYS D 128 -6.85 12.72 -102.22
N GLY D 129 -6.61 13.14 -103.48
CA GLY D 129 -5.54 14.05 -103.81
C GLY D 129 -5.95 15.45 -103.41
N PRO D 130 -4.96 16.25 -103.15
CA PRO D 130 -5.15 17.61 -102.71
C PRO D 130 -5.45 18.61 -103.78
N SER D 131 -6.14 19.71 -103.41
CA SER D 131 -6.36 20.79 -104.31
C SER D 131 -5.30 21.79 -103.95
N VAL D 132 -4.67 22.45 -104.94
CA VAL D 132 -3.63 23.38 -104.60
C VAL D 132 -4.02 24.73 -105.09
N PHE D 133 -4.12 25.72 -104.18
CA PHE D 133 -4.53 27.03 -104.57
C PHE D 133 -3.43 27.99 -104.23
N PRO D 134 -3.21 28.98 -105.05
CA PRO D 134 -2.15 29.92 -104.76
C PRO D 134 -2.49 30.95 -103.73
N LEU D 135 -1.52 31.32 -102.88
CA LEU D 135 -1.73 32.41 -101.97
C LEU D 135 -0.94 33.55 -102.54
N ALA D 136 -1.61 34.44 -103.31
CA ALA D 136 -0.92 35.49 -104.01
C ALA D 136 -0.48 36.56 -103.06
N PRO D 137 0.62 37.16 -103.40
CA PRO D 137 1.17 38.18 -102.55
C PRO D 137 0.33 39.41 -102.42
N SER D 138 -0.06 39.76 -101.18
CA SER D 138 -0.86 40.92 -101.01
C SER D 138 -0.27 41.66 -99.86
N SER D 139 0.11 42.94 -100.08
CA SER D 139 0.66 43.70 -99.01
C SER D 139 0.28 45.12 -99.24
N LYS D 140 -0.01 45.86 -98.15
CA LYS D 140 -0.27 47.25 -98.36
C LYS D 140 0.93 47.95 -97.82
N SER D 141 2.00 48.00 -98.63
CA SER D 141 3.22 48.61 -98.22
C SER D 141 3.96 48.90 -99.48
N THR D 142 5.08 49.63 -99.37
CA THR D 142 5.83 49.96 -100.54
C THR D 142 6.56 48.72 -100.95
N SER D 143 6.96 48.65 -102.23
CA SER D 143 7.67 47.50 -102.71
C SER D 143 9.07 47.63 -102.20
N GLY D 144 9.86 46.55 -102.36
CA GLY D 144 11.20 46.57 -101.89
C GLY D 144 11.15 45.99 -100.52
N GLY D 145 9.95 46.01 -99.93
CA GLY D 145 9.76 45.42 -98.65
C GLY D 145 9.60 43.97 -98.92
N THR D 146 9.46 43.16 -97.87
CA THR D 146 9.33 41.75 -98.14
C THR D 146 7.90 41.42 -98.42
N ALA D 147 7.69 40.37 -99.23
CA ALA D 147 6.38 39.92 -99.58
C ALA D 147 6.29 38.47 -99.22
N ALA D 148 5.06 37.99 -98.95
CA ALA D 148 4.89 36.61 -98.59
C ALA D 148 3.97 35.99 -99.58
N LEU D 149 4.28 34.74 -99.99
CA LEU D 149 3.47 34.03 -100.94
C LEU D 149 3.42 32.59 -100.53
N GLY D 150 2.57 31.77 -101.20
CA GLY D 150 2.55 30.39 -100.80
C GLY D 150 1.47 29.65 -101.52
N CYS D 151 1.29 28.37 -101.12
CA CYS D 151 0.29 27.53 -101.73
C CYS D 151 -0.58 26.95 -100.67
N LEU D 152 -1.88 26.80 -100.99
CA LEU D 152 -2.82 26.22 -100.08
C LEU D 152 -3.08 24.83 -100.58
N VAL D 153 -2.66 23.82 -99.81
CA VAL D 153 -2.88 22.45 -100.20
C VAL D 153 -4.04 21.97 -99.40
N LYS D 154 -5.18 21.69 -100.08
CA LYS D 154 -6.34 21.42 -99.29
C LYS D 154 -7.01 20.13 -99.69
N ASP D 155 -7.80 19.59 -98.74
CA ASP D 155 -8.64 18.43 -98.90
C ASP D 155 -7.90 17.21 -99.39
N TYR D 156 -6.84 16.75 -98.69
CA TYR D 156 -6.19 15.54 -99.13
C TYR D 156 -6.18 14.57 -97.98
N PHE D 157 -6.11 13.25 -98.29
CA PHE D 157 -6.08 12.25 -97.26
C PHE D 157 -5.42 11.04 -97.85
N PRO D 158 -4.61 10.30 -97.12
CA PRO D 158 -4.22 10.62 -95.78
C PRO D 158 -2.91 11.34 -95.81
N GLU D 159 -2.31 11.61 -94.64
CA GLU D 159 -0.99 12.18 -94.60
C GLU D 159 -0.09 11.10 -95.09
N PRO D 160 1.14 11.34 -95.48
CA PRO D 160 1.72 12.67 -95.52
C PRO D 160 1.63 13.33 -96.87
N VAL D 161 2.11 14.58 -96.96
CA VAL D 161 2.20 15.29 -98.21
C VAL D 161 3.58 15.90 -98.26
N THR D 162 4.13 16.09 -99.47
CA THR D 162 5.46 16.64 -99.61
C THR D 162 5.37 17.97 -100.28
N VAL D 163 6.03 19.00 -99.71
CA VAL D 163 5.99 20.31 -100.30
C VAL D 163 7.39 20.82 -100.47
N SER D 164 7.72 21.28 -101.70
CA SER D 164 9.01 21.83 -102.00
C SER D 164 8.79 23.04 -102.84
N TRP D 165 9.80 23.93 -102.91
CA TRP D 165 9.68 25.11 -103.70
C TRP D 165 10.80 25.14 -104.68
N ASN D 166 10.47 25.39 -105.96
CA ASN D 166 11.43 25.49 -107.02
C ASN D 166 12.25 24.24 -107.05
N SER D 167 11.62 23.09 -106.76
CA SER D 167 12.29 21.82 -106.79
C SER D 167 13.45 21.80 -105.84
N GLY D 168 13.32 22.43 -104.66
CA GLY D 168 14.35 22.35 -103.66
C GLY D 168 15.30 23.48 -103.83
N ALA D 169 15.11 24.29 -104.89
CA ALA D 169 15.94 25.42 -105.17
C ALA D 169 15.76 26.46 -104.10
N LEU D 170 14.53 26.59 -103.54
CA LEU D 170 14.28 27.67 -102.61
C LEU D 170 13.94 27.13 -101.24
N THR D 171 14.95 27.08 -100.34
CA THR D 171 14.82 26.68 -98.95
C THR D 171 14.56 27.78 -97.94
N SER D 172 15.28 28.91 -98.05
CA SER D 172 15.27 29.88 -96.99
C SER D 172 13.98 30.61 -96.90
N GLY D 173 13.50 30.80 -95.65
CA GLY D 173 12.30 31.55 -95.41
C GLY D 173 11.10 30.73 -95.75
N VAL D 174 11.25 29.39 -95.83
CA VAL D 174 10.11 28.59 -96.19
C VAL D 174 9.52 27.98 -94.96
N HIS D 175 8.19 28.09 -94.83
CA HIS D 175 7.52 27.49 -93.71
C HIS D 175 6.39 26.66 -94.23
N THR D 176 6.50 25.33 -94.09
CA THR D 176 5.38 24.53 -94.47
C THR D 176 4.77 24.06 -93.18
N PHE D 177 3.55 24.54 -92.90
CA PHE D 177 2.88 24.29 -91.65
C PHE D 177 2.41 22.87 -91.59
N PRO D 178 2.33 22.36 -90.40
CA PRO D 178 1.84 21.04 -90.13
C PRO D 178 0.40 21.04 -90.54
N ALA D 179 -0.11 19.90 -91.04
CA ALA D 179 -1.47 19.84 -91.50
C ALA D 179 -2.40 19.76 -90.33
N VAL D 180 -3.64 20.25 -90.53
CA VAL D 180 -4.64 20.19 -89.51
C VAL D 180 -5.75 19.33 -90.02
N LEU D 181 -6.38 18.52 -89.13
CA LEU D 181 -7.45 17.71 -89.58
C LEU D 181 -8.67 18.56 -89.51
N GLN D 182 -9.32 18.79 -90.66
CA GLN D 182 -10.46 19.66 -90.70
C GLN D 182 -11.72 18.93 -90.33
N SER D 183 -12.82 19.69 -90.19
CA SER D 183 -14.07 19.13 -89.75
C SER D 183 -14.50 18.06 -90.71
N SER D 184 -14.12 18.20 -92.00
CA SER D 184 -14.49 17.27 -93.02
C SER D 184 -13.87 15.95 -92.72
N GLY D 185 -12.69 15.97 -92.07
CA GLY D 185 -11.99 14.76 -91.82
C GLY D 185 -10.85 14.70 -92.81
N LEU D 186 -10.80 15.69 -93.73
CA LEU D 186 -9.73 15.77 -94.69
C LEU D 186 -8.65 16.65 -94.11
N TYR D 187 -7.41 16.56 -94.67
CA TYR D 187 -6.29 17.32 -94.18
C TYR D 187 -6.05 18.52 -95.04
N SER D 188 -5.64 19.65 -94.41
CA SER D 188 -5.33 20.83 -95.17
C SER D 188 -4.10 21.47 -94.58
N LEU D 189 -3.28 22.15 -95.43
CA LEU D 189 -2.10 22.83 -94.94
C LEU D 189 -1.71 23.89 -95.93
N SER D 190 -0.78 24.78 -95.50
CA SER D 190 -0.30 25.80 -96.39
C SER D 190 1.18 25.88 -96.25
N SER D 191 1.87 26.27 -97.35
CA SER D 191 3.29 26.43 -97.32
C SER D 191 3.53 27.85 -97.72
N VAL D 192 4.40 28.57 -96.98
CA VAL D 192 4.62 29.95 -97.32
C VAL D 192 6.09 30.22 -97.39
N VAL D 193 6.45 31.33 -98.08
CA VAL D 193 7.83 31.74 -98.11
C VAL D 193 7.81 33.24 -98.20
N THR D 194 8.83 33.88 -97.62
CA THR D 194 8.92 35.31 -97.66
C THR D 194 10.02 35.63 -98.62
N VAL D 195 9.77 36.61 -99.54
CA VAL D 195 10.75 36.97 -100.52
C VAL D 195 10.70 38.46 -100.68
N PRO D 196 11.68 39.01 -101.37
CA PRO D 196 11.69 40.43 -101.60
C PRO D 196 10.63 40.79 -102.59
N SER D 197 10.04 42.00 -102.46
CA SER D 197 8.99 42.40 -103.35
C SER D 197 9.54 42.55 -104.73
N SER D 198 10.84 42.86 -104.83
CA SER D 198 11.49 43.09 -106.09
C SER D 198 11.47 41.82 -106.88
N SER D 199 11.54 40.67 -106.19
CA SER D 199 11.63 39.39 -106.82
C SER D 199 10.37 39.05 -107.53
N LEU D 200 9.23 39.69 -107.18
CA LEU D 200 8.03 39.33 -107.85
C LEU D 200 8.13 39.76 -109.29
N GLY D 201 7.89 38.81 -110.21
CA GLY D 201 7.90 39.03 -111.62
C GLY D 201 9.19 38.55 -112.17
N THR D 202 10.31 38.93 -111.53
CA THR D 202 11.61 38.52 -111.96
C THR D 202 11.82 37.06 -111.67
N GLN D 203 11.40 36.62 -110.47
CA GLN D 203 11.70 35.28 -110.07
C GLN D 203 10.48 34.41 -110.17
N THR D 204 10.70 33.16 -110.62
CA THR D 204 9.60 32.24 -110.73
C THR D 204 9.49 31.51 -109.42
N TYR D 205 8.24 31.33 -108.94
CA TYR D 205 8.03 30.60 -107.73
C TYR D 205 7.06 29.49 -108.02
N ILE D 206 7.53 28.24 -107.89
CA ILE D 206 6.70 27.10 -108.19
C ILE D 206 6.57 26.30 -106.93
N CYS D 207 5.33 25.96 -106.52
CA CYS D 207 5.21 25.13 -105.35
C CYS D 207 5.00 23.73 -105.82
N ASN D 208 5.81 22.80 -105.27
CA ASN D 208 5.77 21.44 -105.71
C ASN D 208 5.04 20.64 -104.67
N VAL D 209 3.91 20.01 -105.05
CA VAL D 209 3.19 19.24 -104.08
C VAL D 209 3.17 17.81 -104.54
N ASN D 210 3.55 16.89 -103.63
CA ASN D 210 3.59 15.50 -103.96
C ASN D 210 2.86 14.75 -102.88
N HIS D 211 1.75 14.07 -103.25
CA HIS D 211 1.00 13.31 -102.29
C HIS D 211 1.02 11.89 -102.74
N LYS D 212 1.89 11.08 -102.11
CA LYS D 212 2.18 9.74 -102.49
C LYS D 212 0.99 8.83 -102.37
N PRO D 213 0.20 8.91 -101.34
CA PRO D 213 -0.91 7.99 -101.25
C PRO D 213 -1.85 8.09 -102.42
N SER D 214 -2.20 9.33 -102.84
CA SER D 214 -3.07 9.56 -103.96
C SER D 214 -2.29 9.40 -105.22
N ASN D 215 -0.94 9.35 -105.11
CA ASN D 215 -0.09 9.23 -106.26
C ASN D 215 -0.28 10.43 -107.15
N THR D 216 -0.46 11.64 -106.57
CA THR D 216 -0.65 12.80 -107.40
C THR D 216 0.52 13.73 -107.20
N LYS D 217 0.84 14.52 -108.24
CA LYS D 217 1.94 15.44 -108.14
C LYS D 217 1.44 16.73 -108.73
N VAL D 218 1.75 17.89 -108.10
CA VAL D 218 1.24 19.12 -108.63
C VAL D 218 2.30 20.18 -108.59
N ASP D 219 2.33 21.03 -109.63
CA ASP D 219 3.25 22.14 -109.68
C ASP D 219 2.41 23.36 -109.92
N LYS D 220 2.32 24.26 -108.91
CA LYS D 220 1.50 25.43 -109.09
C LYS D 220 2.41 26.61 -109.12
N ARG D 221 2.19 27.51 -110.11
CA ARG D 221 3.00 28.71 -110.18
C ARG D 221 2.26 29.74 -109.41
N VAL D 222 2.95 30.45 -108.50
CA VAL D 222 2.29 31.48 -107.77
C VAL D 222 2.75 32.79 -108.36
N GLU D 223 1.78 33.64 -108.73
CA GLU D 223 2.08 34.88 -109.35
C GLU D 223 1.28 35.92 -108.64
N PRO D 224 1.67 37.16 -108.75
CA PRO D 224 0.93 38.22 -108.16
C PRO D 224 -0.27 38.47 -109.01
N LYS D 225 -1.31 39.12 -108.45
CA LYS D 225 -2.50 39.40 -109.19
C LYS D 225 -2.08 40.08 -110.49
N ASP E 1 -0.99 -0.17 -61.20
CA ASP E 1 0.02 0.28 -62.18
C ASP E 1 0.68 1.50 -61.63
N ILE E 2 1.53 2.17 -62.44
CA ILE E 2 2.19 3.33 -61.93
C ILE E 2 2.05 4.44 -62.92
N GLN E 3 1.88 5.68 -62.42
CA GLN E 3 1.76 6.77 -63.34
C GLN E 3 2.96 7.65 -63.13
N MET E 4 3.57 8.10 -64.24
CA MET E 4 4.71 8.96 -64.12
C MET E 4 4.25 10.32 -64.55
N THR E 5 4.56 11.35 -63.75
CA THR E 5 4.14 12.68 -64.06
C THR E 5 5.33 13.58 -64.09
N GLN E 6 5.61 14.18 -65.25
CA GLN E 6 6.76 15.04 -65.41
C GLN E 6 6.35 16.45 -65.17
N SER E 7 7.34 17.29 -64.80
CA SER E 7 7.07 18.70 -64.60
C SER E 7 8.37 19.40 -64.78
N PRO E 8 8.37 20.56 -65.39
CA PRO E 8 7.19 21.19 -65.94
C PRO E 8 6.88 20.58 -67.27
N SER E 9 5.65 20.81 -67.78
CA SER E 9 5.26 20.30 -69.06
C SER E 9 6.04 21.00 -70.13
N THR E 10 6.36 22.29 -69.94
CA THR E 10 7.10 22.99 -70.95
C THR E 10 8.02 23.96 -70.28
N LEU E 11 9.17 24.28 -70.92
CA LEU E 11 10.06 25.22 -70.32
C LEU E 11 10.87 25.89 -71.40
N SER E 12 11.35 27.12 -71.15
CA SER E 12 12.19 27.76 -72.11
C SER E 12 13.40 28.27 -71.38
N ALA E 13 14.60 27.98 -71.92
CA ALA E 13 15.81 28.39 -71.26
C ALA E 13 16.75 28.90 -72.30
N SER E 14 17.74 29.70 -71.86
CA SER E 14 18.69 30.25 -72.77
C SER E 14 19.83 29.30 -72.90
N VAL E 15 20.66 29.50 -73.95
CA VAL E 15 21.74 28.60 -74.20
C VAL E 15 22.77 28.73 -73.13
N GLY E 16 23.26 27.57 -72.64
CA GLY E 16 24.30 27.54 -71.66
C GLY E 16 23.73 27.40 -70.28
N ASP E 17 22.42 27.63 -70.11
CA ASP E 17 21.91 27.57 -68.78
C ASP E 17 21.65 26.13 -68.42
N ARG E 18 21.32 25.90 -67.14
CA ARG E 18 21.11 24.57 -66.61
C ARG E 18 19.64 24.34 -66.54
N VAL E 19 19.17 23.19 -67.07
CA VAL E 19 17.76 22.90 -67.09
C VAL E 19 17.53 21.67 -66.26
N THR E 20 16.41 21.64 -65.48
CA THR E 20 16.15 20.50 -64.66
C THR E 20 14.70 20.09 -64.80
N ILE E 21 14.46 18.89 -65.38
CA ILE E 21 13.13 18.39 -65.55
C ILE E 21 12.97 17.29 -64.54
N THR E 22 11.82 17.25 -63.83
CA THR E 22 11.59 16.25 -62.83
C THR E 22 10.49 15.34 -63.27
N CYS E 23 10.47 14.10 -62.71
CA CYS E 23 9.49 13.10 -63.01
C CYS E 23 9.07 12.50 -61.69
N ARG E 24 7.75 12.31 -61.45
CA ARG E 24 7.33 11.76 -60.18
C ARG E 24 6.47 10.56 -60.39
N ALA E 25 6.88 9.40 -59.85
CA ALA E 25 6.14 8.18 -59.97
C ALA E 25 5.13 8.10 -58.87
N SER E 26 4.01 7.40 -59.15
CA SER E 26 2.92 7.25 -58.21
C SER E 26 3.37 6.40 -57.06
N GLN E 27 4.32 5.47 -57.30
CA GLN E 27 4.83 4.65 -56.23
C GLN E 27 6.23 4.29 -56.57
N SER E 28 6.97 3.72 -55.59
CA SER E 28 8.37 3.45 -55.75
C SER E 28 8.63 2.49 -56.87
N ILE E 29 9.33 3.00 -57.89
CA ILE E 29 9.92 2.34 -59.03
C ILE E 29 11.31 1.86 -58.72
N SER E 30 11.93 2.40 -57.65
CA SER E 30 13.28 2.00 -57.34
C SER E 30 14.14 2.74 -58.32
N SER E 31 15.14 2.06 -58.89
CA SER E 31 16.06 2.60 -59.87
C SER E 31 15.52 2.45 -61.26
N TRP E 32 14.35 1.84 -61.41
CA TRP E 32 13.92 1.50 -62.73
C TRP E 32 13.38 2.69 -63.48
N LEU E 33 14.23 3.68 -63.82
CA LEU E 33 13.71 4.73 -64.65
C LEU E 33 14.69 5.06 -65.75
N ALA E 34 14.17 5.38 -66.96
CA ALA E 34 15.05 5.82 -68.00
C ALA E 34 14.48 7.06 -68.63
N TRP E 35 15.35 7.79 -69.38
CA TRP E 35 14.93 9.01 -70.01
C TRP E 35 15.16 8.91 -71.49
N TYR E 36 14.29 9.59 -72.28
CA TYR E 36 14.39 9.57 -73.71
C TYR E 36 14.29 10.96 -74.24
N GLN E 37 14.96 11.22 -75.38
CA GLN E 37 14.89 12.49 -76.05
C GLN E 37 14.19 12.27 -77.35
N GLN E 38 13.26 13.17 -77.73
CA GLN E 38 12.58 13.01 -78.98
C GLN E 38 12.51 14.34 -79.68
N LYS E 39 12.78 14.32 -81.00
CA LYS E 39 12.77 15.50 -81.81
C LYS E 39 11.51 15.43 -82.63
N PRO E 40 11.09 16.50 -83.22
CA PRO E 40 9.87 16.43 -83.95
C PRO E 40 9.95 15.44 -85.07
N ARG E 41 8.96 14.53 -85.10
CA ARG E 41 8.68 13.47 -86.04
C ARG E 41 9.70 12.37 -85.95
N LYS E 42 10.86 12.60 -85.29
CA LYS E 42 11.86 11.57 -85.19
C LYS E 42 11.51 10.66 -84.06
N ALA E 43 12.10 9.44 -84.08
CA ALA E 43 11.90 8.46 -83.05
C ALA E 43 12.75 8.80 -81.85
N PRO E 44 12.31 8.38 -80.70
CA PRO E 44 12.98 8.69 -79.47
C PRO E 44 14.32 8.07 -79.33
N LYS E 45 15.24 8.76 -78.63
CA LYS E 45 16.55 8.21 -78.40
C LYS E 45 16.72 8.09 -76.92
N LEU E 46 17.38 6.99 -76.48
CA LEU E 46 17.53 6.75 -75.08
C LEU E 46 18.69 7.53 -74.55
N LEU E 47 18.43 8.45 -73.59
CA LEU E 47 19.46 9.21 -72.92
C LEU E 47 20.08 8.54 -71.73
N ILE E 48 19.22 8.06 -70.79
CA ILE E 48 19.72 7.55 -69.54
C ILE E 48 18.99 6.30 -69.16
N TYR E 49 19.70 5.40 -68.45
CA TYR E 49 19.13 4.17 -68.00
C TYR E 49 19.57 3.95 -66.59
N LYS E 50 18.72 3.26 -65.81
CA LYS E 50 18.97 2.99 -64.42
C LYS E 50 19.11 4.29 -63.70
N ALA E 51 18.33 5.29 -64.10
CA ALA E 51 18.24 6.57 -63.46
C ALA E 51 19.45 7.43 -63.67
N SER E 52 20.68 6.88 -63.86
CA SER E 52 21.77 7.81 -63.96
C SER E 52 22.85 7.32 -64.86
N THR E 53 22.61 6.25 -65.66
CA THR E 53 23.69 5.77 -66.46
C THR E 53 23.52 6.31 -67.85
N LEU E 54 24.58 6.95 -68.38
CA LEU E 54 24.50 7.54 -69.69
C LEU E 54 24.59 6.46 -70.72
N GLU E 55 23.71 6.53 -71.74
CA GLU E 55 23.69 5.56 -72.80
C GLU E 55 24.87 5.86 -73.67
N SER E 56 25.36 4.85 -74.41
CA SER E 56 26.53 5.08 -75.20
C SER E 56 26.24 6.10 -76.26
N GLY E 57 27.20 7.04 -76.44
CA GLY E 57 27.16 7.99 -77.52
C GLY E 57 26.36 9.22 -77.15
N VAL E 58 25.74 9.26 -75.95
CA VAL E 58 24.95 10.40 -75.60
C VAL E 58 25.87 11.45 -75.03
N PRO E 59 25.56 12.71 -75.29
CA PRO E 59 26.40 13.78 -74.83
C PRO E 59 26.44 13.87 -73.33
N SER E 60 27.61 14.24 -72.78
CA SER E 60 27.89 14.30 -71.37
C SER E 60 27.11 15.40 -70.72
N ARG E 61 26.53 16.34 -71.49
CA ARG E 61 25.82 17.45 -70.92
C ARG E 61 24.66 16.93 -70.14
N PHE E 62 24.10 15.81 -70.62
CA PHE E 62 22.95 15.25 -69.97
C PHE E 62 23.37 14.41 -68.80
N SER E 63 22.61 14.50 -67.69
CA SER E 63 22.88 13.67 -66.54
C SER E 63 21.55 13.39 -65.89
N GLY E 64 21.46 12.28 -65.12
CA GLY E 64 20.21 11.97 -64.49
C GLY E 64 20.48 11.48 -63.09
N SER E 65 19.64 11.92 -62.13
CA SER E 65 19.80 11.52 -60.76
C SER E 65 18.44 11.14 -60.24
N GLY E 66 18.40 10.48 -59.06
CA GLY E 66 17.11 10.13 -58.53
C GLY E 66 17.29 9.38 -57.24
N SER E 67 16.25 9.46 -56.37
CA SER E 67 16.23 8.75 -55.14
C SER E 67 14.80 8.69 -54.72
N GLY E 68 14.37 7.55 -54.15
CA GLY E 68 12.99 7.44 -53.77
C GLY E 68 12.19 7.34 -55.03
N THR E 69 11.03 8.02 -55.05
CA THR E 69 10.10 8.15 -56.14
C THR E 69 10.42 9.26 -57.11
N GLU E 70 11.24 10.27 -56.71
CA GLU E 70 11.44 11.42 -57.56
C GLU E 70 12.76 11.35 -58.28
N PHE E 71 12.75 11.69 -59.60
CA PHE E 71 13.96 11.57 -60.37
C PHE E 71 14.15 12.82 -61.17
N THR E 72 15.42 13.19 -61.49
CA THR E 72 15.57 14.39 -62.25
C THR E 72 16.60 14.21 -63.33
N LEU E 73 16.31 14.79 -64.52
CA LEU E 73 17.23 14.80 -65.61
C LEU E 73 17.70 16.22 -65.72
N THR E 74 19.03 16.44 -65.61
CA THR E 74 19.51 17.79 -65.71
C THR E 74 20.34 17.90 -66.95
N ILE E 75 20.29 19.09 -67.60
CA ILE E 75 21.11 19.38 -68.74
C ILE E 75 21.97 20.54 -68.32
N SER E 76 23.28 20.28 -68.12
CA SER E 76 24.19 21.23 -67.53
C SER E 76 24.36 22.46 -68.38
N SER E 77 24.53 22.33 -69.70
CA SER E 77 24.69 23.51 -70.50
C SER E 77 23.84 23.35 -71.71
N LEU E 78 22.69 24.04 -71.74
CA LEU E 78 21.72 23.89 -72.79
C LEU E 78 22.33 24.32 -74.08
N GLN E 79 22.03 23.57 -75.17
CA GLN E 79 22.54 23.88 -76.47
C GLN E 79 21.36 23.93 -77.40
N PRO E 80 21.52 24.52 -78.55
CA PRO E 80 20.44 24.63 -79.47
C PRO E 80 19.97 23.29 -79.97
N ASP E 81 20.86 22.27 -79.98
CA ASP E 81 20.52 20.96 -80.45
C ASP E 81 19.49 20.36 -79.55
N ASP E 82 19.52 20.78 -78.27
CA ASP E 82 18.75 20.23 -77.18
C ASP E 82 17.27 20.39 -77.35
N PHE E 83 16.80 21.27 -78.24
CA PHE E 83 15.37 21.45 -78.41
C PHE E 83 14.72 20.11 -78.65
N ALA E 84 13.69 19.78 -77.82
CA ALA E 84 13.02 18.53 -77.98
C ALA E 84 12.06 18.34 -76.83
N THR E 85 11.38 17.17 -76.84
CA THR E 85 10.53 16.79 -75.76
C THR E 85 11.26 15.70 -75.07
N TYR E 86 11.30 15.71 -73.72
CA TYR E 86 12.02 14.71 -72.99
C TYR E 86 11.02 13.91 -72.20
N TYR E 87 11.20 12.56 -72.18
CA TYR E 87 10.26 11.72 -71.50
C TYR E 87 11.00 10.86 -70.52
N CYS E 88 10.35 10.58 -69.36
CA CYS E 88 10.87 9.66 -68.40
C CYS E 88 10.05 8.42 -68.57
N GLN E 89 10.60 7.25 -68.19
CA GLN E 89 9.84 6.03 -68.28
C GLN E 89 10.24 5.19 -67.12
N GLN E 90 9.31 4.33 -66.62
CA GLN E 90 9.65 3.43 -65.56
C GLN E 90 9.38 2.04 -66.09
N TYR E 91 10.48 1.25 -66.12
CA TYR E 91 10.60 -0.15 -66.41
C TYR E 91 10.43 -1.01 -65.20
N ASN E 92 10.24 -0.40 -64.02
CA ASN E 92 10.15 -1.12 -62.79
C ASN E 92 9.11 -2.19 -62.85
N SER E 93 7.87 -1.86 -63.26
CA SER E 93 6.87 -2.87 -63.28
C SER E 93 5.99 -2.66 -64.48
N TYR E 94 5.23 -3.72 -64.85
CA TYR E 94 4.33 -3.68 -65.96
C TYR E 94 3.01 -3.15 -65.52
N SER E 95 2.34 -2.34 -66.38
CA SER E 95 2.82 -2.03 -67.69
C SER E 95 3.81 -0.90 -67.63
N LEU E 96 4.67 -0.83 -68.66
CA LEU E 96 5.68 0.18 -68.81
C LEU E 96 4.95 1.47 -69.01
N THR E 97 5.45 2.56 -68.40
CA THR E 97 4.75 3.81 -68.58
C THR E 97 5.69 4.94 -68.80
N PHE E 98 5.28 5.91 -69.64
CA PHE E 98 6.04 7.08 -69.97
C PHE E 98 5.36 8.26 -69.36
N GLY E 99 6.13 9.33 -69.08
CA GLY E 99 5.57 10.54 -68.54
C GLY E 99 4.95 11.29 -69.67
N GLY E 100 4.29 12.43 -69.37
CA GLY E 100 3.58 13.24 -70.31
C GLY E 100 4.52 13.82 -71.34
N GLY E 101 5.75 14.17 -70.94
CA GLY E 101 6.71 14.74 -71.85
C GLY E 101 6.88 16.20 -71.53
N THR E 102 8.15 16.67 -71.55
CA THR E 102 8.44 18.05 -71.28
C THR E 102 9.03 18.66 -72.51
N LYS E 103 8.41 19.73 -73.03
CA LYS E 103 8.97 20.31 -74.22
C LYS E 103 9.91 21.40 -73.82
N VAL E 104 11.14 21.34 -74.36
CA VAL E 104 12.13 22.32 -74.03
C VAL E 104 12.25 23.24 -75.21
N GLU E 105 12.41 24.56 -74.98
CA GLU E 105 12.55 25.44 -76.11
C GLU E 105 13.62 26.44 -75.81
N ILE E 106 14.34 26.88 -76.86
CA ILE E 106 15.43 27.81 -76.72
C ILE E 106 14.87 29.19 -76.58
N LYS E 107 15.24 29.86 -75.48
CA LYS E 107 14.79 31.20 -75.22
C LYS E 107 15.64 32.15 -75.98
N ARG E 108 14.99 33.08 -76.73
CA ARG E 108 15.68 34.08 -77.48
C ARG E 108 14.97 35.38 -77.26
N THR E 109 15.49 36.47 -77.86
CA THR E 109 14.90 37.77 -77.67
C THR E 109 13.56 37.78 -78.32
N VAL E 110 12.66 38.66 -77.82
CA VAL E 110 11.31 38.70 -78.32
C VAL E 110 11.34 39.23 -79.72
N ALA E 111 10.48 38.67 -80.60
CA ALA E 111 10.43 39.15 -81.95
C ALA E 111 9.00 39.26 -82.37
N ALA E 112 8.65 40.37 -83.05
CA ALA E 112 7.30 40.60 -83.52
C ALA E 112 7.09 39.87 -84.81
N PRO E 113 5.88 39.43 -85.03
CA PRO E 113 5.57 38.74 -86.26
C PRO E 113 5.25 39.66 -87.39
N SER E 114 5.62 39.28 -88.63
CA SER E 114 5.21 40.03 -89.78
C SER E 114 3.86 39.45 -90.09
N VAL E 115 2.88 40.28 -90.50
CA VAL E 115 1.58 39.71 -90.71
C VAL E 115 1.16 39.92 -92.12
N PHE E 116 0.59 38.86 -92.75
CA PHE E 116 0.13 38.93 -94.10
C PHE E 116 -1.25 38.33 -94.14
N ILE E 117 -2.10 38.79 -95.08
CA ILE E 117 -3.43 38.28 -95.22
C ILE E 117 -3.61 37.86 -96.65
N PHE E 118 -4.25 36.69 -96.90
CA PHE E 118 -4.44 36.23 -98.25
C PHE E 118 -5.89 35.98 -98.50
N PRO E 119 -6.39 36.56 -99.58
CA PRO E 119 -7.77 36.35 -99.97
C PRO E 119 -7.89 35.03 -100.68
N PRO E 120 -9.07 34.48 -100.81
CA PRO E 120 -9.29 33.25 -101.52
C PRO E 120 -9.04 33.44 -102.98
N SER E 121 -8.49 32.39 -103.63
CA SER E 121 -8.20 32.44 -105.03
C SER E 121 -9.49 32.24 -105.75
N ASP E 122 -9.54 32.73 -107.01
CA ASP E 122 -10.71 32.63 -107.84
C ASP E 122 -10.96 31.18 -108.08
N GLU E 123 -9.87 30.39 -108.24
CA GLU E 123 -10.00 29.00 -108.53
C GLU E 123 -10.72 28.32 -107.42
N GLN E 124 -10.39 28.68 -106.17
CA GLN E 124 -10.98 28.03 -105.03
C GLN E 124 -12.46 28.30 -104.96
N LEU E 125 -12.88 29.52 -105.34
CA LEU E 125 -14.26 29.93 -105.20
C LEU E 125 -15.14 28.99 -105.96
N LYS E 126 -14.63 28.45 -107.09
CA LYS E 126 -15.37 27.58 -107.97
C LYS E 126 -15.85 26.43 -107.16
N SER E 127 -15.08 26.03 -106.14
CA SER E 127 -15.56 24.99 -105.28
C SER E 127 -16.67 25.63 -104.48
N GLY E 128 -17.04 25.05 -103.36
CA GLY E 128 -18.04 25.67 -102.55
C GLY E 128 -17.49 26.71 -101.62
N THR E 129 -16.24 26.50 -101.19
CA THR E 129 -15.75 27.22 -100.05
C THR E 129 -14.76 28.28 -100.38
N ALA E 130 -14.57 29.20 -99.41
CA ALA E 130 -13.61 30.24 -99.53
C ALA E 130 -12.71 30.12 -98.33
N SER E 131 -11.39 30.14 -98.56
CA SER E 131 -10.49 29.98 -97.46
C SER E 131 -9.71 31.25 -97.36
N VAL E 132 -9.74 31.90 -96.18
CA VAL E 132 -8.99 33.11 -95.96
C VAL E 132 -7.85 32.73 -95.07
N VAL E 133 -6.61 33.12 -95.45
CA VAL E 133 -5.46 32.72 -94.69
C VAL E 133 -4.76 33.93 -94.14
N CYS E 134 -4.21 33.80 -92.91
CA CYS E 134 -3.49 34.87 -92.26
C CYS E 134 -2.20 34.29 -91.73
N LEU E 135 -1.05 34.80 -92.24
CA LEU E 135 0.23 34.26 -91.87
C LEU E 135 0.89 35.14 -90.86
N LEU E 136 1.38 34.52 -89.77
CA LEU E 136 2.17 35.19 -88.78
C LEU E 136 3.55 34.63 -88.93
N ASN E 137 4.54 35.49 -89.25
CA ASN E 137 5.83 34.97 -89.63
C ASN E 137 6.91 35.37 -88.66
N ASN E 138 7.73 34.37 -88.27
CA ASN E 138 8.93 34.48 -87.47
C ASN E 138 8.79 35.32 -86.23
N PHE E 139 8.05 34.82 -85.22
CA PHE E 139 7.88 35.54 -83.99
C PHE E 139 8.30 34.70 -82.82
N TYR E 140 8.63 35.37 -81.69
CA TYR E 140 8.94 34.70 -80.45
C TYR E 140 8.44 35.60 -79.37
N PRO E 141 7.85 35.14 -78.29
CA PRO E 141 7.59 33.76 -77.97
C PRO E 141 6.46 33.20 -78.77
N ARG E 142 6.19 31.89 -78.57
CA ARG E 142 5.22 31.16 -79.33
C ARG E 142 3.83 31.69 -79.13
N GLU E 143 3.48 32.15 -77.91
CA GLU E 143 2.11 32.56 -77.71
C GLU E 143 1.77 33.71 -78.61
N ALA E 144 0.71 33.54 -79.43
CA ALA E 144 0.26 34.58 -80.31
C ALA E 144 -1.24 34.46 -80.42
N LYS E 145 -1.96 35.60 -80.52
CA LYS E 145 -3.39 35.53 -80.55
C LYS E 145 -3.89 36.04 -81.88
N VAL E 146 -4.88 35.35 -82.48
CA VAL E 146 -5.42 35.79 -83.73
C VAL E 146 -6.91 35.86 -83.63
N GLN E 147 -7.50 37.03 -83.99
CA GLN E 147 -8.93 37.17 -83.99
C GLN E 147 -9.34 37.45 -85.41
N TRP E 148 -10.51 36.93 -85.84
CA TRP E 148 -10.97 37.15 -87.18
C TRP E 148 -12.20 38.01 -87.15
N LYS E 149 -12.28 38.99 -88.09
CA LYS E 149 -13.39 39.89 -88.15
C LYS E 149 -13.89 39.96 -89.57
N VAL E 150 -15.21 39.70 -89.77
CA VAL E 150 -15.79 39.89 -91.07
C VAL E 150 -16.68 41.07 -90.89
N ASP E 151 -16.36 42.19 -91.61
CA ASP E 151 -17.05 43.44 -91.45
C ASP E 151 -17.30 43.72 -90.00
N ASN E 152 -16.17 43.75 -89.25
CA ASN E 152 -16.00 44.00 -87.85
C ASN E 152 -16.90 43.16 -87.01
N ALA E 153 -17.12 41.90 -87.40
CA ALA E 153 -17.90 41.02 -86.57
C ALA E 153 -16.96 39.92 -86.16
N LEU E 154 -16.97 39.55 -84.86
CA LEU E 154 -16.07 38.55 -84.35
C LEU E 154 -16.49 37.22 -84.86
N GLN E 155 -15.53 36.30 -85.06
CA GLN E 155 -15.87 35.06 -85.67
C GLN E 155 -15.58 33.94 -84.69
N SER E 156 -16.40 32.87 -84.73
CA SER E 156 -16.14 31.79 -83.82
C SER E 156 -16.51 30.49 -84.46
N GLY E 157 -15.64 29.47 -84.28
CA GLY E 157 -15.91 28.13 -84.71
C GLY E 157 -15.62 27.95 -86.17
N ASN E 158 -15.09 28.98 -86.87
CA ASN E 158 -14.84 28.79 -88.27
C ASN E 158 -13.37 28.96 -88.51
N SER E 159 -12.52 28.79 -87.48
CA SER E 159 -11.12 29.04 -87.72
C SER E 159 -10.32 27.89 -87.23
N GLN E 160 -9.13 27.71 -87.85
CA GLN E 160 -8.21 26.68 -87.46
C GLN E 160 -6.83 27.27 -87.55
N GLU E 161 -5.92 26.86 -86.65
CA GLU E 161 -4.59 27.43 -86.69
C GLU E 161 -3.56 26.33 -86.58
N SER E 162 -2.34 26.61 -87.11
CA SER E 162 -1.25 25.67 -87.08
C SER E 162 0.00 26.41 -86.73
N VAL E 163 0.91 25.75 -85.99
CA VAL E 163 2.14 26.40 -85.62
C VAL E 163 3.29 25.53 -86.03
N THR E 164 4.37 26.15 -86.51
CA THR E 164 5.54 25.42 -86.93
C THR E 164 6.38 25.13 -85.75
N GLU E 165 7.37 24.23 -85.94
CA GLU E 165 8.31 23.89 -84.92
C GLU E 165 9.28 25.03 -84.86
N GLN E 166 10.02 25.15 -83.74
CA GLN E 166 10.93 26.24 -83.60
C GLN E 166 11.95 26.14 -84.69
N ASP E 167 12.30 27.30 -85.30
CA ASP E 167 13.17 27.37 -86.44
C ASP E 167 14.55 26.96 -86.08
N SER E 168 15.25 26.32 -87.03
CA SER E 168 16.59 25.86 -86.79
C SER E 168 17.47 27.05 -86.55
N LYS E 169 17.56 27.95 -87.55
CA LYS E 169 18.42 29.10 -87.43
C LYS E 169 17.87 30.16 -86.50
N ASP E 170 16.63 30.61 -86.76
CA ASP E 170 15.98 31.72 -86.10
C ASP E 170 15.63 31.44 -84.68
N SER E 171 15.19 30.21 -84.37
CA SER E 171 14.65 29.91 -83.07
C SER E 171 13.35 30.64 -82.92
N THR E 172 12.69 30.97 -84.05
CA THR E 172 11.42 31.65 -84.05
C THR E 172 10.33 30.66 -84.39
N TYR E 173 9.06 31.11 -84.30
CA TYR E 173 7.91 30.30 -84.60
C TYR E 173 7.08 31.02 -85.64
N SER E 174 6.26 30.28 -86.42
CA SER E 174 5.40 30.90 -87.40
C SER E 174 4.03 30.28 -87.26
N LEU E 175 2.97 31.00 -87.68
CA LEU E 175 1.64 30.48 -87.47
C LEU E 175 0.75 30.84 -88.62
N SER E 176 -0.18 29.94 -88.98
CA SER E 176 -1.12 30.16 -90.05
C SER E 176 -2.50 30.01 -89.47
N SER E 177 -3.46 30.89 -89.86
CA SER E 177 -4.80 30.76 -89.36
C SER E 177 -5.70 30.73 -90.55
N THR E 178 -6.64 29.76 -90.62
CA THR E 178 -7.45 29.74 -91.79
C THR E 178 -8.89 29.87 -91.41
N LEU E 179 -9.59 30.82 -92.06
CA LEU E 179 -10.98 31.03 -91.82
C LEU E 179 -11.71 30.46 -92.99
N THR E 180 -12.65 29.52 -92.76
CA THR E 180 -13.30 28.92 -93.89
C THR E 180 -14.74 29.34 -93.91
N LEU E 181 -15.26 29.64 -95.12
CA LEU E 181 -16.62 30.06 -95.25
C LEU E 181 -17.18 29.54 -96.54
N SER E 182 -18.52 29.56 -96.64
CA SER E 182 -19.18 29.16 -97.84
C SER E 182 -18.92 30.25 -98.84
N LYS E 183 -19.08 29.91 -100.13
CA LYS E 183 -18.91 30.87 -101.17
C LYS E 183 -20.00 31.88 -101.00
N ALA E 184 -21.22 31.40 -100.67
CA ALA E 184 -22.35 32.26 -100.53
C ALA E 184 -22.13 33.22 -99.41
N ASP E 185 -21.60 32.74 -98.27
CA ASP E 185 -21.40 33.58 -97.13
C ASP E 185 -20.37 34.62 -97.43
N TYR E 186 -19.30 34.23 -98.14
CA TYR E 186 -18.18 35.08 -98.43
C TYR E 186 -18.61 36.26 -99.24
N GLU E 187 -19.46 36.02 -100.26
CA GLU E 187 -19.94 37.03 -101.17
C GLU E 187 -20.77 38.03 -100.42
N LYS E 188 -21.37 37.60 -99.30
CA LYS E 188 -22.22 38.42 -98.50
C LYS E 188 -21.47 39.60 -97.94
N HIS E 189 -20.18 39.44 -97.55
CA HIS E 189 -19.58 40.54 -96.84
C HIS E 189 -18.35 41.07 -97.51
N LYS E 190 -18.12 42.39 -97.31
CA LYS E 190 -17.07 43.23 -97.82
C LYS E 190 -15.71 43.12 -97.17
N VAL E 191 -15.63 43.21 -95.82
CA VAL E 191 -14.32 43.40 -95.24
C VAL E 191 -13.89 42.20 -94.46
N TYR E 192 -12.68 41.70 -94.75
CA TYR E 192 -12.16 40.59 -94.01
C TYR E 192 -10.90 41.04 -93.35
N ALA E 193 -10.85 40.94 -92.00
CA ALA E 193 -9.71 41.43 -91.27
C ALA E 193 -9.19 40.37 -90.35
N CYS E 194 -7.85 40.40 -90.12
CA CYS E 194 -7.14 39.50 -89.25
C CYS E 194 -6.45 40.35 -88.22
N GLU E 195 -6.79 40.17 -86.92
CA GLU E 195 -6.19 40.98 -85.88
C GLU E 195 -5.22 40.15 -85.09
N VAL E 196 -4.02 40.69 -84.82
CA VAL E 196 -3.04 39.90 -84.13
C VAL E 196 -2.51 40.64 -82.94
N THR E 197 -2.34 39.90 -81.81
CA THR E 197 -1.80 40.45 -80.59
C THR E 197 -0.63 39.60 -80.23
N HIS E 198 0.47 40.22 -79.76
CA HIS E 198 1.65 39.48 -79.41
C HIS E 198 2.45 40.32 -78.46
N GLN E 199 3.38 39.69 -77.71
CA GLN E 199 4.19 40.38 -76.73
C GLN E 199 5.01 41.41 -77.43
N GLY E 200 5.46 41.07 -78.65
CA GLY E 200 6.31 41.87 -79.48
C GLY E 200 5.64 43.13 -79.93
N LEU E 201 4.29 43.17 -79.99
CA LEU E 201 3.62 44.31 -80.56
C LEU E 201 3.15 45.26 -79.49
N SER E 202 3.45 46.56 -79.70
CA SER E 202 3.02 47.63 -78.83
C SER E 202 1.58 47.95 -79.10
N SER E 203 1.14 47.76 -80.37
CA SER E 203 -0.21 48.05 -80.73
C SER E 203 -0.66 46.90 -81.60
N PRO E 204 -1.94 46.72 -81.74
CA PRO E 204 -2.38 45.59 -82.52
C PRO E 204 -2.15 45.77 -83.99
N VAL E 205 -1.79 44.67 -84.69
CA VAL E 205 -1.60 44.74 -86.11
C VAL E 205 -2.79 44.11 -86.73
N THR E 206 -3.42 44.84 -87.66
CA THR E 206 -4.55 44.28 -88.34
C THR E 206 -4.30 44.42 -89.80
N LYS E 207 -4.47 43.32 -90.56
CA LYS E 207 -4.31 43.38 -91.98
C LYS E 207 -5.66 43.07 -92.53
N SER E 208 -6.11 43.82 -93.57
CA SER E 208 -7.43 43.56 -94.08
C SER E 208 -7.45 43.76 -95.55
N PHE E 209 -8.60 43.41 -96.18
CA PHE E 209 -8.78 43.62 -97.59
C PHE E 209 -10.25 43.74 -97.87
N ASN E 210 -10.60 44.32 -99.02
CA ASN E 210 -11.99 44.47 -99.43
C ASN E 210 -12.24 43.42 -100.46
N ARG E 211 -13.47 42.85 -100.45
CA ARG E 211 -13.77 41.72 -101.26
C ARG E 211 -13.64 41.96 -102.73
N GLY E 212 -14.29 43.00 -103.29
CA GLY E 212 -14.20 43.19 -104.70
C GLY E 212 -12.86 43.72 -105.09
N GLU E 213 -12.34 44.67 -104.29
CA GLU E 213 -11.13 45.34 -104.66
C GLU E 213 -9.95 44.42 -104.51
N GLU F 1 62.02 -2.09 69.35
CA GLU F 1 62.11 -0.83 68.57
C GLU F 1 62.39 -1.13 67.14
N VAL F 2 61.40 -0.94 66.25
CA VAL F 2 61.70 -1.15 64.87
C VAL F 2 62.54 0.04 64.48
N GLN F 3 63.70 -0.21 63.86
CA GLN F 3 64.56 0.90 63.57
C GLN F 3 65.19 0.68 62.22
N LEU F 4 65.56 1.79 61.55
CA LEU F 4 66.26 1.72 60.29
C LEU F 4 67.25 2.83 60.33
N VAL F 5 68.55 2.50 60.20
CA VAL F 5 69.58 3.51 60.25
C VAL F 5 70.25 3.48 58.91
N GLU F 6 70.39 4.66 58.28
CA GLU F 6 70.98 4.74 56.98
C GLU F 6 72.36 5.27 57.15
N SER F 7 73.28 4.81 56.27
CA SER F 7 74.64 5.28 56.34
C SER F 7 75.12 5.41 54.94
N GLY F 8 76.22 6.16 54.73
CA GLY F 8 76.80 6.25 53.42
C GLY F 8 76.55 7.57 52.71
N GLY F 9 75.85 8.55 53.30
CA GLY F 9 75.64 9.78 52.58
C GLY F 9 76.95 10.50 52.53
N GLY F 10 77.06 11.53 51.65
CA GLY F 10 78.29 12.26 51.60
C GLY F 10 78.27 13.17 50.40
N LEU F 11 79.45 13.73 50.08
CA LEU F 11 79.57 14.60 48.95
C LEU F 11 80.12 13.74 47.85
N VAL F 12 79.55 13.86 46.64
CA VAL F 12 80.03 13.05 45.57
C VAL F 12 80.01 13.88 44.33
N GLN F 13 81.03 13.68 43.48
CA GLN F 13 81.15 14.38 42.23
C GLN F 13 80.30 13.67 41.23
N PRO F 14 80.01 14.35 40.16
CA PRO F 14 79.19 13.77 39.13
C PRO F 14 79.91 12.60 38.52
N GLY F 15 79.19 11.51 38.22
CA GLY F 15 79.78 10.36 37.59
C GLY F 15 80.13 9.37 38.66
N GLY F 16 80.20 9.82 39.91
CA GLY F 16 80.61 8.96 40.98
C GLY F 16 79.51 8.04 41.37
N SER F 17 79.83 7.16 42.34
CA SER F 17 78.93 6.17 42.82
C SER F 17 79.04 6.16 44.32
N LEU F 18 77.95 5.73 45.01
CA LEU F 18 78.00 5.58 46.44
C LEU F 18 77.15 4.40 46.72
N ARG F 19 77.27 3.83 47.91
CA ARG F 19 76.30 2.85 48.23
C ARG F 19 75.81 3.18 49.60
N LEU F 20 74.49 3.37 49.74
CA LEU F 20 73.99 3.64 51.04
C LEU F 20 73.53 2.32 51.58
N SER F 21 73.43 2.22 52.91
CA SER F 21 72.98 0.99 53.50
C SER F 21 72.02 1.33 54.59
N CYS F 22 71.09 0.39 54.88
CA CYS F 22 70.12 0.61 55.90
C CYS F 22 70.06 -0.64 56.73
N ALA F 23 70.39 -0.52 58.03
CA ALA F 23 70.38 -1.68 58.89
C ALA F 23 69.06 -1.71 59.59
N ALA F 24 68.37 -2.86 59.56
CA ALA F 24 67.05 -2.93 60.12
C ALA F 24 67.05 -3.80 61.34
N SER F 25 66.11 -3.53 62.27
CA SER F 25 65.99 -4.33 63.45
C SER F 25 64.59 -4.18 63.98
N GLY F 26 64.14 -5.17 64.79
CA GLY F 26 62.85 -5.08 65.40
C GLY F 26 61.81 -5.88 64.66
N PHE F 27 62.16 -6.48 63.50
CA PHE F 27 61.16 -7.26 62.83
C PHE F 27 61.82 -8.31 62.00
N THR F 28 61.01 -9.23 61.41
CA THR F 28 61.58 -10.25 60.58
C THR F 28 61.84 -9.62 59.25
N PHE F 29 63.11 -9.30 59.03
CA PHE F 29 63.57 -8.59 57.87
C PHE F 29 63.30 -9.36 56.62
N SER F 30 63.51 -10.68 56.65
CA SER F 30 63.44 -11.49 55.47
C SER F 30 62.06 -11.50 54.87
N SER F 31 61.02 -11.30 55.70
CA SER F 31 59.65 -11.40 55.28
C SER F 31 59.09 -10.16 54.65
N TYR F 32 59.84 -9.04 54.54
CA TYR F 32 59.18 -7.85 54.06
C TYR F 32 59.89 -7.23 52.89
N TRP F 33 59.13 -6.47 52.08
CA TRP F 33 59.67 -5.73 50.98
C TRP F 33 60.31 -4.52 51.62
N MET F 34 61.44 -4.02 51.07
CA MET F 34 62.04 -2.81 51.58
C MET F 34 62.10 -1.88 50.41
N ASN F 35 61.93 -0.56 50.65
CA ASN F 35 61.97 0.39 49.57
C ASN F 35 62.91 1.48 49.97
N TRP F 36 63.31 2.33 48.99
CA TRP F 36 64.12 3.49 49.24
C TRP F 36 63.37 4.63 48.61
N VAL F 37 63.14 5.70 49.39
CA VAL F 37 62.42 6.84 48.90
C VAL F 37 63.31 8.01 49.10
N ARG F 38 63.23 9.04 48.23
CA ARG F 38 64.13 10.13 48.47
C ARG F 38 63.35 11.40 48.50
N GLN F 39 63.84 12.37 49.28
CA GLN F 39 63.22 13.65 49.28
C GLN F 39 64.29 14.60 48.85
N ALA F 40 64.11 15.22 47.68
CA ALA F 40 65.07 16.20 47.27
C ALA F 40 64.42 17.48 47.64
N PRO F 41 65.10 18.26 48.41
CA PRO F 41 64.54 19.45 48.99
C PRO F 41 63.67 20.32 48.16
N GLY F 42 64.08 20.92 47.02
CA GLY F 42 63.14 21.79 46.36
C GLY F 42 61.96 20.98 45.94
N LYS F 43 62.24 19.77 45.40
CA LYS F 43 61.21 18.89 44.94
C LYS F 43 60.65 18.16 46.12
N GLY F 44 59.83 17.13 45.85
CA GLY F 44 59.22 16.44 46.94
C GLY F 44 59.80 15.09 47.14
N LEU F 45 58.97 14.23 47.77
CA LEU F 45 59.30 12.88 48.04
C LEU F 45 59.13 12.14 46.75
N GLU F 46 60.04 11.17 46.49
CA GLU F 46 59.97 10.39 45.30
C GLU F 46 60.33 8.98 45.66
N TRP F 47 59.66 7.99 45.03
CA TRP F 47 59.90 6.60 45.29
C TRP F 47 60.97 6.15 44.33
N VAL F 48 62.12 5.72 44.88
CA VAL F 48 63.24 5.27 44.09
C VAL F 48 63.23 3.83 43.64
N ALA F 49 63.08 2.87 44.58
CA ALA F 49 63.24 1.48 44.23
C ALA F 49 62.62 0.59 45.26
N ASN F 50 62.30 -0.67 44.88
CA ASN F 50 61.65 -1.62 45.76
C ASN F 50 62.21 -3.00 45.50
N ILE F 51 62.23 -3.86 46.54
CA ILE F 51 62.67 -5.23 46.40
C ILE F 51 61.69 -6.14 47.07
N ASN F 52 61.39 -7.29 46.45
CA ASN F 52 60.46 -8.27 46.95
C ASN F 52 61.09 -8.94 48.14
N GLN F 53 60.29 -9.71 48.91
CA GLN F 53 60.81 -10.36 50.10
C GLN F 53 61.88 -11.33 49.73
N ASP F 54 61.71 -12.03 48.59
CA ASP F 54 62.65 -13.03 48.13
C ASP F 54 63.92 -12.39 47.66
N GLY F 55 63.88 -11.10 47.27
CA GLY F 55 65.08 -10.42 46.90
C GLY F 55 65.28 -10.48 45.41
N GLY F 56 64.51 -11.35 44.71
CA GLY F 56 64.65 -11.41 43.28
C GLY F 56 64.01 -10.25 42.55
N GLU F 57 62.71 -10.00 42.83
CA GLU F 57 61.98 -9.00 42.08
C GLU F 57 62.44 -7.65 42.51
N LYS F 58 62.84 -6.79 41.55
CA LYS F 58 63.31 -5.49 41.91
C LYS F 58 62.72 -4.49 40.95
N TYR F 59 62.27 -3.34 41.47
CA TYR F 59 61.68 -2.33 40.63
C TYR F 59 62.34 -1.02 40.86
N TYR F 60 62.39 -0.17 39.81
CA TYR F 60 63.05 1.11 39.94
C TYR F 60 62.29 2.14 39.18
N VAL F 61 62.52 3.43 39.54
CA VAL F 61 61.94 4.53 38.82
C VAL F 61 62.80 4.67 37.59
N ASP F 62 62.24 5.22 36.51
CA ASP F 62 62.90 5.25 35.23
C ASP F 62 64.20 6.01 35.26
N SER F 63 64.28 7.11 36.03
CA SER F 63 65.43 7.99 35.99
C SER F 63 66.68 7.27 36.40
N VAL F 64 66.58 6.40 37.42
CA VAL F 64 67.63 5.63 38.05
C VAL F 64 67.97 4.31 37.41
N ARG F 65 67.19 3.81 36.44
CA ARG F 65 67.25 2.41 36.06
C ARG F 65 68.61 1.81 35.81
N GLY F 66 69.48 2.38 34.98
CA GLY F 66 70.76 1.71 34.81
C GLY F 66 71.66 1.89 35.98
N ARG F 67 71.59 3.10 36.57
CA ARG F 67 72.42 3.68 37.59
C ARG F 67 72.33 3.06 38.95
N PHE F 68 71.11 2.70 39.43
CA PHE F 68 70.98 2.29 40.79
C PHE F 68 70.60 0.84 40.85
N THR F 69 71.09 0.14 41.89
CA THR F 69 70.73 -1.23 42.11
C THR F 69 70.45 -1.33 43.58
N ILE F 70 69.32 -1.95 43.95
CA ILE F 70 68.94 -2.13 45.32
C ILE F 70 69.18 -3.58 45.59
N SER F 71 69.64 -3.92 46.81
CA SER F 71 69.94 -5.28 47.15
C SER F 71 69.81 -5.40 48.63
N ARG F 72 69.90 -6.64 49.16
CA ARG F 72 69.74 -6.81 50.58
C ARG F 72 70.44 -8.06 51.00
N ASP F 73 70.86 -8.10 52.29
CA ASP F 73 71.51 -9.24 52.88
C ASP F 73 70.71 -9.54 54.12
N ASN F 74 69.81 -10.54 54.07
CA ASN F 74 68.91 -10.83 55.15
C ASN F 74 69.66 -11.26 56.38
N ALA F 75 70.71 -12.09 56.22
CA ALA F 75 71.46 -12.58 57.35
C ALA F 75 72.06 -11.39 58.02
N LYS F 76 72.50 -10.43 57.19
CA LYS F 76 73.08 -9.18 57.59
C LYS F 76 72.00 -8.27 58.13
N ASN F 77 70.73 -8.47 57.72
CA ASN F 77 69.67 -7.57 58.10
C ASN F 77 70.00 -6.22 57.56
N SER F 78 70.55 -6.16 56.33
CA SER F 78 70.90 -4.89 55.77
C SER F 78 70.35 -4.79 54.37
N LEU F 79 70.00 -3.55 53.96
CA LEU F 79 69.49 -3.25 52.66
C LEU F 79 70.48 -2.30 52.07
N TYR F 80 70.69 -2.33 50.73
CA TYR F 80 71.68 -1.45 50.18
C TYR F 80 71.14 -0.83 48.94
N LEU F 81 71.74 0.31 48.56
CA LEU F 81 71.40 0.92 47.32
C LEU F 81 72.69 1.43 46.75
N GLN F 82 73.15 0.83 45.65
CA GLN F 82 74.39 1.25 45.03
C GLN F 82 74.01 2.18 43.92
N MET F 83 74.69 3.34 43.82
CA MET F 83 74.31 4.29 42.83
C MET F 83 75.46 4.50 41.92
N ASN F 84 75.17 4.83 40.64
CA ASN F 84 76.22 5.03 39.68
C ASN F 84 75.85 6.22 38.84
N SER F 85 76.85 6.81 38.16
CA SER F 85 76.64 7.91 37.25
C SER F 85 75.83 8.97 37.93
N LEU F 86 76.20 9.33 39.17
CA LEU F 86 75.48 10.31 39.93
C LEU F 86 75.40 11.59 39.18
N ARG F 87 74.23 12.23 39.29
CA ARG F 87 74.00 13.50 38.67
C ARG F 87 73.70 14.46 39.77
N ALA F 88 73.78 15.76 39.46
CA ALA F 88 73.55 16.77 40.45
C ALA F 88 72.16 16.58 41.00
N GLU F 89 71.22 16.13 40.15
CA GLU F 89 69.81 15.95 40.40
C GLU F 89 69.51 14.92 41.45
N ASP F 90 70.39 13.92 41.64
CA ASP F 90 70.19 12.84 42.59
C ASP F 90 70.39 13.32 44.00
N THR F 91 70.83 14.58 44.20
CA THR F 91 71.04 15.05 45.53
C THR F 91 69.72 15.01 46.23
N ALA F 92 69.70 14.40 47.43
CA ALA F 92 68.48 14.27 48.14
C ALA F 92 68.77 13.57 49.42
N VAL F 93 67.73 13.45 50.28
CA VAL F 93 67.89 12.68 51.47
C VAL F 93 67.21 11.37 51.19
N TYR F 94 67.93 10.26 51.44
CA TYR F 94 67.42 8.97 51.09
C TYR F 94 66.97 8.29 52.33
N TYR F 95 65.73 7.77 52.29
CA TYR F 95 65.17 7.14 53.43
C TYR F 95 64.90 5.73 53.06
N CYS F 96 65.16 4.79 53.98
CA CYS F 96 64.81 3.41 53.77
C CYS F 96 63.55 3.22 54.55
N ALA F 97 62.52 2.65 53.89
CA ALA F 97 61.26 2.49 54.57
C ALA F 97 60.80 1.10 54.31
N ARG F 98 60.02 0.54 55.24
CA ARG F 98 59.53 -0.80 55.09
C ARG F 98 58.22 -0.69 54.37
N ASP F 99 58.07 -1.40 53.25
CA ASP F 99 56.90 -1.21 52.44
C ASP F 99 55.87 -2.27 52.76
N PRO F 100 54.67 -2.11 52.24
CA PRO F 100 53.64 -3.10 52.36
C PRO F 100 53.79 -4.06 51.23
N TYR F 101 52.99 -5.14 51.23
CA TYR F 101 53.01 -6.12 50.18
C TYR F 101 52.14 -5.61 49.07
N ASP F 102 52.64 -5.66 47.82
CA ASP F 102 51.93 -5.17 46.66
C ASP F 102 50.69 -5.99 46.45
N LEU F 103 50.73 -7.26 46.91
CA LEU F 103 49.69 -8.24 46.70
C LEU F 103 48.42 -7.71 47.29
N TYR F 104 48.54 -6.90 48.37
CA TYR F 104 47.39 -6.39 49.04
C TYR F 104 46.60 -5.57 48.08
N GLY F 105 47.28 -4.87 47.15
CA GLY F 105 46.59 -4.23 46.08
C GLY F 105 45.69 -3.31 46.65
N ASP F 106 44.39 -3.35 46.30
CA ASP F 106 43.55 -2.21 46.47
C ASP F 106 43.62 -1.73 47.88
N TYR F 107 43.93 -2.64 48.83
CA TYR F 107 44.13 -2.24 50.19
C TYR F 107 45.62 -2.18 50.44
N GLY F 108 46.35 -1.16 49.94
CA GLY F 108 47.76 -1.11 50.24
C GLY F 108 47.86 -0.19 51.42
N GLY F 109 48.65 -0.54 52.43
CA GLY F 109 48.82 0.27 53.60
C GLY F 109 49.82 1.38 53.49
N THR F 110 50.83 1.23 52.62
CA THR F 110 51.93 2.13 52.42
C THR F 110 53.04 1.86 53.39
N PHE F 111 54.06 2.76 53.42
CA PHE F 111 55.28 2.53 54.17
C PHE F 111 55.10 2.88 55.62
N ASP F 112 55.10 1.83 56.46
CA ASP F 112 54.92 1.83 57.89
C ASP F 112 56.08 2.42 58.66
N TYR F 113 57.34 2.03 58.33
CA TYR F 113 58.45 2.48 59.14
C TYR F 113 59.43 3.18 58.25
N TRP F 114 60.08 4.24 58.78
CA TRP F 114 61.02 5.00 58.00
C TRP F 114 62.27 5.24 58.80
N GLY F 115 63.41 5.39 58.10
CA GLY F 115 64.68 5.69 58.73
C GLY F 115 64.83 7.18 58.71
N GLN F 116 65.88 7.68 59.41
CA GLN F 116 66.18 9.08 59.58
C GLN F 116 66.60 9.72 58.30
N GLY F 117 67.33 8.99 57.43
CA GLY F 117 67.73 9.57 56.18
C GLY F 117 69.23 9.74 56.13
N THR F 118 69.79 9.60 54.92
CA THR F 118 71.19 9.83 54.63
C THR F 118 71.20 10.87 53.56
N LEU F 119 72.05 11.89 53.71
CA LEU F 119 72.05 12.98 52.76
C LEU F 119 73.20 12.76 51.84
N VAL F 120 72.92 12.74 50.51
CA VAL F 120 73.97 12.64 49.54
C VAL F 120 73.92 13.86 48.70
N THR F 121 75.10 14.49 48.50
CA THR F 121 75.17 15.69 47.73
C THR F 121 76.04 15.43 46.54
N VAL F 122 75.55 15.79 45.34
CA VAL F 122 76.32 15.62 44.15
C VAL F 122 76.65 17.00 43.66
N SER F 123 77.95 17.36 43.74
CA SER F 123 78.37 18.66 43.30
C SER F 123 79.84 18.59 43.02
N SER F 124 80.31 19.48 42.13
CA SER F 124 81.69 19.53 41.76
C SER F 124 82.53 20.12 42.86
N ALA F 125 81.91 20.89 43.79
CA ALA F 125 82.66 21.60 44.79
C ALA F 125 83.30 20.65 45.75
N SER F 126 84.48 21.06 46.28
CA SER F 126 85.20 20.26 47.23
C SER F 126 84.78 20.66 48.61
N THR F 127 85.15 19.83 49.61
CA THR F 127 84.78 20.14 50.97
C THR F 127 85.58 21.34 51.38
N LYS F 128 84.96 22.25 52.16
CA LYS F 128 85.63 23.44 52.58
C LYS F 128 85.04 23.92 53.87
N GLY F 129 85.90 24.34 54.83
CA GLY F 129 85.44 24.82 56.11
C GLY F 129 84.92 26.22 55.96
N PRO F 130 84.03 26.57 56.86
CA PRO F 130 83.37 27.85 56.84
C PRO F 130 84.16 28.99 57.42
N SER F 131 83.86 30.22 56.97
CA SER F 131 84.44 31.39 57.56
C SER F 131 83.38 31.89 58.50
N VAL F 132 83.76 32.36 59.70
CA VAL F 132 82.75 32.79 60.62
C VAL F 132 82.98 34.24 60.94
N PHE F 133 81.98 35.10 60.65
CA PHE F 133 82.16 36.51 60.89
C PHE F 133 81.11 36.95 61.85
N PRO F 134 81.43 37.87 62.73
CA PRO F 134 80.47 38.31 63.70
C PRO F 134 79.47 39.29 63.16
N LEU F 135 78.20 39.19 63.62
CA LEU F 135 77.23 40.19 63.27
C LEU F 135 77.06 41.00 64.51
N ALA F 136 77.77 42.14 64.61
CA ALA F 136 77.78 42.93 65.82
C ALA F 136 76.49 43.66 65.97
N PRO F 137 76.11 43.85 67.21
CA PRO F 137 74.87 44.51 67.50
C PRO F 137 74.81 45.94 67.09
N SER F 138 73.85 46.29 66.22
CA SER F 138 73.74 47.65 65.79
C SER F 138 72.30 48.00 65.89
N SER F 139 71.98 49.06 66.65
CA SER F 139 70.61 49.46 66.74
C SER F 139 70.60 50.93 66.95
N LYS F 140 69.61 51.63 66.37
CA LYS F 140 69.53 53.03 66.64
C LYS F 140 68.33 53.18 67.51
N SER F 141 68.53 52.90 68.81
CA SER F 141 67.47 52.98 69.76
C SER F 141 68.13 53.09 71.08
N THR F 142 67.33 53.34 72.14
CA THR F 142 67.90 53.47 73.44
C THR F 142 68.25 52.09 73.91
N SER F 143 69.17 52.00 74.87
CA SER F 143 69.56 50.73 75.39
C SER F 143 68.46 50.28 76.29
N GLY F 144 68.53 49.01 76.72
CA GLY F 144 67.51 48.47 77.57
C GLY F 144 66.53 47.83 76.67
N GLY F 145 66.57 48.24 75.38
CA GLY F 145 65.71 47.65 74.41
C GLY F 145 66.41 46.39 74.02
N THR F 146 65.79 45.58 73.15
CA THR F 146 66.46 44.38 72.79
C THR F 146 67.44 44.62 71.69
N ALA F 147 68.50 43.80 71.66
CA ALA F 147 69.51 43.91 70.65
C ALA F 147 69.63 42.57 70.00
N ALA F 148 70.09 42.55 68.73
CA ALA F 148 70.23 41.30 68.03
C ALA F 148 71.66 41.15 67.63
N LEU F 149 72.20 39.92 67.75
CA LEU F 149 73.57 39.67 67.39
C LEU F 149 73.63 38.31 66.74
N GLY F 150 74.80 37.94 66.17
CA GLY F 150 74.84 36.63 65.58
C GLY F 150 76.14 36.41 64.87
N CYS F 151 76.23 35.26 64.17
CA CYS F 151 77.41 34.90 63.45
C CYS F 151 77.07 34.61 62.03
N LEU F 152 77.97 34.98 61.10
CA LEU F 152 77.77 34.70 59.71
C LEU F 152 78.70 33.57 59.38
N VAL F 153 78.11 32.39 59.05
CA VAL F 153 78.92 31.25 58.70
C VAL F 153 78.89 31.17 57.21
N LYS F 154 80.06 31.40 56.57
CA LYS F 154 80.00 31.50 55.14
C LYS F 154 80.98 30.60 54.46
N ASP F 155 80.67 30.30 53.17
CA ASP F 155 81.50 29.54 52.26
C ASP F 155 81.91 28.20 52.77
N TYR F 156 80.96 27.32 53.15
CA TYR F 156 81.35 26.00 53.57
C TYR F 156 80.63 24.98 52.73
N PHE F 157 81.22 23.78 52.58
CA PHE F 157 80.59 22.74 51.80
C PHE F 157 81.13 21.43 52.31
N PRO F 158 80.34 20.38 52.38
CA PRO F 158 78.93 20.40 52.09
C PRO F 158 78.17 20.59 53.36
N GLU F 159 76.83 20.50 53.32
CA GLU F 159 76.06 20.54 54.53
C GLU F 159 76.35 19.25 55.21
N PRO F 160 76.06 19.06 56.48
CA PRO F 160 75.47 20.08 57.33
C PRO F 160 76.48 20.84 58.13
N VAL F 161 76.01 21.82 58.92
CA VAL F 161 76.84 22.57 59.84
C VAL F 161 76.10 22.62 61.14
N THR F 162 76.83 22.71 62.27
CA THR F 162 76.19 22.74 63.56
C THR F 162 76.45 24.06 64.21
N VAL F 163 75.38 24.71 64.72
CA VAL F 163 75.56 25.99 65.35
C VAL F 163 74.93 25.97 66.71
N SER F 164 75.70 26.38 67.75
CA SER F 164 75.22 26.44 69.10
C SER F 164 75.71 27.72 69.69
N TRP F 165 75.08 28.17 70.79
CA TRP F 165 75.49 29.39 71.42
C TRP F 165 75.80 29.08 72.85
N ASN F 166 76.98 29.56 73.31
CA ASN F 166 77.41 29.38 74.66
C ASN F 166 77.40 27.93 75.00
N SER F 167 77.74 27.07 74.03
CA SER F 167 77.81 25.66 74.24
C SER F 167 76.48 25.11 74.68
N GLY F 168 75.37 25.65 74.13
CA GLY F 168 74.08 25.09 74.42
C GLY F 168 73.48 25.81 75.60
N ALA F 169 74.25 26.72 76.21
CA ALA F 169 73.82 27.48 77.34
C ALA F 169 72.71 28.41 76.92
N LEU F 170 72.75 28.94 75.68
CA LEU F 170 71.78 29.93 75.29
C LEU F 170 70.92 29.43 74.15
N THR F 171 69.71 28.93 74.48
CA THR F 171 68.69 28.48 73.54
C THR F 171 67.67 29.50 73.12
N SER F 172 67.13 30.29 74.07
CA SER F 172 65.96 31.09 73.78
C SER F 172 66.28 32.23 72.88
N GLY F 173 65.39 32.48 71.90
CA GLY F 173 65.53 33.59 71.00
C GLY F 173 66.58 33.30 69.98
N VAL F 174 66.94 32.02 69.78
CA VAL F 174 67.97 31.74 68.82
C VAL F 174 67.36 31.28 67.55
N HIS F 175 67.81 31.87 66.42
CA HIS F 175 67.33 31.45 65.14
C HIS F 175 68.51 31.14 64.27
N THR F 176 68.70 29.85 63.92
CA THR F 176 69.74 29.58 62.99
C THR F 176 69.05 29.25 61.70
N PHE F 177 69.23 30.12 60.69
CA PHE F 177 68.54 30.01 59.44
C PHE F 177 69.09 28.88 58.64
N PRO F 178 68.24 28.32 57.82
CA PRO F 178 68.59 27.26 56.92
C PRO F 178 69.59 27.83 55.96
N ALA F 179 70.55 27.01 55.50
CA ALA F 179 71.58 27.51 54.62
C ALA F 179 71.03 27.68 53.24
N VAL F 180 71.63 28.60 52.47
CA VAL F 180 71.23 28.82 51.11
C VAL F 180 72.41 28.49 50.24
N LEU F 181 72.15 27.89 49.06
CA LEU F 181 73.24 27.58 48.20
C LEU F 181 73.49 28.81 47.40
N GLN F 182 74.71 29.37 47.53
CA GLN F 182 75.03 30.60 46.87
C GLN F 182 75.47 30.35 45.46
N SER F 183 75.66 31.45 44.70
CA SER F 183 76.00 31.36 43.31
C SER F 183 77.29 30.62 43.17
N SER F 184 78.18 30.73 44.17
CA SER F 184 79.47 30.10 44.16
C SER F 184 79.28 28.62 44.14
N GLY F 185 78.19 28.15 44.76
CA GLY F 185 77.99 26.73 44.88
C GLY F 185 78.33 26.36 46.28
N LEU F 186 78.82 27.34 47.08
CA LEU F 186 79.12 27.12 48.47
C LEU F 186 77.91 27.45 49.29
N TYR F 187 77.85 26.98 50.55
CA TYR F 187 76.72 27.21 51.42
C TYR F 187 77.01 28.32 52.39
N SER F 188 75.99 29.15 52.69
CA SER F 188 76.18 30.19 53.67
C SER F 188 74.95 30.27 54.53
N LEU F 189 75.12 30.67 55.81
CA LEU F 189 74.00 30.83 56.71
C LEU F 189 74.37 31.75 57.83
N SER F 190 73.35 32.19 58.60
CA SER F 190 73.62 33.04 59.72
C SER F 190 72.80 32.55 60.88
N SER F 191 73.32 32.76 62.11
CA SER F 191 72.60 32.38 63.29
C SER F 191 72.46 33.64 64.08
N VAL F 192 71.25 33.91 64.61
CA VAL F 192 71.06 35.14 65.34
C VAL F 192 70.38 34.85 66.62
N VAL F 193 70.50 35.79 67.58
CA VAL F 193 69.79 35.67 68.83
C VAL F 193 69.49 37.06 69.27
N THR F 194 68.35 37.24 69.98
CA THR F 194 67.97 38.52 70.45
C THR F 194 68.20 38.50 71.94
N VAL F 195 68.82 39.58 72.47
CA VAL F 195 69.13 39.65 73.87
C VAL F 195 68.89 41.06 74.33
N PRO F 196 68.88 41.26 75.62
CA PRO F 196 68.69 42.59 76.15
C PRO F 196 69.91 43.41 75.89
N SER F 197 69.75 44.73 75.68
CA SER F 197 70.87 45.58 75.40
C SER F 197 71.75 45.64 76.60
N SER F 198 71.17 45.45 77.79
CA SER F 198 71.88 45.54 79.02
C SER F 198 72.90 44.45 79.08
N SER F 199 72.59 43.30 78.46
CA SER F 199 73.43 42.14 78.51
C SER F 199 74.70 42.37 77.76
N LEU F 200 74.74 43.35 76.84
CA LEU F 200 75.96 43.51 76.12
C LEU F 200 77.02 44.01 77.06
N GLY F 201 78.16 43.30 77.08
CA GLY F 201 79.29 43.65 77.88
C GLY F 201 79.32 42.76 79.09
N THR F 202 78.15 42.64 79.75
CA THR F 202 78.04 41.82 80.93
C THR F 202 78.08 40.37 80.55
N GLN F 203 77.38 40.00 79.46
CA GLN F 203 77.26 38.62 79.13
C GLN F 203 78.12 38.27 77.96
N THR F 204 78.76 37.09 78.02
CA THR F 204 79.58 36.65 76.95
C THR F 204 78.73 35.90 75.97
N TYR F 205 78.93 36.14 74.67
CA TYR F 205 78.19 35.44 73.66
C TYR F 205 79.17 34.81 72.73
N ILE F 206 79.19 33.46 72.70
CA ILE F 206 80.12 32.74 71.87
C ILE F 206 79.32 31.93 70.90
N CYS F 207 79.62 32.04 69.58
CA CYS F 207 78.90 31.21 68.66
C CYS F 207 79.77 30.04 68.35
N ASN F 208 79.19 28.82 68.47
CA ASN F 208 79.95 27.63 68.29
C ASN F 208 79.61 27.06 66.95
N VAL F 209 80.61 26.93 66.06
CA VAL F 209 80.33 26.40 64.75
C VAL F 209 81.10 25.13 64.58
N ASN F 210 80.40 24.05 64.17
CA ASN F 210 81.04 22.79 63.99
C ASN F 210 80.66 22.26 62.65
N HIS F 211 81.65 22.08 61.74
CA HIS F 211 81.38 21.56 60.43
C HIS F 211 82.14 20.28 60.29
N LYS F 212 81.41 19.16 60.45
CA LYS F 212 81.98 17.84 60.51
C LYS F 212 82.65 17.43 59.24
N PRO F 213 82.11 17.70 58.08
CA PRO F 213 82.79 17.25 56.89
C PRO F 213 84.18 17.80 56.77
N SER F 214 84.36 19.12 57.03
CA SER F 214 85.65 19.77 56.98
C SER F 214 86.41 19.44 58.23
N ASN F 215 85.72 18.89 59.24
CA ASN F 215 86.35 18.57 60.49
C ASN F 215 86.87 19.83 61.14
N THR F 216 86.13 20.96 61.01
CA THR F 216 86.61 22.18 61.60
C THR F 216 85.66 22.59 62.69
N LYS F 217 86.19 23.30 63.72
CA LYS F 217 85.36 23.72 64.81
C LYS F 217 85.73 25.16 65.06
N VAL F 218 84.74 26.05 65.30
CA VAL F 218 85.10 27.44 65.50
C VAL F 218 84.31 28.01 66.62
N ASP F 219 84.96 28.89 67.43
CA ASP F 219 84.28 29.58 68.49
C ASP F 219 84.53 31.04 68.28
N LYS F 220 83.48 31.81 67.93
CA LYS F 220 83.69 33.20 67.67
C LYS F 220 82.98 33.96 68.75
N ARG F 221 83.68 34.96 69.33
CA ARG F 221 83.07 35.78 70.34
C ARG F 221 82.47 36.94 69.63
N VAL F 222 81.19 37.25 69.92
CA VAL F 222 80.59 38.38 69.29
C VAL F 222 80.54 39.47 70.31
N GLU F 223 81.06 40.65 69.95
CA GLU F 223 81.12 41.76 70.86
C GLU F 223 80.60 42.95 70.12
N PRO F 224 80.19 43.95 70.84
CA PRO F 224 79.73 45.16 70.21
C PRO F 224 80.93 45.90 69.76
N LYS F 225 80.75 46.84 68.81
CA LYS F 225 81.86 47.62 68.30
C LYS F 225 82.59 48.21 69.50
N ASP G 1 50.96 6.03 33.85
CA ASP G 1 51.22 6.15 35.29
C ASP G 1 50.12 6.98 35.88
N ILE G 2 50.25 7.37 37.16
CA ILE G 2 49.20 8.14 37.74
C ILE G 2 49.81 9.31 38.46
N GLN G 3 49.14 10.48 38.40
CA GLN G 3 49.67 11.61 39.08
C GLN G 3 48.72 11.96 40.17
N MET G 4 49.26 12.25 41.37
CA MET G 4 48.42 12.62 42.46
C MET G 4 48.63 14.08 42.69
N THR G 5 47.52 14.84 42.81
CA THR G 5 47.63 16.26 43.00
C THR G 5 46.86 16.64 44.21
N GLN G 6 47.57 17.21 45.21
CA GLN G 6 46.96 17.59 46.45
C GLN G 6 46.56 19.02 46.39
N SER G 7 45.57 19.40 47.22
CA SER G 7 45.15 20.77 47.29
C SER G 7 44.52 20.97 48.63
N PRO G 8 44.73 22.10 49.26
CA PRO G 8 45.56 23.16 48.76
C PRO G 8 47.00 22.84 49.03
N SER G 9 47.92 23.56 48.37
CA SER G 9 49.33 23.34 48.57
C SER G 9 49.70 23.80 49.95
N THR G 10 49.04 24.86 50.46
CA THR G 10 49.39 25.32 51.78
C THR G 10 48.13 25.82 52.43
N LEU G 11 48.06 25.75 53.79
CA LEU G 11 46.91 26.24 54.46
C LEU G 11 47.28 26.64 55.84
N SER G 12 46.51 27.58 56.45
CA SER G 12 46.78 27.96 57.81
C SER G 12 45.48 27.91 58.54
N ALA G 13 45.46 27.25 59.72
CA ALA G 13 44.24 27.12 60.46
C ALA G 13 44.57 27.33 61.91
N SER G 14 43.54 27.67 62.70
CA SER G 14 43.72 27.91 64.09
C SER G 14 43.56 26.62 64.82
N VAL G 15 44.04 26.59 66.09
CA VAL G 15 44.00 25.38 66.86
C VAL G 15 42.59 25.02 67.17
N GLY G 16 42.27 23.73 67.00
CA GLY G 16 40.97 23.21 67.33
C GLY G 16 40.10 23.18 66.11
N ASP G 17 40.48 23.86 65.03
CA ASP G 17 39.59 23.87 63.89
C ASP G 17 39.79 22.60 63.12
N ARG G 18 38.91 22.38 62.12
CA ARG G 18 38.90 21.20 61.31
C ARG G 18 39.58 21.52 60.02
N VAL G 19 40.55 20.68 59.60
CA VAL G 19 41.29 20.94 58.39
C VAL G 19 41.01 19.81 57.43
N THR G 20 40.87 20.13 56.12
CA THR G 20 40.60 19.09 55.16
C THR G 20 41.48 19.26 53.96
N ILE G 21 42.40 18.29 53.74
CA ILE G 21 43.28 18.33 52.61
C ILE G 21 42.80 17.28 51.65
N THR G 22 42.73 17.61 50.35
CA THR G 22 42.25 16.68 49.37
C THR G 22 43.37 16.27 48.46
N CYS G 23 43.21 15.10 47.81
CA CYS G 23 44.20 14.57 46.89
C CYS G 23 43.42 14.04 45.71
N ARG G 24 43.87 14.34 44.46
CA ARG G 24 43.12 13.87 43.32
C ARG G 24 44.03 13.09 42.40
N ALA G 25 43.68 11.81 42.14
CA ALA G 25 44.45 10.97 41.27
C ALA G 25 43.99 11.18 39.85
N SER G 26 44.92 10.97 38.89
CA SER G 26 44.66 11.15 37.48
C SER G 26 43.70 10.08 37.02
N GLN G 27 43.72 8.90 37.67
CA GLN G 27 42.80 7.85 37.29
C GLN G 27 42.55 7.03 38.52
N SER G 28 41.54 6.15 38.45
CA SER G 28 41.11 5.38 39.59
C SER G 28 42.21 4.50 40.11
N ILE G 29 42.62 4.80 41.36
CA ILE G 29 43.49 4.09 42.24
C ILE G 29 42.74 3.10 43.07
N SER G 30 41.39 3.26 43.18
CA SER G 30 40.63 2.37 43.99
C SER G 30 40.88 2.83 45.39
N SER G 31 41.08 1.89 46.33
CA SER G 31 41.36 2.14 47.72
C SER G 31 42.81 2.31 47.96
N TRP G 32 43.65 2.20 46.92
CA TRP G 32 45.05 2.17 47.17
C TRP G 32 45.61 3.54 47.45
N LEU G 33 45.25 4.17 48.59
CA LEU G 33 45.92 5.42 48.88
C LEU G 33 46.32 5.46 50.33
N ALA G 34 47.50 6.07 50.62
CA ALA G 34 47.87 6.24 52.00
C ALA G 34 48.34 7.65 52.21
N TRP G 35 48.38 8.08 53.49
CA TRP G 35 48.78 9.42 53.82
C TRP G 35 49.96 9.38 54.74
N TYR G 36 50.84 10.40 54.63
CA TYR G 36 52.02 10.48 55.45
C TYR G 36 52.13 11.85 56.02
N GLN G 37 52.74 11.95 57.23
CA GLN G 37 52.99 13.21 57.87
C GLN G 37 54.48 13.38 57.91
N GLN G 38 54.97 14.60 57.60
CA GLN G 38 56.40 14.82 57.65
C GLN G 38 56.66 16.14 58.32
N LYS G 39 57.66 16.15 59.22
CA LYS G 39 58.05 17.32 59.96
C LYS G 39 59.33 17.79 59.34
N PRO G 40 59.73 19.00 59.60
CA PRO G 40 60.93 19.45 58.97
C PRO G 40 62.11 18.61 59.34
N ARG G 41 62.83 18.14 58.30
CA ARG G 41 64.04 17.35 58.28
C ARG G 41 63.80 15.95 58.76
N LYS G 42 62.65 15.67 59.42
CA LYS G 42 62.39 14.34 59.89
C LYS G 42 61.82 13.52 58.77
N ALA G 43 61.89 12.17 58.93
CA ALA G 43 61.38 11.25 57.97
C ALA G 43 59.89 11.13 58.14
N PRO G 44 59.22 10.81 57.06
CA PRO G 44 57.78 10.73 57.04
C PRO G 44 57.22 9.64 57.90
N LYS G 45 56.03 9.87 58.48
CA LYS G 45 55.38 8.86 59.26
C LYS G 45 54.09 8.54 58.60
N LEU G 46 53.71 7.25 58.60
CA LEU G 46 52.50 6.84 57.94
C LEU G 46 51.32 7.08 58.81
N LEU G 47 50.38 7.94 58.35
CA LEU G 47 49.14 8.20 59.05
C LEU G 47 48.04 7.23 58.74
N ILE G 48 47.75 7.02 57.44
CA ILE G 48 46.59 6.26 57.05
C ILE G 48 46.93 5.33 55.92
N TYR G 49 46.25 4.16 55.89
CA TYR G 49 46.46 3.20 54.86
C TYR G 49 45.11 2.71 54.42
N LYS G 50 45.02 2.30 53.13
CA LYS G 50 43.80 1.84 52.54
C LYS G 50 42.76 2.92 52.65
N ALA G 51 43.20 4.18 52.50
CA ALA G 51 42.36 5.33 52.44
C ALA G 51 41.75 5.70 53.76
N SER G 52 41.52 4.74 54.71
CA SER G 52 40.85 5.21 55.89
C SER G 52 41.26 4.43 57.11
N THR G 53 42.33 3.61 57.03
CA THR G 53 42.64 2.85 58.20
C THR G 53 43.77 3.53 58.92
N LEU G 54 43.57 3.79 60.22
CA LEU G 54 44.55 4.48 61.01
C LEU G 54 45.68 3.54 61.32
N GLU G 55 46.92 4.03 61.14
CA GLU G 55 48.10 3.25 61.42
C GLU G 55 48.22 3.17 62.91
N SER G 56 48.89 2.12 63.41
CA SER G 56 48.97 1.97 64.83
C SER G 56 49.73 3.12 65.44
N GLY G 57 49.20 3.65 66.56
CA GLY G 57 49.88 4.65 67.34
C GLY G 57 49.60 6.04 66.83
N VAL G 58 48.85 6.19 65.72
CA VAL G 58 48.60 7.51 65.22
C VAL G 58 47.43 8.09 65.95
N PRO G 59 47.45 9.38 66.17
CA PRO G 59 46.38 10.02 66.91
C PRO G 59 45.07 9.95 66.20
N SER G 60 43.98 9.80 66.95
CA SER G 60 42.64 9.63 66.47
C SER G 60 42.13 10.87 65.80
N ARG G 61 42.80 12.02 65.99
CA ARG G 61 42.34 13.26 65.42
C ARG G 61 42.35 13.14 63.93
N PHE G 62 43.31 12.36 63.41
CA PHE G 62 43.44 12.20 62.00
C PHE G 62 42.48 11.16 61.51
N SER G 63 41.84 11.42 60.34
CA SER G 63 40.98 10.46 59.73
C SER G 63 41.10 10.63 58.24
N GLY G 64 40.78 9.56 57.46
CA GLY G 64 40.89 9.67 56.03
C GLY G 64 39.71 9.00 55.40
N SER G 65 39.15 9.63 54.35
CA SER G 65 38.03 9.07 53.66
C SER G 65 38.30 9.17 52.18
N GLY G 66 37.50 8.47 51.35
CA GLY G 66 37.72 8.58 49.93
C GLY G 66 36.75 7.70 49.21
N SER G 67 36.46 8.08 47.95
CA SER G 67 35.61 7.31 47.09
C SER G 67 35.93 7.75 45.70
N GLY G 68 35.94 6.80 44.74
CA GLY G 68 36.27 7.17 43.39
C GLY G 68 37.73 7.49 43.37
N THR G 69 38.08 8.56 42.64
CA THR G 69 39.40 9.12 42.48
C THR G 69 39.78 10.12 43.54
N GLU G 70 38.80 10.71 44.28
CA GLU G 70 39.12 11.78 45.19
C GLU G 70 39.16 11.29 46.62
N PHE G 71 40.20 11.73 47.39
CA PHE G 71 40.33 11.24 48.73
C PHE G 71 40.59 12.41 49.64
N THR G 72 40.19 12.31 50.93
CA THR G 72 40.44 13.43 51.79
C THR G 72 40.93 12.99 53.13
N LEU G 73 41.92 13.74 53.67
CA LEU G 73 42.45 13.51 54.98
C LEU G 73 41.94 14.65 55.80
N THR G 74 41.18 14.35 56.88
CA THR G 74 40.68 15.43 57.69
C THR G 74 41.34 15.34 59.04
N ILE G 75 41.59 16.51 59.66
CA ILE G 75 42.12 16.59 60.99
C ILE G 75 41.06 17.30 61.79
N SER G 76 40.37 16.56 62.68
CA SER G 76 39.20 17.05 63.37
C SER G 76 39.50 18.20 64.28
N SER G 77 40.59 18.13 65.07
CA SER G 77 40.88 19.24 65.93
C SER G 77 42.35 19.52 65.83
N LEU G 78 42.69 20.59 65.10
CA LEU G 78 44.07 20.92 64.82
C LEU G 78 44.77 21.20 66.10
N GLN G 79 46.04 20.73 66.21
CA GLN G 79 46.84 20.94 67.38
C GLN G 79 48.14 21.51 66.92
N PRO G 80 48.89 22.10 67.82
CA PRO G 80 50.14 22.69 67.45
C PRO G 80 51.13 21.67 66.96
N ASP G 81 51.01 20.41 67.40
CA ASP G 81 51.91 19.36 67.03
C ASP G 81 51.76 19.11 65.56
N ASP G 82 50.57 19.36 65.03
CA ASP G 82 50.13 19.03 63.69
C ASP G 82 50.90 19.75 62.62
N PHE G 83 51.64 20.82 62.94
CA PHE G 83 52.39 21.53 61.92
C PHE G 83 53.24 20.56 61.15
N ALA G 84 53.09 20.56 59.80
CA ALA G 84 53.87 19.66 58.99
C ALA G 84 53.38 19.73 57.58
N THR G 85 54.00 18.92 56.71
CA THR G 85 53.57 18.79 55.35
C THR G 85 52.95 17.42 55.29
N TYR G 86 51.79 17.30 54.61
CA TYR G 86 51.10 16.04 54.55
C TYR G 86 51.09 15.60 53.12
N TYR G 87 51.36 14.28 52.89
CA TYR G 87 51.43 13.80 51.53
C TYR G 87 50.49 12.63 51.39
N CYS G 88 49.87 12.51 50.20
CA CYS G 88 49.06 11.38 49.86
C CYS G 88 49.92 10.55 48.94
N GLN G 89 49.66 9.22 48.88
CA GLN G 89 50.40 8.39 47.97
C GLN G 89 49.46 7.36 47.47
N GLN G 90 49.69 6.87 46.24
CA GLN G 90 48.89 5.80 45.71
C GLN G 90 49.82 4.66 45.39
N TYR G 91 49.56 3.54 46.07
CA TYR G 91 50.13 2.23 45.94
C TYR G 91 49.42 1.38 44.94
N ASN G 92 48.33 1.91 44.34
CA ASN G 92 47.52 1.16 43.43
C ASN G 92 48.33 0.56 42.33
N SER G 93 49.14 1.37 41.64
CA SER G 93 49.89 0.80 40.54
C SER G 93 51.26 1.43 40.51
N TYR G 94 52.19 0.77 39.80
CA TYR G 94 53.53 1.25 39.67
C TYR G 94 53.62 2.19 38.51
N SER G 95 54.43 3.26 38.63
CA SER G 95 55.25 3.50 39.79
C SER G 95 54.44 4.17 40.86
N LEU G 96 54.92 4.01 42.11
CA LEU G 96 54.31 4.57 43.28
C LEU G 96 54.47 6.06 43.15
N THR G 97 53.43 6.83 43.53
CA THR G 97 53.56 8.25 43.40
C THR G 97 53.02 8.97 44.59
N PHE G 98 53.67 10.10 44.95
CA PHE G 98 53.29 10.93 46.06
C PHE G 98 52.76 12.22 45.51
N GLY G 99 51.89 12.89 46.29
CA GLY G 99 51.36 14.17 45.89
C GLY G 99 52.41 15.20 46.17
N GLY G 100 52.14 16.46 45.79
CA GLY G 100 53.05 17.57 45.94
C GLY G 100 53.34 17.84 47.39
N GLY G 101 52.33 17.68 48.26
CA GLY G 101 52.53 17.93 49.66
C GLY G 101 51.79 19.19 50.04
N THR G 102 51.11 19.16 51.22
CA THR G 102 50.37 20.29 51.68
C THR G 102 50.99 20.76 52.97
N LYS G 103 51.43 22.02 53.03
CA LYS G 103 52.03 22.47 54.26
C LYS G 103 50.97 23.08 55.10
N VAL G 104 50.89 22.62 56.36
CA VAL G 104 49.90 23.13 57.26
C VAL G 104 50.60 24.04 58.22
N GLU G 105 49.98 25.18 58.59
CA GLU G 105 50.64 26.04 59.53
C GLU G 105 49.63 26.55 60.51
N ILE G 106 50.08 26.78 61.77
CA ILE G 106 49.21 27.23 62.82
C ILE G 106 48.98 28.69 62.68
N LYS G 107 47.70 29.08 62.59
CA LYS G 107 47.33 30.46 62.46
C LYS G 107 47.33 31.10 63.81
N ARG G 108 48.02 32.25 63.92
CA ARG G 108 48.07 33.00 65.15
C ARG G 108 47.85 34.46 64.80
N THR G 109 47.83 35.32 65.83
CA THR G 109 47.59 36.72 65.62
C THR G 109 48.75 37.29 64.87
N VAL G 110 48.50 38.38 64.11
CA VAL G 110 49.53 38.96 63.30
C VAL G 110 50.56 39.58 64.19
N ALA G 111 51.85 39.46 63.80
CA ALA G 111 52.90 40.04 64.59
C ALA G 111 53.87 40.71 63.67
N ALA G 112 54.31 41.94 64.04
CA ALA G 112 55.25 42.70 63.26
C ALA G 112 56.64 42.22 63.56
N PRO G 113 57.50 42.28 62.57
CA PRO G 113 58.87 41.87 62.78
C PRO G 113 59.73 42.95 63.36
N SER G 114 60.72 42.58 64.19
CA SER G 114 61.70 43.52 64.65
C SER G 114 62.72 43.53 63.56
N VAL G 115 63.28 44.69 63.21
CA VAL G 115 64.20 44.67 62.11
C VAL G 115 65.54 45.15 62.56
N PHE G 116 66.61 44.43 62.14
CA PHE G 116 67.96 44.80 62.48
C PHE G 116 68.78 44.76 61.21
N ILE G 117 69.84 45.59 61.14
CA ILE G 117 70.70 45.62 59.98
C ILE G 117 72.11 45.43 60.47
N PHE G 118 72.92 44.61 59.76
CA PHE G 118 74.28 44.38 60.18
C PHE G 118 75.22 44.72 59.07
N PRO G 119 76.20 45.54 59.38
CA PRO G 119 77.22 45.89 58.41
C PRO G 119 78.23 44.78 58.33
N PRO G 120 79.03 44.72 57.28
CA PRO G 120 80.06 43.73 57.14
C PRO G 120 81.13 43.94 58.15
N SER G 121 81.71 42.83 58.65
CA SER G 121 82.77 42.91 59.62
C SER G 121 84.02 43.28 58.89
N ASP G 122 84.98 43.85 59.63
CA ASP G 122 86.23 44.27 59.09
C ASP G 122 86.95 43.05 58.62
N GLU G 123 86.79 41.94 59.37
CA GLU G 123 87.48 40.72 59.04
C GLU G 123 87.04 40.25 57.68
N GLN G 124 85.73 40.35 57.40
CA GLN G 124 85.20 39.86 56.15
C GLN G 124 85.74 40.65 55.00
N LEU G 125 85.93 41.97 55.19
CA LEU G 125 86.32 42.85 54.11
C LEU G 125 87.63 42.38 53.54
N LYS G 126 88.50 41.79 54.39
CA LYS G 126 89.81 41.35 54.01
C LYS G 126 89.65 40.39 52.88
N SER G 127 88.54 39.64 52.87
CA SER G 127 88.31 38.78 51.74
C SER G 127 87.96 39.71 50.61
N GLY G 128 87.33 39.19 49.57
CA GLY G 128 86.93 40.07 48.51
C GLY G 128 85.61 40.74 48.76
N THR G 129 84.73 40.04 49.49
CA THR G 129 83.35 40.41 49.49
C THR G 129 82.90 41.06 50.77
N ALA G 130 81.74 41.76 50.66
CA ALA G 130 81.12 42.36 51.79
C ALA G 130 79.74 41.81 51.86
N SER G 131 79.32 41.36 53.05
CA SER G 131 78.03 40.78 53.17
C SER G 131 77.24 41.65 54.11
N VAL G 132 76.08 42.15 53.63
CA VAL G 132 75.24 42.97 54.45
C VAL G 132 74.06 42.12 54.82
N VAL G 133 73.72 42.05 56.13
CA VAL G 133 72.64 41.19 56.55
C VAL G 133 71.54 42.00 57.18
N CYS G 134 70.28 41.55 56.95
CA CYS G 134 69.13 42.21 57.48
C CYS G 134 68.24 41.16 58.09
N LEU G 135 68.02 41.25 59.43
CA LEU G 135 67.27 40.23 60.12
C LEU G 135 65.86 40.71 60.38
N LEU G 136 64.88 39.85 60.04
CA LEU G 136 63.50 40.08 60.36
C LEU G 136 63.17 39.07 61.41
N ASN G 137 62.75 39.54 62.60
CA ASN G 137 62.63 38.62 63.70
C ASN G 137 61.21 38.49 64.18
N ASN G 138 60.77 37.23 64.38
CA ASN G 138 59.52 36.81 64.96
C ASN G 138 58.31 37.52 64.43
N PHE G 139 57.92 37.23 63.17
CA PHE G 139 56.76 37.86 62.59
C PHE G 139 55.79 36.80 62.10
N TYR G 140 54.50 37.20 61.96
CA TYR G 140 53.49 36.34 61.39
C TYR G 140 52.56 37.27 60.67
N PRO G 141 52.03 36.97 59.51
CA PRO G 141 52.24 35.75 58.74
C PRO G 141 53.58 35.73 58.09
N ARG G 142 53.89 34.61 57.42
CA ARG G 142 55.17 34.35 56.82
C ARG G 142 55.49 35.34 55.74
N GLU G 143 54.49 35.78 54.95
CA GLU G 143 54.83 36.65 53.84
C GLU G 143 55.43 37.92 54.34
N ALA G 144 56.66 38.23 53.88
CA ALA G 144 57.34 39.45 54.25
C ALA G 144 58.14 39.90 53.06
N LYS G 145 58.25 41.23 52.83
CA LYS G 145 58.95 41.70 51.67
C LYS G 145 60.16 42.48 52.10
N VAL G 146 61.31 42.26 51.41
CA VAL G 146 62.50 42.99 51.75
C VAL G 146 63.07 43.60 50.50
N GLN G 147 63.32 44.93 50.53
CA GLN G 147 63.94 45.58 49.42
C GLN G 147 65.26 46.12 49.89
N TRP G 148 66.29 46.12 49.02
CA TRP G 148 67.59 46.63 49.40
C TRP G 148 67.89 47.87 48.63
N LYS G 149 68.45 48.89 49.33
CA LYS G 149 68.78 50.14 48.69
C LYS G 149 70.19 50.52 49.05
N VAL G 150 71.02 50.79 48.02
CA VAL G 150 72.34 51.30 48.26
C VAL G 150 72.28 52.72 47.79
N ASP G 151 72.45 53.69 48.70
CA ASP G 151 72.29 55.10 48.41
C ASP G 151 71.09 55.31 47.54
N ASN G 152 69.94 54.83 48.06
CA ASN G 152 68.60 54.89 47.55
C ASN G 152 68.51 54.37 46.14
N ALA G 153 69.29 53.31 45.82
CA ALA G 153 69.17 52.70 44.53
C ALA G 153 68.69 51.31 44.77
N LEU G 154 67.69 50.84 43.99
CA LEU G 154 67.11 49.55 44.19
C LEU G 154 68.11 48.52 43.75
N GLN G 155 68.07 47.33 44.38
CA GLN G 155 69.08 46.36 44.08
C GLN G 155 68.41 45.14 43.50
N SER G 156 69.10 44.46 42.56
CA SER G 156 68.51 43.28 42.01
C SER G 156 69.56 42.27 41.70
N GLY G 157 69.29 40.99 42.03
CA GLY G 157 70.14 39.89 41.66
C GLY G 157 71.30 39.75 42.60
N ASN G 158 71.37 40.57 43.67
CA ASN G 158 72.51 40.44 44.56
C ASN G 158 72.00 40.07 45.91
N SER G 159 70.78 39.51 46.02
CA SER G 159 70.28 39.24 47.34
C SER G 159 69.81 37.82 47.43
N GLN G 160 69.84 37.28 48.66
CA GLN G 160 69.37 35.95 48.94
C GLN G 160 68.67 35.99 50.26
N GLU G 161 67.59 35.20 50.42
CA GLU G 161 66.87 35.22 51.66
C GLU G 161 66.61 33.83 52.15
N SER G 162 66.43 33.67 53.48
CA SER G 162 66.16 32.40 54.10
C SER G 162 65.10 32.60 55.14
N VAL G 163 64.24 31.58 55.31
CA VAL G 163 63.19 31.68 56.28
C VAL G 163 63.25 30.49 57.19
N THR G 164 62.99 30.71 58.49
CA THR G 164 63.03 29.64 59.46
C THR G 164 61.71 28.95 59.44
N GLU G 165 61.68 27.76 60.10
CA GLU G 165 60.47 27.01 60.24
C GLU G 165 59.67 27.69 61.31
N GLN G 166 58.35 27.43 61.36
CA GLN G 166 57.52 28.10 62.33
C GLN G 166 58.02 27.72 63.69
N ASP G 167 58.06 28.72 64.60
CA ASP G 167 58.63 28.57 65.92
C ASP G 167 57.79 27.64 66.74
N SER G 168 58.47 26.87 67.63
CA SER G 168 57.77 25.94 68.45
C SER G 168 56.85 26.68 69.37
N LYS G 169 57.42 27.58 70.21
CA LYS G 169 56.61 28.31 71.15
C LYS G 169 55.79 29.40 70.52
N ASP G 170 56.46 30.31 69.77
CA ASP G 170 55.90 31.51 69.22
C ASP G 170 54.92 31.25 68.10
N SER G 171 55.19 30.25 67.25
CA SER G 171 54.41 30.05 66.07
C SER G 171 54.67 31.19 65.13
N THR G 172 55.85 31.85 65.27
CA THR G 172 56.24 32.94 64.42
C THR G 172 57.28 32.47 63.44
N TYR G 173 57.67 33.36 62.50
CA TYR G 173 58.67 33.05 61.50
C TYR G 173 59.73 34.13 61.56
N SER G 174 60.96 33.81 61.10
CA SER G 174 62.02 34.79 61.08
C SER G 174 62.69 34.72 59.73
N LEU G 175 63.33 35.82 59.28
CA LEU G 175 63.89 35.80 57.96
C LEU G 175 65.19 36.58 57.93
N SER G 176 66.15 36.13 57.11
CA SER G 176 67.42 36.78 56.97
C SER G 176 67.60 37.10 55.51
N SER G 177 68.12 38.29 55.18
CA SER G 177 68.35 38.63 53.79
C SER G 177 69.78 39.05 53.67
N THR G 178 70.51 38.50 52.68
CA THR G 178 71.89 38.89 52.62
C THR G 178 72.19 39.52 51.29
N LEU G 179 72.80 40.71 51.33
CA LEU G 179 73.17 41.41 50.13
C LEU G 179 74.65 41.25 50.00
N THR G 180 75.13 40.71 48.85
CA THR G 180 76.55 40.51 48.75
C THR G 180 77.10 41.43 47.70
N LEU G 181 78.28 42.02 48.00
CA LEU G 181 78.91 42.92 47.08
C LEU G 181 80.40 42.76 47.14
N SER G 182 81.08 43.30 46.11
CA SER G 182 82.51 43.28 46.11
C SER G 182 82.95 44.28 47.11
N LYS G 183 84.21 44.15 47.57
CA LYS G 183 84.76 45.06 48.50
C LYS G 183 84.84 46.39 47.81
N ALA G 184 85.23 46.36 46.52
CA ALA G 184 85.41 47.57 45.77
C ALA G 184 84.09 48.27 45.63
N ASP G 185 83.02 47.52 45.33
CA ASP G 185 81.73 48.12 45.14
C ASP G 185 81.23 48.73 46.41
N TYR G 186 81.47 48.04 47.55
CA TYR G 186 80.97 48.43 48.83
C TYR G 186 81.55 49.75 49.22
N GLU G 187 82.85 49.95 48.99
CA GLU G 187 83.58 51.14 49.36
C GLU G 187 83.05 52.30 48.57
N LYS G 188 82.48 52.02 47.40
CA LYS G 188 81.97 53.03 46.51
C LYS G 188 80.84 53.78 47.15
N HIS G 189 79.97 53.13 47.94
CA HIS G 189 78.79 53.85 48.36
C HIS G 189 78.67 53.94 49.85
N LYS G 190 78.03 55.06 50.29
CA LYS G 190 77.77 55.49 51.64
C LYS G 190 76.63 54.83 52.38
N VAL G 191 75.42 54.75 51.77
CA VAL G 191 74.28 54.39 52.58
C VAL G 191 73.75 53.05 52.19
N TYR G 192 73.57 52.16 53.19
CA TYR G 192 73.02 50.87 52.92
C TYR G 192 71.76 50.76 53.72
N ALA G 193 70.62 50.53 53.04
CA ALA G 193 69.35 50.50 53.72
C ALA G 193 68.60 49.24 53.38
N CYS G 194 67.80 48.74 54.35
CA CYS G 194 66.98 47.57 54.22
C CYS G 194 65.56 48.00 54.48
N GLU G 195 64.66 47.84 53.49
CA GLU G 195 63.28 48.26 53.65
C GLU G 195 62.40 47.06 53.80
N VAL G 196 61.48 47.10 54.79
CA VAL G 196 60.66 45.94 55.00
C VAL G 196 59.20 46.31 55.02
N THR G 197 58.37 45.46 54.37
CA THR G 197 56.95 45.67 54.32
C THR G 197 56.33 44.40 54.85
N HIS G 198 55.27 44.53 55.68
CA HIS G 198 54.63 43.37 56.24
C HIS G 198 53.23 43.76 56.63
N GLN G 199 52.35 42.77 56.83
CA GLN G 199 50.97 43.01 57.16
C GLN G 199 50.92 43.73 58.47
N GLY G 200 51.83 43.35 59.37
CA GLY G 200 51.94 43.86 60.70
C GLY G 200 52.28 45.31 60.74
N LEU G 201 52.95 45.85 59.69
CA LEU G 201 53.42 47.21 59.75
C LEU G 201 52.48 48.17 59.08
N SER G 202 52.16 49.28 59.78
CA SER G 202 51.33 50.34 59.28
C SER G 202 52.14 51.19 58.33
N SER G 203 53.45 51.30 58.59
CA SER G 203 54.31 52.10 57.76
C SER G 203 55.55 51.30 57.53
N PRO G 204 56.31 51.61 56.52
CA PRO G 204 57.46 50.81 56.26
C PRO G 204 58.56 51.02 57.25
N VAL G 205 59.28 49.93 57.61
CA VAL G 205 60.38 50.06 58.51
C VAL G 205 61.63 49.99 57.70
N THR G 206 62.52 50.98 57.87
CA THR G 206 63.75 50.94 57.16
C THR G 206 64.84 51.11 58.15
N LYS G 207 65.85 50.23 58.11
CA LYS G 207 66.97 50.36 59.00
C LYS G 207 68.14 50.63 58.10
N SER G 208 69.03 51.57 58.48
CA SER G 208 70.12 51.88 57.60
C SER G 208 71.34 52.21 58.40
N PHE G 209 72.48 52.37 57.70
CA PHE G 209 73.70 52.76 58.35
C PHE G 209 74.58 53.43 57.32
N ASN G 210 75.57 54.21 57.80
CA ASN G 210 76.49 54.90 56.94
C ASN G 210 77.77 54.13 56.97
N ARG G 211 78.47 54.05 55.83
CA ARG G 211 79.60 53.20 55.69
C ARG G 211 80.73 53.51 56.61
N GLY G 212 81.22 54.76 56.66
CA GLY G 212 82.33 55.04 57.53
C GLY G 212 81.91 55.07 58.95
N GLU G 213 80.74 55.67 59.22
CA GLU G 213 80.33 55.88 60.57
C GLU G 213 79.90 54.57 61.21
N GLU H 1 -85.29 -30.46 20.88
CA GLU H 1 -84.89 -29.22 21.60
C GLU H 1 -83.64 -29.47 22.39
N VAL H 2 -82.50 -28.89 21.96
CA VAL H 2 -81.34 -29.05 22.76
C VAL H 2 -81.57 -28.17 23.95
N GLN H 3 -81.41 -28.71 25.16
CA GLN H 3 -81.72 -27.90 26.32
C GLN H 3 -80.70 -28.17 27.38
N LEU H 4 -80.49 -27.19 28.27
CA LEU H 4 -79.61 -27.35 29.40
C LEU H 4 -80.27 -26.61 30.53
N VAL H 5 -80.58 -27.32 31.62
CA VAL H 5 -81.23 -26.69 32.74
C VAL H 5 -80.30 -26.80 33.89
N GLU H 6 -80.04 -25.67 34.57
CA GLU H 6 -79.12 -25.66 35.67
C GLU H 6 -79.91 -25.60 36.93
N SER H 7 -79.39 -26.24 37.99
CA SER H 7 -80.08 -26.23 39.25
C SER H 7 -79.02 -26.13 40.31
N GLY H 8 -79.43 -25.74 41.54
CA GLY H 8 -78.49 -25.71 42.64
C GLY H 8 -78.04 -24.33 43.05
N GLY H 9 -78.51 -23.24 42.41
CA GLY H 9 -78.05 -21.95 42.85
C GLY H 9 -78.66 -21.66 44.18
N GLY H 10 -78.14 -20.64 44.90
CA GLY H 10 -78.72 -20.33 46.18
C GLY H 10 -77.83 -19.36 46.89
N LEU H 11 -78.12 -19.16 48.20
CA LEU H 11 -77.35 -18.27 49.00
C LEU H 11 -76.39 -19.16 49.74
N VAL H 12 -75.10 -18.76 49.81
CA VAL H 12 -74.15 -19.57 50.48
C VAL H 12 -73.22 -18.66 51.21
N GLN H 13 -72.81 -19.10 52.41
CA GLN H 13 -71.88 -18.36 53.23
C GLN H 13 -70.50 -18.68 52.75
N PRO H 14 -69.57 -17.85 53.12
CA PRO H 14 -68.21 -18.04 52.72
C PRO H 14 -67.69 -19.31 53.33
N GLY H 15 -66.91 -20.10 52.56
CA GLY H 15 -66.34 -21.30 53.06
C GLY H 15 -67.20 -22.46 52.66
N GLY H 16 -68.46 -22.16 52.29
CA GLY H 16 -69.40 -23.20 51.98
C GLY H 16 -69.12 -23.77 50.64
N SER H 17 -69.92 -24.79 50.28
CA SER H 17 -69.80 -25.49 49.05
C SER H 17 -71.17 -25.67 48.48
N LEU H 18 -71.28 -25.79 47.14
CA LEU H 18 -72.55 -26.09 46.53
C LEU H 18 -72.22 -26.96 45.38
N ARG H 19 -73.22 -27.66 44.83
CA ARG H 19 -72.91 -28.31 43.61
C ARG H 19 -74.03 -27.97 42.68
N LEU H 20 -73.68 -27.38 41.52
CA LEU H 20 -74.72 -27.10 40.58
C LEU H 20 -74.74 -28.25 39.64
N SER H 21 -75.87 -28.44 38.94
CA SER H 21 -75.96 -29.51 38.01
C SER H 21 -76.64 -29.00 36.77
N CYS H 22 -76.34 -29.61 35.61
CA CYS H 22 -76.93 -29.21 34.37
C CYS H 22 -77.38 -30.45 33.67
N ALA H 23 -78.70 -30.56 33.43
CA ALA H 23 -79.21 -31.72 32.76
C ALA H 23 -79.33 -31.40 31.30
N ALA H 24 -78.79 -32.27 30.44
CA ALA H 24 -78.77 -31.98 29.03
C ALA H 24 -79.67 -32.91 28.30
N SER H 25 -80.20 -32.44 27.15
CA SER H 25 -81.05 -33.27 26.32
C SER H 25 -81.01 -32.75 24.92
N GLY H 26 -81.35 -33.61 23.94
CA GLY H 26 -81.42 -33.19 22.57
C GLY H 26 -80.18 -33.56 21.80
N PHE H 27 -79.15 -34.13 22.46
CA PHE H 27 -77.99 -34.49 21.68
C PHE H 27 -77.27 -35.61 22.36
N THR H 28 -76.24 -36.18 21.70
CA THR H 28 -75.50 -37.24 22.30
C THR H 28 -74.54 -36.60 23.24
N PHE H 29 -74.90 -36.67 24.54
CA PHE H 29 -74.19 -36.03 25.60
C PHE H 29 -72.80 -36.57 25.71
N SER H 30 -72.62 -37.89 25.57
CA SER H 30 -71.36 -38.53 25.82
C SER H 30 -70.29 -38.05 24.88
N SER H 31 -70.68 -37.62 23.67
CA SER H 31 -69.75 -37.25 22.64
C SER H 31 -69.22 -35.84 22.73
N TYR H 32 -69.66 -35.00 23.68
CA TYR H 32 -69.23 -33.63 23.62
C TYR H 32 -68.60 -33.16 24.90
N TRP H 33 -67.74 -32.13 24.76
CA TRP H 33 -67.12 -31.49 25.88
C TRP H 33 -68.20 -30.61 26.46
N MET H 34 -68.25 -30.44 27.80
CA MET H 34 -69.19 -29.52 28.41
C MET H 34 -68.36 -28.55 29.19
N ASN H 35 -68.80 -27.27 29.26
CA ASN H 35 -68.06 -26.29 29.99
C ASN H 35 -69.01 -25.60 30.91
N TRP H 36 -68.46 -24.82 31.87
CA TRP H 36 -69.24 -24.00 32.75
C TRP H 36 -68.65 -22.63 32.66
N VAL H 37 -69.49 -21.62 32.38
CA VAL H 37 -69.00 -20.26 32.24
C VAL H 37 -69.78 -19.46 33.22
N ARG H 38 -69.19 -18.39 33.78
CA ARG H 38 -69.98 -17.65 34.72
C ARG H 38 -69.98 -16.21 34.35
N GLN H 39 -71.08 -15.52 34.68
CA GLN H 39 -71.12 -14.11 34.44
C GLN H 39 -71.35 -13.51 35.78
N ALA H 40 -70.35 -12.75 36.29
CA ALA H 40 -70.56 -12.10 37.53
C ALA H 40 -70.93 -10.71 37.12
N PRO H 41 -72.05 -10.25 37.57
CA PRO H 41 -72.61 -9.01 37.12
C PRO H 41 -71.71 -7.83 36.94
N GLY H 42 -70.98 -7.30 37.93
CA GLY H 42 -70.20 -6.12 37.61
C GLY H 42 -69.20 -6.49 36.57
N LYS H 43 -68.57 -7.66 36.75
CA LYS H 43 -67.57 -8.13 35.85
C LYS H 43 -68.25 -8.76 34.67
N GLY H 44 -67.47 -9.44 33.83
CA GLY H 44 -68.06 -10.01 32.66
C GLY H 44 -68.18 -11.49 32.75
N LEU H 45 -68.25 -12.09 31.55
CA LEU H 45 -68.31 -13.51 31.39
C LEU H 45 -66.94 -14.04 31.61
N GLU H 46 -66.85 -15.20 32.29
CA GLU H 46 -65.59 -15.82 32.55
C GLU H 46 -65.74 -17.30 32.36
N TRP H 47 -64.71 -17.96 31.80
CA TRP H 47 -64.74 -19.38 31.57
C TRP H 47 -64.20 -20.05 32.79
N VAL H 48 -65.04 -20.87 33.46
CA VAL H 48 -64.68 -21.57 34.66
C VAL H 48 -63.96 -22.88 34.49
N ALA H 49 -64.53 -23.83 33.72
CA ALA H 49 -63.99 -25.16 33.67
C ALA H 49 -64.48 -25.91 32.47
N ASN H 50 -63.73 -26.97 32.05
CA ASN H 50 -64.08 -27.74 30.88
C ASN H 50 -63.77 -29.20 31.13
N ILE H 51 -64.52 -30.11 30.50
CA ILE H 51 -64.27 -31.53 30.61
C ILE H 51 -64.31 -32.15 29.24
N ASN H 52 -63.38 -33.09 28.97
CA ASN H 52 -63.26 -33.76 27.70
C ASN H 52 -64.43 -34.70 27.57
N GLN H 53 -64.65 -35.27 26.36
CA GLN H 53 -65.77 -36.14 26.13
C GLN H 53 -65.64 -37.36 26.98
N ASP H 54 -64.41 -37.87 27.17
CA ASP H 54 -64.15 -39.05 27.93
C ASP H 54 -64.36 -38.82 29.40
N GLY H 55 -64.26 -37.54 29.84
CA GLY H 55 -64.54 -37.25 31.22
C GLY H 55 -63.27 -37.21 32.01
N GLY H 56 -62.16 -37.73 31.45
CA GLY H 56 -60.92 -37.71 32.16
C GLY H 56 -60.27 -36.35 32.20
N GLU H 57 -60.06 -35.72 31.02
CA GLU H 57 -59.33 -34.49 30.96
C GLU H 57 -60.19 -33.39 31.49
N LYS H 58 -59.65 -32.62 32.46
CA LYS H 58 -60.44 -31.56 33.03
C LYS H 58 -59.57 -30.35 33.18
N TYR H 59 -60.10 -29.16 32.84
CA TYR H 59 -59.33 -27.96 32.94
C TYR H 59 -60.08 -26.94 33.74
N TYR H 60 -59.34 -26.05 34.44
CA TYR H 60 -59.99 -25.08 35.28
C TYR H 60 -59.23 -23.77 35.19
N VAL H 61 -59.91 -22.67 35.54
CA VAL H 61 -59.28 -21.38 35.63
C VAL H 61 -58.54 -21.42 36.93
N ASP H 62 -57.48 -20.61 37.06
CA ASP H 62 -56.59 -20.67 38.19
C ASP H 62 -57.28 -20.36 39.49
N SER H 63 -58.24 -19.41 39.49
CA SER H 63 -58.83 -18.93 40.71
C SER H 63 -59.54 -20.04 41.46
N VAL H 64 -60.22 -20.93 40.71
CA VAL H 64 -61.02 -22.03 41.17
C VAL H 64 -60.31 -23.33 41.42
N ARG H 65 -59.02 -23.48 41.04
CA ARG H 65 -58.41 -24.79 40.91
C ARG H 65 -58.58 -25.75 42.06
N GLY H 66 -58.30 -25.42 43.31
CA GLY H 66 -58.49 -26.42 44.32
C GLY H 66 -59.94 -26.64 44.65
N ARG H 67 -60.70 -25.53 44.62
CA ARG H 67 -62.05 -25.33 45.05
C ARG H 67 -63.10 -26.03 44.22
N PHE H 68 -62.98 -26.02 42.88
CA PHE H 68 -64.07 -26.49 42.07
C PHE H 68 -63.67 -27.75 41.37
N THR H 69 -64.64 -28.66 41.17
CA THR H 69 -64.40 -29.87 40.43
C THR H 69 -65.59 -30.00 39.53
N ILE H 70 -65.35 -30.28 38.23
CA ILE H 70 -66.40 -30.45 37.26
C ILE H 70 -66.42 -31.92 37.01
N SER H 71 -67.62 -32.50 36.80
CA SER H 71 -67.75 -33.91 36.58
C SER H 71 -69.00 -34.12 35.79
N ARG H 72 -69.25 -35.36 35.34
CA ARG H 72 -70.42 -35.61 34.55
C ARG H 72 -70.81 -37.06 34.67
N ASP H 73 -72.11 -37.34 34.47
CA ASP H 73 -72.64 -38.67 34.49
C ASP H 73 -73.39 -38.83 33.19
N ASN H 74 -72.78 -39.48 32.19
CA ASN H 74 -73.34 -39.58 30.87
C ASN H 74 -74.64 -40.33 30.88
N ALA H 75 -74.72 -41.44 31.65
CA ALA H 75 -75.92 -42.23 31.70
C ALA H 75 -77.00 -41.34 32.22
N LYS H 76 -76.64 -40.51 33.20
CA LYS H 76 -77.49 -39.54 33.83
C LYS H 76 -77.75 -38.39 32.89
N ASN H 77 -76.85 -38.14 31.91
CA ASN H 77 -76.98 -37.01 31.05
C ASN H 77 -76.91 -35.78 31.90
N SER H 78 -76.03 -35.77 32.93
CA SER H 78 -75.94 -34.63 33.77
C SER H 78 -74.49 -34.24 33.92
N LEU H 79 -74.25 -32.92 34.10
CA LEU H 79 -72.94 -32.36 34.29
C LEU H 79 -73.01 -31.72 35.64
N TYR H 80 -71.89 -31.69 36.40
CA TYR H 80 -71.96 -31.12 37.71
C TYR H 80 -70.78 -30.24 37.92
N LEU H 81 -70.90 -29.32 38.89
CA LEU H 81 -69.80 -28.51 39.28
C LEU H 81 -69.91 -28.39 40.77
N GLN H 82 -68.95 -29.00 41.51
CA GLN H 82 -68.96 -28.93 42.94
C GLN H 82 -68.02 -27.83 43.33
N MET H 83 -68.45 -26.94 44.24
CA MET H 83 -67.61 -25.83 44.57
C MET H 83 -67.29 -25.90 46.01
N ASN H 84 -66.10 -25.38 46.39
CA ASN H 84 -65.68 -25.44 47.77
C ASN H 84 -65.05 -24.12 48.10
N SER H 85 -64.93 -23.81 49.41
CA SER H 85 -64.29 -22.61 49.89
C SER H 85 -64.80 -21.42 49.15
N LEU H 86 -66.14 -21.31 49.03
CA LEU H 86 -66.75 -20.23 48.31
C LEU H 86 -66.33 -18.93 48.88
N ARG H 87 -66.11 -17.96 47.97
CA ARG H 87 -65.72 -16.64 48.35
C ARG H 87 -66.80 -15.74 47.85
N ALA H 88 -66.84 -14.51 48.36
CA ALA H 88 -67.86 -13.58 47.98
C ALA H 88 -67.78 -13.37 46.49
N GLU H 89 -66.55 -13.42 45.94
CA GLU H 89 -66.19 -13.17 44.55
C GLU H 89 -66.79 -14.16 43.59
N ASP H 90 -67.09 -15.38 44.03
CA ASP H 90 -67.64 -16.43 43.20
C ASP H 90 -69.08 -16.17 42.86
N THR H 91 -69.69 -15.13 43.46
CA THR H 91 -71.08 -14.88 43.19
C THR H 91 -71.19 -14.57 41.74
N ALA H 92 -72.12 -15.26 41.05
CA ALA H 92 -72.26 -15.06 39.64
C ALA H 92 -73.37 -15.93 39.18
N VAL H 93 -73.71 -15.80 37.87
CA VAL H 93 -74.68 -16.68 37.30
C VAL H 93 -73.88 -17.69 36.53
N TYR H 94 -74.14 -18.98 36.77
CA TYR H 94 -73.36 -20.02 36.16
C TYR H 94 -74.15 -20.63 35.06
N TYR H 95 -73.52 -20.73 33.88
CA TYR H 95 -74.20 -21.26 32.74
C TYR H 95 -73.45 -22.48 32.33
N CYS H 96 -74.18 -23.54 31.93
CA CYS H 96 -73.57 -24.70 31.38
C CYS H 96 -73.74 -24.56 29.90
N ALA H 97 -72.63 -24.71 29.16
CA ALA H 97 -72.70 -24.54 27.73
C ALA H 97 -72.00 -25.69 27.10
N ARG H 98 -72.42 -26.07 25.88
CA ARG H 98 -71.80 -27.17 25.20
C ARG H 98 -70.68 -26.58 24.39
N ASP H 99 -69.46 -27.10 24.58
CA ASP H 99 -68.32 -26.49 23.96
C ASP H 99 -67.98 -27.20 22.67
N PRO H 100 -67.09 -26.63 21.89
CA PRO H 100 -66.58 -27.25 20.71
C PRO H 100 -65.43 -28.11 21.09
N TYR H 101 -64.88 -28.88 20.13
CA TYR H 101 -63.74 -29.72 20.36
C TYR H 101 -62.51 -28.86 20.22
N ASP H 102 -61.58 -28.94 21.17
CA ASP H 102 -60.36 -28.16 21.18
C ASP H 102 -59.53 -28.53 19.99
N LEU H 103 -59.67 -29.78 19.52
CA LEU H 103 -58.88 -30.36 18.47
C LEU H 103 -59.04 -29.52 17.24
N TYR H 104 -60.21 -28.90 17.08
CA TYR H 104 -60.49 -28.11 15.92
C TYR H 104 -59.49 -27.01 15.84
N GLY H 105 -59.07 -26.46 17.01
CA GLY H 105 -57.98 -25.55 17.03
C GLY H 105 -58.35 -24.44 16.21
N ASP H 106 -57.52 -24.06 15.23
CA ASP H 106 -57.59 -22.73 14.72
C ASP H 106 -58.99 -22.43 14.27
N TYR H 107 -59.76 -23.47 13.92
CA TYR H 107 -61.15 -23.28 13.60
C TYR H 107 -61.96 -23.71 14.80
N GLY H 108 -62.01 -22.92 15.89
CA GLY H 108 -62.82 -23.35 17.00
C GLY H 108 -64.12 -22.62 16.81
N GLY H 109 -65.27 -23.28 16.97
CA GLY H 109 -66.56 -22.68 16.80
C GLY H 109 -67.09 -21.93 17.99
N THR H 110 -66.66 -22.31 19.21
CA THR H 110 -67.10 -21.77 20.46
C THR H 110 -68.34 -22.47 20.95
N PHE H 111 -68.96 -21.94 22.04
CA PHE H 111 -70.04 -22.61 22.72
C PHE H 111 -71.35 -22.35 22.02
N ASP H 112 -71.89 -23.42 21.40
CA ASP H 112 -73.10 -23.50 20.63
C ASP H 112 -74.36 -23.38 21.45
N TYR H 113 -74.47 -24.09 22.58
CA TYR H 113 -75.73 -24.10 23.31
C TYR H 113 -75.46 -23.66 24.71
N TRP H 114 -76.41 -22.90 25.31
CA TRP H 114 -76.23 -22.41 26.65
C TRP H 114 -77.48 -22.63 27.44
N GLY H 115 -77.33 -22.80 28.78
CA GLY H 115 -78.44 -22.96 29.68
C GLY H 115 -78.82 -21.60 30.18
N GLN H 116 -79.95 -21.52 30.91
CA GLN H 116 -80.52 -20.30 31.43
C GLN H 116 -79.67 -19.71 32.52
N GLY H 117 -79.02 -20.55 33.35
CA GLY H 117 -78.17 -20.01 34.38
C GLY H 117 -78.75 -20.30 35.73
N THR H 118 -77.84 -20.50 36.71
CA THR H 118 -78.17 -20.70 38.11
C THR H 118 -77.44 -19.62 38.84
N LEU H 119 -78.13 -18.93 39.76
CA LEU H 119 -77.52 -17.82 40.43
C LEU H 119 -77.07 -18.30 41.78
N VAL H 120 -75.78 -18.10 42.10
CA VAL H 120 -75.29 -18.45 43.41
C VAL H 120 -74.78 -17.19 44.03
N THR H 121 -75.19 -16.96 45.29
CA THR H 121 -74.78 -15.76 45.98
C THR H 121 -74.00 -16.18 47.17
N VAL H 122 -72.81 -15.56 47.36
CA VAL H 122 -72.00 -15.86 48.51
C VAL H 122 -71.99 -14.62 49.34
N SER H 123 -72.63 -14.68 50.52
CA SER H 123 -72.68 -13.55 51.39
C SER H 123 -72.99 -14.04 52.77
N SER H 124 -72.56 -13.27 53.79
CA SER H 124 -72.77 -13.62 55.16
C SER H 124 -74.21 -13.41 55.55
N ALA H 125 -74.97 -12.58 54.81
CA ALA H 125 -76.31 -12.24 55.19
C ALA H 125 -77.21 -13.43 55.10
N SER H 126 -78.23 -13.46 56.00
CA SER H 126 -79.19 -14.52 56.02
C SER H 126 -80.35 -14.14 55.15
N THR H 127 -81.22 -15.12 54.83
CA THR H 127 -82.36 -14.84 54.01
C THR H 127 -83.30 -14.00 54.81
N LYS H 128 -83.95 -13.02 54.16
CA LYS H 128 -84.84 -12.13 54.86
C LYS H 128 -85.87 -11.61 53.90
N GLY H 129 -87.15 -11.58 54.32
CA GLY H 129 -88.23 -11.10 53.49
C GLY H 129 -88.19 -9.59 53.46
N PRO H 130 -88.73 -9.06 52.38
CA PRO H 130 -88.74 -7.65 52.12
C PRO H 130 -89.80 -6.87 52.83
N SER H 131 -89.55 -5.57 53.07
CA SER H 131 -90.55 -4.70 53.60
C SER H 131 -91.09 -3.99 52.40
N VAL H 132 -92.41 -3.77 52.32
CA VAL H 132 -92.94 -3.13 51.15
C VAL H 132 -93.62 -1.86 51.57
N PHE H 133 -93.16 -0.71 51.04
CA PHE H 133 -93.75 0.55 51.43
C PHE H 133 -94.30 1.21 50.22
N PRO H 134 -95.41 1.88 50.34
CA PRO H 134 -96.00 2.52 49.19
C PRO H 134 -95.35 3.81 48.80
N LEU H 135 -95.24 4.08 47.48
CA LEU H 135 -94.77 5.35 47.03
C LEU H 135 -96.00 6.05 46.53
N ALA H 136 -96.61 6.90 47.39
CA ALA H 136 -97.85 7.54 47.07
C ALA H 136 -97.65 8.61 46.06
N PRO H 137 -98.65 8.79 45.24
CA PRO H 137 -98.56 9.78 44.19
C PRO H 137 -98.49 11.18 44.68
N SER H 138 -97.41 11.90 44.29
CA SER H 138 -97.28 13.26 44.72
C SER H 138 -96.88 14.03 43.52
N SER H 139 -97.67 15.06 43.17
CA SER H 139 -97.32 15.86 42.04
C SER H 139 -97.81 17.23 42.30
N LYS H 140 -97.05 18.25 41.86
CA LYS H 140 -97.56 19.57 42.01
C LYS H 140 -97.91 20.01 40.63
N SER H 141 -99.09 19.56 40.18
CA SER H 141 -99.55 19.89 38.86
C SER H 141 -101.02 19.67 38.89
N THR H 142 -101.72 20.05 37.80
CA THR H 142 -103.13 19.88 37.77
C THR H 142 -103.38 18.43 37.53
N SER H 143 -104.60 17.96 37.89
CA SER H 143 -104.93 16.59 37.70
C SER H 143 -105.22 16.42 36.24
N GLY H 144 -105.35 15.16 35.80
CA GLY H 144 -105.61 14.89 34.42
C GLY H 144 -104.28 14.68 33.80
N GLY H 145 -103.24 15.17 34.49
CA GLY H 145 -101.90 14.96 34.03
C GLY H 145 -101.56 13.60 34.49
N THR H 146 -100.36 13.11 34.14
CA THR H 146 -100.05 11.78 34.58
C THR H 146 -99.48 11.81 35.96
N ALA H 147 -99.70 10.71 36.70
CA ALA H 147 -99.20 10.59 38.03
C ALA H 147 -98.37 9.35 38.10
N ALA H 148 -97.42 9.30 39.04
CA ALA H 148 -96.58 8.14 39.16
C ALA H 148 -96.73 7.60 40.55
N LEU H 149 -96.78 6.25 40.66
CA LEU H 149 -96.93 5.61 41.93
C LEU H 149 -96.08 4.38 41.94
N GLY H 150 -95.95 3.70 43.11
CA GLY H 150 -95.15 2.51 43.08
C GLY H 150 -94.98 1.96 44.46
N CYS H 151 -94.13 0.91 44.57
CA CYS H 151 -93.87 0.28 45.82
C CYS H 151 -92.40 0.23 46.06
N LEU H 152 -92.00 0.37 47.34
CA LEU H 152 -90.62 0.30 47.70
C LEU H 152 -90.42 -1.02 48.36
N VAL H 153 -89.65 -1.92 47.71
CA VAL H 153 -89.41 -3.22 48.28
C VAL H 153 -88.04 -3.14 48.89
N LYS H 154 -87.97 -3.25 50.23
CA LYS H 154 -86.68 -2.99 50.82
C LYS H 154 -86.25 -4.09 51.74
N ASP H 155 -84.92 -4.16 51.97
CA ASP H 155 -84.26 -5.04 52.89
C ASP H 155 -84.59 -6.49 52.69
N TYR H 156 -84.38 -7.06 51.49
CA TYR H 156 -84.62 -8.47 51.33
C TYR H 156 -83.37 -9.13 50.82
N PHE H 157 -83.20 -10.44 51.11
CA PHE H 157 -82.04 -11.15 50.65
C PHE H 157 -82.42 -12.61 50.57
N PRO H 158 -81.96 -13.36 49.60
CA PRO H 158 -81.15 -12.87 48.50
C PRO H 158 -82.05 -12.58 47.34
N GLU H 159 -81.48 -12.24 46.18
CA GLU H 159 -82.26 -12.07 44.99
C GLU H 159 -82.72 -13.44 44.64
N PRO H 160 -83.69 -13.66 43.79
CA PRO H 160 -84.45 -12.60 43.16
C PRO H 160 -85.73 -12.25 43.87
N VAL H 161 -86.46 -11.24 43.36
CA VAL H 161 -87.76 -10.90 43.87
C VAL H 161 -88.65 -10.72 42.68
N THR H 162 -89.97 -10.97 42.84
CA THR H 162 -90.88 -10.87 41.73
C THR H 162 -91.85 -9.75 42.01
N VAL H 163 -92.04 -8.85 41.01
CA VAL H 163 -92.94 -7.75 41.20
C VAL H 163 -93.92 -7.70 40.06
N SER H 164 -95.23 -7.65 40.39
CA SER H 164 -96.28 -7.57 39.39
C SER H 164 -97.26 -6.56 39.88
N TRP H 165 -98.10 -6.04 38.96
CA TRP H 165 -99.09 -5.08 39.34
C TRP H 165 -100.43 -5.59 38.94
N ASN H 166 -101.39 -5.55 39.87
CA ASN H 166 -102.74 -5.97 39.62
C ASN H 166 -102.73 -7.37 39.11
N SER H 167 -101.80 -8.20 39.62
CA SER H 167 -101.72 -9.58 39.23
C SER H 167 -101.48 -9.72 37.75
N GLY H 168 -100.68 -8.82 37.17
CA GLY H 168 -100.32 -8.98 35.78
C GLY H 168 -101.29 -8.21 34.93
N ALA H 169 -102.34 -7.66 35.56
CA ALA H 169 -103.35 -6.90 34.87
C ALA H 169 -102.73 -5.65 34.32
N LEU H 170 -101.76 -5.05 35.02
CA LEU H 170 -101.24 -3.76 34.59
C LEU H 170 -99.79 -3.86 34.22
N THR H 171 -99.50 -3.99 32.90
CA THR H 171 -98.18 -4.01 32.31
C THR H 171 -97.61 -2.68 31.86
N SER H 172 -98.42 -1.86 31.17
CA SER H 172 -97.88 -0.71 30.47
C SER H 172 -97.45 0.34 31.42
N GLY H 173 -96.28 0.95 31.14
CA GLY H 173 -95.76 2.04 31.91
C GLY H 173 -95.19 1.53 33.20
N VAL H 174 -94.87 0.22 33.28
CA VAL H 174 -94.36 -0.27 34.53
C VAL H 174 -92.87 -0.40 34.44
N HIS H 175 -92.17 0.12 35.46
CA HIS H 175 -90.74 -0.01 35.49
C HIS H 175 -90.35 -0.59 36.81
N THR H 176 -89.84 -1.83 36.82
CA THR H 176 -89.35 -2.34 38.06
C THR H 176 -87.85 -2.31 37.93
N PHE H 177 -87.20 -1.45 38.74
CA PHE H 177 -85.79 -1.22 38.65
C PHE H 177 -85.04 -2.39 39.20
N PRO H 178 -83.86 -2.58 38.68
CA PRO H 178 -82.96 -3.61 39.12
C PRO H 178 -82.61 -3.30 40.54
N ALA H 179 -82.39 -4.33 41.37
CA ALA H 179 -82.11 -4.10 42.76
C ALA H 179 -80.69 -3.64 42.92
N VAL H 180 -80.43 -2.88 44.01
CA VAL H 180 -79.10 -2.43 44.31
C VAL H 180 -78.71 -3.03 45.62
N LEU H 181 -77.42 -3.40 45.75
CA LEU H 181 -77.00 -3.96 47.00
C LEU H 181 -76.65 -2.80 47.87
N GLN H 182 -77.36 -2.66 49.00
CA GLN H 182 -77.16 -1.54 49.87
C GLN H 182 -76.01 -1.77 50.80
N SER H 183 -75.63 -0.73 51.56
CA SER H 183 -74.49 -0.79 52.43
C SER H 183 -74.71 -1.89 53.44
N SER H 184 -75.98 -2.15 53.80
CA SER H 184 -76.32 -3.14 54.78
C SER H 184 -75.92 -4.49 54.26
N GLY H 185 -75.95 -4.65 52.92
CA GLY H 185 -75.69 -5.93 52.35
C GLY H 185 -77.00 -6.52 51.94
N LEU H 186 -78.11 -5.81 52.26
CA LEU H 186 -79.42 -6.26 51.88
C LEU H 186 -79.76 -5.62 50.56
N TYR H 187 -80.77 -6.18 49.83
CA TYR H 187 -81.16 -5.69 48.54
C TYR H 187 -82.37 -4.82 48.65
N SER H 188 -82.43 -3.74 47.84
CA SER H 188 -83.60 -2.91 47.83
C SER H 188 -83.92 -2.53 46.41
N LEU H 189 -85.23 -2.32 46.09
CA LEU H 189 -85.62 -1.90 44.77
C LEU H 189 -86.97 -1.24 44.83
N SER H 190 -87.36 -0.58 43.73
CA SER H 190 -88.66 0.04 43.68
C SER H 190 -89.28 -0.28 42.35
N SER H 191 -90.62 -0.36 42.32
CA SER H 191 -91.33 -0.61 41.09
C SER H 191 -92.25 0.56 40.93
N VAL H 192 -92.31 1.15 39.71
CA VAL H 192 -93.15 2.29 39.54
C VAL H 192 -93.99 2.12 38.32
N VAL H 193 -95.10 2.89 38.25
CA VAL H 193 -95.91 2.88 37.06
C VAL H 193 -96.48 4.25 36.94
N THR H 194 -96.71 4.70 35.69
CA THR H 194 -97.27 5.99 35.47
C THR H 194 -98.69 5.77 35.03
N VAL H 195 -99.63 6.54 35.60
CA VAL H 195 -101.03 6.38 35.28
C VAL H 195 -101.64 7.75 35.21
N PRO H 196 -102.85 7.83 34.69
CA PRO H 196 -103.53 9.10 34.63
C PRO H 196 -103.96 9.52 35.99
N SER H 197 -103.98 10.83 36.27
CA SER H 197 -104.35 11.32 37.57
C SER H 197 -105.77 10.98 37.83
N SER H 198 -106.57 10.88 36.76
CA SER H 198 -107.98 10.63 36.87
C SER H 198 -108.19 9.27 37.47
N SER H 199 -107.27 8.34 37.18
CA SER H 199 -107.39 6.97 37.61
C SER H 199 -107.25 6.86 39.09
N LEU H 200 -106.65 7.86 39.76
CA LEU H 200 -106.51 7.71 41.18
C LEU H 200 -107.87 7.77 41.80
N GLY H 201 -108.18 6.73 42.62
CA GLY H 201 -109.41 6.63 43.34
C GLY H 201 -110.32 5.68 42.62
N THR H 202 -110.43 5.86 41.30
CA THR H 202 -111.27 5.02 40.48
C THR H 202 -110.63 3.67 40.33
N GLN H 203 -109.31 3.64 40.10
CA GLN H 203 -108.66 2.39 39.80
C GLN H 203 -107.88 1.91 40.98
N THR H 204 -107.93 0.58 41.21
CA THR H 204 -107.18 0.01 42.28
C THR H 204 -105.82 -0.34 41.78
N TYR H 205 -104.78 -0.05 42.59
CA TYR H 205 -103.44 -0.39 42.20
C TYR H 205 -102.85 -1.22 43.30
N ILE H 206 -102.54 -2.50 43.00
CA ILE H 206 -102.00 -3.39 44.00
C ILE H 206 -100.65 -3.82 43.53
N CYS H 207 -99.61 -3.69 44.38
CA CYS H 207 -98.32 -4.16 43.96
C CYS H 207 -98.13 -5.52 44.56
N ASN H 208 -97.75 -6.49 43.71
CA ASN H 208 -97.63 -7.84 44.15
C ASN H 208 -96.17 -8.15 44.30
N VAL H 209 -95.73 -8.50 45.52
CA VAL H 209 -94.34 -8.79 45.70
C VAL H 209 -94.22 -10.22 46.13
N ASN H 210 -93.35 -10.98 45.45
CA ASN H 210 -93.16 -12.37 45.78
C ASN H 210 -91.68 -12.62 45.89
N HIS H 211 -91.23 -13.03 47.10
CA HIS H 211 -89.84 -13.30 47.30
C HIS H 211 -89.73 -14.74 47.72
N LYS H 212 -89.35 -15.60 46.75
CA LYS H 212 -89.34 -17.02 46.89
C LYS H 212 -88.37 -17.50 47.92
N PRO H 213 -87.18 -16.97 48.03
CA PRO H 213 -86.28 -17.49 49.01
C PRO H 213 -86.83 -17.40 50.41
N SER H 214 -87.42 -16.23 50.77
CA SER H 214 -88.00 -16.02 52.07
C SER H 214 -89.35 -16.67 52.11
N ASN H 215 -89.86 -17.08 50.94
CA ASN H 215 -91.17 -17.69 50.87
C ASN H 215 -92.22 -16.72 51.34
N THR H 216 -92.07 -15.42 51.03
CA THR H 216 -93.04 -14.45 51.49
C THR H 216 -93.74 -13.88 50.30
N LYS H 217 -95.01 -13.47 50.48
CA LYS H 217 -95.76 -12.90 49.40
C LYS H 217 -96.44 -11.68 49.96
N VAL H 218 -96.46 -10.55 49.22
CA VAL H 218 -97.07 -9.37 49.78
C VAL H 218 -97.91 -8.68 48.74
N ASP H 219 -99.06 -8.13 49.18
CA ASP H 219 -99.90 -7.36 48.30
C ASP H 219 -100.13 -6.05 48.96
N LYS H 220 -99.57 -4.96 48.39
CA LYS H 220 -99.71 -3.68 49.02
C LYS H 220 -100.58 -2.84 48.13
N ARG H 221 -101.58 -2.16 48.72
CA ARG H 221 -102.43 -1.30 47.95
C ARG H 221 -101.80 0.06 48.03
N VAL H 222 -101.63 0.73 46.87
CA VAL H 222 -101.07 2.05 46.90
C VAL H 222 -102.21 2.98 46.67
N GLU H 223 -102.34 3.98 47.56
CA GLU H 223 -103.42 4.92 47.51
C GLU H 223 -102.81 6.28 47.66
N PRO H 224 -103.50 7.29 47.23
CA PRO H 224 -103.03 8.63 47.40
C PRO H 224 -103.24 9.00 48.83
N LYS H 225 -102.52 10.03 49.31
CA LYS H 225 -102.66 10.47 50.67
C LYS H 225 -104.14 10.69 50.94
N ASP I 1 -50.89 -16.10 28.61
CA ASP I 1 -52.32 -16.18 28.24
C ASP I 1 -52.59 -15.11 27.23
N ILE I 2 -53.88 -14.90 26.88
CA ILE I 2 -54.17 -13.90 25.91
C ILE I 2 -55.28 -13.05 26.42
N GLN I 3 -55.22 -11.73 26.15
CA GLN I 3 -56.29 -10.88 26.60
C GLN I 3 -56.98 -10.36 25.38
N MET I 4 -58.33 -10.36 25.39
CA MET I 4 -59.05 -9.85 24.28
C MET I 4 -59.65 -8.55 24.73
N THR I 5 -59.50 -7.50 23.90
CA THR I 5 -60.00 -6.22 24.27
C THR I 5 -60.88 -5.73 23.16
N GLN I 6 -62.17 -5.49 23.48
CA GLN I 6 -63.13 -5.06 22.52
C GLN I 6 -63.23 -3.58 22.54
N SER I 7 -63.68 -2.99 21.42
CA SER I 7 -63.87 -1.56 21.36
C SER I 7 -64.87 -1.30 20.28
N PRO I 8 -65.75 -0.36 20.46
CA PRO I 8 -65.86 0.43 21.66
C PRO I 8 -66.59 -0.34 22.70
N SER I 9 -66.51 0.11 23.97
CA SER I 9 -67.19 -0.55 25.05
C SER I 9 -68.67 -0.36 24.89
N THR I 10 -69.09 0.80 24.36
CA THR I 10 -70.51 1.01 24.20
C THR I 10 -70.72 1.80 22.94
N LEU I 11 -71.89 1.64 22.28
CA LEU I 11 -72.15 2.40 21.10
C LEU I 11 -73.63 2.55 20.93
N SER I 12 -74.08 3.61 20.24
CA SER I 12 -75.48 3.77 19.97
C SER I 12 -75.61 4.05 18.51
N ALA I 13 -76.53 3.32 17.83
CA ALA I 13 -76.69 3.51 16.41
C ALA I 13 -78.15 3.48 16.12
N SER I 14 -78.55 4.05 14.97
CA SER I 14 -79.92 4.09 14.58
C SER I 14 -80.24 2.86 13.82
N VAL I 15 -81.55 2.56 13.67
CA VAL I 15 -81.97 1.36 13.01
C VAL I 15 -81.62 1.43 11.57
N GLY I 16 -81.07 0.32 11.05
CA GLY I 16 -80.75 0.21 9.66
C GLY I 16 -79.31 0.55 9.40
N ASP I 17 -78.64 1.19 10.39
CA ASP I 17 -77.27 1.57 10.10
C ASP I 17 -76.39 0.39 10.30
N ARG I 18 -75.10 0.55 9.92
CA ARG I 18 -74.13 -0.51 9.97
C ARG I 18 -73.28 -0.29 11.20
N VAL I 19 -73.11 -1.35 12.02
CA VAL I 19 -72.37 -1.22 13.24
C VAL I 19 -71.16 -2.11 13.14
N THR I 20 -70.00 -1.65 13.66
CA THR I 20 -68.82 -2.46 13.59
C THR I 20 -68.11 -2.47 14.91
N ILE I 21 -68.06 -3.65 15.57
CA ILE I 21 -67.39 -3.78 16.84
C ILE I 21 -66.12 -4.53 16.57
N THR I 22 -65.00 -4.08 17.16
CA THR I 22 -63.73 -4.72 16.93
C THR I 22 -63.26 -5.36 18.21
N CYS I 23 -62.37 -6.38 18.07
CA CYS I 23 -61.82 -7.10 19.18
C CYS I 23 -60.34 -7.25 18.89
N ARG I 24 -59.46 -6.99 19.89
CA ARG I 24 -58.04 -7.09 19.62
C ARG I 24 -57.40 -8.03 20.62
N ALA I 25 -56.76 -9.11 20.12
CA ALA I 25 -56.09 -10.06 20.96
C ALA I 25 -54.70 -9.59 21.22
N SER I 26 -54.14 -9.98 22.39
CA SER I 26 -52.82 -9.62 22.82
C SER I 26 -51.82 -10.28 21.92
N GLN I 27 -52.14 -11.46 21.38
CA GLN I 27 -51.23 -12.14 20.49
C GLN I 27 -52.05 -12.95 19.54
N SER I 28 -51.41 -13.46 18.47
CA SER I 28 -52.11 -14.16 17.41
C SER I 28 -52.81 -15.38 17.92
N ILE I 29 -54.15 -15.33 17.82
CA ILE I 29 -55.13 -16.37 18.02
C ILE I 29 -55.37 -17.14 16.77
N SER I 30 -54.98 -16.58 15.60
CA SER I 30 -55.22 -17.26 14.36
C SER I 30 -56.67 -17.03 14.09
N SER I 31 -57.39 -18.07 13.63
CA SER I 31 -58.79 -18.05 13.33
C SER I 31 -59.62 -18.36 14.53
N TRP I 32 -58.98 -18.62 15.68
CA TRP I 32 -59.75 -19.11 16.78
C TRP I 32 -60.50 -18.02 17.48
N LEU I 33 -61.52 -17.41 16.83
CA LEU I 33 -62.30 -16.47 17.58
C LEU I 33 -63.76 -16.69 17.32
N ALA I 34 -64.61 -16.51 18.35
CA ALA I 34 -66.03 -16.58 18.12
C ALA I 34 -66.70 -15.42 18.79
N TRP I 35 -67.97 -15.14 18.38
CA TRP I 35 -68.69 -14.03 18.90
C TRP I 35 -69.97 -14.52 19.52
N TYR I 36 -70.43 -13.81 20.58
CA TYR I 36 -71.64 -14.19 21.27
C TYR I 36 -72.49 -12.97 21.46
N GLN I 37 -73.83 -13.18 21.49
CA GLN I 37 -74.77 -12.13 21.74
C GLN I 37 -75.42 -12.43 23.05
N GLN I 38 -75.60 -11.40 23.92
CA GLN I 38 -76.24 -11.65 25.18
C GLN I 38 -77.22 -10.55 25.44
N LYS I 39 -78.42 -10.93 25.92
CA LYS I 39 -79.48 -10.01 26.23
C LYS I 39 -79.52 -9.91 27.72
N PRO I 40 -80.17 -8.92 28.25
CA PRO I 40 -80.16 -8.80 29.68
C PRO I 40 -80.77 -10.00 30.33
N ARG I 41 -80.02 -10.57 31.30
CA ARG I 41 -80.29 -11.70 32.16
C ARG I 41 -80.33 -13.00 31.40
N LYS I 42 -80.42 -12.95 30.06
CA LYS I 42 -80.46 -14.17 29.30
C LYS I 42 -79.07 -14.68 29.09
N ALA I 43 -78.95 -15.97 28.76
CA ALA I 43 -77.67 -16.61 28.50
C ALA I 43 -77.23 -16.27 27.10
N PRO I 44 -75.94 -16.28 26.91
CA PRO I 44 -75.35 -15.89 25.65
C PRO I 44 -75.67 -16.82 24.52
N LYS I 45 -75.77 -16.28 23.29
CA LYS I 45 -76.01 -17.11 22.15
C LYS I 45 -74.84 -16.95 21.24
N LEU I 46 -74.43 -18.05 20.59
CA LEU I 46 -73.27 -18.01 19.73
C LEU I 46 -73.66 -17.49 18.38
N LEU I 47 -73.07 -16.35 17.97
CA LEU I 47 -73.27 -15.78 16.66
C LEU I 47 -72.36 -16.32 15.60
N ILE I 48 -71.03 -16.31 15.85
CA ILE I 48 -70.07 -16.64 14.83
C ILE I 48 -69.00 -17.51 15.40
N TYR I 49 -68.45 -18.40 14.53
CA TYR I 49 -67.40 -19.28 14.93
C TYR I 49 -66.38 -19.29 13.83
N LYS I 50 -65.10 -19.52 14.20
CA LYS I 50 -64.00 -19.53 13.29
C LYS I 50 -63.92 -18.20 12.61
N ALA I 51 -64.23 -17.14 13.36
CA ALA I 51 -64.10 -15.78 12.94
C ALA I 51 -65.13 -15.36 11.92
N SER I 52 -65.67 -16.26 11.08
CA SER I 52 -66.58 -15.73 10.10
C SER I 52 -67.67 -16.71 9.75
N THR I 53 -67.84 -17.80 10.51
CA THR I 53 -68.84 -18.74 10.08
C THR I 53 -70.07 -18.50 10.92
N LEU I 54 -71.22 -18.32 10.23
CA LEU I 54 -72.45 -18.04 10.92
C LEU I 54 -72.96 -19.31 11.54
N GLU I 55 -73.40 -19.22 12.81
CA GLU I 55 -73.93 -20.35 13.52
C GLU I 55 -75.29 -20.60 12.96
N SER I 56 -75.79 -21.84 13.08
CA SER I 56 -77.05 -22.14 12.50
C SER I 56 -78.13 -21.35 13.17
N GLY I 57 -79.06 -20.79 12.36
CA GLY I 57 -80.23 -20.12 12.86
C GLY I 57 -79.96 -18.68 13.17
N VAL I 58 -78.72 -18.20 13.03
CA VAL I 58 -78.44 -16.83 13.36
C VAL I 58 -78.77 -15.98 12.17
N PRO I 59 -79.26 -14.78 12.39
CA PRO I 59 -79.65 -13.91 11.31
C PRO I 59 -78.48 -13.51 10.47
N SER I 60 -78.71 -13.38 9.15
CA SER I 60 -77.71 -13.08 8.16
C SER I 60 -77.18 -11.68 8.31
N ARG I 61 -77.86 -10.82 9.09
CA ARG I 61 -77.43 -9.45 9.24
C ARG I 61 -76.08 -9.44 9.87
N PHE I 62 -75.82 -10.43 10.72
CA PHE I 62 -74.57 -10.48 11.41
C PHE I 62 -73.53 -11.13 10.54
N SER I 63 -72.29 -10.57 10.56
CA SER I 63 -71.20 -11.16 9.84
C SER I 63 -69.95 -10.90 10.63
N GLY I 64 -68.90 -11.73 10.42
CA GLY I 64 -67.68 -11.54 11.16
C GLY I 64 -66.52 -11.75 10.26
N SER I 65 -65.49 -10.88 10.38
CA SER I 65 -64.32 -10.99 9.56
C SER I 65 -63.12 -10.85 10.47
N GLY I 66 -61.91 -11.18 9.95
CA GLY I 66 -60.75 -11.03 10.78
C GLY I 66 -59.54 -11.48 10.04
N SER I 67 -58.38 -10.93 10.43
CA SER I 67 -57.11 -11.31 9.87
C SER I 67 -56.08 -10.86 10.85
N GLY I 68 -55.03 -11.67 11.05
CA GLY I 68 -54.03 -11.30 12.01
C GLY I 68 -54.65 -11.46 13.36
N THR I 69 -54.34 -10.49 14.25
CA THR I 69 -54.83 -10.35 15.60
C THR I 69 -56.15 -9.62 15.71
N GLU I 70 -56.55 -8.83 14.68
CA GLU I 70 -57.73 -8.00 14.83
C GLU I 70 -58.92 -8.61 14.13
N PHE I 71 -60.10 -8.59 14.80
CA PHE I 71 -61.26 -9.21 14.22
C PHE I 71 -62.41 -8.27 14.34
N THR I 72 -63.41 -8.36 13.41
CA THR I 72 -64.51 -7.46 13.53
C THR I 72 -65.81 -8.15 13.27
N LEU I 73 -66.83 -7.80 14.08
CA LEU I 73 -68.16 -8.29 13.91
C LEU I 73 -68.96 -7.14 13.39
N THR I 74 -69.56 -7.28 12.19
CA THR I 74 -70.32 -6.18 11.67
C THR I 74 -71.77 -6.59 11.64
N ILE I 75 -72.67 -5.61 11.87
CA ILE I 75 -74.09 -5.83 11.77
C ILE I 75 -74.55 -4.90 10.68
N SER I 76 -74.91 -5.47 9.51
CA SER I 76 -75.20 -4.70 8.33
C SER I 76 -76.37 -3.80 8.48
N SER I 77 -77.49 -4.27 9.06
CA SER I 77 -78.62 -3.39 9.21
C SER I 77 -79.15 -3.58 10.59
N LEU I 78 -78.86 -2.60 11.47
CA LEU I 78 -79.20 -2.70 12.86
C LEU I 78 -80.69 -2.76 13.00
N GLN I 79 -81.17 -3.62 13.93
CA GLN I 79 -82.58 -3.77 14.16
C GLN I 79 -82.80 -3.59 15.64
N PRO I 80 -84.02 -3.36 16.04
CA PRO I 80 -84.29 -3.15 17.44
C PRO I 80 -84.01 -4.38 18.25
N ASP I 81 -84.09 -5.57 17.65
CA ASP I 81 -83.88 -6.82 18.35
C ASP I 81 -82.46 -6.87 18.79
N ASP I 82 -81.57 -6.21 18.03
CA ASP I 82 -80.14 -6.27 18.15
C ASP I 82 -79.62 -5.74 19.46
N PHE I 83 -80.43 -4.97 20.23
CA PHE I 83 -79.95 -4.44 21.49
C PHE I 83 -79.38 -5.56 22.33
N ALA I 84 -78.12 -5.39 22.78
CA ALA I 84 -77.50 -6.40 23.58
C ALA I 84 -76.06 -6.05 23.80
N THR I 85 -75.34 -6.94 24.51
CA THR I 85 -73.93 -6.81 24.69
C THR I 85 -73.34 -7.89 23.84
N TYR I 86 -72.27 -7.58 23.09
CA TYR I 86 -71.66 -8.56 22.22
C TYR I 86 -70.29 -8.84 22.73
N TYR I 87 -69.90 -10.14 22.74
CA TYR I 87 -68.61 -10.51 23.26
C TYR I 87 -67.87 -11.31 22.22
N CYS I 88 -66.53 -11.12 22.17
CA CYS I 88 -65.67 -11.91 21.34
C CYS I 88 -65.01 -12.87 22.28
N GLN I 89 -64.57 -14.04 21.76
CA GLN I 89 -63.86 -14.98 22.59
C GLN I 89 -62.82 -15.61 21.73
N GLN I 90 -61.70 -16.04 22.36
CA GLN I 90 -60.70 -16.74 21.63
C GLN I 90 -60.52 -18.08 22.30
N TYR I 91 -60.79 -19.12 21.50
CA TYR I 91 -60.62 -20.53 21.73
C TYR I 91 -59.25 -21.02 21.34
N ASN I 92 -58.41 -20.12 20.78
CA ASN I 92 -57.11 -20.50 20.29
C ASN I 92 -56.32 -21.21 21.32
N SER I 93 -56.19 -20.65 22.53
CA SER I 93 -55.38 -21.31 23.51
C SER I 93 -56.01 -21.14 24.86
N TYR I 94 -55.59 -21.99 25.82
CA TYR I 94 -56.09 -21.95 27.16
C TYR I 94 -55.28 -20.97 27.96
N SER I 95 -55.94 -20.22 28.89
CA SER I 95 -57.34 -20.36 29.14
C SER I 95 -58.13 -19.58 28.15
N LEU I 96 -59.41 -20.00 27.97
CA LEU I 96 -60.34 -19.37 27.09
C LEU I 96 -60.60 -18.01 27.64
N THR I 97 -60.71 -16.98 26.76
CA THR I 97 -60.95 -15.67 27.29
C THR I 97 -61.96 -14.93 26.47
N PHE I 98 -62.78 -14.10 27.16
CA PHE I 98 -63.80 -13.30 26.54
C PHE I 98 -63.39 -11.87 26.64
N GLY I 99 -63.88 -11.03 25.71
CA GLY I 99 -63.59 -9.62 25.73
C GLY I 99 -64.48 -9.00 26.77
N GLY I 100 -64.30 -7.68 27.01
CA GLY I 100 -65.02 -6.94 28.01
C GLY I 100 -66.49 -6.90 27.70
N GLY I 101 -66.85 -6.82 26.41
CA GLY I 101 -68.25 -6.76 26.04
C GLY I 101 -68.56 -5.38 25.53
N THR I 102 -69.34 -5.31 24.43
CA THR I 102 -69.73 -4.04 23.87
C THR I 102 -71.21 -3.92 23.96
N LYS I 103 -71.71 -2.86 24.63
CA LYS I 103 -73.13 -2.74 24.73
C LYS I 103 -73.62 -1.90 23.58
N VAL I 104 -74.62 -2.43 22.86
CA VAL I 104 -75.15 -1.72 21.74
C VAL I 104 -76.48 -1.17 22.16
N GLU I 105 -76.82 0.07 21.73
CA GLU I 105 -78.10 0.60 22.11
C GLU I 105 -78.70 1.29 20.93
N ILE I 106 -80.05 1.26 20.84
CA ILE I 106 -80.76 1.85 19.73
C ILE I 106 -80.85 3.32 19.95
N LYS I 107 -80.35 4.10 18.97
CA LYS I 107 -80.39 5.54 19.04
C LYS I 107 -81.74 6.00 18.61
N ARG I 108 -82.36 6.88 19.45
CA ARG I 108 -83.63 7.46 19.15
C ARG I 108 -83.56 8.92 19.46
N THR I 109 -84.65 9.66 19.21
CA THR I 109 -84.67 11.08 19.44
C THR I 109 -84.57 11.33 20.91
N VAL I 110 -84.03 12.51 21.28
CA VAL I 110 -83.82 12.81 22.67
C VAL I 110 -85.15 12.98 23.33
N ALA I 111 -85.27 12.51 24.59
CA ALA I 111 -86.51 12.66 25.29
C ALA I 111 -86.21 13.07 26.70
N ALA I 112 -86.97 14.06 27.23
CA ALA I 112 -86.80 14.56 28.56
C ALA I 112 -87.50 13.65 29.52
N PRO I 113 -86.96 13.54 30.71
CA PRO I 113 -87.58 12.70 31.71
C PRO I 113 -88.66 13.40 32.47
N SER I 114 -89.72 12.66 32.88
CA SER I 114 -90.71 13.21 33.75
C SER I 114 -90.13 12.99 35.11
N VAL I 115 -90.29 13.95 36.04
CA VAL I 115 -89.65 13.74 37.31
C VAL I 115 -90.67 13.74 38.40
N PHE I 116 -90.55 12.77 39.34
CA PHE I 116 -91.45 12.66 40.44
C PHE I 116 -90.63 12.49 41.68
N ILE I 117 -91.15 12.94 42.84
CA ILE I 117 -90.46 12.82 44.09
C ILE I 117 -91.40 12.15 45.07
N PHE I 118 -90.90 11.19 45.87
CA PHE I 118 -91.75 10.51 46.81
C PHE I 118 -91.20 10.64 48.20
N PRO I 119 -92.03 11.07 49.12
CA PRO I 119 -91.62 11.18 50.50
C PRO I 119 -91.70 9.82 51.15
N PRO I 120 -91.06 9.62 52.28
CA PRO I 120 -91.12 8.37 52.99
C PRO I 120 -92.49 8.14 53.54
N SER I 121 -92.92 6.87 53.56
CA SER I 121 -94.21 6.53 54.07
C SER I 121 -94.13 6.55 55.56
N ASP I 122 -95.29 6.74 56.21
CA ASP I 122 -95.37 6.79 57.64
C ASP I 122 -94.97 5.44 58.16
N GLU I 123 -95.34 4.37 57.43
CA GLU I 123 -95.05 3.04 57.88
C GLU I 123 -93.57 2.86 57.97
N GLN I 124 -92.82 3.38 56.97
CA GLN I 124 -91.40 3.20 56.94
C GLN I 124 -90.74 3.90 58.10
N LEU I 125 -91.26 5.07 58.50
CA LEU I 125 -90.64 5.86 59.52
C LEU I 125 -90.53 5.07 60.79
N LYS I 126 -91.50 4.17 61.05
CA LYS I 126 -91.57 3.37 62.24
C LYS I 126 -90.30 2.61 62.35
N SER I 127 -89.69 2.25 61.20
CA SER I 127 -88.41 1.62 61.28
C SER I 127 -87.46 2.71 61.70
N GLY I 128 -86.17 2.52 61.47
CA GLY I 128 -85.25 3.56 61.79
C GLY I 128 -85.12 4.58 60.71
N THR I 129 -85.28 4.13 59.46
CA THR I 129 -84.82 4.91 58.35
C THR I 129 -85.93 5.55 57.57
N ALA I 130 -85.53 6.57 56.78
CA ALA I 130 -86.44 7.24 55.89
C ALA I 130 -85.85 7.13 54.53
N SER I 131 -86.67 6.74 53.54
CA SER I 131 -86.14 6.58 52.23
C SER I 131 -86.87 7.57 51.35
N VAL I 132 -86.10 8.44 50.68
CA VAL I 132 -86.69 9.41 49.79
C VAL I 132 -86.38 8.92 48.40
N VAL I 133 -87.40 8.86 47.52
CA VAL I 133 -87.19 8.33 46.20
C VAL I 133 -87.49 9.39 45.16
N CYS I 134 -86.70 9.38 44.06
CA CYS I 134 -86.87 10.32 42.98
C CYS I 134 -86.86 9.53 41.69
N LEU I 135 -87.99 9.56 40.95
CA LEU I 135 -88.10 8.79 39.76
C LEU I 135 -87.89 9.64 38.53
N LEU I 136 -87.02 9.16 37.62
CA LEU I 136 -86.82 9.79 36.34
C LEU I 136 -87.41 8.83 35.34
N ASN I 137 -88.43 9.29 34.59
CA ASN I 137 -89.17 8.36 33.78
C ASN I 137 -89.02 8.64 32.31
N ASN I 138 -88.76 7.56 31.53
CA ASN I 138 -88.71 7.50 30.10
C ASN I 138 -87.92 8.60 29.45
N PHE I 139 -86.58 8.56 29.58
CA PHE I 139 -85.74 9.57 28.97
C PHE I 139 -84.69 8.93 28.10
N TYR I 140 -84.17 9.71 27.12
CA TYR I 140 -83.08 9.28 26.28
C TYR I 140 -82.27 10.50 26.01
N PRO I 141 -80.95 10.49 25.99
CA PRO I 141 -80.10 9.35 26.21
C PRO I 141 -80.02 8.97 27.65
N ARG I 142 -79.30 7.86 27.93
CA ARG I 142 -79.20 7.28 29.24
C ARG I 142 -78.56 8.22 30.23
N GLU I 143 -77.56 9.02 29.82
CA GLU I 143 -76.89 9.83 30.79
C GLU I 143 -77.85 10.81 31.41
N ALA I 144 -77.97 10.76 32.76
CA ALA I 144 -78.82 11.67 33.48
C ALA I 144 -78.17 11.95 34.80
N LYS I 145 -78.29 13.19 35.31
CA LYS I 145 -77.61 13.54 36.54
C LYS I 145 -78.63 13.85 37.60
N VAL I 146 -78.41 13.35 38.84
CA VAL I 146 -79.33 13.64 39.90
C VAL I 146 -78.57 14.15 41.09
N GLN I 147 -78.98 15.32 41.62
CA GLN I 147 -78.35 15.86 42.80
C GLN I 147 -79.42 15.91 43.86
N TRP I 148 -79.03 15.67 45.14
CA TRP I 148 -79.98 15.70 46.22
C TRP I 148 -79.67 16.86 47.12
N LYS I 149 -80.72 17.58 47.56
CA LYS I 149 -80.56 18.73 48.42
C LYS I 149 -81.49 18.61 49.58
N VAL I 150 -80.96 18.70 50.82
CA VAL I 150 -81.79 18.75 51.98
C VAL I 150 -81.64 20.15 52.48
N ASP I 151 -82.75 20.94 52.47
CA ASP I 151 -82.72 22.34 52.79
C ASP I 151 -81.52 22.99 52.19
N ASN I 152 -81.45 22.87 50.85
CA ASN I 152 -80.47 23.38 49.91
C ASN I 152 -79.08 23.03 50.31
N ALA I 153 -78.85 21.83 50.88
CA ALA I 153 -77.52 21.41 51.18
C ALA I 153 -77.25 20.21 50.31
N LEU I 154 -76.07 20.16 49.68
CA LEU I 154 -75.74 19.09 48.77
C LEU I 154 -75.52 17.86 49.58
N GLN I 155 -75.81 16.68 48.98
CA GLN I 155 -75.72 15.48 49.76
C GLN I 155 -74.69 14.59 49.13
N SER I 156 -73.96 13.80 49.96
CA SER I 156 -72.98 12.92 49.40
C SER I 156 -72.90 11.68 50.21
N GLY I 157 -72.81 10.52 49.52
CA GLY I 157 -72.58 9.24 50.13
C GLY I 157 -73.84 8.67 50.71
N ASN I 158 -75.01 9.33 50.50
CA ASN I 158 -76.20 8.77 51.08
C ASN I 158 -77.15 8.45 49.96
N SER I 159 -76.66 8.29 48.72
CA SER I 159 -77.59 8.07 47.65
C SER I 159 -77.18 6.87 46.85
N GLN I 160 -78.19 6.23 46.21
CA GLN I 160 -77.96 5.10 45.37
C GLN I 160 -78.89 5.23 44.19
N GLU I 161 -78.44 4.80 42.99
CA GLU I 161 -79.30 4.94 41.84
C GLU I 161 -79.32 3.65 41.06
N SER I 162 -80.42 3.44 40.29
CA SER I 162 -80.59 2.26 39.49
C SER I 162 -81.15 2.68 38.16
N VAL I 163 -80.76 1.97 37.09
CA VAL I 163 -81.25 2.32 35.79
C VAL I 163 -81.83 1.08 35.15
N THR I 164 -82.95 1.25 34.42
CA THR I 164 -83.59 0.14 33.78
C THR I 164 -82.93 -0.10 32.46
N GLU I 165 -83.25 -1.27 31.86
CA GLU I 165 -82.75 -1.63 30.56
C GLU I 165 -83.54 -0.82 29.59
N GLN I 166 -83.02 -0.67 28.35
CA GLN I 166 -83.71 0.13 27.38
C GLN I 166 -85.04 -0.50 27.14
N ASP I 167 -86.10 0.34 27.01
CA ASP I 167 -87.46 -0.10 26.89
C ASP I 167 -87.67 -0.79 25.59
N SER I 168 -88.56 -1.81 25.61
CA SER I 168 -88.84 -2.55 24.41
C SER I 168 -89.47 -1.65 23.39
N LYS I 169 -90.63 -1.05 23.74
CA LYS I 169 -91.32 -0.19 22.83
C LYS I 169 -90.67 1.15 22.65
N ASP I 170 -90.45 1.87 23.77
CA ASP I 170 -89.99 3.23 23.81
C ASP I 170 -88.57 3.40 23.38
N SER I 171 -87.69 2.44 23.75
CA SER I 171 -86.28 2.61 23.53
C SER I 171 -85.79 3.69 24.45
N THR I 172 -86.51 3.92 25.55
CA THR I 172 -86.14 4.92 26.53
C THR I 172 -85.56 4.24 27.75
N TYR I 173 -85.05 5.04 28.71
CA TYR I 173 -84.47 4.53 29.94
C TYR I 173 -85.17 5.22 31.09
N SER I 174 -85.17 4.58 32.28
CA SER I 174 -85.76 5.17 33.45
C SER I 174 -84.79 5.02 34.59
N LEU I 175 -84.88 5.91 35.62
CA LEU I 175 -83.91 5.84 36.68
C LEU I 175 -84.55 6.17 38.00
N SER I 176 -84.09 5.51 39.07
CA SER I 176 -84.59 5.75 40.41
C SER I 176 -83.41 6.13 41.27
N SER I 177 -83.58 7.13 42.16
CA SER I 177 -82.50 7.50 43.03
C SER I 177 -83.03 7.47 44.43
N THR I 178 -82.31 6.82 45.36
CA THR I 178 -82.87 6.75 46.68
C THR I 178 -81.92 7.38 47.66
N LEU I 179 -82.46 8.31 48.46
CA LEU I 179 -81.67 8.96 49.48
C LEU I 179 -82.09 8.37 50.79
N THR I 180 -81.14 7.82 51.56
CA THR I 180 -81.55 7.18 52.79
C THR I 180 -81.02 7.98 53.95
N LEU I 181 -81.87 8.14 54.98
CA LEU I 181 -81.47 8.89 56.15
C LEU I 181 -82.08 8.27 57.38
N SER I 182 -81.54 8.65 58.54
CA SER I 182 -82.07 8.19 59.78
C SER I 182 -83.37 8.91 59.98
N LYS I 183 -84.23 8.35 60.83
CA LYS I 183 -85.48 8.96 61.14
C LYS I 183 -85.18 10.25 61.83
N ALA I 184 -84.16 10.22 62.72
CA ALA I 184 -83.81 11.38 63.50
C ALA I 184 -83.33 12.46 62.57
N ASP I 185 -82.49 12.12 61.59
CA ASP I 185 -81.94 13.11 60.71
C ASP I 185 -83.02 13.71 59.87
N TYR I 186 -83.98 12.89 59.42
CA TYR I 186 -85.03 13.29 58.52
C TYR I 186 -85.88 14.33 59.18
N GLU I 187 -86.22 14.13 60.46
CA GLU I 187 -87.09 15.01 61.22
C GLU I 187 -86.43 16.34 61.38
N LYS I 188 -85.09 16.35 61.33
CA LYS I 188 -84.32 17.55 61.52
C LYS I 188 -84.61 18.55 60.44
N HIS I 189 -84.84 18.13 59.18
CA HIS I 189 -84.92 19.14 58.16
C HIS I 189 -86.24 19.13 57.43
N LYS I 190 -86.62 20.35 56.96
CA LYS I 190 -87.82 20.71 56.25
C LYS I 190 -87.89 20.38 54.78
N VAL I 191 -86.87 20.74 53.99
CA VAL I 191 -87.08 20.67 52.56
C VAL I 191 -86.23 19.60 51.93
N TYR I 192 -86.89 18.73 51.13
CA TYR I 192 -86.14 17.71 50.44
C TYR I 192 -86.35 17.93 48.98
N ALA I 193 -85.25 18.12 48.23
CA ALA I 193 -85.36 18.42 46.83
C ALA I 193 -84.50 17.49 46.03
N CYS I 194 -84.95 17.19 44.79
CA CYS I 194 -84.28 16.34 43.84
C CYS I 194 -84.04 17.17 42.60
N GLU I 195 -82.77 17.39 42.21
CA GLU I 195 -82.48 18.21 41.05
C GLU I 195 -82.01 17.34 39.93
N VAL I 196 -82.55 17.56 38.71
CA VAL I 196 -82.17 16.70 37.62
C VAL I 196 -81.71 17.50 36.44
N THR I 197 -80.62 17.02 35.79
CA THR I 197 -80.07 17.66 34.62
C THR I 197 -80.03 16.61 33.54
N HIS I 198 -80.40 16.98 32.30
CA HIS I 198 -80.40 16.04 31.22
C HIS I 198 -80.30 16.81 29.94
N GLN I 199 -79.92 16.12 28.84
CA GLN I 199 -79.74 16.76 27.55
C GLN I 199 -81.05 17.33 27.12
N GLY I 200 -82.13 16.62 27.44
CA GLY I 200 -83.47 16.93 27.07
C GLY I 200 -83.95 18.19 27.71
N LEU I 201 -83.38 18.59 28.87
CA LEU I 201 -83.91 19.73 29.59
C LEU I 201 -83.14 20.99 29.29
N SER I 202 -83.89 22.07 28.99
CA SER I 202 -83.35 23.38 28.75
C SER I 202 -83.00 24.02 30.06
N SER I 203 -83.75 23.70 31.12
CA SER I 203 -83.51 24.26 32.41
C SER I 203 -83.62 23.13 33.39
N PRO I 204 -83.07 23.29 34.56
CA PRO I 204 -83.12 22.19 35.49
C PRO I 204 -84.48 21.95 36.06
N VAL I 205 -84.84 20.67 36.27
CA VAL I 205 -86.10 20.36 36.87
C VAL I 205 -85.84 19.98 38.28
N THR I 206 -86.54 20.63 39.22
CA THR I 206 -86.38 20.27 40.59
C THR I 206 -87.73 20.00 41.15
N LYS I 207 -87.89 18.85 41.83
CA LYS I 207 -89.14 18.56 42.44
C LYS I 207 -88.85 18.52 43.92
N SER I 208 -89.74 19.11 44.75
CA SER I 208 -89.44 19.14 46.16
C SER I 208 -90.69 19.00 46.95
N PHE I 209 -90.54 18.85 48.28
CA PHE I 209 -91.68 18.78 49.15
C PHE I 209 -91.24 19.25 50.52
N ASN I 210 -92.22 19.63 51.37
CA ASN I 210 -91.96 20.07 52.72
C ASN I 210 -92.31 18.93 53.61
N ARG I 211 -91.53 18.76 54.70
CA ARG I 211 -91.66 17.60 55.53
C ARG I 211 -93.00 17.46 56.19
N GLY I 212 -93.50 18.48 56.89
CA GLY I 212 -94.77 18.33 57.55
C GLY I 212 -95.89 18.35 56.58
N GLU I 213 -95.81 19.27 55.60
CA GLU I 213 -96.91 19.47 54.71
C GLU I 213 -97.04 18.31 53.74
#